data_7XJ8
#
_entry.id   7XJ8
#
_cell.length_a   1.00
_cell.length_b   1.00
_cell.length_c   1.00
_cell.angle_alpha   90.00
_cell.angle_beta   90.00
_cell.angle_gamma   90.00
#
_symmetry.space_group_name_H-M   'P 1'
#
loop_
_entity.id
_entity.type
_entity.pdbx_description
1 polymer 'Spike glycoprotein'
2 polymer '55A8 light chain'
3 polymer '55A8 heavy chain'
4 polymer '58G6 light chain'
5 polymer '58G6 heavy chain'
6 branched 2-acetamido-2-deoxy-beta-D-glucopyranose-(1-4)-2-acetamido-2-deoxy-beta-D-glucopyranose
7 non-polymer 2-acetamido-2-deoxy-beta-D-glucopyranose
#
loop_
_entity_poly.entity_id
_entity_poly.type
_entity_poly.pdbx_seq_one_letter_code
_entity_poly.pdbx_strand_id
1 'polypeptide(L)'
;MFVFLVLLPLVSSQCVNLTTRTQLPPAYTNSFTRGVYYPDKVFRSSVLHSTQDLFLPFFSNVTWFHVISGTNGTKRFDNP
VLPFNDGVYFASIEKSNIIRGWIFGTTLDSKTQSLLIVNNATNVVIKVCEFQFCNDPFLDHKNNKSWMESEFRVYSSANN
CTFEYVSQPFLMDLEGKQGNFKNLREFVFKNIDGYFKIYSKHTPIIVREPEDLPQGFSALEPLVDLPIGINITRFQTLLA
LHRSYLTPGDSSSGWTAGAAAYYVGYLQPRTFLLKYNENGTITDAVDCALDPLSETKCTLKSFTVEKGIYQTSNFRVQPT
ESIVRFPNITNLCPFDEVFNATRFASVYAWNRKRISNCVADYSVLYNLAPFFTFKCYGVSPTKLNDLCFTNVYADSFVIR
GDEVRQIAPGQTGNIADYNYKLPDDFTGCVIAWNSNKLDSKVSGNYNYLYRLFRKSNLKPFERDISTEIYQAGNKPCNGV
AGFNCYFPLRSYSFRPTYGVGHQPYRVVVLSFELLHAPATVCGPKKSTNLVKNKCVNFNFNGLKGTGVLTESNKKFLPFQ
QFGRDIADTTDAVRDPQTLEILDITPCSFGGVSVITPGTNTSNQVAVLYQGVNCTEVPVAIHADQLTPTWRVYSTGSNVF
QTRAGCLIGAEYVNNSYECDIPIGAGICASYQTQTKSHGSASSVASQSIIAYTMSLGAENSVAYSNNSIAIPTNFTISVT
TEILPVSMTKTSVDCTMYICGDSTECSNLLLQYGSFCTQLKRALTGIAVEQDKNTQEVFAQVKQIYKTPPIKYFGGFNFS
QILPDPSKPSKRSPIEDLLFNKVTLADAGFIKQYGDCLGDIAARDLICAQKFKGLTVLPPLLTDEMIAQYTSALLAGTIT
SGWTFGAGPALQIPFPMQMAYRFNGIGVTQNVLYENQKLIANQFNSAIGKIQDSLSSTPSALGKLQDVVNHNAQALNTLV
KQLSSKFGAISSVLNDIFSRLDPPEAEVQIDRLITGRLQSLQTYVTQQLIRAAEIRASANLAATKMSECVLGQSKRVDFC
GKGYHLMSFPQSAPHGVVFLHVTYVPAQEKNFTTAPAICHDGKAHFPREGVFVSNGTHWFVTQRNFYEPQIITTDNTFVS
GNCDVVIGIVNNTVYDPLQPELDSFKEELDKYFKNHTSPDVDLGDISGINASVVNIQKEIDRLNEVAKNLNESLIDLQEL
GKYEQGSGYIPEAPRDGQAYVRKDGEWVFLSTFLSGLEVLFQGPGGWSHPQFEKGGGSGGGSGGSAWSHPQFEKGGSHHH
HHHHH
;
A,B,C
2 'polypeptide(L)'
;DIQMTQSPSTLSASVGDRVTITCRASQSISSWLAWYQQKPGKAPKLLIYKASSLESGVPSRFSGSGSGTEFTLTISSLQP
DDFATYYCQQYNSYSHTFGQGTKLEIKR
;
F,H
3 'polypeptide(L)'
;QVQLVQSGAEVKKPGSSVKVSCKASGGTFSSYSFIWVRQAPGQGLEWMGRIIPILGIANYAQKFQGRVTITADKSTTTAY
MELSSLRSEDTAVYYCARGTEYGDYDVSHDWGQGTLVTVSS
;
G,I
4 'polypeptide(L)'
;EIVLTQSPGTLSLSPGERATLSCRASQSVRSSYLGWYQQKPGQAPRLLIYGASSRATGIPDRFSGSGSGTDFTLTISRLE
SEDFAVYYCQQYDNSPWTFGQGTKVEIKR
;
J
5 'polypeptide(L)'
;QMQLVQSGPEVKKPGTSVKVSCKASGFTFSSSAVQWVRQARGQHLEWIGWIVVGSGNTNYAQKFQERVTLTRDMSTRTAY
MELSSLRSEDTAVYYCAAPNCNSTTCHDGFDIWGQGTVVTVSS
;
K
#
loop_
_chem_comp.id
_chem_comp.type
_chem_comp.name
_chem_comp.formula
NAG D-saccharide, beta linking 2-acetamido-2-deoxy-beta-D-glucopyranose 'C8 H15 N O6'
#
# COMPACT_ATOMS: atom_id res chain seq x y z
N CYS A 15 13.05 -40.27 46.42
CA CYS A 15 12.75 -38.95 46.97
C CYS A 15 12.90 -38.95 48.49
N VAL A 16 13.57 -37.92 49.01
CA VAL A 16 13.81 -37.78 50.43
C VAL A 16 13.21 -36.45 50.88
N ASN A 17 12.25 -36.51 51.80
CA ASN A 17 11.64 -35.30 52.33
C ASN A 17 12.54 -34.66 53.36
N LEU A 18 12.65 -33.33 53.31
CA LEU A 18 13.50 -32.57 54.22
C LEU A 18 12.63 -31.72 55.13
N THR A 19 12.82 -31.88 56.44
CA THR A 19 12.02 -31.18 57.43
C THR A 19 12.85 -30.22 58.28
N THR A 20 14.13 -30.05 57.94
CA THR A 20 15.02 -29.13 58.65
C THR A 20 14.91 -27.71 58.12
N ARG A 21 13.82 -27.37 57.45
CA ARG A 21 13.66 -26.04 56.88
C ARG A 21 13.47 -25.00 57.98
N THR A 22 14.01 -23.81 57.75
CA THR A 22 13.84 -22.66 58.64
C THR A 22 12.92 -21.67 57.93
N GLN A 23 11.68 -21.56 58.41
CA GLN A 23 10.68 -20.72 57.75
C GLN A 23 10.92 -19.25 58.10
N LEU A 24 11.27 -18.47 57.10
CA LEU A 24 11.43 -17.03 57.24
C LEU A 24 10.81 -16.35 56.01
N PRO A 25 10.23 -15.16 56.19
CA PRO A 25 9.72 -14.42 55.04
C PRO A 25 10.85 -14.03 54.11
N PRO A 26 10.62 -14.06 52.79
CA PRO A 26 11.68 -13.66 51.86
C PRO A 26 11.96 -12.17 51.96
N ALA A 27 13.25 -11.82 51.93
CA ALA A 27 13.66 -10.43 51.98
C ALA A 27 13.45 -9.78 50.63
N TYR A 28 13.67 -8.47 50.58
CA TYR A 28 13.53 -7.68 49.36
C TYR A 28 14.78 -6.85 49.14
N THR A 29 15.01 -6.47 47.88
CA THR A 29 16.14 -5.64 47.52
C THR A 29 15.76 -4.80 46.31
N ASN A 30 16.68 -3.94 45.91
CA ASN A 30 16.46 -3.00 44.81
C ASN A 30 17.16 -3.49 43.55
N SER A 31 16.42 -3.51 42.45
CA SER A 31 16.96 -4.02 41.20
C SER A 31 18.04 -3.11 40.60
N PHE A 32 18.03 -1.83 40.96
CA PHE A 32 19.01 -0.84 40.46
C PHE A 32 18.88 -0.79 38.94
N THR A 33 19.97 -0.96 38.18
CA THR A 33 19.91 -0.90 36.73
C THR A 33 20.37 -2.20 36.10
N ARG A 34 19.90 -3.32 36.62
CA ARG A 34 20.30 -4.64 36.14
C ARG A 34 19.19 -5.26 35.32
N GLY A 35 19.58 -6.12 34.37
CA GLY A 35 18.61 -6.89 33.60
C GLY A 35 18.39 -6.39 32.19
N VAL A 36 19.45 -6.00 31.51
CA VAL A 36 19.39 -5.53 30.14
C VAL A 36 20.09 -6.55 29.24
N TYR A 37 19.42 -6.94 28.16
CA TYR A 37 19.95 -7.95 27.26
C TYR A 37 19.85 -7.44 25.83
N TYR A 38 20.65 -8.03 24.96
CA TYR A 38 20.63 -7.66 23.55
C TYR A 38 19.32 -8.13 22.92
N PRO A 39 18.50 -7.22 22.37
CA PRO A 39 17.18 -7.65 21.89
C PRO A 39 17.22 -8.53 20.66
N ASP A 40 18.22 -8.40 19.80
CA ASP A 40 18.24 -9.12 18.53
C ASP A 40 19.69 -9.33 18.11
N LYS A 41 19.86 -9.89 16.91
CA LYS A 41 21.17 -10.30 16.41
C LYS A 41 21.86 -9.23 15.58
N VAL A 42 21.22 -8.11 15.32
CA VAL A 42 21.79 -7.09 14.44
C VAL A 42 22.87 -6.31 15.20
N PHE A 43 23.88 -5.86 14.46
CA PHE A 43 25.02 -5.16 15.02
C PHE A 43 24.92 -3.67 14.71
N ARG A 44 25.00 -2.84 15.75
CA ARG A 44 24.94 -1.39 15.61
C ARG A 44 26.07 -0.76 16.40
N SER A 45 26.57 0.38 15.89
CA SER A 45 27.68 1.08 16.51
C SER A 45 27.41 2.57 16.53
N SER A 46 27.63 3.20 17.68
CA SER A 46 27.47 4.65 17.86
C SER A 46 26.07 5.12 17.48
N VAL A 47 25.06 4.34 17.87
CA VAL A 47 23.66 4.65 17.58
C VAL A 47 22.85 4.44 18.85
N LEU A 48 21.97 5.39 19.14
CA LEU A 48 20.98 5.24 20.21
C LEU A 48 19.71 4.65 19.59
N HIS A 49 19.33 3.47 20.06
CA HIS A 49 18.20 2.73 19.49
C HIS A 49 17.13 2.53 20.56
N SER A 50 15.88 2.75 20.18
CA SER A 50 14.74 2.57 21.07
C SER A 50 13.97 1.33 20.66
N THR A 51 13.79 0.41 21.60
CA THR A 51 13.14 -0.86 21.33
C THR A 51 12.04 -1.11 22.36
N GLN A 52 10.98 -1.78 21.92
CA GLN A 52 9.89 -2.20 22.80
C GLN A 52 9.92 -3.71 22.94
N ASP A 53 10.16 -4.18 24.16
CA ASP A 53 10.29 -5.61 24.42
C ASP A 53 10.17 -5.81 25.93
N LEU A 54 10.14 -7.08 26.33
CA LEU A 54 10.03 -7.40 27.75
C LEU A 54 11.34 -7.09 28.46
N PHE A 55 11.29 -6.20 29.44
CA PHE A 55 12.47 -5.79 30.18
C PHE A 55 12.14 -5.79 31.67
N LEU A 56 13.18 -5.74 32.49
CA LEU A 56 13.02 -5.64 33.93
C LEU A 56 13.06 -4.18 34.34
N PRO A 57 12.00 -3.64 34.94
CA PRO A 57 11.98 -2.21 35.23
C PRO A 57 13.09 -1.80 36.21
N PHE A 58 13.57 -0.57 36.04
CA PHE A 58 14.62 -0.07 36.91
C PHE A 58 14.07 0.22 38.29
N PHE A 59 14.90 -0.02 39.31
CA PHE A 59 14.58 0.28 40.70
C PHE A 59 13.27 -0.37 41.14
N SER A 60 13.16 -1.68 40.91
CA SER A 60 11.99 -2.43 41.32
C SER A 60 12.33 -3.44 42.41
N ASN A 61 11.29 -3.90 43.10
CA ASN A 61 11.47 -4.95 44.10
C ASN A 61 11.95 -6.25 43.44
N VAL A 62 12.91 -6.89 44.08
CA VAL A 62 13.40 -8.20 43.67
C VAL A 62 13.47 -9.10 44.89
N THR A 63 12.82 -10.26 44.81
CA THR A 63 12.73 -11.15 45.96
C THR A 63 14.09 -11.75 46.29
N TRP A 64 14.35 -11.95 47.58
CA TRP A 64 15.64 -12.41 48.07
C TRP A 64 15.47 -13.76 48.76
N PHE A 65 16.34 -14.71 48.44
CA PHE A 65 16.32 -16.03 49.07
C PHE A 65 17.71 -16.38 49.57
N HIS A 66 17.77 -16.98 50.76
CA HIS A 66 19.01 -17.44 51.36
C HIS A 66 18.98 -18.94 51.57
N VAL A 67 20.16 -19.57 51.48
CA VAL A 67 20.32 -20.98 51.80
C VAL A 67 21.61 -21.15 52.62
N ILE A 68 21.50 -21.84 53.75
CA ILE A 68 22.64 -22.08 54.63
C ILE A 68 22.36 -23.26 55.55
N LYS A 75 20.08 -23.43 59.65
CA LYS A 75 20.10 -24.23 58.44
C LYS A 75 18.98 -23.80 57.48
N ARG A 76 19.24 -22.74 56.72
CA ARG A 76 18.25 -22.20 55.80
C ARG A 76 18.20 -23.04 54.53
N PHE A 77 17.02 -23.58 54.21
CA PHE A 77 16.80 -24.35 53.00
C PHE A 77 15.58 -23.75 52.28
N ASP A 78 15.82 -22.75 51.45
CA ASP A 78 14.76 -22.04 50.74
C ASP A 78 14.69 -22.59 49.32
N ASN A 79 13.71 -23.46 49.08
CA ASN A 79 13.43 -23.98 47.73
C ASN A 79 11.94 -23.90 47.47
N PRO A 80 11.39 -22.69 47.34
CA PRO A 80 9.97 -22.56 47.01
C PRO A 80 9.72 -22.83 45.53
N VAL A 81 8.44 -22.96 45.20
CA VAL A 81 8.00 -23.18 43.83
C VAL A 81 7.33 -21.90 43.37
N LEU A 82 8.05 -21.11 42.54
CA LEU A 82 7.72 -19.75 42.17
C LEU A 82 6.97 -19.71 40.85
N PRO A 83 6.14 -18.68 40.64
CA PRO A 83 5.47 -18.53 39.35
C PRO A 83 6.44 -18.09 38.27
N PHE A 84 5.98 -18.17 37.02
CA PHE A 84 6.81 -17.80 35.88
C PHE A 84 6.39 -16.48 35.27
N ASN A 85 5.09 -16.19 35.22
CA ASN A 85 4.54 -14.97 34.61
C ASN A 85 4.98 -14.97 33.14
N ASP A 86 5.38 -13.82 32.60
CA ASP A 86 5.85 -13.74 31.22
C ASP A 86 7.36 -13.90 31.10
N GLY A 87 8.07 -13.99 32.21
CA GLY A 87 9.52 -14.15 32.19
C GLY A 87 10.10 -14.07 33.58
N VAL A 88 11.36 -14.47 33.73
CA VAL A 88 12.05 -14.43 35.01
C VAL A 88 13.47 -13.95 34.80
N TYR A 89 13.91 -13.01 35.63
CA TYR A 89 15.32 -12.63 35.72
C TYR A 89 15.89 -13.33 36.95
N PHE A 90 16.87 -14.20 36.73
CA PHE A 90 17.45 -15.00 37.80
C PHE A 90 18.91 -14.60 37.96
N ALA A 91 19.27 -14.16 39.17
CA ALA A 91 20.63 -13.80 39.51
C ALA A 91 21.02 -14.50 40.80
N SER A 92 22.32 -14.71 40.99
CA SER A 92 22.78 -15.44 42.16
C SER A 92 24.23 -15.08 42.48
N ILE A 93 24.44 -14.41 43.60
CA ILE A 93 25.77 -14.23 44.17
C ILE A 93 26.08 -15.49 44.97
N GLU A 94 27.23 -16.11 44.68
CA GLU A 94 27.48 -17.46 45.15
C GLU A 94 28.95 -17.77 44.99
N LYS A 95 29.36 -18.91 45.55
CA LYS A 95 30.65 -19.50 45.28
C LYS A 95 30.53 -21.00 45.47
N SER A 96 31.45 -21.75 44.87
CA SER A 96 31.50 -23.21 44.90
C SER A 96 30.35 -23.86 44.14
N ASN A 97 29.56 -23.07 43.42
CA ASN A 97 28.55 -23.59 42.48
C ASN A 97 27.55 -24.52 43.16
N ILE A 98 26.77 -23.94 44.07
CA ILE A 98 25.73 -24.71 44.76
C ILE A 98 24.53 -24.92 43.83
N ILE A 99 24.05 -23.84 43.21
CA ILE A 99 22.94 -23.97 42.26
C ILE A 99 23.41 -24.69 41.01
N ARG A 100 22.61 -25.66 40.56
CA ARG A 100 23.02 -26.48 39.42
C ARG A 100 22.08 -26.34 38.24
N GLY A 101 20.78 -26.34 38.49
CA GLY A 101 19.83 -26.29 37.39
C GLY A 101 18.44 -25.94 37.87
N TRP A 102 17.51 -25.92 36.92
CA TRP A 102 16.15 -25.47 37.17
C TRP A 102 15.16 -26.46 36.59
N ILE A 103 13.92 -26.38 37.08
CA ILE A 103 12.81 -27.19 36.61
C ILE A 103 11.73 -26.25 36.07
N PHE A 104 11.14 -26.61 34.94
CA PHE A 104 10.05 -25.83 34.35
C PHE A 104 8.90 -26.76 33.99
N GLY A 105 7.69 -26.21 34.03
CA GLY A 105 6.52 -27.00 33.70
C GLY A 105 5.25 -26.27 34.12
N THR A 106 4.14 -27.01 34.04
CA THR A 106 2.84 -26.50 34.46
C THR A 106 2.32 -27.18 35.72
N THR A 107 2.20 -28.51 35.70
CA THR A 107 1.73 -29.26 36.86
C THR A 107 2.85 -29.99 37.58
N LEU A 108 4.06 -30.00 37.03
CA LEU A 108 5.22 -30.62 37.66
C LEU A 108 4.99 -32.10 37.93
N ASP A 109 4.32 -32.78 37.00
CA ASP A 109 4.06 -34.20 37.12
C ASP A 109 4.00 -34.80 35.72
N SER A 110 3.95 -36.13 35.67
CA SER A 110 3.99 -36.85 34.40
C SER A 110 2.76 -36.63 33.54
N LYS A 111 1.66 -36.12 34.12
CA LYS A 111 0.44 -35.93 33.34
C LYS A 111 0.58 -34.79 32.34
N THR A 112 1.55 -33.90 32.56
CA THR A 112 1.82 -32.80 31.65
C THR A 112 3.30 -32.79 31.27
N GLN A 113 3.58 -32.25 30.09
CA GLN A 113 4.96 -32.19 29.60
C GLN A 113 5.76 -31.17 30.41
N SER A 114 7.00 -31.50 30.70
CA SER A 114 7.86 -30.68 31.55
C SER A 114 9.26 -30.58 30.95
N LEU A 115 9.99 -29.56 31.37
CA LEU A 115 11.34 -29.30 30.89
C LEU A 115 12.30 -29.30 32.06
N LEU A 116 13.53 -29.76 31.82
CA LEU A 116 14.55 -29.87 32.86
C LEU A 116 15.88 -29.38 32.33
N ILE A 117 16.59 -28.60 33.15
CA ILE A 117 17.94 -28.13 32.84
C ILE A 117 18.83 -28.42 34.04
N VAL A 118 19.94 -29.11 33.81
CA VAL A 118 20.90 -29.40 34.87
C VAL A 118 22.31 -29.19 34.33
N ASN A 119 23.18 -28.68 35.20
CA ASN A 119 24.58 -28.41 34.85
C ASN A 119 25.44 -29.07 35.92
N ASN A 120 25.72 -30.36 35.74
CA ASN A 120 26.64 -31.05 36.63
C ASN A 120 28.07 -30.73 36.19
N ALA A 121 29.06 -31.19 36.96
CA ALA A 121 30.45 -30.90 36.64
C ALA A 121 30.86 -31.46 35.29
N THR A 122 30.13 -32.47 34.79
CA THR A 122 30.50 -33.09 33.52
C THR A 122 30.14 -32.18 32.33
N ASN A 123 28.87 -31.85 32.18
CA ASN A 123 28.39 -31.14 31.00
C ASN A 123 27.04 -30.53 31.33
N VAL A 124 26.33 -30.06 30.30
CA VAL A 124 24.97 -29.52 30.45
C VAL A 124 24.01 -30.42 29.69
N VAL A 125 22.91 -30.78 30.35
CA VAL A 125 21.87 -31.62 29.75
C VAL A 125 20.55 -30.86 29.81
N ILE A 126 19.89 -30.76 28.67
CA ILE A 126 18.53 -30.24 28.58
C ILE A 126 17.62 -31.37 28.13
N LYS A 127 16.59 -31.65 28.92
CA LYS A 127 15.62 -32.68 28.57
C LYS A 127 14.22 -32.11 28.80
N VAL A 128 13.36 -32.31 27.82
CA VAL A 128 11.98 -31.86 27.90
C VAL A 128 11.13 -33.11 27.96
N CYS A 129 10.86 -33.59 29.18
CA CYS A 129 10.40 -34.96 29.27
C CYS A 129 9.42 -35.05 30.42
N GLU A 130 8.55 -36.07 30.36
CA GLU A 130 7.47 -36.21 31.34
C GLU A 130 8.01 -36.86 32.62
N PHE A 131 8.72 -36.07 33.39
CA PHE A 131 9.26 -36.56 34.65
C PHE A 131 8.17 -36.65 35.72
N GLN A 132 8.37 -37.55 36.67
CA GLN A 132 7.62 -37.56 37.92
C GLN A 132 8.52 -36.98 39.00
N PHE A 133 8.49 -35.66 39.11
CA PHE A 133 9.42 -34.95 39.97
C PHE A 133 9.18 -35.29 41.44
N CYS A 134 10.27 -35.35 42.20
CA CYS A 134 10.15 -35.53 43.64
C CYS A 134 9.57 -34.27 44.28
N ASN A 135 8.99 -34.45 45.46
CA ASN A 135 8.41 -33.30 46.17
C ASN A 135 9.46 -32.27 46.52
N ASP A 136 10.65 -32.73 46.92
CA ASP A 136 11.77 -31.86 47.27
C ASP A 136 12.98 -32.33 46.46
N PRO A 137 13.09 -31.89 45.21
CA PRO A 137 14.21 -32.35 44.38
C PRO A 137 15.49 -31.58 44.67
N PHE A 138 16.60 -32.30 44.62
CA PHE A 138 17.91 -31.75 44.92
C PHE A 138 18.97 -32.77 44.47
N LEU A 139 20.23 -32.42 44.64
CA LEU A 139 21.35 -33.28 44.29
C LEU A 139 22.30 -33.42 45.47
N ASP A 140 22.91 -34.58 45.60
CA ASP A 140 23.93 -34.81 46.63
C ASP A 140 25.22 -35.32 46.00
N MET A 148 32.63 -34.98 45.88
CA MET A 148 31.95 -35.84 44.93
C MET A 148 30.44 -35.82 45.17
N GLU A 149 29.69 -35.47 44.13
CA GLU A 149 28.23 -35.41 44.20
C GLU A 149 27.65 -36.22 43.05
N SER A 150 27.07 -37.38 43.37
CA SER A 150 26.53 -38.27 42.35
C SER A 150 25.19 -38.88 42.77
N GLU A 151 24.42 -38.17 43.58
CA GLU A 151 23.11 -38.64 44.04
C GLU A 151 22.05 -37.68 43.52
N PHE A 152 21.25 -38.15 42.57
CA PHE A 152 20.21 -37.33 41.94
C PHE A 152 18.84 -37.89 42.32
N ARG A 153 18.21 -37.25 43.31
CA ARG A 153 16.83 -37.55 43.69
C ARG A 153 15.95 -36.41 43.18
N VAL A 154 15.73 -36.41 41.86
CA VAL A 154 14.99 -35.35 41.20
C VAL A 154 13.68 -35.85 40.62
N TYR A 155 13.65 -37.06 40.09
CA TYR A 155 12.43 -37.63 39.54
C TYR A 155 12.52 -39.14 39.60
N SER A 156 11.38 -39.79 39.34
CA SER A 156 11.30 -41.25 39.36
C SER A 156 11.17 -41.88 37.98
N SER A 157 10.50 -41.22 37.03
CA SER A 157 10.22 -41.85 35.75
C SER A 157 10.21 -40.81 34.64
N ALA A 158 10.34 -41.30 33.41
CA ALA A 158 10.34 -40.46 32.21
C ALA A 158 9.63 -41.25 31.12
N ASN A 159 8.37 -40.90 30.83
CA ASN A 159 7.49 -41.82 30.13
C ASN A 159 7.47 -41.62 28.61
N ASN A 160 7.03 -40.45 28.15
CA ASN A 160 6.81 -40.19 26.72
C ASN A 160 7.30 -38.79 26.41
N CYS A 161 8.44 -38.70 25.71
CA CYS A 161 9.16 -37.44 25.60
C CYS A 161 10.15 -37.44 24.44
N THR A 162 10.45 -36.24 23.92
CA THR A 162 10.82 -36.07 22.53
C THR A 162 12.06 -35.21 22.26
N PHE A 163 12.51 -34.39 23.20
CA PHE A 163 13.57 -33.44 22.89
C PHE A 163 14.72 -33.63 23.85
N GLU A 164 15.95 -33.52 23.34
CA GLU A 164 17.15 -33.75 24.13
C GLU A 164 18.28 -32.92 23.54
N TYR A 165 19.00 -32.21 24.41
CA TYR A 165 20.05 -31.30 23.97
C TYR A 165 21.18 -31.30 24.98
N VAL A 166 22.41 -31.22 24.48
CA VAL A 166 23.63 -31.23 25.30
C VAL A 166 24.58 -30.17 24.75
N SER A 167 25.23 -29.42 25.64
CA SER A 167 26.15 -28.38 25.19
C SER A 167 27.16 -28.08 26.30
N GLN A 168 28.06 -27.14 25.99
CA GLN A 168 29.15 -26.76 26.88
C GLN A 168 28.57 -26.23 28.19
N PRO A 169 29.15 -26.58 29.34
CA PRO A 169 28.62 -26.07 30.62
C PRO A 169 28.63 -24.55 30.71
N PHE A 170 27.62 -24.02 31.39
CA PHE A 170 27.48 -22.57 31.53
C PHE A 170 28.51 -21.98 32.47
N LEU A 171 29.05 -22.79 33.37
CA LEU A 171 29.98 -22.30 34.39
C LEU A 171 31.29 -21.82 33.78
N ASN A 180 34.43 -14.05 51.06
CA ASN A 180 34.42 -13.11 49.96
C ASN A 180 33.82 -13.74 48.71
N PHE A 181 32.53 -13.53 48.50
CA PHE A 181 31.85 -14.07 47.33
C PHE A 181 32.46 -13.50 46.06
N LYS A 182 32.65 -14.36 45.05
CA LYS A 182 33.35 -13.95 43.84
C LYS A 182 32.61 -14.28 42.55
N ASN A 183 31.47 -14.95 42.62
CA ASN A 183 30.73 -15.34 41.43
C ASN A 183 29.36 -14.69 41.45
N LEU A 184 29.03 -13.97 40.37
CA LEU A 184 27.70 -13.41 40.15
C LEU A 184 27.23 -13.86 38.78
N ARG A 185 26.17 -14.66 38.74
CA ARG A 185 25.65 -15.22 37.50
C ARG A 185 24.23 -14.72 37.28
N GLU A 186 23.96 -14.24 36.08
CA GLU A 186 22.67 -13.63 35.76
C GLU A 186 22.05 -14.36 34.58
N PHE A 187 20.76 -14.66 34.68
CA PHE A 187 20.05 -15.36 33.63
C PHE A 187 18.72 -14.69 33.37
N VAL A 188 18.27 -14.76 32.11
CA VAL A 188 16.95 -14.27 31.70
C VAL A 188 16.28 -15.37 30.90
N PHE A 189 15.10 -15.78 31.31
CA PHE A 189 14.36 -16.85 30.66
C PHE A 189 13.08 -16.29 30.04
N LYS A 190 12.88 -16.57 28.76
CA LYS A 190 11.70 -16.13 28.04
C LYS A 190 11.12 -17.28 27.24
N ASN A 191 9.78 -17.37 27.25
CA ASN A 191 9.06 -18.36 26.46
C ASN A 191 8.12 -17.62 25.53
N ILE A 192 8.52 -17.49 24.27
CA ILE A 192 7.73 -16.79 23.26
C ILE A 192 7.40 -17.75 22.14
N ASP A 193 6.12 -17.83 21.77
CA ASP A 193 5.57 -18.58 20.64
C ASP A 193 6.30 -19.89 20.36
N GLY A 194 6.42 -20.73 21.38
CA GLY A 194 7.02 -22.03 21.22
C GLY A 194 8.53 -22.06 21.27
N TYR A 195 9.18 -20.95 21.60
CA TYR A 195 10.62 -20.85 21.60
C TYR A 195 11.11 -20.49 22.99
N PHE A 196 12.16 -21.15 23.45
CA PHE A 196 12.75 -20.89 24.76
C PHE A 196 14.08 -20.20 24.56
N LYS A 197 14.18 -18.95 25.03
CA LYS A 197 15.39 -18.15 24.90
C LYS A 197 16.04 -18.01 26.26
N ILE A 198 17.35 -18.22 26.31
CA ILE A 198 18.13 -18.12 27.54
C ILE A 198 19.25 -17.12 27.31
N TYR A 199 19.34 -16.11 28.16
CA TYR A 199 20.42 -15.13 28.13
C TYR A 199 21.23 -15.26 29.42
N SER A 200 22.55 -15.13 29.31
CA SER A 200 23.42 -15.36 30.45
C SER A 200 24.53 -14.33 30.47
N LYS A 201 25.03 -14.07 31.68
CA LYS A 201 26.18 -13.20 31.88
C LYS A 201 26.82 -13.55 33.21
N HIS A 202 28.15 -13.60 33.23
CA HIS A 202 28.91 -13.96 34.41
C HIS A 202 29.93 -12.87 34.70
N THR A 203 29.86 -12.28 35.89
CA THR A 203 30.75 -11.21 36.29
C THR A 203 31.31 -11.52 37.67
N PRO A 204 32.63 -11.42 37.85
CA PRO A 204 33.23 -11.64 39.17
C PRO A 204 33.11 -10.41 40.05
N ILE A 205 32.84 -10.66 41.34
CA ILE A 205 32.76 -9.59 42.32
C ILE A 205 33.51 -9.99 43.59
N ASP A 212 24.44 -7.48 48.75
CA ASP A 212 23.30 -7.04 47.93
C ASP A 212 23.71 -6.92 46.47
N LEU A 213 22.75 -6.60 45.62
CA LEU A 213 23.02 -6.53 44.19
C LEU A 213 23.96 -5.37 43.88
N PRO A 214 25.05 -5.60 43.16
CA PRO A 214 26.04 -4.55 42.95
C PRO A 214 25.52 -3.43 42.06
N GLN A 215 26.10 -2.24 42.24
CA GLN A 215 25.74 -1.07 41.44
C GLN A 215 26.62 -1.05 40.20
N GLY A 216 25.98 -1.00 39.03
CA GLY A 216 26.73 -0.96 37.79
C GLY A 216 25.83 -1.30 36.62
N PHE A 217 26.45 -1.46 35.46
CA PHE A 217 25.74 -1.84 34.25
C PHE A 217 26.45 -3.00 33.57
N SER A 218 25.66 -3.94 33.06
CA SER A 218 26.21 -5.11 32.37
C SER A 218 25.11 -5.71 31.50
N ALA A 219 25.36 -5.76 30.19
CA ALA A 219 24.39 -6.33 29.27
C ALA A 219 24.50 -7.84 29.24
N LEU A 220 23.40 -8.49 28.88
CA LEU A 220 23.30 -9.95 28.86
C LEU A 220 23.29 -10.43 27.42
N GLU A 221 24.10 -11.44 27.13
CA GLU A 221 24.22 -11.93 25.76
C GLU A 221 23.41 -13.20 25.56
N PRO A 222 22.85 -13.39 24.37
CA PRO A 222 22.11 -14.63 24.09
C PRO A 222 23.00 -15.85 24.22
N LEU A 223 22.43 -16.92 24.77
CA LEU A 223 23.17 -18.14 25.02
C LEU A 223 22.62 -19.34 24.27
N VAL A 224 21.33 -19.66 24.44
CA VAL A 224 20.74 -20.87 23.87
C VAL A 224 19.32 -20.54 23.43
N ASP A 225 18.94 -21.03 22.25
CA ASP A 225 17.57 -20.93 21.77
C ASP A 225 17.03 -22.34 21.54
N LEU A 226 15.80 -22.57 21.98
CA LEU A 226 15.21 -23.91 21.97
C LEU A 226 13.82 -23.85 21.35
N PRO A 227 13.52 -24.69 20.36
CA PRO A 227 12.16 -24.75 19.80
C PRO A 227 11.27 -25.74 20.57
N ILE A 228 11.11 -25.49 21.86
CA ILE A 228 10.50 -26.48 22.74
C ILE A 228 9.02 -26.65 22.41
N GLY A 229 8.30 -25.53 22.27
CA GLY A 229 6.89 -25.57 21.93
C GLY A 229 5.98 -26.17 22.98
N ILE A 230 6.17 -25.83 24.26
CA ILE A 230 5.28 -26.29 25.31
C ILE A 230 4.74 -25.07 26.06
N ASN A 231 3.94 -25.32 27.10
CA ASN A 231 3.43 -24.27 27.97
C ASN A 231 4.17 -24.33 29.30
N ILE A 232 4.56 -23.17 29.81
CA ILE A 232 5.25 -23.05 31.08
C ILE A 232 4.53 -22.00 31.92
N THR A 233 4.19 -22.35 33.16
CA THR A 233 3.51 -21.42 34.06
C THR A 233 4.15 -21.35 35.44
N ARG A 234 5.09 -22.23 35.76
CA ARG A 234 5.64 -22.29 37.10
C ARG A 234 6.97 -23.02 37.03
N PHE A 235 7.87 -22.70 37.96
CA PHE A 235 9.22 -23.22 37.87
C PHE A 235 9.83 -23.35 39.26
N GLN A 236 10.96 -24.06 39.33
CA GLN A 236 11.62 -24.38 40.58
C GLN A 236 13.10 -24.60 40.32
N THR A 237 13.93 -24.26 41.30
CA THR A 237 15.37 -24.44 41.21
C THR A 237 15.82 -25.71 41.92
N LEU A 238 17.09 -26.06 41.70
CA LEU A 238 17.71 -27.23 42.31
C LEU A 238 19.00 -26.82 43.00
N LEU A 239 19.34 -27.52 44.07
CA LEU A 239 20.56 -27.25 44.82
C LEU A 239 21.39 -28.51 44.93
N ALA A 240 22.70 -28.33 45.09
CA ALA A 240 23.64 -29.42 45.31
C ALA A 240 24.12 -29.37 46.75
N LEU A 241 23.79 -30.40 47.52
CA LEU A 241 24.07 -30.46 48.95
C LEU A 241 25.32 -31.29 49.19
N HIS A 242 26.32 -30.69 49.82
CA HIS A 242 27.57 -31.38 50.12
C HIS A 242 27.37 -32.25 51.36
N ARG A 243 27.33 -33.56 51.15
CA ARG A 243 27.12 -34.47 52.27
C ARG A 243 28.34 -34.48 53.19
N SER A 244 28.08 -34.48 54.49
CA SER A 244 29.14 -34.45 55.49
C SER A 244 28.74 -35.24 56.74
N GLY A 254 24.58 -34.90 58.20
CA GLY A 254 24.25 -35.55 56.94
C GLY A 254 24.80 -34.81 55.74
N TRP A 255 24.27 -33.62 55.48
CA TRP A 255 24.70 -32.78 54.37
C TRP A 255 24.90 -31.36 54.85
N THR A 256 25.92 -30.70 54.30
CA THR A 256 26.27 -29.33 54.67
C THR A 256 26.05 -28.41 53.48
N ALA A 257 25.30 -27.33 53.70
CA ALA A 257 25.02 -26.36 52.66
C ALA A 257 25.75 -25.06 52.98
N GLY A 258 26.52 -24.57 52.01
CA GLY A 258 27.28 -23.36 52.20
C GLY A 258 26.43 -22.11 52.06
N ALA A 259 27.10 -20.97 52.19
CA ALA A 259 26.41 -19.68 52.08
C ALA A 259 26.16 -19.34 50.62
N ALA A 260 24.88 -19.16 50.27
CA ALA A 260 24.51 -18.81 48.92
C ALA A 260 23.18 -18.05 48.95
N ALA A 261 22.98 -17.22 47.93
CA ALA A 261 21.75 -16.45 47.83
C ALA A 261 21.44 -16.21 46.35
N TYR A 262 20.15 -16.14 46.04
CA TYR A 262 19.74 -15.86 44.68
C TYR A 262 18.49 -14.99 44.69
N TYR A 263 18.28 -14.26 43.60
CA TYR A 263 17.24 -13.26 43.50
C TYR A 263 16.39 -13.53 42.27
N VAL A 264 15.11 -13.21 42.35
CA VAL A 264 14.17 -13.45 41.27
C VAL A 264 13.42 -12.17 40.95
N GLY A 265 13.43 -11.77 39.68
CA GLY A 265 12.67 -10.62 39.24
C GLY A 265 11.87 -10.97 38.02
N TYR A 266 10.77 -10.23 37.83
CA TYR A 266 9.81 -10.52 36.78
C TYR A 266 9.82 -9.45 35.72
N LEU A 267 9.56 -9.86 34.47
CA LEU A 267 9.60 -8.98 33.32
C LEU A 267 8.20 -8.58 32.89
N GLN A 268 8.04 -7.31 32.55
CA GLN A 268 6.81 -6.82 31.93
C GLN A 268 7.20 -5.87 30.80
N PRO A 269 6.37 -5.77 29.76
CA PRO A 269 6.76 -5.02 28.57
C PRO A 269 6.87 -3.52 28.84
N ARG A 270 7.88 -2.91 28.24
CA ARG A 270 8.11 -1.47 28.30
C ARG A 270 9.19 -1.12 27.29
N THR A 271 9.43 0.17 27.12
CA THR A 271 10.32 0.69 26.10
C THR A 271 11.58 1.25 26.73
N PHE A 272 12.74 0.83 26.22
CA PHE A 272 14.03 1.31 26.68
C PHE A 272 14.72 2.06 25.55
N LEU A 273 15.74 2.83 25.93
CA LEU A 273 16.60 3.51 24.96
C LEU A 273 18.04 3.05 25.20
N LEU A 274 18.58 2.30 24.25
CA LEU A 274 19.87 1.65 24.40
C LEU A 274 20.94 2.41 23.63
N LYS A 275 22.12 2.53 24.22
CA LYS A 275 23.23 3.25 23.63
C LYS A 275 24.33 2.26 23.26
N TYR A 276 24.57 2.10 21.96
CA TYR A 276 25.65 1.25 21.48
C TYR A 276 26.92 2.06 21.29
N ASN A 277 28.03 1.56 21.81
CA ASN A 277 29.30 2.22 21.57
C ASN A 277 29.84 1.79 20.20
N GLU A 278 31.05 2.25 19.87
CA GLU A 278 31.56 2.01 18.52
C GLU A 278 31.96 0.58 18.27
N ASN A 279 32.03 -0.26 19.29
CA ASN A 279 32.34 -1.67 19.13
C ASN A 279 31.11 -2.56 19.14
N GLY A 280 29.91 -1.98 19.18
CA GLY A 280 28.69 -2.76 19.19
C GLY A 280 28.23 -3.22 20.55
N THR A 281 28.82 -2.72 21.63
CA THR A 281 28.48 -3.13 22.99
C THR A 281 27.56 -2.12 23.63
N ILE A 282 26.49 -2.60 24.25
CA ILE A 282 25.59 -1.72 24.99
C ILE A 282 26.30 -1.21 26.23
N THR A 283 26.39 0.11 26.37
CA THR A 283 27.09 0.72 27.49
C THR A 283 26.16 1.39 28.50
N ASP A 284 24.97 1.80 28.09
CA ASP A 284 24.05 2.46 29.01
C ASP A 284 22.65 2.36 28.43
N ALA A 285 21.65 2.56 29.30
CA ALA A 285 20.26 2.46 28.88
C ALA A 285 19.43 3.43 29.71
N VAL A 286 18.26 3.78 29.18
CA VAL A 286 17.34 4.72 29.80
C VAL A 286 15.95 4.11 29.80
N ASP A 287 15.33 4.05 30.97
CA ASP A 287 13.94 3.59 31.09
C ASP A 287 13.00 4.73 30.75
N CYS A 288 12.04 4.48 29.86
CA CYS A 288 11.21 5.53 29.32
C CYS A 288 9.88 5.71 30.05
N ALA A 289 9.68 5.04 31.19
CA ALA A 289 8.45 5.20 31.93
C ALA A 289 8.68 5.25 33.44
N LEU A 290 9.87 5.68 33.86
CA LEU A 290 10.23 5.71 35.28
C LEU A 290 10.12 7.12 35.85
N ASP A 291 10.73 8.09 35.18
CA ASP A 291 10.88 9.45 35.66
C ASP A 291 10.51 10.41 34.55
N PRO A 292 9.86 11.53 34.88
CA PRO A 292 9.56 12.52 33.84
C PRO A 292 10.78 12.97 33.07
N LEU A 293 11.93 13.13 33.75
CA LEU A 293 13.16 13.47 33.04
C LEU A 293 13.55 12.36 32.08
N SER A 294 13.41 11.10 32.50
CA SER A 294 13.71 9.99 31.61
C SER A 294 12.75 9.94 30.44
N GLU A 295 11.48 10.28 30.66
CA GLU A 295 10.53 10.35 29.57
C GLU A 295 10.91 11.43 28.58
N THR A 296 11.38 12.58 29.07
CA THR A 296 11.85 13.64 28.17
C THR A 296 13.05 13.16 27.37
N LYS A 297 13.99 12.47 28.02
CA LYS A 297 15.14 11.93 27.31
C LYS A 297 14.70 10.98 26.21
N CYS A 298 13.75 10.10 26.53
CA CYS A 298 13.27 9.14 25.53
C CYS A 298 12.58 9.84 24.37
N THR A 299 11.80 10.87 24.66
CA THR A 299 11.11 11.61 23.60
C THR A 299 12.11 12.31 22.68
N LEU A 300 13.12 12.95 23.26
CA LEU A 300 14.13 13.62 22.45
C LEU A 300 15.12 12.65 21.81
N LYS A 301 15.13 11.39 22.22
CA LYS A 301 16.09 10.40 21.74
C LYS A 301 17.52 10.88 21.95
N SER A 302 17.82 11.28 23.19
CA SER A 302 19.14 11.70 23.57
C SER A 302 19.30 11.52 25.07
N PHE A 303 20.55 11.51 25.53
CA PHE A 303 20.83 11.32 26.95
C PHE A 303 21.01 12.63 27.71
N THR A 304 21.04 13.76 27.01
CA THR A 304 21.15 15.07 27.64
C THR A 304 20.10 15.99 27.04
N VAL A 305 19.49 16.82 27.88
CA VAL A 305 18.47 17.77 27.44
C VAL A 305 18.88 19.16 27.88
N GLU A 306 18.77 20.12 26.96
CA GLU A 306 19.10 21.50 27.27
C GLU A 306 17.93 22.19 27.95
N LYS A 307 18.21 23.38 28.51
CA LYS A 307 17.20 24.12 29.25
C LYS A 307 16.02 24.49 28.37
N GLY A 308 14.82 24.31 28.89
CA GLY A 308 13.61 24.66 28.19
C GLY A 308 12.43 23.87 28.71
N ILE A 309 11.31 24.01 28.03
CA ILE A 309 10.07 23.29 28.35
C ILE A 309 9.72 22.39 27.18
N TYR A 310 9.44 21.13 27.48
CA TYR A 310 9.18 20.13 26.45
C TYR A 310 7.82 19.47 26.69
N GLN A 311 7.14 19.16 25.59
CA GLN A 311 5.87 18.46 25.63
C GLN A 311 6.13 16.97 25.39
N THR A 312 6.00 16.17 26.44
CA THR A 312 6.36 14.76 26.39
C THR A 312 5.19 13.87 26.01
N SER A 313 4.14 13.87 26.81
CA SER A 313 3.02 12.96 26.58
C SER A 313 1.75 13.61 27.13
N ASN A 314 0.68 12.82 27.21
CA ASN A 314 -0.60 13.28 27.72
C ASN A 314 -1.16 12.26 28.68
N PHE A 315 -2.03 12.72 29.58
CA PHE A 315 -2.59 11.88 30.61
C PHE A 315 -4.12 11.83 30.47
N ARG A 316 -4.71 10.76 30.97
CA ARG A 316 -6.16 10.63 31.02
C ARG A 316 -6.53 9.69 32.15
N VAL A 317 -7.50 10.10 32.96
CA VAL A 317 -7.92 9.28 34.09
C VAL A 317 -8.72 8.09 33.59
N GLN A 318 -8.37 6.90 34.06
CA GLN A 318 -9.00 5.67 33.61
C GLN A 318 -10.30 5.43 34.36
N PRO A 319 -11.24 4.68 33.77
CA PRO A 319 -12.49 4.38 34.46
C PRO A 319 -12.26 3.52 35.69
N THR A 320 -13.08 3.75 36.71
CA THR A 320 -12.95 3.03 37.98
C THR A 320 -13.65 1.68 37.95
N GLU A 321 -14.95 1.66 37.69
CA GLU A 321 -15.74 0.43 37.65
C GLU A 321 -16.56 0.41 36.38
N SER A 322 -17.44 -0.58 36.27
CA SER A 322 -18.30 -0.74 35.11
C SER A 322 -19.73 -0.97 35.55
N ILE A 323 -20.67 -0.48 34.73
CA ILE A 323 -22.10 -0.67 34.96
C ILE A 323 -22.73 -1.20 33.69
N VAL A 324 -23.95 -1.70 33.82
CA VAL A 324 -24.74 -2.14 32.67
C VAL A 324 -26.21 -1.97 33.02
N ARG A 325 -26.98 -1.47 32.06
CA ARG A 325 -28.41 -1.19 32.27
C ARG A 325 -29.19 -1.83 31.15
N PHE A 326 -30.19 -2.63 31.51
CA PHE A 326 -31.10 -3.29 30.59
C PHE A 326 -32.52 -3.14 31.11
N PRO A 327 -33.53 -3.24 30.24
CA PRO A 327 -34.92 -3.16 30.70
C PRO A 327 -35.26 -4.27 31.68
N ASN A 328 -36.46 -4.15 32.26
CA ASN A 328 -36.92 -5.07 33.31
C ASN A 328 -36.87 -6.52 32.84
N ILE A 329 -37.41 -6.78 31.64
CA ILE A 329 -37.46 -8.16 31.14
C ILE A 329 -36.09 -8.62 30.66
N PRO A 524 -29.91 -11.49 27.29
CA PRO A 524 -29.40 -12.02 28.56
C PRO A 524 -28.09 -11.36 28.98
N LYS A 525 -28.18 -10.19 29.63
CA LYS A 525 -27.01 -9.46 30.07
C LYS A 525 -27.12 -8.94 31.50
N LYS A 526 -28.22 -9.21 32.19
CA LYS A 526 -28.44 -8.76 33.57
C LYS A 526 -28.43 -7.23 33.66
N SER A 527 -28.34 -6.72 34.88
CA SER A 527 -28.31 -5.27 35.10
C SER A 527 -27.58 -4.99 36.41
N THR A 528 -27.08 -3.76 36.53
CA THR A 528 -26.36 -3.34 37.72
C THR A 528 -26.82 -1.93 38.11
N ASN A 529 -26.63 -1.60 39.38
CA ASN A 529 -27.01 -0.29 39.87
C ASN A 529 -26.14 0.78 39.23
N LEU A 530 -26.77 1.91 38.88
CA LEU A 530 -26.04 3.00 38.24
C LEU A 530 -25.21 3.77 39.26
N VAL A 531 -24.13 4.36 38.78
CA VAL A 531 -23.20 5.15 39.60
C VAL A 531 -23.04 6.51 38.95
N LYS A 532 -22.95 7.55 39.77
CA LYS A 532 -22.90 8.92 39.30
C LYS A 532 -21.62 9.61 39.77
N ASN A 533 -21.20 10.63 39.02
CA ASN A 533 -20.06 11.47 39.36
C ASN A 533 -18.76 10.69 39.43
N LYS A 534 -18.65 9.60 38.67
CA LYS A 534 -17.45 8.78 38.64
C LYS A 534 -17.15 8.35 37.21
N CYS A 535 -15.88 8.31 36.87
CA CYS A 535 -15.46 7.83 35.55
C CYS A 535 -15.77 6.34 35.44
N VAL A 536 -16.84 6.02 34.71
CA VAL A 536 -17.31 4.64 34.59
C VAL A 536 -17.62 4.36 33.12
N ASN A 537 -17.18 3.20 32.65
CA ASN A 537 -17.43 2.77 31.27
C ASN A 537 -18.78 2.05 31.24
N PHE A 538 -19.82 2.81 30.94
CA PHE A 538 -21.20 2.33 31.01
C PHE A 538 -21.55 1.52 29.76
N ASN A 539 -22.73 0.88 29.83
CA ASN A 539 -23.26 0.11 28.70
C ASN A 539 -24.78 0.20 28.79
N PHE A 540 -25.37 1.13 28.05
CA PHE A 540 -26.82 1.31 28.04
C PHE A 540 -27.41 0.57 26.85
N ASN A 541 -27.91 -0.65 27.10
CA ASN A 541 -28.62 -1.44 26.08
C ASN A 541 -27.77 -1.61 24.83
N GLY A 542 -26.48 -1.94 25.01
CA GLY A 542 -25.57 -2.13 23.91
C GLY A 542 -24.78 -0.90 23.53
N LEU A 543 -25.21 0.28 23.95
CA LEU A 543 -24.48 1.52 23.67
C LEU A 543 -23.30 1.60 24.63
N LYS A 544 -22.10 1.32 24.12
CA LYS A 544 -20.90 1.28 24.94
C LYS A 544 -20.20 2.63 24.90
N GLY A 545 -19.94 3.18 26.09
CA GLY A 545 -19.28 4.47 26.19
C GLY A 545 -18.68 4.66 27.56
N THR A 546 -17.72 5.57 27.64
CA THR A 546 -17.02 5.88 28.88
C THR A 546 -17.15 7.36 29.18
N GLY A 547 -17.51 7.70 30.41
CA GLY A 547 -17.66 9.09 30.79
C GLY A 547 -18.14 9.21 32.22
N VAL A 548 -18.41 10.45 32.63
CA VAL A 548 -18.93 10.75 33.95
C VAL A 548 -20.40 11.12 33.81
N LEU A 549 -21.24 10.50 34.63
CA LEU A 549 -22.69 10.64 34.53
C LEU A 549 -23.18 11.53 35.67
N THR A 550 -23.84 12.63 35.31
CA THR A 550 -24.39 13.55 36.28
C THR A 550 -25.89 13.72 36.02
N GLU A 551 -26.56 14.40 36.95
CA GLU A 551 -27.96 14.73 36.76
C GLU A 551 -28.10 15.69 35.59
N SER A 552 -29.09 15.45 34.74
CA SER A 552 -29.33 16.24 33.54
C SER A 552 -30.64 16.99 33.66
N ASN A 553 -30.58 18.31 33.48
CA ASN A 553 -31.76 19.17 33.58
C ASN A 553 -32.33 19.53 32.22
N LYS A 554 -31.90 18.85 31.16
CA LYS A 554 -32.42 19.12 29.82
C LYS A 554 -33.89 18.74 29.75
N LYS A 555 -34.68 19.57 29.07
CA LYS A 555 -36.12 19.35 28.93
C LYS A 555 -36.35 18.39 27.77
N PHE A 556 -36.12 17.11 28.04
CA PHE A 556 -36.37 16.09 27.04
C PHE A 556 -37.86 15.99 26.75
N LEU A 557 -38.19 15.88 25.46
CA LEU A 557 -39.57 15.62 25.08
C LEU A 557 -39.94 14.19 25.48
N PRO A 558 -41.23 13.93 25.72
CA PRO A 558 -41.60 12.60 26.22
C PRO A 558 -41.14 11.45 25.33
N PHE A 559 -41.14 11.64 24.01
CA PHE A 559 -40.67 10.60 23.11
C PHE A 559 -39.15 10.54 23.04
N GLN A 560 -38.48 11.69 23.16
CA GLN A 560 -37.06 11.77 22.86
C GLN A 560 -36.24 10.86 23.77
N GLN A 561 -35.26 10.18 23.18
CA GLN A 561 -34.48 9.16 23.88
C GLN A 561 -33.02 9.53 24.03
N PHE A 562 -32.31 9.79 22.94
CA PHE A 562 -30.90 10.14 23.01
C PHE A 562 -30.70 11.65 23.09
N GLY A 563 -29.45 12.07 23.00
CA GLY A 563 -29.09 13.46 22.91
C GLY A 563 -27.76 13.62 22.19
N ARG A 564 -27.72 14.48 21.16
CA ARG A 564 -26.54 14.62 20.32
C ARG A 564 -25.95 16.01 20.47
N ASP A 565 -24.64 16.09 20.25
CA ASP A 565 -23.92 17.36 20.24
C ASP A 565 -23.68 17.78 18.78
N ILE A 566 -22.89 18.84 18.60
CA ILE A 566 -22.58 19.31 17.26
C ILE A 566 -21.81 18.26 16.48
N ALA A 567 -20.84 17.61 17.13
CA ALA A 567 -20.00 16.61 16.47
C ALA A 567 -20.69 15.26 16.30
N ASP A 568 -22.01 15.19 16.50
CA ASP A 568 -22.78 13.97 16.30
C ASP A 568 -22.30 12.83 17.20
N THR A 569 -22.06 13.13 18.47
CA THR A 569 -21.71 12.14 19.46
C THR A 569 -22.69 12.21 20.63
N THR A 570 -22.89 11.06 21.29
CA THR A 570 -23.87 10.95 22.36
C THR A 570 -23.56 11.93 23.49
N ASP A 571 -24.58 12.64 23.94
CA ASP A 571 -24.42 13.62 25.01
C ASP A 571 -25.35 13.37 26.18
N ALA A 572 -26.55 12.83 25.95
CA ALA A 572 -27.49 12.52 27.00
C ALA A 572 -28.28 11.27 26.62
N VAL A 573 -28.52 10.40 27.60
CA VAL A 573 -29.24 9.16 27.38
C VAL A 573 -30.32 9.01 28.44
N ARG A 574 -31.38 8.28 28.10
CA ARG A 574 -32.45 7.94 29.03
C ARG A 574 -32.35 6.44 29.33
N ASP A 575 -32.19 6.11 30.60
CA ASP A 575 -31.91 4.74 30.99
C ASP A 575 -33.15 3.86 30.91
N PRO A 576 -32.98 2.56 30.63
CA PRO A 576 -34.14 1.66 30.52
C PRO A 576 -34.95 1.53 31.80
N GLN A 577 -34.30 1.58 32.96
CA GLN A 577 -34.98 1.46 34.25
C GLN A 577 -35.01 2.82 34.93
N THR A 578 -36.16 3.13 35.55
CA THR A 578 -36.42 4.37 36.27
C THR A 578 -36.59 5.52 35.28
N LEU A 579 -36.26 5.27 34.01
CA LEU A 579 -36.46 6.21 32.92
C LEU A 579 -35.95 7.61 33.27
N GLU A 580 -34.64 7.69 33.51
CA GLU A 580 -33.99 8.93 33.90
C GLU A 580 -33.03 9.38 32.83
N ILE A 581 -32.96 10.69 32.62
CA ILE A 581 -32.07 11.31 31.64
C ILE A 581 -30.80 11.76 32.35
N LEU A 582 -29.65 11.40 31.79
CA LEU A 582 -28.36 11.70 32.39
C LEU A 582 -27.43 12.30 31.36
N ASP A 583 -26.49 13.10 31.83
CA ASP A 583 -25.51 13.77 30.98
C ASP A 583 -24.27 12.89 30.85
N ILE A 584 -23.63 12.95 29.68
CA ILE A 584 -22.38 12.23 29.44
C ILE A 584 -21.28 13.25 29.17
N THR A 585 -20.20 13.17 29.96
CA THR A 585 -19.06 14.04 29.80
C THR A 585 -17.79 13.19 29.84
N PRO A 586 -16.87 13.36 28.90
CA PRO A 586 -15.63 12.58 28.93
C PRO A 586 -14.84 12.84 30.20
N CYS A 587 -14.12 11.81 30.65
CA CYS A 587 -13.31 11.94 31.85
C CYS A 587 -12.12 12.86 31.59
N SER A 588 -11.51 13.32 32.68
CA SER A 588 -10.49 14.36 32.59
C SER A 588 -9.29 13.89 31.76
N PHE A 589 -8.76 14.80 30.95
CA PHE A 589 -7.58 14.52 30.15
C PHE A 589 -6.91 15.84 29.81
N GLY A 590 -5.66 15.75 29.36
CA GLY A 590 -4.91 16.93 28.96
C GLY A 590 -3.47 16.56 28.69
N GLY A 591 -2.73 17.53 28.18
CA GLY A 591 -1.33 17.35 27.88
C GLY A 591 -0.47 17.48 29.13
N VAL A 592 0.77 17.01 29.02
CA VAL A 592 1.75 17.08 30.09
C VAL A 592 3.05 17.64 29.52
N SER A 593 3.61 18.63 30.20
CA SER A 593 4.86 19.25 29.80
C SER A 593 5.84 19.24 30.96
N VAL A 594 7.12 19.09 30.64
CA VAL A 594 8.17 18.98 31.63
C VAL A 594 9.07 20.20 31.51
N ILE A 595 9.23 20.92 32.62
CA ILE A 595 10.06 22.12 32.68
C ILE A 595 11.37 21.73 33.37
N THR A 596 12.48 21.95 32.69
CA THR A 596 13.75 21.53 33.26
C THR A 596 14.89 22.46 32.87
N PRO A 597 15.83 22.71 33.76
CA PRO A 597 17.11 23.26 33.34
C PRO A 597 17.94 22.18 32.65
N GLY A 598 19.04 22.59 32.06
CA GLY A 598 19.88 21.63 31.36
C GLY A 598 20.39 20.54 32.29
N THR A 599 20.50 19.34 31.76
CA THR A 599 21.06 18.23 32.53
C THR A 599 22.48 18.54 32.98
N ASN A 600 23.22 19.35 32.23
CA ASN A 600 24.55 19.77 32.66
C ASN A 600 24.47 20.57 33.96
N THR A 601 23.31 21.13 34.27
CA THR A 601 23.15 21.92 35.50
C THR A 601 22.62 21.07 36.65
N SER A 602 21.43 20.48 36.47
CA SER A 602 20.80 19.71 37.54
C SER A 602 19.89 18.67 36.92
N ASN A 603 19.27 17.85 37.78
CA ASN A 603 18.34 16.82 37.32
C ASN A 603 16.95 17.00 37.88
N GLN A 604 16.62 18.17 38.41
CA GLN A 604 15.29 18.44 38.92
C GLN A 604 14.38 18.91 37.80
N VAL A 605 13.09 18.57 37.92
CA VAL A 605 12.10 18.95 36.92
C VAL A 605 10.83 19.44 37.61
N ALA A 606 10.03 20.18 36.86
CA ALA A 606 8.69 20.55 37.26
C ALA A 606 7.73 20.16 36.15
N VAL A 607 6.55 19.69 36.53
CA VAL A 607 5.59 19.13 35.59
C VAL A 607 4.38 20.04 35.54
N LEU A 608 3.90 20.31 34.33
CA LEU A 608 2.76 21.19 34.10
C LEU A 608 1.65 20.39 33.42
N TYR A 609 0.53 20.22 34.09
CA TYR A 609 -0.63 19.56 33.52
C TYR A 609 -1.51 20.62 32.85
N GLN A 610 -1.60 20.56 31.54
CA GLN A 610 -2.20 21.65 30.77
C GLN A 610 -3.72 21.61 30.84
N GLY A 611 -4.32 22.73 31.23
CA GLY A 611 -5.76 22.86 31.24
C GLY A 611 -6.47 21.91 32.18
N VAL A 612 -5.93 21.75 33.39
CA VAL A 612 -6.48 20.82 34.37
C VAL A 612 -6.51 21.50 35.73
N ASN A 613 -7.66 21.46 36.39
CA ASN A 613 -7.75 21.99 37.74
C ASN A 613 -6.91 21.14 38.69
N CYS A 614 -6.31 21.80 39.68
CA CYS A 614 -5.32 21.14 40.54
C CYS A 614 -5.92 20.05 41.42
N THR A 615 -7.24 19.95 41.51
CA THR A 615 -7.88 18.93 42.32
C THR A 615 -8.23 17.67 41.55
N GLU A 616 -7.69 17.51 40.34
CA GLU A 616 -7.96 16.36 39.49
C GLU A 616 -6.66 15.71 39.04
N VAL A 617 -5.73 15.53 39.97
CA VAL A 617 -4.46 14.89 39.66
C VAL A 617 -4.19 13.77 40.65
N ASN A 638 3.96 22.92 47.27
CA ASN A 638 4.69 22.84 46.01
C ASN A 638 3.73 22.62 44.84
N VAL A 639 2.49 23.06 45.01
CA VAL A 639 1.47 22.98 43.97
C VAL A 639 0.97 24.38 43.69
N PHE A 640 1.01 24.78 42.43
CA PHE A 640 0.61 26.11 42.00
C PHE A 640 -0.43 26.00 40.90
N GLN A 641 -1.45 26.85 40.98
CA GLN A 641 -2.54 26.87 40.01
C GLN A 641 -2.42 28.11 39.14
N THR A 642 -2.17 27.90 37.85
CA THR A 642 -2.06 28.98 36.88
C THR A 642 -3.17 28.83 35.84
N ARG A 643 -3.25 29.80 34.92
CA ARG A 643 -4.25 29.72 33.88
C ARG A 643 -3.90 28.68 32.82
N ALA A 644 -2.61 28.42 32.62
CA ALA A 644 -2.21 27.37 31.69
C ALA A 644 -2.56 25.99 32.24
N GLY A 645 -2.43 25.80 33.55
CA GLY A 645 -2.74 24.52 34.16
C GLY A 645 -2.24 24.42 35.59
N CYS A 646 -1.98 23.20 36.05
CA CYS A 646 -1.49 22.95 37.39
C CYS A 646 0.00 22.67 37.34
N LEU A 647 0.77 23.42 38.14
CA LEU A 647 2.22 23.34 38.15
C LEU A 647 2.67 22.60 39.40
N ILE A 648 3.43 21.52 39.21
CA ILE A 648 3.88 20.67 40.31
C ILE A 648 5.39 20.76 40.40
N GLY A 649 5.91 21.07 41.59
CA GLY A 649 7.33 21.11 41.82
C GLY A 649 7.95 22.48 41.78
N ALA A 650 7.16 23.53 41.57
CA ALA A 650 7.67 24.89 41.51
C ALA A 650 6.95 25.75 42.54
N GLU A 651 7.72 26.60 43.22
CA GLU A 651 7.19 27.49 44.26
C GLU A 651 7.04 28.90 43.71
N TYR A 652 5.91 29.53 43.99
CA TYR A 652 5.67 30.88 43.55
C TYR A 652 6.47 31.87 44.38
N VAL A 653 7.00 32.90 43.71
CA VAL A 653 7.79 33.94 44.36
C VAL A 653 7.16 35.29 44.04
N ASN A 654 7.00 36.12 45.07
CA ASN A 654 6.39 37.43 44.87
C ASN A 654 7.29 38.39 44.08
N ASN A 655 8.56 38.05 43.92
CA ASN A 655 9.48 38.91 43.20
C ASN A 655 9.20 38.85 41.69
N SER A 656 9.98 39.59 40.92
CA SER A 656 9.81 39.64 39.47
C SER A 656 11.16 39.81 38.79
N TYR A 657 11.46 38.93 37.85
CA TYR A 657 12.70 38.99 37.08
C TYR A 657 12.34 38.89 35.60
N GLU A 658 13.35 38.85 34.75
CA GLU A 658 13.14 38.64 33.33
C GLU A 658 12.71 37.20 33.07
N CYS A 659 12.03 36.99 31.96
CA CYS A 659 11.54 35.66 31.63
C CYS A 659 12.67 34.75 31.19
N ASP A 660 12.71 33.55 31.77
CA ASP A 660 13.73 32.55 31.44
C ASP A 660 13.14 31.36 30.70
N ILE A 661 12.14 30.71 31.27
CA ILE A 661 11.42 29.62 30.62
C ILE A 661 9.95 29.99 30.58
N PRO A 662 9.43 30.40 29.43
CA PRO A 662 8.04 30.86 29.37
C PRO A 662 7.06 29.72 29.55
N ILE A 663 6.08 29.93 30.42
CA ILE A 663 5.03 28.95 30.67
C ILE A 663 3.71 29.37 30.03
N GLY A 664 3.26 30.58 30.31
CA GLY A 664 2.01 31.06 29.74
C GLY A 664 1.22 31.96 30.67
N ALA A 665 0.44 32.87 30.10
CA ALA A 665 -0.38 33.80 30.87
C ALA A 665 0.46 34.64 31.81
N GLY A 666 1.65 35.02 31.37
CA GLY A 666 2.49 35.91 32.13
C GLY A 666 3.32 35.27 33.22
N ILE A 667 3.43 33.94 33.23
CA ILE A 667 4.20 33.22 34.24
C ILE A 667 5.42 32.62 33.57
N CYS A 668 6.59 32.83 34.17
CA CYS A 668 7.82 32.23 33.71
C CYS A 668 8.44 31.44 34.86
N ALA A 669 9.36 30.55 34.52
CA ALA A 669 10.03 29.71 35.50
C ALA A 669 11.54 29.77 35.30
N SER A 670 12.28 29.64 36.40
CA SER A 670 13.73 29.74 36.35
C SER A 670 14.33 28.95 37.50
N TYR A 671 15.63 28.72 37.41
CA TYR A 671 16.38 27.95 38.39
C TYR A 671 17.35 28.87 39.13
N GLN A 672 17.24 28.88 40.45
CA GLN A 672 18.15 29.68 41.26
C GLN A 672 18.69 28.88 42.44
N SER A 688 16.62 25.52 43.83
CA SER A 688 15.36 24.92 43.40
C SER A 688 14.78 25.67 42.21
N ILE A 689 13.58 25.27 41.80
CA ILE A 689 12.89 25.84 40.65
C ILE A 689 11.78 26.75 41.15
N ILE A 690 11.73 27.97 40.62
CA ILE A 690 10.76 28.97 41.06
C ILE A 690 9.92 29.42 39.88
N ALA A 691 8.73 29.93 40.19
CA ALA A 691 7.83 30.50 39.20
C ALA A 691 7.41 31.88 39.66
N TYR A 692 7.35 32.82 38.70
CA TYR A 692 7.06 34.20 39.02
C TYR A 692 6.31 34.83 37.85
N THR A 693 6.09 36.13 37.93
CA THR A 693 5.51 36.91 36.84
C THR A 693 6.61 37.77 36.23
N MET A 694 6.78 37.67 34.91
CA MET A 694 7.87 38.36 34.24
C MET A 694 7.69 39.87 34.35
N SER A 695 8.83 40.57 34.42
CA SER A 695 8.84 42.03 34.52
C SER A 695 9.10 42.63 33.15
N LEU A 696 8.24 43.55 32.75
CA LEU A 696 8.33 44.11 31.40
C LEU A 696 9.59 44.94 31.23
N GLY A 697 9.95 45.74 32.22
CA GLY A 697 11.16 46.53 32.14
C GLY A 697 11.29 47.42 33.35
N ALA A 698 12.42 48.12 33.40
CA ALA A 698 12.71 49.03 34.50
C ALA A 698 11.77 50.22 34.47
N GLU A 699 11.30 50.64 35.63
CA GLU A 699 10.44 51.81 35.72
C GLU A 699 11.24 53.07 35.43
N ASN A 700 10.59 54.06 34.82
CA ASN A 700 11.23 55.32 34.49
C ASN A 700 10.18 56.42 34.43
N SER A 701 10.62 57.65 34.66
CA SER A 701 9.77 58.82 34.57
C SER A 701 10.62 60.02 34.17
N VAL A 702 10.21 60.69 33.10
CA VAL A 702 10.94 61.82 32.56
C VAL A 702 10.35 63.11 33.12
N ALA A 703 11.23 64.03 33.52
CA ALA A 703 10.80 65.27 34.16
C ALA A 703 10.32 66.25 33.10
N TYR A 704 9.16 65.95 32.53
CA TYR A 704 8.55 66.83 31.56
C TYR A 704 7.98 68.05 32.27
N SER A 705 8.26 69.22 31.70
CA SER A 705 7.71 70.46 32.23
C SER A 705 7.49 71.42 31.08
N ASN A 706 6.90 72.56 31.39
CA ASN A 706 6.32 73.41 30.36
C ASN A 706 7.38 74.22 29.63
N ASN A 707 8.51 74.54 30.27
CA ASN A 707 9.51 75.37 29.61
C ASN A 707 10.94 74.87 29.85
N SER A 708 11.13 73.55 29.96
CA SER A 708 12.46 72.99 30.19
C SER A 708 12.81 72.01 29.08
N ILE A 709 14.06 72.05 28.63
CA ILE A 709 14.57 71.19 27.58
C ILE A 709 15.90 70.58 28.03
N ALA A 710 16.23 69.43 27.45
CA ALA A 710 17.46 68.72 27.76
C ALA A 710 18.24 68.48 26.48
N ILE A 711 19.54 68.80 26.50
CA ILE A 711 20.36 68.76 25.29
C ILE A 711 21.63 67.97 25.58
N PRO A 712 22.02 67.04 24.71
CA PRO A 712 23.24 66.26 24.96
C PRO A 712 24.49 67.11 24.85
N THR A 713 25.53 66.70 25.58
CA THR A 713 26.82 67.36 25.56
C THR A 713 27.95 66.45 25.13
N ASN A 714 27.66 65.23 24.69
CA ASN A 714 28.67 64.25 24.33
C ASN A 714 28.01 63.18 23.48
N PHE A 715 28.82 62.31 22.89
CA PHE A 715 28.30 61.27 22.02
C PHE A 715 29.01 59.96 22.29
N THR A 716 28.63 58.94 21.53
CA THR A 716 29.22 57.61 21.66
C THR A 716 28.95 56.84 20.38
N ILE A 717 30.03 56.46 19.69
CA ILE A 717 29.92 55.67 18.47
C ILE A 717 29.69 54.22 18.86
N SER A 718 28.65 53.61 18.31
CA SER A 718 28.27 52.24 18.64
C SER A 718 28.27 51.38 17.40
N VAL A 719 28.58 50.10 17.58
CA VAL A 719 28.59 49.12 16.50
C VAL A 719 27.73 47.93 16.93
N THR A 720 26.83 47.51 16.06
CA THR A 720 25.95 46.37 16.33
C THR A 720 26.08 45.36 15.20
N THR A 721 25.47 44.20 15.38
CA THR A 721 25.48 43.15 14.38
C THR A 721 24.06 42.71 14.08
N GLU A 722 23.86 42.24 12.85
CA GLU A 722 22.56 41.71 12.42
C GLU A 722 22.82 40.52 11.50
N ILE A 723 22.23 39.39 11.82
CA ILE A 723 22.42 38.15 11.07
C ILE A 723 21.15 37.83 10.30
N LEU A 724 21.29 37.56 9.01
CA LEU A 724 20.14 37.28 8.15
C LEU A 724 20.42 36.09 7.24
N PRO A 725 19.59 35.04 7.29
CA PRO A 725 19.74 33.96 6.32
C PRO A 725 19.38 34.42 4.92
N VAL A 726 20.03 33.81 3.92
CA VAL A 726 19.87 34.18 2.52
C VAL A 726 19.41 33.00 1.68
N SER A 727 20.07 31.85 1.83
CA SER A 727 19.75 30.67 1.04
C SER A 727 19.83 29.43 1.91
N MET A 728 19.19 28.37 1.47
CA MET A 728 19.22 27.10 2.17
C MET A 728 19.73 26.01 1.23
N THR A 729 19.70 24.76 1.70
CA THR A 729 20.34 23.67 0.99
C THR A 729 19.54 23.26 -0.23
N LYS A 730 20.20 23.17 -1.38
CA LYS A 730 19.57 22.67 -2.60
C LYS A 730 19.59 21.15 -2.57
N THR A 731 18.42 20.54 -2.64
CA THR A 731 18.29 19.10 -2.54
C THR A 731 17.63 18.52 -3.78
N SER A 732 17.78 17.21 -3.95
CA SER A 732 17.17 16.48 -5.06
C SER A 732 16.81 15.09 -4.58
N VAL A 733 15.68 14.58 -5.09
CA VAL A 733 15.12 13.32 -4.65
C VAL A 733 14.87 12.44 -5.86
N ASP A 734 15.25 11.16 -5.74
CA ASP A 734 14.99 10.17 -6.78
C ASP A 734 13.79 9.33 -6.35
N CYS A 735 12.79 9.26 -7.22
CA CYS A 735 11.59 8.48 -6.91
C CYS A 735 11.90 7.00 -6.77
N THR A 736 12.34 6.36 -7.86
CA THR A 736 12.21 4.92 -7.98
C THR A 736 13.01 4.18 -6.91
N MET A 737 14.06 4.78 -6.37
CA MET A 737 14.82 4.08 -5.33
C MET A 737 14.25 4.35 -3.95
N TYR A 738 13.72 5.54 -3.71
CA TYR A 738 13.06 5.80 -2.43
C TYR A 738 11.79 4.97 -2.31
N ILE A 739 10.94 5.02 -3.34
CA ILE A 739 9.64 4.36 -3.27
C ILE A 739 9.81 2.84 -3.24
N CYS A 740 10.61 2.30 -4.14
CA CYS A 740 10.72 0.87 -4.35
C CYS A 740 12.09 0.31 -3.97
N GLY A 741 13.16 0.85 -4.55
CA GLY A 741 14.48 0.35 -4.25
C GLY A 741 15.07 -0.45 -5.39
N ASP A 742 15.31 -1.74 -5.15
CA ASP A 742 15.93 -2.63 -6.14
C ASP A 742 14.95 -3.64 -6.73
N SER A 743 13.66 -3.47 -6.51
CA SER A 743 12.66 -4.40 -7.04
C SER A 743 12.14 -3.89 -8.37
N THR A 744 12.31 -4.69 -9.42
CA THR A 744 11.88 -4.27 -10.75
C THR A 744 10.36 -4.27 -10.86
N GLU A 745 9.70 -5.32 -10.36
CA GLU A 745 8.26 -5.38 -10.44
C GLU A 745 7.60 -4.29 -9.60
N CYS A 746 8.27 -3.85 -8.53
CA CYS A 746 7.78 -2.69 -7.81
C CYS A 746 7.75 -1.45 -8.71
N SER A 747 8.79 -1.27 -9.51
CA SER A 747 8.80 -0.16 -10.47
C SER A 747 7.72 -0.35 -11.53
N ASN A 748 7.45 -1.61 -11.91
CA ASN A 748 6.39 -1.87 -12.88
C ASN A 748 5.03 -1.46 -12.33
N LEU A 749 4.78 -1.76 -11.05
CA LEU A 749 3.54 -1.29 -10.43
C LEU A 749 3.55 0.24 -10.26
N LEU A 750 4.72 0.82 -9.99
CA LEU A 750 4.80 2.26 -9.76
C LEU A 750 4.48 3.04 -11.03
N LEU A 751 4.94 2.56 -12.19
CA LEU A 751 4.89 3.38 -13.39
C LEU A 751 3.46 3.67 -13.85
N GLN A 752 2.46 2.99 -13.31
CA GLN A 752 1.07 3.21 -13.68
C GLN A 752 0.35 4.17 -12.75
N TYR A 753 1.07 4.79 -11.81
CA TYR A 753 0.45 5.69 -10.85
C TYR A 753 0.34 7.12 -11.35
N GLY A 754 0.89 7.43 -12.53
CA GLY A 754 0.76 8.76 -13.11
C GLY A 754 2.10 9.47 -13.16
N SER A 755 2.05 10.79 -13.01
CA SER A 755 3.20 11.66 -13.17
C SER A 755 3.46 12.48 -11.92
N PHE A 756 3.42 11.83 -10.75
CA PHE A 756 3.76 12.52 -9.52
C PHE A 756 5.23 12.94 -9.52
N CYS A 757 6.11 12.06 -10.02
CA CYS A 757 7.54 12.32 -9.96
C CYS A 757 7.91 13.54 -10.79
N THR A 758 7.22 13.75 -11.91
CA THR A 758 7.47 14.96 -12.70
C THR A 758 7.16 16.20 -11.87
N GLN A 759 6.04 16.19 -11.14
CA GLN A 759 5.69 17.30 -10.26
C GLN A 759 6.79 17.53 -9.22
N LEU A 760 7.21 16.47 -8.56
CA LEU A 760 8.18 16.62 -7.47
C LEU A 760 9.52 17.14 -7.99
N LYS A 761 9.99 16.58 -9.11
CA LYS A 761 11.25 17.03 -9.68
C LYS A 761 11.18 18.48 -10.12
N ARG A 762 10.05 18.87 -10.74
CA ARG A 762 9.89 20.26 -11.16
C ARG A 762 9.91 21.21 -9.96
N ALA A 763 9.22 20.84 -8.89
CA ALA A 763 9.20 21.70 -7.70
C ALA A 763 10.60 21.84 -7.11
N LEU A 764 11.33 20.73 -7.01
CA LEU A 764 12.66 20.79 -6.41
C LEU A 764 13.63 21.61 -7.26
N THR A 765 13.57 21.46 -8.59
CA THR A 765 14.43 22.27 -9.44
C THR A 765 14.09 23.74 -9.33
N GLY A 766 12.79 24.07 -9.25
CA GLY A 766 12.41 25.44 -9.04
C GLY A 766 12.98 26.01 -7.76
N ILE A 767 12.92 25.23 -6.68
CA ILE A 767 13.48 25.70 -5.40
C ILE A 767 14.98 25.93 -5.52
N ALA A 768 15.70 25.02 -6.18
CA ALA A 768 17.15 25.16 -6.29
C ALA A 768 17.53 26.43 -7.07
N VAL A 769 16.90 26.63 -8.22
CA VAL A 769 17.22 27.83 -8.98
C VAL A 769 16.80 29.08 -8.22
N GLU A 770 15.75 28.97 -7.39
CA GLU A 770 15.38 30.09 -6.54
C GLU A 770 16.49 30.45 -5.56
N GLN A 771 17.12 29.44 -4.95
CA GLN A 771 18.21 29.73 -4.02
C GLN A 771 19.38 30.39 -4.74
N ASP A 772 19.71 29.90 -5.93
CA ASP A 772 20.78 30.53 -6.69
C ASP A 772 20.47 31.99 -7.00
N LYS A 773 19.23 32.28 -7.39
CA LYS A 773 18.82 33.65 -7.65
C LYS A 773 18.88 34.49 -6.38
N ASN A 774 18.51 33.92 -5.24
CA ASN A 774 18.57 34.64 -3.97
C ASN A 774 19.98 35.12 -3.67
N THR A 775 20.95 34.20 -3.75
CA THR A 775 22.33 34.60 -3.47
C THR A 775 22.82 35.62 -4.48
N GLN A 776 22.52 35.41 -5.76
CA GLN A 776 22.96 36.34 -6.80
C GLN A 776 22.41 37.74 -6.54
N GLU A 777 21.13 37.83 -6.17
CA GLU A 777 20.51 39.13 -5.96
C GLU A 777 21.06 39.80 -4.71
N VAL A 778 21.31 39.04 -3.65
CA VAL A 778 21.79 39.66 -2.40
C VAL A 778 23.19 40.21 -2.58
N PHE A 779 24.10 39.41 -3.15
CA PHE A 779 25.51 39.78 -3.12
C PHE A 779 25.98 40.52 -4.37
N ALA A 780 25.61 40.05 -5.56
CA ALA A 780 26.12 40.61 -6.80
C ALA A 780 25.36 41.89 -7.11
N GLN A 781 25.81 43.00 -6.51
CA GLN A 781 25.19 44.29 -6.72
C GLN A 781 26.11 45.31 -7.40
N VAL A 782 27.38 44.98 -7.59
CA VAL A 782 28.33 45.86 -8.27
C VAL A 782 28.95 45.10 -9.42
N LYS A 783 29.08 45.77 -10.56
CA LYS A 783 29.65 45.15 -11.75
C LYS A 783 31.14 45.40 -11.87
N GLN A 784 31.76 46.08 -10.90
CA GLN A 784 33.19 46.31 -10.87
C GLN A 784 33.75 45.71 -9.59
N ILE A 785 34.95 45.15 -9.68
CA ILE A 785 35.63 44.58 -8.52
C ILE A 785 36.67 45.60 -8.08
N TYR A 786 36.29 46.42 -7.10
CA TYR A 786 37.20 47.42 -6.59
C TYR A 786 38.27 46.77 -5.71
N LYS A 787 39.41 47.44 -5.61
CA LYS A 787 40.56 46.91 -4.89
C LYS A 787 41.11 47.97 -3.96
N THR A 788 41.40 47.59 -2.72
CA THR A 788 41.85 48.55 -1.73
C THR A 788 43.31 48.92 -1.96
N PRO A 789 43.71 50.16 -1.61
CA PRO A 789 45.10 50.56 -1.83
C PRO A 789 46.04 49.83 -0.89
N PRO A 790 47.33 49.76 -1.22
CA PRO A 790 48.27 49.08 -0.31
C PRO A 790 48.57 49.85 0.95
N ILE A 791 48.75 51.17 0.86
CA ILE A 791 49.04 52.00 2.03
C ILE A 791 47.72 52.24 2.75
N LYS A 792 47.46 51.48 3.81
CA LYS A 792 46.17 51.52 4.50
C LYS A 792 46.24 52.43 5.72
N TYR A 793 46.12 53.73 5.46
CA TYR A 793 45.95 54.73 6.50
C TYR A 793 44.74 55.59 6.15
N PHE A 794 43.75 55.60 7.04
CA PHE A 794 42.48 56.28 6.81
C PHE A 794 42.19 57.27 7.92
N GLY A 795 43.18 58.08 8.27
CA GLY A 795 42.99 59.11 9.27
C GLY A 795 42.74 58.60 10.68
N GLY A 796 43.37 57.49 11.05
CA GLY A 796 43.28 56.96 12.38
C GLY A 796 42.32 55.80 12.55
N PHE A 797 41.40 55.60 11.62
CA PHE A 797 40.48 54.48 11.71
C PHE A 797 41.21 53.19 11.34
N ASN A 798 40.87 52.11 12.04
CA ASN A 798 41.55 50.83 11.89
C ASN A 798 40.54 49.81 11.36
N PHE A 799 40.66 49.48 10.08
CA PHE A 799 39.75 48.56 9.42
C PHE A 799 40.33 47.16 9.27
N SER A 800 41.43 46.87 9.97
CA SER A 800 42.11 45.60 9.76
C SER A 800 41.26 44.42 10.16
N GLN A 801 40.26 44.62 11.03
CA GLN A 801 39.43 43.53 11.48
C GLN A 801 38.42 43.08 10.43
N ILE A 802 38.16 43.90 9.42
CA ILE A 802 37.17 43.55 8.41
C ILE A 802 37.77 43.40 7.02
N LEU A 803 38.95 43.93 6.76
CA LEU A 803 39.55 43.80 5.44
C LEU A 803 40.17 42.41 5.27
N PRO A 804 40.25 41.92 4.04
CA PRO A 804 40.78 40.56 3.83
C PRO A 804 42.22 40.43 4.31
N ASP A 805 42.55 39.23 4.80
CA ASP A 805 43.87 38.94 5.32
C ASP A 805 44.68 38.20 4.28
N PRO A 806 45.74 38.80 3.72
CA PRO A 806 46.52 38.09 2.69
C PRO A 806 47.20 36.84 3.19
N SER A 807 47.58 36.79 4.47
CA SER A 807 48.36 35.66 4.98
C SER A 807 47.56 34.36 4.90
N LYS A 808 46.29 34.40 5.26
CA LYS A 808 45.49 33.19 5.25
C LYS A 808 45.25 32.71 3.82
N PRO A 809 45.29 31.39 3.58
CA PRO A 809 45.08 30.89 2.21
C PRO A 809 43.71 31.20 1.64
N SER A 810 42.68 31.27 2.49
CA SER A 810 41.32 31.47 2.01
C SER A 810 40.98 32.92 1.73
N LYS A 811 41.84 33.86 2.11
CA LYS A 811 41.64 35.29 1.87
C LYS A 811 40.31 35.76 2.49
N ARG A 812 40.22 35.62 3.81
CA ARG A 812 39.03 36.01 4.54
C ARG A 812 39.44 36.85 5.74
N SER A 813 38.60 37.83 6.06
CA SER A 813 38.86 38.68 7.21
C SER A 813 38.65 37.90 8.50
N PRO A 814 39.27 38.35 9.60
CA PRO A 814 39.14 37.59 10.87
C PRO A 814 37.70 37.38 11.31
N ILE A 815 36.82 38.38 11.11
CA ILE A 815 35.45 38.25 11.57
C ILE A 815 34.75 37.12 10.84
N GLU A 816 34.87 37.08 9.52
CA GLU A 816 34.15 36.06 8.77
C GLU A 816 34.81 34.69 8.90
N ASP A 817 36.11 34.64 9.18
CA ASP A 817 36.74 33.37 9.53
C ASP A 817 36.17 32.84 10.85
N LEU A 818 36.02 33.72 11.84
CA LEU A 818 35.39 33.31 13.09
C LEU A 818 33.96 32.84 12.85
N LEU A 819 33.23 33.54 12.00
CA LEU A 819 31.85 33.15 11.69
C LEU A 819 31.82 31.77 11.04
N PHE A 820 32.74 31.50 10.12
CA PHE A 820 32.78 30.20 9.47
C PHE A 820 33.12 29.10 10.47
N ASN A 821 34.06 29.37 11.38
CA ASN A 821 34.41 28.36 12.38
C ASN A 821 33.31 28.16 13.41
N LYS A 822 32.42 29.14 13.58
CA LYS A 822 31.37 29.04 14.60
C LYS A 822 30.14 28.27 14.14
N VAL A 823 30.05 27.89 12.87
CA VAL A 823 28.88 27.18 12.35
C VAL A 823 29.35 25.85 11.79
N THR A 824 28.73 24.77 12.25
CA THR A 824 29.07 23.43 11.79
C THR A 824 28.40 23.10 10.46
N GLN A 850 27.22 10.64 2.69
CA GLN A 850 26.35 10.05 3.71
C GLN A 850 25.71 8.76 3.22
N LYS A 851 24.66 8.33 3.93
CA LYS A 851 23.85 7.20 3.53
C LYS A 851 22.59 7.75 2.87
N PHE A 852 22.56 7.74 1.54
CA PHE A 852 21.46 8.32 0.78
C PHE A 852 20.80 7.25 -0.08
N LYS A 853 19.46 7.26 -0.08
CA LYS A 853 18.66 6.36 -0.88
C LYS A 853 17.93 7.10 -1.99
N GLY A 854 18.61 8.05 -2.62
CA GLY A 854 17.99 8.90 -3.62
C GLY A 854 17.94 10.34 -3.19
N LEU A 855 18.38 10.60 -1.96
CA LEU A 855 18.33 11.94 -1.38
C LEU A 855 19.72 12.58 -1.53
N THR A 856 19.89 13.37 -2.58
CA THR A 856 21.16 14.00 -2.88
C THR A 856 21.11 15.49 -2.57
N VAL A 857 22.29 16.10 -2.52
CA VAL A 857 22.44 17.52 -2.26
C VAL A 857 23.30 18.12 -3.36
N LEU A 858 22.75 19.07 -4.11
CA LEU A 858 23.49 19.73 -5.17
C LEU A 858 24.39 20.82 -4.60
N PRO A 859 25.50 21.12 -5.27
CA PRO A 859 26.39 22.17 -4.79
C PRO A 859 25.92 23.54 -5.26
N PRO A 860 26.16 24.58 -4.49
CA PRO A 860 25.74 25.93 -4.90
C PRO A 860 26.58 26.44 -6.07
N LEU A 861 25.99 27.37 -6.82
CA LEU A 861 26.67 27.91 -7.99
C LEU A 861 27.87 28.76 -7.61
N LEU A 862 27.74 29.57 -6.56
CA LEU A 862 28.79 30.50 -6.17
C LEU A 862 29.59 29.91 -5.02
N THR A 863 30.90 29.73 -5.23
CA THR A 863 31.77 29.25 -4.18
C THR A 863 32.01 30.35 -3.15
N ASP A 864 32.54 29.94 -1.99
CA ASP A 864 32.74 30.89 -0.91
C ASP A 864 33.79 31.94 -1.25
N GLU A 865 34.76 31.58 -2.09
CA GLU A 865 35.76 32.57 -2.51
C GLU A 865 35.12 33.69 -3.32
N MET A 866 34.16 33.36 -4.19
CA MET A 866 33.49 34.39 -4.98
C MET A 866 32.67 35.31 -4.10
N ILE A 867 31.99 34.77 -3.09
CA ILE A 867 31.23 35.59 -2.17
C ILE A 867 32.17 36.49 -1.35
N ALA A 868 33.30 35.95 -0.93
CA ALA A 868 34.27 36.75 -0.21
C ALA A 868 34.82 37.87 -1.08
N GLN A 869 34.98 37.61 -2.37
CA GLN A 869 35.52 38.64 -3.26
C GLN A 869 34.49 39.72 -3.53
N TYR A 870 33.21 39.35 -3.68
CA TYR A 870 32.15 40.36 -3.67
C TYR A 870 32.19 41.22 -2.42
N THR A 871 32.29 40.59 -1.25
CA THR A 871 32.28 41.35 0.00
C THR A 871 33.47 42.30 0.08
N SER A 872 34.65 41.84 -0.34
CA SER A 872 35.82 42.69 -0.34
C SER A 872 35.66 43.86 -1.30
N ALA A 873 35.05 43.61 -2.46
CA ALA A 873 34.79 44.69 -3.41
C ALA A 873 33.86 45.73 -2.81
N LEU A 874 32.79 45.29 -2.14
CA LEU A 874 31.87 46.23 -1.51
C LEU A 874 32.56 47.05 -0.44
N LEU A 875 33.38 46.39 0.40
CA LEU A 875 34.07 47.11 1.47
C LEU A 875 35.05 48.13 0.90
N ALA A 876 35.83 47.75 -0.12
CA ALA A 876 36.77 48.69 -0.71
C ALA A 876 36.04 49.87 -1.34
N GLY A 877 34.93 49.60 -2.03
CA GLY A 877 34.17 50.68 -2.63
C GLY A 877 33.61 51.64 -1.61
N THR A 878 33.05 51.12 -0.51
CA THR A 878 32.47 51.99 0.49
C THR A 878 33.50 52.68 1.37
N ILE A 879 34.73 52.20 1.39
CA ILE A 879 35.79 52.88 2.14
C ILE A 879 36.45 53.97 1.31
N THR A 880 36.78 53.67 0.06
CA THR A 880 37.57 54.60 -0.73
C THR A 880 36.74 55.59 -1.54
N SER A 881 35.42 55.43 -1.60
CA SER A 881 34.60 56.27 -2.48
C SER A 881 33.29 56.70 -1.86
N GLY A 882 33.07 56.43 -0.57
CA GLY A 882 31.81 56.81 0.03
C GLY A 882 30.65 56.04 -0.56
N TRP A 883 29.52 56.72 -0.77
CA TRP A 883 28.36 56.11 -1.38
C TRP A 883 28.22 56.42 -2.86
N THR A 884 29.20 57.10 -3.47
CA THR A 884 29.06 57.50 -4.86
C THR A 884 29.22 56.31 -5.80
N PHE A 885 29.79 55.21 -5.33
CA PHE A 885 30.05 54.08 -6.22
C PHE A 885 28.80 53.28 -6.54
N GLY A 886 27.71 53.50 -5.79
CA GLY A 886 26.48 52.78 -6.04
C GLY A 886 25.50 53.49 -6.95
N ALA A 887 25.80 54.71 -7.37
CA ALA A 887 24.92 55.51 -8.22
C ALA A 887 25.71 56.18 -9.33
N GLY A 888 26.55 55.41 -10.01
CA GLY A 888 27.36 55.93 -11.09
C GLY A 888 28.82 55.52 -10.96
N PRO A 889 29.71 56.35 -11.47
CA PRO A 889 31.14 56.07 -11.33
C PRO A 889 31.60 56.25 -9.89
N ALA A 890 32.75 55.68 -9.58
CA ALA A 890 33.33 55.79 -8.25
C ALA A 890 34.13 57.09 -8.14
N LEU A 891 33.87 57.85 -7.08
CA LEU A 891 34.52 59.14 -6.85
C LEU A 891 35.29 59.05 -5.55
N GLN A 892 36.61 59.19 -5.61
CA GLN A 892 37.41 59.08 -4.40
C GLN A 892 37.27 60.33 -3.54
N ILE A 893 37.44 60.13 -2.23
CA ILE A 893 37.31 61.21 -1.26
C ILE A 893 37.98 60.78 0.05
N PRO A 894 38.72 61.67 0.71
CA PRO A 894 39.36 61.27 1.98
C PRO A 894 38.34 60.84 3.01
N PHE A 895 38.70 59.82 3.79
CA PHE A 895 37.76 59.26 4.75
C PHE A 895 37.28 60.26 5.80
N PRO A 896 38.14 61.10 6.40
CA PRO A 896 37.60 62.09 7.34
C PRO A 896 36.54 63.00 6.73
N MET A 897 36.70 63.40 5.47
CA MET A 897 35.68 64.23 4.84
C MET A 897 34.40 63.45 4.60
N GLN A 898 34.51 62.17 4.24
CA GLN A 898 33.32 61.34 4.09
C GLN A 898 32.57 61.24 5.41
N MET A 899 33.28 61.02 6.51
CA MET A 899 32.62 60.91 7.80
C MET A 899 32.06 62.26 8.25
N ALA A 900 32.68 63.36 7.85
CA ALA A 900 32.11 64.68 8.13
C ALA A 900 30.79 64.86 7.39
N TYR A 901 30.74 64.44 6.13
CA TYR A 901 29.46 64.46 5.41
C TYR A 901 28.42 63.59 6.10
N ARG A 902 28.83 62.43 6.60
CA ARG A 902 27.88 61.53 7.23
C ARG A 902 27.35 62.08 8.56
N PHE A 903 28.19 62.80 9.31
CA PHE A 903 27.67 63.57 10.44
C PHE A 903 26.70 64.64 9.98
N ASN A 904 27.08 65.39 8.93
CA ASN A 904 26.22 66.46 8.46
C ASN A 904 24.87 65.93 8.01
N GLY A 905 24.81 64.64 7.66
CA GLY A 905 23.54 64.04 7.29
C GLY A 905 22.55 63.95 8.44
N ILE A 906 23.05 63.71 9.66
CA ILE A 906 22.18 63.47 10.81
C ILE A 906 22.00 64.73 11.64
N GLY A 907 22.34 65.89 11.07
CA GLY A 907 22.08 67.13 11.74
C GLY A 907 23.14 67.62 12.70
N VAL A 908 24.39 67.20 12.51
CA VAL A 908 25.51 67.67 13.30
C VAL A 908 26.55 68.24 12.34
N THR A 909 27.02 69.45 12.64
CA THR A 909 27.92 70.14 11.72
C THR A 909 29.28 69.47 11.66
N GLN A 910 30.09 69.87 10.67
CA GLN A 910 31.39 69.26 10.46
C GLN A 910 32.37 69.52 11.60
N ASN A 911 32.33 70.71 12.19
CA ASN A 911 33.36 71.08 13.16
C ASN A 911 33.43 70.09 14.31
N VAL A 912 32.30 69.44 14.64
CA VAL A 912 32.30 68.43 15.70
C VAL A 912 33.29 67.33 15.35
N LEU A 913 33.21 66.79 14.14
CA LEU A 913 34.13 65.74 13.75
C LEU A 913 35.55 66.29 13.60
N TYR A 914 35.69 67.44 12.93
CA TYR A 914 37.04 67.93 12.71
C TYR A 914 37.75 68.32 13.99
N GLU A 915 37.02 68.44 15.10
CA GLU A 915 37.65 68.72 16.38
C GLU A 915 37.66 67.53 17.33
N ASN A 916 36.93 66.46 17.02
CA ASN A 916 36.96 65.25 17.85
C ASN A 916 37.35 64.02 17.03
N GLN A 917 38.12 64.21 15.96
CA GLN A 917 38.51 63.12 15.08
C GLN A 917 39.23 62.00 15.82
N LYS A 918 40.21 62.35 16.65
CA LYS A 918 41.00 61.32 17.33
C LYS A 918 40.12 60.52 18.29
N LEU A 919 39.27 61.21 19.05
CA LEU A 919 38.39 60.51 19.99
C LEU A 919 37.41 59.61 19.24
N ILE A 920 36.87 60.07 18.11
CA ILE A 920 35.93 59.25 17.35
C ILE A 920 36.63 58.02 16.80
N ALA A 921 37.85 58.18 16.30
CA ALA A 921 38.60 57.03 15.79
C ALA A 921 38.87 56.01 16.89
N ASN A 922 39.25 56.48 18.07
CA ASN A 922 39.50 55.57 19.18
C ASN A 922 38.23 54.83 19.58
N GLN A 923 37.10 55.54 19.64
CA GLN A 923 35.84 54.88 19.98
C GLN A 923 35.47 53.83 18.95
N PHE A 924 35.68 54.13 17.66
CA PHE A 924 35.35 53.17 16.62
C PHE A 924 36.21 51.92 16.73
N ASN A 925 37.52 52.11 16.94
CA ASN A 925 38.42 50.96 17.06
C ASN A 925 38.04 50.09 18.26
N SER A 926 37.78 50.72 19.41
CA SER A 926 37.39 49.96 20.59
C SER A 926 36.09 49.20 20.35
N ALA A 927 35.13 49.84 19.70
CA ALA A 927 33.85 49.19 19.45
C ALA A 927 34.01 47.98 18.55
N ILE A 928 34.83 48.09 17.50
CA ILE A 928 34.99 46.95 16.59
C ILE A 928 35.73 45.81 17.29
N GLY A 929 36.71 46.13 18.15
CA GLY A 929 37.35 45.08 18.92
C GLY A 929 36.38 44.38 19.86
N LYS A 930 35.52 45.15 20.51
CA LYS A 930 34.53 44.56 21.40
C LYS A 930 33.57 43.67 20.64
N ILE A 931 33.19 44.07 19.42
CA ILE A 931 32.31 43.22 18.60
C ILE A 931 32.98 41.91 18.27
N GLN A 932 34.27 41.96 17.89
CA GLN A 932 34.97 40.70 17.60
C GLN A 932 34.99 39.80 18.83
N ASP A 933 35.31 40.36 19.99
CA ASP A 933 35.38 39.56 21.21
C ASP A 933 34.02 38.97 21.57
N SER A 934 32.97 39.78 21.46
CA SER A 934 31.62 39.31 21.80
C SER A 934 31.17 38.21 20.85
N LEU A 935 31.48 38.34 19.57
CA LEU A 935 31.17 37.27 18.63
C LEU A 935 31.92 36.00 18.98
N SER A 936 33.20 36.15 19.38
CA SER A 936 33.97 34.97 19.77
C SER A 936 33.47 34.34 21.05
N SER A 937 32.78 35.10 21.92
CA SER A 937 32.39 34.61 23.23
C SER A 937 31.02 33.95 23.23
N THR A 938 29.97 34.70 22.89
CA THR A 938 28.62 34.17 23.00
C THR A 938 28.35 33.16 21.89
N PRO A 939 27.90 31.95 22.22
CA PRO A 939 27.68 30.93 21.18
C PRO A 939 26.32 31.04 20.51
N SER A 940 25.34 31.60 21.20
CA SER A 940 23.98 31.66 20.68
C SER A 940 23.75 32.82 19.71
N ALA A 941 24.81 33.49 19.27
CA ALA A 941 24.64 34.62 18.36
C ALA A 941 24.08 34.19 17.01
N LEU A 942 24.57 33.08 16.46
CA LEU A 942 24.23 32.65 15.11
C LEU A 942 23.11 31.62 15.08
N GLY A 943 22.17 31.72 16.02
CA GLY A 943 21.06 30.79 16.04
C GLY A 943 20.20 30.88 14.80
N LYS A 944 20.08 32.08 14.23
CA LYS A 944 19.26 32.23 13.03
C LYS A 944 19.82 31.43 11.87
N LEU A 945 21.15 31.42 11.71
CA LEU A 945 21.76 30.62 10.66
C LEU A 945 21.75 29.14 11.03
N GLN A 946 21.86 28.83 12.32
CA GLN A 946 21.90 27.42 12.72
C GLN A 946 20.56 26.74 12.54
N ASP A 947 19.46 27.48 12.72
CA ASP A 947 18.13 26.89 12.65
C ASP A 947 17.81 26.37 11.27
N VAL A 948 18.30 27.02 10.22
CA VAL A 948 18.04 26.56 8.86
C VAL A 948 18.61 25.16 8.66
N VAL A 949 19.87 24.97 9.04
CA VAL A 949 20.52 23.68 8.91
C VAL A 949 19.81 22.64 9.78
N ASN A 950 19.47 23.03 11.01
CA ASN A 950 18.82 22.10 11.92
C ASN A 950 17.45 21.68 11.41
N HIS A 951 16.74 22.57 10.71
CA HIS A 951 15.44 22.21 10.15
C HIS A 951 15.60 21.28 8.95
N ASN A 952 16.54 21.60 8.06
CA ASN A 952 16.70 20.79 6.85
C ASN A 952 17.14 19.38 7.20
N ALA A 953 18.15 19.25 8.07
CA ALA A 953 18.63 17.93 8.45
C ALA A 953 17.55 17.12 9.14
N GLN A 954 16.78 17.78 10.02
CA GLN A 954 15.73 17.09 10.74
C GLN A 954 14.63 16.62 9.81
N ALA A 955 14.27 17.43 8.81
CA ALA A 955 13.24 17.02 7.86
C ALA A 955 13.71 15.83 7.03
N LEU A 956 14.96 15.87 6.57
CA LEU A 956 15.49 14.75 5.80
C LEU A 956 15.54 13.49 6.64
N ASN A 957 15.94 13.61 7.91
CA ASN A 957 15.98 12.46 8.80
C ASN A 957 14.57 11.90 9.02
N THR A 958 13.58 12.79 9.14
CA THR A 958 12.20 12.34 9.31
C THR A 958 11.72 11.58 8.10
N LEU A 959 12.08 12.04 6.90
CA LEU A 959 11.71 11.31 5.69
C LEU A 959 12.34 9.92 5.67
N VAL A 960 13.63 9.84 6.00
CA VAL A 960 14.31 8.55 6.02
C VAL A 960 13.68 7.62 7.04
N LYS A 961 13.32 8.15 8.21
CA LYS A 961 12.68 7.33 9.23
C LYS A 961 11.31 6.85 8.77
N GLN A 962 10.53 7.73 8.14
CA GLN A 962 9.23 7.33 7.61
C GLN A 962 9.35 6.27 6.52
N LEU A 963 10.51 6.17 5.88
CA LEU A 963 10.70 5.11 4.89
C LEU A 963 10.51 3.72 5.47
N SER A 964 10.69 3.52 6.78
CA SER A 964 10.65 2.19 7.39
C SER A 964 9.41 1.97 8.24
N SER A 965 8.24 2.40 7.76
CA SER A 965 6.98 2.21 8.48
C SER A 965 6.13 1.20 7.74
N LYS A 966 5.42 0.36 8.51
CA LYS A 966 4.59 -0.68 7.90
C LYS A 966 3.36 -0.10 7.21
N PHE A 967 2.85 1.03 7.68
CA PHE A 967 1.74 1.73 7.04
C PHE A 967 0.49 0.87 6.95
N GLY A 968 0.27 0.00 7.93
CA GLY A 968 -0.89 -0.85 7.96
C GLY A 968 -0.73 -2.20 7.29
N ALA A 969 0.39 -2.45 6.64
CA ALA A 969 0.65 -3.75 6.05
C ALA A 969 1.22 -4.71 7.08
N ILE A 970 1.27 -5.99 6.71
CA ILE A 970 1.79 -7.00 7.63
C ILE A 970 3.29 -6.82 7.85
N SER A 971 4.02 -6.41 6.81
CA SER A 971 5.45 -6.22 6.92
C SER A 971 5.86 -4.99 6.12
N SER A 972 6.93 -4.35 6.56
CA SER A 972 7.48 -3.17 5.89
C SER A 972 8.62 -3.51 4.93
N VAL A 973 8.91 -4.79 4.74
CA VAL A 973 9.98 -5.23 3.84
C VAL A 973 9.29 -5.73 2.57
N LEU A 974 9.58 -5.07 1.45
CA LEU A 974 8.79 -5.26 0.23
C LEU A 974 9.04 -6.63 -0.40
N ASN A 975 10.32 -7.01 -0.54
CA ASN A 975 10.63 -8.31 -1.12
C ASN A 975 10.14 -9.44 -0.23
N ASP A 976 10.10 -9.23 1.08
CA ASP A 976 9.47 -10.19 1.98
C ASP A 976 7.98 -10.33 1.66
N ILE A 977 7.31 -9.22 1.37
CA ILE A 977 5.90 -9.27 0.98
C ILE A 977 5.74 -10.07 -0.30
N PHE A 978 6.64 -9.89 -1.26
CA PHE A 978 6.60 -10.68 -2.48
C PHE A 978 6.76 -12.17 -2.19
N SER A 979 7.81 -12.54 -1.44
CA SER A 979 8.18 -13.94 -1.32
C SER A 979 7.21 -14.70 -0.42
N ARG A 980 6.78 -14.10 0.69
CA ARG A 980 6.02 -14.81 1.69
C ARG A 980 4.57 -15.04 1.29
N LEU A 981 3.99 -14.16 0.47
CA LEU A 981 2.57 -14.23 0.15
C LEU A 981 2.36 -14.29 -1.35
N ASP A 982 1.25 -14.87 -1.75
CA ASP A 982 0.90 -14.99 -3.16
C ASP A 982 0.48 -13.63 -3.73
N PRO A 983 0.51 -13.48 -5.05
CA PRO A 983 0.24 -12.17 -5.67
C PRO A 983 -1.10 -11.56 -5.28
N PRO A 984 -2.21 -12.37 -5.13
CA PRO A 984 -3.52 -11.75 -4.86
C PRO A 984 -3.55 -10.63 -3.82
N GLU A 985 -3.10 -10.88 -2.59
CA GLU A 985 -3.07 -9.82 -1.59
C GLU A 985 -1.70 -9.18 -1.42
N ALA A 986 -0.65 -9.78 -1.98
CA ALA A 986 0.63 -9.08 -2.07
C ALA A 986 0.46 -7.79 -2.86
N GLU A 987 -0.39 -7.82 -3.88
CA GLU A 987 -0.69 -6.60 -4.63
C GLU A 987 -1.32 -5.54 -3.72
N VAL A 988 -2.24 -5.95 -2.85
CA VAL A 988 -2.88 -5.00 -1.94
C VAL A 988 -1.85 -4.39 -1.00
N GLN A 989 -0.99 -5.24 -0.43
CA GLN A 989 0.03 -4.74 0.48
C GLN A 989 0.98 -3.77 -0.22
N ILE A 990 1.40 -4.11 -1.44
CA ILE A 990 2.30 -3.24 -2.18
C ILE A 990 1.61 -1.92 -2.51
N ASP A 991 0.33 -1.97 -2.87
CA ASP A 991 -0.41 -0.75 -3.15
C ASP A 991 -0.45 0.14 -1.92
N ARG A 992 -0.69 -0.44 -0.75
CA ARG A 992 -0.67 0.33 0.49
C ARG A 992 0.68 0.98 0.71
N LEU A 993 1.77 0.22 0.51
CA LEU A 993 3.11 0.77 0.70
C LEU A 993 3.38 1.94 -0.23
N ILE A 994 3.07 1.77 -1.52
CA ILE A 994 3.35 2.82 -2.49
C ILE A 994 2.54 4.07 -2.18
N THR A 995 1.25 3.91 -1.84
CA THR A 995 0.45 5.08 -1.52
C THR A 995 1.00 5.82 -0.31
N GLY A 996 1.37 5.08 0.74
CA GLY A 996 1.91 5.73 1.92
C GLY A 996 3.20 6.48 1.65
N ARG A 997 4.11 5.85 0.90
CA ARG A 997 5.39 6.49 0.64
C ARG A 997 5.25 7.70 -0.28
N LEU A 998 4.35 7.62 -1.27
CA LEU A 998 4.08 8.78 -2.10
C LEU A 998 3.50 9.92 -1.28
N GLN A 999 2.61 9.61 -0.35
CA GLN A 999 2.07 10.65 0.53
C GLN A 999 3.18 11.30 1.35
N SER A 1000 4.09 10.49 1.89
CA SER A 1000 5.20 11.06 2.68
C SER A 1000 6.07 11.98 1.82
N LEU A 1001 6.37 11.55 0.59
CA LEU A 1001 7.20 12.39 -0.28
C LEU A 1001 6.52 13.70 -0.62
N GLN A 1002 5.21 13.64 -0.88
CA GLN A 1002 4.46 14.87 -1.17
C GLN A 1002 4.48 15.81 0.02
N THR A 1003 4.31 15.28 1.23
CA THR A 1003 4.36 16.12 2.42
C THR A 1003 5.71 16.81 2.55
N TYR A 1004 6.79 16.06 2.32
CA TYR A 1004 8.12 16.66 2.39
C TYR A 1004 8.27 17.78 1.38
N VAL A 1005 7.79 17.58 0.15
CA VAL A 1005 7.91 18.61 -0.87
C VAL A 1005 7.15 19.86 -0.47
N THR A 1006 5.94 19.69 0.07
CA THR A 1006 5.16 20.86 0.47
C THR A 1006 5.86 21.65 1.58
N GLN A 1007 6.38 20.96 2.60
CA GLN A 1007 7.10 21.66 3.65
C GLN A 1007 8.30 22.40 3.10
N GLN A 1008 9.02 21.78 2.16
CA GLN A 1008 10.16 22.46 1.55
C GLN A 1008 9.72 23.70 0.80
N LEU A 1009 8.58 23.65 0.12
CA LEU A 1009 8.10 24.84 -0.59
C LEU A 1009 7.83 25.99 0.37
N ILE A 1010 7.17 25.70 1.49
CA ILE A 1010 6.86 26.76 2.45
C ILE A 1010 8.15 27.35 3.03
N ARG A 1011 9.10 26.49 3.40
CA ARG A 1011 10.36 26.98 3.93
C ARG A 1011 11.10 27.84 2.90
N ALA A 1012 11.06 27.43 1.64
CA ALA A 1012 11.70 28.22 0.59
C ALA A 1012 11.06 29.59 0.47
N ALA A 1013 9.74 29.65 0.59
CA ALA A 1013 9.07 30.96 0.54
C ALA A 1013 9.55 31.88 1.65
N GLU A 1014 9.62 31.36 2.88
CA GLU A 1014 10.06 32.24 3.98
C GLU A 1014 11.51 32.65 3.82
N ILE A 1015 12.37 31.75 3.33
CA ILE A 1015 13.76 32.10 3.10
C ILE A 1015 13.87 33.16 2.00
N ARG A 1016 13.02 33.08 0.98
CA ARG A 1016 13.03 34.10 -0.06
C ARG A 1016 12.63 35.46 0.49
N ALA A 1017 11.65 35.49 1.39
CA ALA A 1017 11.30 36.77 2.03
C ALA A 1017 12.49 37.33 2.79
N SER A 1018 13.19 36.47 3.55
CA SER A 1018 14.36 36.94 4.29
C SER A 1018 15.45 37.45 3.34
N ALA A 1019 15.65 36.76 2.22
CA ALA A 1019 16.67 37.17 1.26
C ALA A 1019 16.33 38.52 0.63
N ASN A 1020 15.05 38.76 0.34
CA ASN A 1020 14.65 40.06 -0.17
C ASN A 1020 14.93 41.15 0.86
N LEU A 1021 14.62 40.89 2.13
CA LEU A 1021 14.93 41.87 3.16
C LEU A 1021 16.42 42.15 3.24
N ALA A 1022 17.24 41.11 3.14
CA ALA A 1022 18.69 41.30 3.20
C ALA A 1022 19.20 42.11 2.02
N ALA A 1023 18.64 41.86 0.82
CA ALA A 1023 19.03 42.64 -0.34
C ALA A 1023 18.68 44.11 -0.16
N THR A 1024 17.50 44.39 0.39
CA THR A 1024 17.11 45.77 0.65
C THR A 1024 18.05 46.42 1.66
N LYS A 1025 18.42 45.69 2.71
CA LYS A 1025 19.34 46.24 3.70
C LYS A 1025 20.69 46.54 3.07
N MET A 1026 21.20 45.65 2.22
CA MET A 1026 22.47 45.91 1.56
C MET A 1026 22.38 47.12 0.65
N SER A 1027 21.27 47.27 -0.07
CA SER A 1027 21.13 48.40 -0.98
C SER A 1027 21.08 49.73 -0.24
N GLU A 1028 20.37 49.78 0.90
CA GLU A 1028 20.12 51.05 1.55
C GLU A 1028 21.11 51.40 2.66
N CYS A 1029 21.42 50.47 3.55
CA CYS A 1029 22.32 50.80 4.66
C CYS A 1029 23.77 50.87 4.22
N VAL A 1030 24.19 50.01 3.29
CA VAL A 1030 25.59 49.94 2.90
C VAL A 1030 25.90 50.98 1.83
N LEU A 1031 25.20 50.92 0.71
CA LEU A 1031 25.43 51.81 -0.43
C LEU A 1031 24.92 53.22 -0.18
N GLY A 1032 24.51 53.57 1.03
CA GLY A 1032 24.03 54.91 1.30
C GLY A 1032 23.71 55.03 2.77
N GLN A 1033 23.32 56.24 3.17
CA GLN A 1033 22.93 56.52 4.55
C GLN A 1033 21.42 56.64 4.62
N SER A 1034 20.80 55.86 5.49
CA SER A 1034 19.35 55.74 5.55
C SER A 1034 18.79 56.55 6.71
N LYS A 1035 17.66 57.21 6.47
CA LYS A 1035 16.97 57.99 7.49
C LYS A 1035 15.82 57.23 8.14
N ARG A 1036 15.60 55.97 7.74
CA ARG A 1036 14.53 55.18 8.33
C ARG A 1036 14.93 54.75 9.73
N VAL A 1037 14.02 54.91 10.69
CA VAL A 1037 14.34 54.66 12.09
C VAL A 1037 14.43 53.16 12.32
N ASP A 1038 15.49 52.74 13.02
CA ASP A 1038 15.72 51.36 13.45
C ASP A 1038 15.83 50.39 12.29
N PHE A 1039 15.94 50.87 11.05
CA PHE A 1039 16.15 49.97 9.93
C PHE A 1039 17.58 49.44 9.91
N CYS A 1040 18.56 50.30 10.14
CA CYS A 1040 19.97 49.94 10.09
C CYS A 1040 20.63 50.16 11.46
N GLY A 1041 19.97 49.69 12.51
CA GLY A 1041 20.55 49.68 13.82
C GLY A 1041 19.96 50.75 14.73
N LYS A 1042 20.14 50.54 16.04
CA LYS A 1042 19.65 51.46 17.05
C LYS A 1042 20.51 52.71 17.07
N GLY A 1043 19.87 53.87 17.06
CA GLY A 1043 20.57 55.14 17.03
C GLY A 1043 20.48 55.80 15.66
N TYR A 1044 21.28 56.84 15.48
CA TYR A 1044 21.35 57.52 14.20
C TYR A 1044 22.37 56.83 13.31
N HIS A 1045 21.95 56.41 12.12
CA HIS A 1045 22.80 55.61 11.27
C HIS A 1045 23.94 56.44 10.68
N LEU A 1046 25.12 55.84 10.60
CA LEU A 1046 26.28 56.47 9.97
C LEU A 1046 26.76 55.68 8.76
N MET A 1047 27.02 54.40 8.92
CA MET A 1047 27.46 53.53 7.83
C MET A 1047 27.35 52.09 8.32
N SER A 1048 27.55 51.15 7.41
CA SER A 1048 27.53 49.74 7.78
C SER A 1048 28.41 48.96 6.82
N PHE A 1049 28.88 47.80 7.29
CA PHE A 1049 29.80 46.97 6.55
C PHE A 1049 29.26 45.55 6.45
N PRO A 1050 29.35 44.93 5.29
CA PRO A 1050 28.85 43.56 5.15
C PRO A 1050 29.92 42.51 5.41
N GLN A 1051 29.52 41.37 5.96
CA GLN A 1051 30.41 40.24 6.12
C GLN A 1051 29.66 38.98 5.72
N SER A 1052 30.39 38.04 5.12
CA SER A 1052 29.76 36.81 4.67
C SER A 1052 29.67 35.79 5.80
N ALA A 1053 28.79 34.82 5.61
CA ALA A 1053 28.58 33.76 6.58
C ALA A 1053 27.95 32.57 5.86
N PRO A 1054 28.07 31.36 6.39
CA PRO A 1054 27.46 30.21 5.73
C PRO A 1054 25.95 30.35 5.59
N HIS A 1055 25.46 30.45 4.36
CA HIS A 1055 24.04 30.62 4.07
C HIS A 1055 23.47 31.88 4.73
N GLY A 1056 24.21 32.97 4.67
CA GLY A 1056 23.73 34.20 5.27
C GLY A 1056 24.73 35.32 5.12
N VAL A 1057 24.36 36.47 5.67
CA VAL A 1057 25.18 37.67 5.63
C VAL A 1057 25.07 38.37 6.99
N VAL A 1058 26.14 39.03 7.41
CA VAL A 1058 26.22 39.69 8.70
C VAL A 1058 26.55 41.15 8.47
N PHE A 1059 25.77 42.05 9.07
CA PHE A 1059 25.95 43.49 8.94
C PHE A 1059 26.52 44.06 10.21
N LEU A 1060 27.46 45.00 10.07
CA LEU A 1060 28.03 45.73 11.20
C LEU A 1060 27.57 47.18 11.11
N HIS A 1061 26.48 47.50 11.79
CA HIS A 1061 25.89 48.84 11.71
C HIS A 1061 26.62 49.77 12.65
N VAL A 1062 27.15 50.87 12.11
CA VAL A 1062 27.81 51.90 12.91
C VAL A 1062 26.82 53.04 13.11
N THR A 1063 26.54 53.37 14.37
CA THR A 1063 25.51 54.35 14.70
C THR A 1063 26.07 55.38 15.65
N TYR A 1064 25.35 56.50 15.77
CA TYR A 1064 25.72 57.61 16.63
C TYR A 1064 24.69 57.71 17.74
N VAL A 1065 25.14 57.65 19.00
CA VAL A 1065 24.25 57.61 20.15
C VAL A 1065 24.60 58.76 21.08
N PRO A 1066 23.65 59.65 21.38
CA PRO A 1066 23.95 60.76 22.31
C PRO A 1066 24.10 60.27 23.74
N ALA A 1067 24.79 61.07 24.54
CA ALA A 1067 25.01 60.74 25.94
C ALA A 1067 25.32 62.01 26.70
N GLN A 1068 25.20 61.93 28.04
CA GLN A 1068 25.51 63.03 28.94
C GLN A 1068 24.64 64.26 28.66
N GLU A 1069 23.33 64.09 28.88
CA GLU A 1069 22.40 65.19 28.69
C GLU A 1069 22.49 66.17 29.84
N LYS A 1070 21.81 67.31 29.69
CA LYS A 1070 21.89 68.41 30.64
C LYS A 1070 20.63 69.26 30.53
N ASN A 1071 20.12 69.69 31.69
CA ASN A 1071 18.87 70.45 31.73
C ASN A 1071 19.10 71.90 31.29
N PHE A 1072 18.07 72.49 30.71
CA PHE A 1072 18.13 73.87 30.26
C PHE A 1072 16.73 74.47 30.25
N THR A 1073 16.68 75.80 30.16
CA THR A 1073 15.42 76.53 30.05
C THR A 1073 15.30 77.11 28.65
N THR A 1074 14.15 76.90 28.02
CA THR A 1074 13.94 77.25 26.62
C THR A 1074 12.87 78.32 26.49
N ALA A 1075 12.78 78.88 25.29
CA ALA A 1075 11.77 79.87 24.93
C ALA A 1075 11.51 79.79 23.44
N PRO A 1076 10.24 79.79 23.02
CA PRO A 1076 9.95 79.64 21.59
C PRO A 1076 10.44 80.78 20.73
N ALA A 1077 10.46 82.01 21.25
CA ALA A 1077 10.83 83.17 20.44
C ALA A 1077 11.43 84.25 21.33
N ILE A 1078 12.10 85.22 20.70
CA ILE A 1078 12.75 86.32 21.39
C ILE A 1078 12.21 87.63 20.83
N CYS A 1079 11.56 88.42 21.68
CA CYS A 1079 10.99 89.69 21.27
C CYS A 1079 12.04 90.78 21.43
N HIS A 1080 12.24 91.58 20.39
CA HIS A 1080 13.20 92.67 20.42
C HIS A 1080 12.73 93.74 19.45
N ASP A 1081 12.60 94.97 19.94
CA ASP A 1081 12.08 96.10 19.15
C ASP A 1081 10.69 95.81 18.62
N GLY A 1082 9.89 95.08 19.40
CA GLY A 1082 8.55 94.76 18.97
C GLY A 1082 8.47 93.77 17.83
N LYS A 1083 9.51 92.98 17.62
CA LYS A 1083 9.53 91.96 16.58
C LYS A 1083 9.94 90.63 17.19
N ALA A 1084 9.37 89.55 16.65
CA ALA A 1084 9.63 88.21 17.16
C ALA A 1084 10.69 87.55 16.30
N HIS A 1085 11.72 87.00 16.93
CA HIS A 1085 12.82 86.34 16.24
C HIS A 1085 12.79 84.85 16.55
N PHE A 1086 12.84 84.03 15.51
CA PHE A 1086 12.82 82.59 15.65
C PHE A 1086 14.17 82.01 15.25
N PRO A 1087 14.57 80.88 15.83
CA PRO A 1087 15.86 80.28 15.46
C PRO A 1087 15.82 79.78 14.03
N ARG A 1088 16.85 80.16 13.26
CA ARG A 1088 16.88 79.74 11.86
C ARG A 1088 17.05 78.24 11.73
N GLU A 1089 18.00 77.66 12.47
CA GLU A 1089 18.18 76.21 12.46
C GLU A 1089 18.51 75.60 13.81
N GLY A 1090 18.59 76.37 14.89
CA GLY A 1090 18.88 75.82 16.19
C GLY A 1090 17.71 75.85 17.17
N VAL A 1091 18.01 76.10 18.44
CA VAL A 1091 17.00 76.16 19.49
C VAL A 1091 17.50 77.11 20.57
N PHE A 1092 16.58 77.85 21.19
CA PHE A 1092 16.95 78.81 22.21
C PHE A 1092 17.08 78.13 23.57
N VAL A 1093 18.15 78.44 24.29
CA VAL A 1093 18.40 77.89 25.61
C VAL A 1093 18.94 79.01 26.50
N SER A 1094 19.09 78.71 27.79
CA SER A 1094 19.58 79.66 28.75
C SER A 1094 20.18 78.93 29.94
N ASN A 1095 21.38 79.32 30.36
CA ASN A 1095 21.99 78.70 31.52
C ASN A 1095 21.52 79.30 32.84
N GLY A 1096 20.70 80.34 32.80
CA GLY A 1096 20.20 80.96 34.01
C GLY A 1096 20.18 82.47 33.95
N THR A 1097 21.14 83.05 33.24
CA THR A 1097 21.24 84.50 33.09
C THR A 1097 21.14 84.97 31.65
N HIS A 1098 21.89 84.34 30.74
CA HIS A 1098 21.96 84.78 29.35
C HIS A 1098 21.27 83.77 28.46
N TRP A 1099 20.92 84.22 27.25
CA TRP A 1099 20.25 83.38 26.27
C TRP A 1099 21.16 83.12 25.09
N PHE A 1100 21.25 81.86 24.67
CA PHE A 1100 22.06 81.45 23.54
C PHE A 1100 21.19 80.67 22.57
N VAL A 1101 21.74 80.41 21.39
CA VAL A 1101 21.12 79.54 20.39
C VAL A 1101 22.10 78.43 20.06
N THR A 1102 21.60 77.20 20.07
CA THR A 1102 22.45 76.03 19.86
C THR A 1102 21.75 75.04 18.96
N GLN A 1103 22.53 74.16 18.33
CA GLN A 1103 21.95 73.11 17.52
C GLN A 1103 21.27 72.08 18.40
N ARG A 1104 20.36 71.32 17.80
CA ARG A 1104 19.49 70.45 18.57
C ARG A 1104 20.26 69.29 19.22
N ASN A 1105 21.18 68.68 18.47
CA ASN A 1105 21.75 67.39 18.85
C ASN A 1105 23.10 67.51 19.56
N PHE A 1106 23.57 68.72 19.85
CA PHE A 1106 24.88 68.88 20.47
C PHE A 1106 24.92 70.26 21.10
N TYR A 1107 25.48 70.36 22.31
CA TYR A 1107 25.51 71.64 23.01
C TYR A 1107 26.65 72.47 22.47
N GLU A 1108 26.32 73.45 21.63
CA GLU A 1108 27.29 74.38 21.05
C GLU A 1108 26.70 75.78 21.14
N PRO A 1109 26.76 76.42 22.31
CA PRO A 1109 26.10 77.71 22.48
C PRO A 1109 26.76 78.80 21.65
N GLN A 1110 25.94 79.72 21.15
CA GLN A 1110 26.41 80.86 20.38
C GLN A 1110 25.61 82.10 20.75
N ILE A 1111 26.21 83.27 20.55
CA ILE A 1111 25.52 84.53 20.78
C ILE A 1111 24.41 84.68 19.75
N ILE A 1112 23.27 85.24 20.17
CA ILE A 1112 22.16 85.46 19.26
C ILE A 1112 22.44 86.69 18.42
N THR A 1113 22.42 86.51 17.09
CA THR A 1113 22.63 87.63 16.18
C THR A 1113 21.48 87.72 15.19
N THR A 1114 21.61 88.57 14.17
CA THR A 1114 20.56 88.74 13.18
C THR A 1114 20.74 87.84 11.97
N ASP A 1115 21.77 87.00 11.94
CA ASP A 1115 21.97 86.10 10.81
C ASP A 1115 21.55 84.66 11.09
N ASN A 1116 21.51 84.25 12.36
CA ASN A 1116 21.02 82.93 12.74
C ASN A 1116 19.58 82.96 13.24
N THR A 1117 18.91 84.11 13.13
CA THR A 1117 17.50 84.23 13.48
C THR A 1117 16.79 85.01 12.38
N PHE A 1118 15.50 84.71 12.19
CA PHE A 1118 14.69 85.42 11.22
C PHE A 1118 13.47 86.02 11.90
N VAL A 1119 13.01 87.14 11.36
CA VAL A 1119 11.95 87.94 11.96
C VAL A 1119 10.63 87.59 11.30
N SER A 1120 9.56 87.55 12.10
CA SER A 1120 8.22 87.32 11.55
C SER A 1120 7.20 87.91 12.51
N GLY A 1121 6.71 89.11 12.19
CA GLY A 1121 5.62 89.71 12.93
C GLY A 1121 6.05 90.32 14.26
N ASN A 1122 5.05 90.84 14.97
CA ASN A 1122 5.25 91.43 16.28
C ASN A 1122 5.19 90.37 17.37
N CYS A 1123 5.53 90.75 18.59
CA CYS A 1123 5.72 89.80 19.68
C CYS A 1123 4.56 89.80 20.67
N ASP A 1124 3.33 89.94 20.19
CA ASP A 1124 2.15 89.81 21.03
C ASP A 1124 1.17 88.75 20.53
N VAL A 1125 1.62 87.82 19.69
CA VAL A 1125 0.77 86.76 19.18
C VAL A 1125 1.21 85.39 19.68
N VAL A 1126 2.51 85.18 19.86
CA VAL A 1126 2.99 83.89 20.34
C VAL A 1126 2.85 83.80 21.85
N ILE A 1127 2.85 82.58 22.36
CA ILE A 1127 2.70 82.31 23.78
C ILE A 1127 4.04 81.80 24.31
N GLY A 1128 4.57 82.48 25.32
CA GLY A 1128 5.83 82.10 25.91
C GLY A 1128 7.04 82.87 25.43
N ILE A 1129 6.84 83.96 24.69
CA ILE A 1129 7.96 84.77 24.22
C ILE A 1129 8.64 85.44 25.41
N VAL A 1130 9.95 85.69 25.26
CA VAL A 1130 10.73 86.32 26.32
C VAL A 1130 11.45 87.53 25.74
N ASN A 1131 11.89 88.40 26.63
CA ASN A 1131 12.55 89.64 26.27
C ASN A 1131 14.06 89.46 26.34
N ASN A 1132 14.75 89.87 25.28
CA ASN A 1132 16.22 89.87 25.28
C ASN A 1132 16.68 90.71 24.12
N THR A 1133 17.98 90.99 24.10
CA THR A 1133 18.60 91.75 23.03
C THR A 1133 19.17 90.83 21.96
N VAL A 1134 19.12 91.29 20.72
CA VAL A 1134 19.63 90.55 19.58
C VAL A 1134 20.77 91.37 18.98
N TYR A 1135 22.00 90.87 19.14
CA TYR A 1135 23.16 91.60 18.67
C TYR A 1135 23.17 91.72 17.15
N ASP A 1136 23.68 92.83 16.66
CA ASP A 1136 23.81 93.06 15.22
C ASP A 1136 25.27 93.21 14.86
N PRO A 1137 25.76 92.53 13.82
CA PRO A 1137 27.19 92.61 13.50
C PRO A 1137 27.58 93.88 12.78
N LEU A 1138 26.63 94.57 12.13
CA LEU A 1138 26.95 95.73 11.33
C LEU A 1138 27.10 97.01 12.15
N GLN A 1139 26.59 97.04 13.38
CA GLN A 1139 26.66 98.27 14.18
C GLN A 1139 28.09 98.71 14.48
N PRO A 1140 28.98 97.84 15.00
CA PRO A 1140 30.36 98.30 15.23
C PRO A 1140 31.06 98.73 13.94
N GLU A 1141 30.78 98.07 12.82
CA GLU A 1141 31.41 98.44 11.57
C GLU A 1141 30.95 99.81 11.09
N LEU A 1142 29.65 100.08 11.18
CA LEU A 1142 29.15 101.39 10.78
C LEU A 1142 29.52 102.47 11.79
N ASP A 1143 29.87 102.07 13.02
CA ASP A 1143 30.28 103.06 14.02
C ASP A 1143 31.57 103.75 13.61
N SER A 1144 32.52 103.01 13.06
CA SER A 1144 33.78 103.58 12.61
C SER A 1144 33.59 104.46 11.39
N CYS B 15 11.03 -28.70 -60.10
CA CYS B 15 12.02 -27.79 -59.53
C CYS B 15 13.21 -27.63 -60.46
N VAL B 16 13.66 -26.39 -60.62
CA VAL B 16 14.77 -26.05 -61.50
C VAL B 16 15.90 -25.49 -60.65
N ASN B 17 17.08 -26.10 -60.76
CA ASN B 17 18.26 -25.64 -60.02
C ASN B 17 19.01 -24.62 -60.86
N LEU B 18 19.37 -23.50 -60.23
CA LEU B 18 20.09 -22.41 -60.89
C LEU B 18 21.52 -22.36 -60.36
N THR B 19 22.48 -22.34 -61.28
CA THR B 19 23.90 -22.27 -60.93
C THR B 19 24.56 -20.99 -61.41
N THR B 20 23.76 -19.98 -61.78
CA THR B 20 24.28 -18.69 -62.21
C THR B 20 24.45 -17.71 -61.06
N ARG B 21 24.21 -18.16 -59.83
CA ARG B 21 24.37 -17.29 -58.68
C ARG B 21 25.84 -16.95 -58.44
N THR B 22 26.10 -15.69 -58.10
CA THR B 22 27.43 -15.23 -57.75
C THR B 22 27.47 -14.98 -56.25
N GLN B 23 28.41 -15.63 -55.56
CA GLN B 23 28.50 -15.52 -54.10
C GLN B 23 29.28 -14.26 -53.74
N LEU B 24 28.59 -13.28 -53.18
CA LEU B 24 29.20 -12.03 -52.75
C LEU B 24 28.69 -11.67 -51.37
N PRO B 25 29.52 -11.01 -50.55
CA PRO B 25 29.04 -10.56 -49.25
C PRO B 25 27.97 -9.50 -49.41
N PRO B 26 26.90 -9.56 -48.62
CA PRO B 26 25.85 -8.55 -48.72
C PRO B 26 26.34 -7.18 -48.29
N ALA B 27 25.79 -6.16 -48.94
CA ALA B 27 26.15 -4.79 -48.61
C ALA B 27 25.37 -4.32 -47.38
N TYR B 28 25.75 -3.15 -46.88
CA TYR B 28 25.10 -2.54 -45.72
C TYR B 28 24.81 -1.09 -46.02
N THR B 29 23.72 -0.58 -45.47
CA THR B 29 23.29 0.79 -45.71
C THR B 29 22.62 1.33 -44.45
N ASN B 30 22.66 2.66 -44.31
CA ASN B 30 22.03 3.35 -43.20
C ASN B 30 20.52 3.35 -43.38
N SER B 31 19.80 3.05 -42.29
CA SER B 31 18.34 2.98 -42.35
C SER B 31 17.70 4.36 -42.37
N PHE B 32 18.34 5.36 -41.78
CA PHE B 32 17.84 6.74 -41.69
C PHE B 32 16.57 6.71 -40.84
N THR B 33 15.48 7.33 -41.27
CA THR B 33 14.30 7.52 -40.44
C THR B 33 13.06 6.84 -41.03
N ARG B 34 13.23 5.60 -41.48
CA ARG B 34 12.15 4.84 -42.08
C ARG B 34 11.68 3.74 -41.13
N GLY B 35 10.45 3.28 -41.34
CA GLY B 35 9.93 2.14 -40.62
C GLY B 35 8.96 2.48 -39.50
N VAL B 36 8.10 3.46 -39.73
CA VAL B 36 7.14 3.92 -38.74
C VAL B 36 5.73 3.55 -39.21
N TYR B 37 4.93 2.99 -38.30
CA TYR B 37 3.59 2.55 -38.63
C TYR B 37 2.64 2.98 -37.52
N TYR B 38 1.35 2.95 -37.82
CA TYR B 38 0.34 3.23 -36.81
C TYR B 38 0.25 2.03 -35.86
N PRO B 39 0.57 2.19 -34.57
CA PRO B 39 0.62 1.02 -33.70
C PRO B 39 -0.75 0.48 -33.32
N ASP B 40 -1.70 1.34 -32.98
CA ASP B 40 -2.99 0.92 -32.44
C ASP B 40 -4.11 1.38 -33.37
N LYS B 41 -5.34 0.99 -33.01
CA LYS B 41 -6.50 1.19 -33.85
C LYS B 41 -7.28 2.46 -33.51
N VAL B 42 -6.83 3.22 -32.53
CA VAL B 42 -7.54 4.44 -32.14
C VAL B 42 -7.08 5.59 -33.03
N PHE B 43 -7.85 6.68 -33.00
CA PHE B 43 -7.59 7.85 -33.84
C PHE B 43 -7.28 9.04 -32.96
N ARG B 44 -6.18 9.74 -33.26
CA ARG B 44 -5.77 10.93 -32.56
C ARG B 44 -5.42 12.01 -33.57
N SER B 45 -5.69 13.26 -33.20
CA SER B 45 -5.44 14.40 -34.08
C SER B 45 -4.78 15.52 -33.30
N SER B 46 -3.69 16.05 -33.84
CA SER B 46 -2.97 17.18 -33.27
C SER B 46 -2.62 16.94 -31.80
N VAL B 47 -1.78 15.92 -31.58
CA VAL B 47 -1.35 15.58 -30.23
C VAL B 47 -0.03 14.83 -30.34
N LEU B 48 0.82 14.99 -29.33
CA LEU B 48 2.09 14.29 -29.22
C LEU B 48 1.89 13.10 -28.29
N HIS B 49 2.13 11.89 -28.81
CA HIS B 49 1.86 10.68 -28.06
C HIS B 49 3.13 9.84 -27.96
N SER B 50 3.36 9.28 -26.78
CA SER B 50 4.49 8.39 -26.55
C SER B 50 3.99 6.97 -26.37
N THR B 51 4.55 6.03 -27.12
CA THR B 51 4.11 4.65 -27.12
C THR B 51 5.32 3.72 -27.12
N GLN B 52 5.11 2.51 -26.62
CA GLN B 52 6.13 1.48 -26.57
C GLN B 52 5.64 0.28 -27.38
N ASP B 53 6.45 -0.15 -28.34
CA ASP B 53 6.08 -1.23 -29.24
C ASP B 53 7.34 -1.69 -29.95
N LEU B 54 7.20 -2.57 -30.93
CA LEU B 54 8.32 -3.03 -31.74
C LEU B 54 8.51 -2.07 -32.92
N PHE B 55 9.65 -1.39 -32.95
CA PHE B 55 9.92 -0.40 -33.98
C PHE B 55 11.32 -0.61 -34.53
N LEU B 56 11.52 -0.17 -35.77
CA LEU B 56 12.85 -0.23 -36.36
C LEU B 56 13.68 0.95 -35.87
N PRO B 57 14.81 0.70 -35.20
CA PRO B 57 15.59 1.81 -34.65
C PRO B 57 16.07 2.76 -35.73
N PHE B 58 16.10 4.05 -35.41
CA PHE B 58 16.59 5.05 -36.35
C PHE B 58 18.07 4.84 -36.62
N PHE B 59 18.47 5.12 -37.86
CA PHE B 59 19.87 5.03 -38.28
C PHE B 59 20.46 3.65 -38.01
N SER B 60 19.65 2.61 -38.23
CA SER B 60 20.16 1.26 -38.13
C SER B 60 20.86 0.87 -39.42
N ASN B 61 21.40 -0.35 -39.44
CA ASN B 61 22.18 -0.83 -40.56
C ASN B 61 21.43 -2.00 -41.21
N VAL B 62 20.88 -1.75 -42.40
CA VAL B 62 20.03 -2.72 -43.08
C VAL B 62 20.84 -3.43 -44.16
N THR B 63 20.57 -4.71 -44.32
CA THR B 63 21.24 -5.52 -45.32
C THR B 63 20.73 -5.16 -46.72
N TRP B 64 21.62 -5.20 -47.70
CA TRP B 64 21.33 -4.77 -49.05
C TRP B 64 21.58 -5.93 -50.00
N PHE B 65 20.62 -6.21 -50.88
CA PHE B 65 20.71 -7.30 -51.84
C PHE B 65 20.49 -6.76 -53.24
N HIS B 66 20.96 -7.50 -54.23
CA HIS B 66 20.82 -7.12 -55.63
C HIS B 66 20.32 -8.30 -56.46
N VAL B 67 19.68 -7.96 -57.57
CA VAL B 67 19.25 -8.95 -58.56
C VAL B 67 19.26 -8.29 -59.94
N ILE B 68 19.96 -8.90 -60.87
CA ILE B 68 20.03 -8.40 -62.24
C ILE B 68 20.04 -9.56 -63.23
N LYS B 75 25.61 -10.65 -63.46
CA LYS B 75 24.58 -11.64 -63.14
C LYS B 75 24.52 -11.89 -61.64
N ARG B 76 23.67 -11.11 -60.96
CA ARG B 76 23.54 -11.17 -59.51
C ARG B 76 22.20 -11.80 -59.16
N PHE B 77 22.25 -12.89 -58.40
CA PHE B 77 21.05 -13.55 -57.87
C PHE B 77 21.21 -13.68 -56.36
N ASP B 78 20.41 -12.92 -55.62
CA ASP B 78 20.42 -12.93 -54.16
C ASP B 78 19.07 -13.39 -53.68
N ASN B 79 18.92 -14.71 -53.49
CA ASN B 79 17.69 -15.31 -52.99
C ASN B 79 18.03 -16.26 -51.85
N PRO B 80 18.55 -15.74 -50.73
CA PRO B 80 18.90 -16.62 -49.60
C PRO B 80 17.74 -16.78 -48.65
N VAL B 81 17.95 -17.52 -47.56
CA VAL B 81 16.97 -17.67 -46.49
C VAL B 81 17.48 -16.92 -45.28
N LEU B 82 16.67 -16.00 -44.78
CA LEU B 82 17.11 -15.10 -43.72
C LEU B 82 16.32 -15.36 -42.45
N PRO B 83 16.93 -15.18 -41.28
CA PRO B 83 16.19 -15.36 -40.02
C PRO B 83 15.10 -14.31 -39.89
N PHE B 84 14.04 -14.67 -39.18
CA PHE B 84 12.91 -13.77 -38.96
C PHE B 84 13.04 -12.98 -37.67
N ASN B 85 13.56 -13.59 -36.61
CA ASN B 85 13.69 -12.97 -35.28
C ASN B 85 12.29 -12.56 -34.83
N ASP B 86 12.12 -11.37 -34.24
CA ASP B 86 10.83 -10.92 -33.78
C ASP B 86 10.08 -10.06 -34.79
N GLY B 87 10.71 -9.68 -35.89
CA GLY B 87 10.07 -8.85 -36.88
C GLY B 87 11.03 -8.54 -38.00
N VAL B 88 10.45 -8.15 -39.14
CA VAL B 88 11.21 -7.81 -40.34
C VAL B 88 10.60 -6.58 -40.98
N TYR B 89 11.44 -5.62 -41.32
CA TYR B 89 11.06 -4.47 -42.13
C TYR B 89 11.62 -4.71 -43.53
N PHE B 90 10.74 -4.84 -44.52
CA PHE B 90 11.13 -5.18 -45.88
C PHE B 90 10.84 -3.98 -46.76
N ALA B 91 11.85 -3.52 -47.50
CA ALA B 91 11.70 -2.46 -48.47
C ALA B 91 12.30 -2.90 -49.80
N SER B 92 11.76 -2.39 -50.90
CA SER B 92 12.20 -2.80 -52.22
C SER B 92 11.99 -1.68 -53.22
N ILE B 93 13.07 -1.04 -53.63
CA ILE B 93 13.05 -0.09 -54.74
C ILE B 93 12.94 -0.90 -56.01
N GLU B 94 11.85 -0.74 -56.74
CA GLU B 94 11.47 -1.70 -57.76
C GLU B 94 11.08 -0.98 -59.04
N LYS B 95 11.29 -1.66 -60.17
CA LYS B 95 10.77 -1.22 -61.46
C LYS B 95 10.30 -2.44 -62.22
N SER B 96 9.12 -2.34 -62.84
CA SER B 96 8.48 -3.41 -63.60
C SER B 96 8.02 -4.58 -62.74
N ASN B 97 8.01 -4.40 -61.42
CA ASN B 97 7.38 -5.33 -60.48
C ASN B 97 7.99 -6.73 -60.57
N ILE B 98 9.30 -6.81 -60.37
CA ILE B 98 9.97 -8.10 -60.33
C ILE B 98 9.61 -8.87 -59.06
N ILE B 99 9.51 -8.15 -57.94
CA ILE B 99 9.16 -8.79 -56.67
C ILE B 99 7.72 -9.27 -56.72
N ARG B 100 7.49 -10.51 -56.30
CA ARG B 100 6.17 -11.10 -56.33
C ARG B 100 5.61 -11.47 -54.97
N GLY B 101 6.38 -12.16 -54.13
CA GLY B 101 5.83 -12.61 -52.87
C GLY B 101 6.93 -13.07 -51.93
N TRP B 102 6.49 -13.71 -50.84
CA TRP B 102 7.40 -14.13 -49.78
C TRP B 102 7.03 -15.53 -49.31
N ILE B 103 7.97 -16.16 -48.61
CA ILE B 103 7.77 -17.47 -48.00
C ILE B 103 8.09 -17.34 -46.52
N PHE B 104 7.29 -18.00 -45.68
CA PHE B 104 7.51 -17.96 -44.24
C PHE B 104 7.36 -19.35 -43.65
N GLY B 105 8.22 -19.68 -42.70
CA GLY B 105 8.18 -20.98 -42.07
C GLY B 105 9.40 -21.19 -41.21
N THR B 106 9.57 -22.43 -40.78
CA THR B 106 10.72 -22.82 -39.97
C THR B 106 11.63 -23.82 -40.69
N THR B 107 11.09 -24.96 -41.11
CA THR B 107 11.89 -25.98 -41.78
C THR B 107 11.73 -25.95 -43.29
N LEU B 108 10.78 -25.19 -43.81
CA LEU B 108 10.63 -24.95 -45.25
C LEU B 108 10.40 -26.25 -46.02
N ASP B 109 9.67 -27.18 -45.40
CA ASP B 109 9.34 -28.45 -46.04
C ASP B 109 8.08 -29.00 -45.41
N SER B 110 7.69 -30.21 -45.80
CA SER B 110 6.41 -30.77 -45.40
C SER B 110 6.35 -31.16 -43.93
N LYS B 111 7.49 -31.25 -43.24
CA LYS B 111 7.47 -31.65 -41.84
C LYS B 111 6.76 -30.63 -40.97
N THR B 112 6.95 -29.34 -41.25
CA THR B 112 6.33 -28.27 -40.48
C THR B 112 5.53 -27.37 -41.41
N GLN B 113 4.36 -26.94 -40.94
CA GLN B 113 3.50 -26.08 -41.73
C GLN B 113 4.16 -24.74 -41.98
N SER B 114 3.94 -24.19 -43.17
CA SER B 114 4.56 -22.94 -43.58
C SER B 114 3.51 -22.02 -44.21
N LEU B 115 3.83 -20.73 -44.23
CA LEU B 115 2.96 -19.72 -44.82
C LEU B 115 3.54 -19.28 -46.16
N LEU B 116 2.66 -18.89 -47.08
CA LEU B 116 3.06 -18.46 -48.41
C LEU B 116 2.32 -17.19 -48.78
N ILE B 117 3.04 -16.25 -49.39
CA ILE B 117 2.45 -15.02 -49.93
C ILE B 117 2.82 -14.95 -51.41
N VAL B 118 1.82 -14.87 -52.28
CA VAL B 118 2.04 -14.71 -53.71
C VAL B 118 1.07 -13.68 -54.24
N ASN B 119 1.61 -12.71 -54.99
CA ASN B 119 0.84 -11.59 -55.53
C ASN B 119 1.06 -11.57 -57.05
N ASN B 120 0.23 -12.32 -57.77
CA ASN B 120 0.32 -12.36 -59.23
C ASN B 120 -0.40 -11.13 -59.80
N ALA B 121 -0.58 -11.12 -61.13
CA ALA B 121 -1.19 -9.97 -61.78
C ALA B 121 -2.69 -9.85 -61.53
N THR B 122 -3.32 -10.87 -60.95
CA THR B 122 -4.76 -10.88 -60.76
C THR B 122 -5.18 -10.60 -59.33
N ASN B 123 -4.66 -11.36 -58.37
CA ASN B 123 -5.04 -11.19 -56.97
C ASN B 123 -3.85 -11.60 -56.10
N VAL B 124 -4.11 -11.83 -54.82
CA VAL B 124 -3.10 -12.32 -53.88
C VAL B 124 -3.58 -13.65 -53.32
N VAL B 125 -2.65 -14.59 -53.19
CA VAL B 125 -2.94 -15.91 -52.65
C VAL B 125 -2.17 -16.05 -51.35
N ILE B 126 -2.88 -16.28 -50.26
CA ILE B 126 -2.29 -16.47 -48.94
C ILE B 126 -2.70 -17.85 -48.45
N LYS B 127 -1.73 -18.75 -48.34
CA LYS B 127 -2.00 -20.13 -47.95
C LYS B 127 -1.04 -20.53 -46.85
N VAL B 128 -1.55 -21.24 -45.84
CA VAL B 128 -0.72 -21.84 -44.81
C VAL B 128 -0.98 -23.35 -44.81
N CYS B 129 -0.01 -24.11 -45.33
CA CYS B 129 -0.13 -25.55 -45.43
C CYS B 129 1.25 -26.16 -45.33
N GLU B 130 1.28 -27.49 -45.24
CA GLU B 130 2.55 -28.24 -45.19
C GLU B 130 3.09 -28.42 -46.62
N PHE B 131 3.54 -27.31 -47.19
CA PHE B 131 4.10 -27.32 -48.53
C PHE B 131 5.44 -28.05 -48.54
N GLN B 132 5.83 -28.49 -49.74
CA GLN B 132 7.17 -29.04 -49.98
C GLN B 132 7.80 -28.18 -51.08
N PHE B 133 8.51 -27.13 -50.65
CA PHE B 133 8.99 -26.12 -51.56
C PHE B 133 10.19 -26.63 -52.36
N CYS B 134 10.31 -26.12 -53.59
CA CYS B 134 11.52 -26.32 -54.36
C CYS B 134 12.66 -25.54 -53.72
N ASN B 135 13.88 -26.09 -53.82
CA ASN B 135 15.04 -25.43 -53.22
C ASN B 135 15.36 -24.10 -53.89
N ASP B 136 14.87 -23.87 -55.10
CA ASP B 136 15.09 -22.64 -55.84
C ASP B 136 13.73 -22.11 -56.33
N PRO B 137 12.94 -21.52 -55.44
CA PRO B 137 11.63 -21.03 -55.85
C PRO B 137 11.73 -19.79 -56.73
N PHE B 138 11.02 -19.80 -57.85
CA PHE B 138 11.07 -18.69 -58.78
C PHE B 138 9.83 -18.72 -59.66
N LEU B 139 9.58 -17.60 -60.34
CA LEU B 139 8.47 -17.46 -61.27
C LEU B 139 9.00 -17.01 -62.62
N ASP B 140 8.37 -17.52 -63.68
CA ASP B 140 8.75 -17.14 -65.03
C ASP B 140 7.63 -16.37 -65.73
N MET B 148 6.27 -12.39 -70.67
CA MET B 148 5.07 -13.13 -70.31
C MET B 148 5.36 -14.13 -69.18
N GLU B 149 4.52 -14.12 -68.15
CA GLU B 149 4.69 -14.98 -66.99
C GLU B 149 3.60 -16.04 -66.99
N SER B 150 4.00 -17.30 -67.27
CA SER B 150 3.04 -18.39 -67.27
C SER B 150 3.63 -19.67 -66.67
N GLU B 151 4.78 -19.59 -66.01
CA GLU B 151 5.43 -20.74 -65.42
C GLU B 151 5.68 -20.49 -63.94
N PHE B 152 5.33 -21.46 -63.10
CA PHE B 152 5.54 -21.36 -61.66
C PHE B 152 6.11 -22.69 -61.17
N ARG B 153 7.32 -22.64 -60.62
CA ARG B 153 7.97 -23.80 -60.00
C ARG B 153 8.45 -23.35 -58.63
N VAL B 154 7.58 -23.43 -57.64
CA VAL B 154 7.88 -22.90 -56.32
C VAL B 154 7.69 -23.99 -55.26
N TYR B 155 6.88 -24.99 -55.56
CA TYR B 155 6.65 -26.08 -54.63
C TYR B 155 6.32 -27.34 -55.41
N SER B 156 6.38 -28.48 -54.71
CA SER B 156 6.10 -29.77 -55.30
C SER B 156 4.79 -30.38 -54.84
N SER B 157 4.41 -30.20 -53.57
CA SER B 157 3.19 -30.80 -53.06
C SER B 157 2.67 -30.00 -51.87
N ALA B 158 1.39 -30.20 -51.56
CA ALA B 158 0.74 -29.62 -50.40
C ALA B 158 -0.01 -30.73 -49.68
N ASN B 159 0.22 -30.87 -48.37
CA ASN B 159 -0.31 -32.00 -47.62
C ASN B 159 -1.57 -31.64 -46.83
N ASN B 160 -1.47 -30.69 -45.91
CA ASN B 160 -2.59 -30.34 -45.02
C ASN B 160 -2.74 -28.83 -45.01
N CYS B 161 -3.89 -28.34 -45.46
CA CYS B 161 -4.16 -26.92 -45.54
C CYS B 161 -5.14 -26.50 -44.44
N THR B 162 -4.83 -25.40 -43.76
CA THR B 162 -5.65 -24.91 -42.67
C THR B 162 -6.29 -23.56 -42.94
N PHE B 163 -5.76 -22.76 -43.87
CA PHE B 163 -6.33 -21.45 -44.14
C PHE B 163 -5.96 -21.02 -45.56
N GLU B 164 -6.89 -20.33 -46.21
CA GLU B 164 -6.66 -19.72 -47.51
C GLU B 164 -7.28 -18.33 -47.52
N TYR B 165 -6.76 -17.46 -48.37
CA TYR B 165 -7.24 -16.10 -48.44
C TYR B 165 -6.95 -15.53 -49.82
N VAL B 166 -7.92 -14.78 -50.36
CA VAL B 166 -7.79 -14.14 -51.66
C VAL B 166 -8.38 -12.74 -51.55
N SER B 167 -7.65 -11.75 -52.07
CA SER B 167 -8.11 -10.37 -52.03
C SER B 167 -7.46 -9.60 -53.18
N GLN B 168 -7.61 -8.28 -53.15
CA GLN B 168 -7.06 -7.44 -54.20
C GLN B 168 -5.54 -7.46 -54.14
N PRO B 169 -4.87 -7.41 -55.28
CA PRO B 169 -3.39 -7.42 -55.27
C PRO B 169 -2.81 -6.22 -54.56
N PHE B 170 -1.67 -6.43 -53.89
CA PHE B 170 -0.99 -5.33 -53.22
C PHE B 170 -0.53 -4.27 -54.21
N LEU B 171 0.03 -4.69 -55.34
CA LEU B 171 0.57 -3.77 -56.33
C LEU B 171 -0.47 -3.40 -57.38
N ASN B 180 14.07 4.57 -65.10
CA ASN B 180 13.89 5.48 -63.97
C ASN B 180 13.15 4.78 -62.83
N PHE B 181 13.79 4.77 -61.65
CA PHE B 181 13.16 4.16 -60.49
C PHE B 181 11.91 4.94 -60.10
N LYS B 182 10.79 4.24 -60.00
CA LYS B 182 9.50 4.88 -59.74
C LYS B 182 8.66 4.18 -58.68
N ASN B 183 9.10 3.04 -58.15
CA ASN B 183 8.32 2.29 -57.17
C ASN B 183 9.15 2.07 -55.91
N LEU B 184 8.58 2.44 -54.77
CA LEU B 184 9.18 2.16 -53.47
C LEU B 184 8.13 1.48 -52.61
N ARG B 185 8.35 0.21 -52.28
CA ARG B 185 7.41 -0.60 -51.52
C ARG B 185 8.02 -0.91 -50.17
N GLU B 186 7.29 -0.59 -49.11
CA GLU B 186 7.73 -0.84 -47.74
C GLU B 186 6.74 -1.75 -47.04
N PHE B 187 7.24 -2.72 -46.29
CA PHE B 187 6.40 -3.67 -45.60
C PHE B 187 6.94 -3.93 -44.20
N VAL B 188 6.05 -4.28 -43.29
CA VAL B 188 6.42 -4.66 -41.93
C VAL B 188 5.67 -5.94 -41.58
N PHE B 189 6.41 -6.95 -41.13
CA PHE B 189 5.84 -8.24 -40.79
C PHE B 189 6.03 -8.50 -39.30
N LYS B 190 4.95 -8.86 -38.62
CA LYS B 190 5.00 -9.17 -37.20
C LYS B 190 4.15 -10.41 -36.94
N ASN B 191 4.58 -11.18 -35.93
CA ASN B 191 3.86 -12.38 -35.50
C ASN B 191 3.70 -12.29 -33.98
N ILE B 192 2.61 -11.68 -33.54
CA ILE B 192 2.35 -11.43 -32.12
C ILE B 192 0.99 -12.00 -31.76
N ASP B 193 0.94 -12.80 -30.70
CA ASP B 193 -0.32 -13.33 -30.16
C ASP B 193 -1.10 -14.09 -31.23
N GLY B 194 -0.40 -14.97 -31.96
CA GLY B 194 -1.07 -15.78 -32.97
C GLY B 194 -1.63 -15.01 -34.14
N TYR B 195 -1.25 -13.75 -34.31
CA TYR B 195 -1.69 -12.92 -35.42
C TYR B 195 -0.51 -12.57 -36.30
N PHE B 196 -0.69 -12.62 -37.61
CA PHE B 196 0.31 -12.20 -38.57
C PHE B 196 -0.16 -10.88 -39.17
N LYS B 197 0.55 -9.80 -38.84
CA LYS B 197 0.19 -8.47 -39.29
C LYS B 197 1.13 -8.01 -40.39
N ILE B 198 0.57 -7.49 -41.48
CA ILE B 198 1.33 -6.93 -42.58
C ILE B 198 0.94 -5.46 -42.73
N TYR B 199 1.94 -4.59 -42.79
CA TYR B 199 1.74 -3.16 -43.00
C TYR B 199 2.39 -2.80 -44.33
N SER B 200 1.79 -1.85 -45.04
CA SER B 200 2.25 -1.55 -46.40
C SER B 200 2.18 -0.06 -46.68
N LYS B 201 2.97 0.37 -47.65
CA LYS B 201 2.98 1.76 -48.12
C LYS B 201 3.69 1.83 -49.46
N HIS B 202 3.07 2.49 -50.42
CA HIS B 202 3.62 2.65 -51.76
C HIS B 202 3.89 4.13 -52.04
N THR B 203 5.09 4.44 -52.50
CA THR B 203 5.49 5.81 -52.77
C THR B 203 6.35 5.84 -54.03
N PRO B 204 6.08 6.75 -54.96
CA PRO B 204 6.94 6.87 -56.14
C PRO B 204 8.08 7.86 -55.91
N ILE B 205 9.29 7.48 -56.31
CA ILE B 205 10.44 8.36 -56.16
C ILE B 205 10.99 8.72 -57.54
N ASP B 212 19.22 4.35 -53.59
CA ASP B 212 19.40 4.14 -52.17
C ASP B 212 18.19 4.65 -51.39
N LEU B 213 18.12 4.31 -50.11
CA LEU B 213 16.98 4.73 -49.30
C LEU B 213 16.98 6.24 -49.17
N PRO B 214 15.90 6.92 -49.55
CA PRO B 214 15.88 8.38 -49.51
C PRO B 214 15.69 8.90 -48.10
N GLN B 215 15.91 10.20 -47.94
CA GLN B 215 15.65 10.90 -46.69
C GLN B 215 14.22 11.41 -46.72
N GLY B 216 13.37 10.86 -45.86
CA GLY B 216 11.98 11.27 -45.83
C GLY B 216 11.23 10.50 -44.76
N PHE B 217 9.95 10.82 -44.64
CA PHE B 217 9.09 10.23 -43.63
C PHE B 217 7.76 9.83 -44.24
N SER B 218 7.27 8.64 -43.87
CA SER B 218 5.97 8.16 -44.34
C SER B 218 5.53 7.03 -43.42
N ALA B 219 4.37 7.20 -42.81
CA ALA B 219 3.82 6.17 -41.93
C ALA B 219 3.26 5.01 -42.75
N LEU B 220 3.23 3.83 -42.13
CA LEU B 220 2.79 2.60 -42.78
C LEU B 220 1.47 2.17 -42.17
N GLU B 221 0.38 2.31 -42.93
CA GLU B 221 -0.93 1.93 -42.44
C GLU B 221 -1.08 0.40 -42.47
N PRO B 222 -1.77 -0.17 -41.47
CA PRO B 222 -1.99 -1.62 -41.46
C PRO B 222 -2.85 -2.06 -42.63
N LEU B 223 -2.63 -3.29 -43.09
CA LEU B 223 -3.32 -3.76 -44.28
C LEU B 223 -4.32 -4.88 -43.96
N VAL B 224 -3.84 -5.98 -43.39
CA VAL B 224 -4.70 -7.10 -42.99
C VAL B 224 -4.11 -7.76 -41.76
N ASP B 225 -4.95 -8.49 -41.03
CA ASP B 225 -4.54 -9.33 -39.92
C ASP B 225 -4.83 -10.79 -40.27
N LEU B 226 -3.85 -11.66 -39.97
CA LEU B 226 -3.98 -13.08 -40.24
C LEU B 226 -4.08 -13.84 -38.93
N PRO B 227 -5.24 -14.39 -38.58
CA PRO B 227 -5.36 -15.20 -37.35
C PRO B 227 -4.92 -16.65 -37.58
N ILE B 228 -3.61 -16.85 -37.62
CA ILE B 228 -3.00 -18.12 -38.01
C ILE B 228 -2.30 -18.77 -36.82
N GLY B 229 -1.30 -18.10 -36.25
CA GLY B 229 -0.56 -18.66 -35.15
C GLY B 229 0.31 -19.83 -35.52
N ILE B 230 1.32 -19.60 -36.37
CA ILE B 230 2.27 -20.63 -36.72
C ILE B 230 3.65 -20.27 -36.19
N ASN B 231 4.58 -21.21 -36.29
CA ASN B 231 5.90 -21.07 -35.70
C ASN B 231 6.86 -20.64 -36.80
N ILE B 232 7.53 -19.50 -36.61
CA ILE B 232 8.26 -18.83 -37.68
C ILE B 232 9.66 -18.48 -37.20
N THR B 233 10.67 -18.89 -37.97
CA THR B 233 12.04 -18.43 -37.74
C THR B 233 12.79 -18.05 -39.01
N ARG B 234 12.30 -18.38 -40.20
CA ARG B 234 13.03 -18.14 -41.44
C ARG B 234 12.06 -17.67 -42.50
N PHE B 235 12.57 -16.90 -43.46
CA PHE B 235 11.74 -16.43 -44.56
C PHE B 235 12.63 -16.24 -45.79
N GLN B 236 11.97 -16.03 -46.93
CA GLN B 236 12.65 -15.96 -48.21
C GLN B 236 11.72 -15.32 -49.23
N THR B 237 12.29 -14.55 -50.16
CA THR B 237 11.51 -13.87 -51.18
C THR B 237 11.46 -14.69 -52.47
N LEU B 238 10.53 -14.32 -53.34
CA LEU B 238 10.36 -14.95 -54.64
C LEU B 238 10.48 -13.91 -55.74
N LEU B 239 11.01 -14.32 -56.88
CA LEU B 239 11.30 -13.43 -57.99
C LEU B 239 10.57 -13.88 -59.25
N ALA B 240 10.33 -12.93 -60.14
CA ALA B 240 9.75 -13.19 -61.46
C ALA B 240 10.87 -13.06 -62.49
N LEU B 241 11.14 -14.15 -63.20
CA LEU B 241 12.25 -14.21 -64.14
C LEU B 241 11.74 -14.21 -65.57
N HIS B 242 12.26 -13.29 -66.38
CA HIS B 242 11.86 -13.19 -67.78
C HIS B 242 12.68 -14.15 -68.62
N ARG B 243 11.99 -14.99 -69.39
CA ARG B 243 12.62 -15.97 -70.26
C ARG B 243 12.66 -15.46 -71.69
N SER B 244 13.84 -15.50 -72.30
CA SER B 244 14.02 -15.05 -73.67
C SER B 244 14.59 -16.15 -74.55
N GLY B 254 18.39 -17.71 -72.09
CA GLY B 254 17.60 -18.39 -71.09
C GLY B 254 16.69 -17.46 -70.31
N TRP B 255 17.07 -17.17 -69.06
CA TRP B 255 16.29 -16.31 -68.18
C TRP B 255 17.08 -15.03 -67.91
N THR B 256 16.38 -13.90 -67.97
CA THR B 256 16.98 -12.59 -67.73
C THR B 256 16.19 -11.87 -66.64
N ALA B 257 16.91 -11.33 -65.66
CA ALA B 257 16.32 -10.64 -64.53
C ALA B 257 16.60 -9.15 -64.63
N GLY B 258 15.59 -8.33 -64.33
CA GLY B 258 15.75 -6.90 -64.37
C GLY B 258 16.47 -6.37 -63.15
N ALA B 259 16.80 -5.08 -63.21
CA ALA B 259 17.50 -4.41 -62.12
C ALA B 259 16.54 -4.13 -60.98
N ALA B 260 16.80 -4.74 -59.82
CA ALA B 260 15.94 -4.55 -58.65
C ALA B 260 16.77 -4.85 -57.40
N ALA B 261 16.24 -4.42 -56.26
CA ALA B 261 16.90 -4.61 -54.98
C ALA B 261 15.85 -4.69 -53.88
N TYR B 262 16.25 -5.26 -52.75
CA TYR B 262 15.37 -5.34 -51.60
C TYR B 262 16.20 -5.30 -50.32
N TYR B 263 15.73 -4.52 -49.35
CA TYR B 263 16.44 -4.24 -48.12
C TYR B 263 15.74 -4.91 -46.96
N VAL B 264 16.52 -5.40 -46.00
CA VAL B 264 15.99 -6.14 -44.86
C VAL B 264 16.41 -5.45 -43.58
N GLY B 265 15.44 -5.21 -42.69
CA GLY B 265 15.73 -4.66 -41.39
C GLY B 265 14.94 -5.38 -40.33
N TYR B 266 15.45 -5.34 -39.11
CA TYR B 266 14.87 -6.08 -38.00
C TYR B 266 14.23 -5.14 -36.99
N LEU B 267 13.16 -5.61 -36.37
CA LEU B 267 12.40 -4.82 -35.39
C LEU B 267 13.02 -5.00 -34.00
N GLN B 268 12.87 -3.96 -33.18
CA GLN B 268 13.32 -4.00 -31.80
C GLN B 268 12.31 -3.28 -30.92
N PRO B 269 12.21 -3.68 -29.65
CA PRO B 269 11.29 -3.00 -28.71
C PRO B 269 11.89 -1.71 -28.18
N ARG B 270 11.37 -0.58 -28.66
CA ARG B 270 11.82 0.72 -28.21
C ARG B 270 10.61 1.61 -27.97
N THR B 271 10.86 2.81 -27.47
CA THR B 271 9.83 3.80 -27.20
C THR B 271 9.98 4.96 -28.17
N PHE B 272 8.90 5.29 -28.89
CA PHE B 272 8.89 6.37 -29.85
C PHE B 272 7.93 7.46 -29.39
N LEU B 273 8.19 8.68 -29.85
CA LEU B 273 7.30 9.81 -29.62
C LEU B 273 6.70 10.23 -30.95
N LEU B 274 5.43 9.90 -31.15
CA LEU B 274 4.76 10.06 -32.43
C LEU B 274 3.99 11.37 -32.44
N LYS B 275 4.04 12.08 -33.56
CA LYS B 275 3.35 13.35 -33.73
C LYS B 275 2.25 13.20 -34.77
N TYR B 276 1.03 13.56 -34.38
CA TYR B 276 -0.13 13.50 -35.26
C TYR B 276 -0.52 14.91 -35.66
N ASN B 277 -0.80 15.11 -36.95
CA ASN B 277 -1.17 16.43 -37.44
C ASN B 277 -2.68 16.58 -37.42
N GLU B 278 -3.18 17.65 -38.05
CA GLU B 278 -4.62 17.94 -38.01
C GLU B 278 -5.45 16.90 -38.75
N ASN B 279 -4.93 16.36 -39.86
CA ASN B 279 -5.64 15.30 -40.57
C ASN B 279 -5.79 14.06 -39.70
N GLY B 280 -4.82 13.79 -38.83
CA GLY B 280 -4.79 12.56 -38.07
C GLY B 280 -3.72 11.59 -38.50
N THR B 281 -2.79 12.00 -39.35
CA THR B 281 -1.72 11.15 -39.84
C THR B 281 -0.39 11.55 -39.21
N ILE B 282 0.48 10.55 -39.04
CA ILE B 282 1.77 10.77 -38.40
C ILE B 282 2.68 11.55 -39.35
N THR B 283 3.32 12.60 -38.85
CA THR B 283 4.24 13.39 -39.65
C THR B 283 5.69 13.31 -39.17
N ASP B 284 5.93 12.95 -37.92
CA ASP B 284 7.28 12.90 -37.38
C ASP B 284 7.34 11.90 -36.25
N ALA B 285 8.56 11.53 -35.87
CA ALA B 285 8.79 10.62 -34.75
C ALA B 285 10.17 10.90 -34.17
N VAL B 286 10.34 10.52 -32.90
CA VAL B 286 11.59 10.71 -32.18
C VAL B 286 11.90 9.43 -31.42
N ASP B 287 13.09 8.87 -31.65
CA ASP B 287 13.50 7.65 -30.97
C ASP B 287 14.07 8.00 -29.62
N CYS B 288 13.37 7.61 -28.56
CA CYS B 288 13.69 8.04 -27.21
C CYS B 288 14.87 7.30 -26.59
N ALA B 289 15.65 6.57 -27.40
CA ALA B 289 16.82 5.88 -26.86
C ALA B 289 18.02 5.94 -27.79
N LEU B 290 18.07 6.92 -28.69
CA LEU B 290 19.15 6.98 -29.67
C LEU B 290 20.36 7.75 -29.12
N ASP B 291 20.17 9.02 -28.80
CA ASP B 291 21.23 9.88 -28.31
C ASP B 291 20.65 10.78 -27.23
N PRO B 292 21.51 11.40 -26.40
CA PRO B 292 20.98 12.21 -25.28
C PRO B 292 20.03 13.31 -25.70
N LEU B 293 20.24 13.94 -26.85
CA LEU B 293 19.33 15.01 -27.27
C LEU B 293 17.92 14.48 -27.50
N SER B 294 17.80 13.31 -28.12
CA SER B 294 16.48 12.72 -28.31
C SER B 294 15.87 12.31 -26.98
N GLU B 295 16.70 11.85 -26.04
CA GLU B 295 16.19 11.54 -24.69
C GLU B 295 15.61 12.78 -24.03
N THR B 296 16.30 13.92 -24.16
CA THR B 296 15.79 15.17 -23.59
C THR B 296 14.50 15.59 -24.28
N LYS B 297 14.44 15.48 -25.60
CA LYS B 297 13.21 15.80 -26.32
C LYS B 297 12.06 14.93 -25.84
N CYS B 298 12.33 13.64 -25.64
CA CYS B 298 11.28 12.71 -25.21
C CYS B 298 10.83 13.03 -23.78
N THR B 299 11.77 13.41 -22.92
CA THR B 299 11.42 13.77 -21.55
C THR B 299 10.55 15.02 -21.52
N LEU B 300 10.92 16.05 -22.29
CA LEU B 300 10.15 17.28 -22.29
C LEU B 300 8.82 17.16 -23.04
N LYS B 301 8.58 16.06 -23.76
CA LYS B 301 7.39 15.90 -24.59
C LYS B 301 7.29 17.04 -25.59
N SER B 302 8.40 17.34 -26.27
CA SER B 302 8.46 18.44 -27.22
C SER B 302 9.46 18.12 -28.31
N PHE B 303 9.36 18.85 -29.41
CA PHE B 303 10.25 18.69 -30.55
C PHE B 303 11.29 19.79 -30.64
N THR B 304 11.22 20.81 -29.79
CA THR B 304 12.21 21.86 -29.73
C THR B 304 12.66 22.04 -28.29
N VAL B 305 13.96 22.23 -28.11
CA VAL B 305 14.56 22.38 -26.79
C VAL B 305 15.27 23.72 -26.74
N GLU B 306 14.98 24.50 -25.69
CA GLU B 306 15.63 25.78 -25.52
C GLU B 306 16.95 25.61 -24.78
N LYS B 307 17.77 26.66 -24.83
CA LYS B 307 19.08 26.62 -24.19
C LYS B 307 18.94 26.41 -22.68
N GLY B 308 19.74 25.51 -22.14
CA GLY B 308 19.73 25.27 -20.72
C GLY B 308 20.25 23.89 -20.41
N ILE B 309 20.10 23.52 -19.13
CA ILE B 309 20.53 22.22 -18.62
C ILE B 309 19.29 21.49 -18.11
N TYR B 310 19.16 20.23 -18.49
CA TYR B 310 17.99 19.42 -18.14
C TYR B 310 18.45 18.10 -17.55
N GLN B 311 17.61 17.54 -16.68
CA GLN B 311 17.85 16.24 -16.07
C GLN B 311 16.92 15.22 -16.70
N THR B 312 17.49 14.12 -17.18
CA THR B 312 16.75 13.15 -18.00
C THR B 312 16.43 11.86 -17.24
N SER B 313 17.44 11.18 -16.72
CA SER B 313 17.25 9.85 -16.16
C SER B 313 18.36 9.56 -15.15
N ASN B 314 18.49 8.30 -14.77
CA ASN B 314 19.45 7.86 -13.77
C ASN B 314 20.39 6.82 -14.35
N PHE B 315 21.66 6.88 -13.93
CA PHE B 315 22.67 5.93 -14.37
C PHE B 315 22.85 4.87 -13.27
N ARG B 316 22.47 3.63 -13.58
CA ARG B 316 22.53 2.55 -12.60
C ARG B 316 23.14 1.31 -13.24
N VAL B 317 23.99 0.62 -12.48
CA VAL B 317 24.62 -0.62 -12.91
C VAL B 317 23.72 -1.79 -12.53
N GLN B 318 23.76 -2.85 -13.34
CA GLN B 318 22.89 -3.99 -13.10
C GLN B 318 23.69 -5.21 -12.68
N PRO B 319 23.12 -6.09 -11.87
CA PRO B 319 23.82 -7.33 -11.49
C PRO B 319 23.69 -8.40 -12.56
N THR B 320 24.53 -9.42 -12.43
CA THR B 320 24.53 -10.51 -13.40
C THR B 320 24.57 -11.90 -12.79
N GLU B 321 24.74 -12.02 -11.47
CA GLU B 321 24.85 -13.33 -10.83
C GLU B 321 23.88 -13.42 -9.66
N SER B 322 23.53 -14.65 -9.30
CA SER B 322 22.72 -14.94 -8.13
C SER B 322 23.52 -15.82 -7.18
N ILE B 323 23.59 -15.41 -5.92
CA ILE B 323 24.39 -16.09 -4.91
C ILE B 323 23.48 -16.44 -3.73
N VAL B 324 23.56 -17.68 -3.27
CA VAL B 324 22.86 -18.11 -2.07
C VAL B 324 23.87 -18.78 -1.15
N ARG B 325 23.72 -18.55 0.15
CA ARG B 325 24.59 -19.14 1.16
C ARG B 325 23.73 -19.65 2.31
N PHE B 326 23.92 -20.90 2.68
CA PHE B 326 23.18 -21.53 3.77
C PHE B 326 24.12 -22.33 4.65
N PRO B 327 23.75 -22.56 5.91
CA PRO B 327 24.63 -23.33 6.80
C PRO B 327 24.77 -24.77 6.34
N ASN B 328 25.85 -25.40 6.81
CA ASN B 328 26.14 -26.77 6.44
C ASN B 328 25.00 -27.70 6.85
N ILE B 329 24.69 -28.66 5.97
CA ILE B 329 23.66 -29.65 6.29
C ILE B 329 24.20 -30.62 7.33
N THR B 330 23.42 -30.85 8.38
CA THR B 330 23.87 -31.66 9.50
C THR B 330 22.68 -32.44 10.02
N ASN B 331 22.98 -33.51 10.76
CA ASN B 331 21.99 -34.43 11.34
C ASN B 331 20.91 -34.81 10.33
N LEU B 332 21.35 -35.51 9.29
CA LEU B 332 20.43 -36.01 8.28
C LEU B 332 19.38 -36.91 8.94
N CYS B 333 18.14 -36.77 8.49
CA CYS B 333 17.03 -37.41 9.16
C CYS B 333 17.13 -38.93 9.02
N PRO B 334 16.79 -39.69 10.07
CA PRO B 334 16.99 -41.15 10.00
C PRO B 334 16.00 -41.85 9.09
N PHE B 335 16.20 -41.75 7.78
CA PHE B 335 15.43 -42.51 6.81
C PHE B 335 16.11 -43.81 6.39
N ASP B 336 17.34 -44.04 6.83
CA ASP B 336 18.04 -45.26 6.44
C ASP B 336 17.47 -46.48 7.14
N GLU B 337 17.18 -46.36 8.44
CA GLU B 337 16.71 -47.51 9.20
C GLU B 337 15.22 -47.76 9.06
N VAL B 338 14.49 -46.87 8.39
CA VAL B 338 13.07 -47.07 8.17
C VAL B 338 12.81 -47.76 6.83
N PHE B 339 13.59 -47.44 5.81
CA PHE B 339 13.38 -48.02 4.48
C PHE B 339 14.31 -49.18 4.18
N ASN B 340 15.35 -49.41 4.99
CA ASN B 340 16.30 -50.49 4.76
C ASN B 340 16.36 -51.46 5.92
N ALA B 341 15.32 -51.51 6.75
CA ALA B 341 15.29 -52.46 7.85
C ALA B 341 15.22 -53.90 7.32
N THR B 342 15.90 -54.80 8.03
CA THR B 342 15.97 -56.19 7.59
C THR B 342 14.59 -56.84 7.56
N ARG B 343 13.79 -56.63 8.59
CA ARG B 343 12.47 -57.24 8.68
C ARG B 343 11.45 -56.18 9.06
N PHE B 344 10.32 -56.16 8.36
CA PHE B 344 9.21 -55.29 8.68
C PHE B 344 8.17 -56.06 9.50
N ALA B 345 7.50 -55.35 10.40
CA ALA B 345 6.52 -55.96 11.26
C ALA B 345 5.28 -56.37 10.47
N SER B 346 4.47 -57.24 11.07
CA SER B 346 3.23 -57.66 10.44
C SER B 346 2.26 -56.49 10.35
N VAL B 347 1.25 -56.66 9.48
CA VAL B 347 0.34 -55.56 9.22
C VAL B 347 -0.48 -55.21 10.46
N TYR B 348 -0.93 -56.22 11.21
CA TYR B 348 -1.78 -55.96 12.36
C TYR B 348 -1.00 -55.25 13.47
N ALA B 349 0.25 -55.65 13.69
CA ALA B 349 1.13 -54.95 14.63
C ALA B 349 2.08 -54.02 13.87
N TRP B 350 1.49 -53.01 13.22
CA TRP B 350 2.28 -52.09 12.41
C TRP B 350 3.12 -51.19 13.30
N ASN B 351 4.40 -51.06 12.95
CA ASN B 351 5.31 -50.25 13.73
C ASN B 351 4.94 -48.76 13.64
N ARG B 352 5.31 -48.02 14.68
CA ARG B 352 5.10 -46.58 14.73
C ARG B 352 6.42 -45.93 15.09
N LYS B 353 6.86 -44.97 14.28
CA LYS B 353 8.12 -44.27 14.50
C LYS B 353 7.87 -42.77 14.47
N ARG B 354 8.54 -42.06 15.36
CA ARG B 354 8.44 -40.60 15.43
C ARG B 354 9.63 -39.97 14.73
N ILE B 355 9.35 -38.95 13.91
CA ILE B 355 10.37 -38.21 13.20
C ILE B 355 10.25 -36.74 13.59
N SER B 356 11.32 -36.18 14.15
CA SER B 356 11.33 -34.78 14.53
C SER B 356 12.77 -34.32 14.70
N ASN B 357 12.97 -33.01 14.56
CA ASN B 357 14.28 -32.37 14.74
C ASN B 357 15.32 -33.01 13.81
N CYS B 358 15.07 -32.88 12.51
CA CYS B 358 15.94 -33.48 11.52
C CYS B 358 15.78 -32.74 10.20
N VAL B 359 16.74 -32.96 9.30
CA VAL B 359 16.66 -32.49 7.92
C VAL B 359 16.45 -33.70 7.03
N ALA B 360 15.36 -33.69 6.26
CA ALA B 360 14.92 -34.85 5.49
C ALA B 360 15.00 -34.55 4.00
N ASP B 361 15.62 -35.45 3.25
CA ASP B 361 15.72 -35.35 1.81
C ASP B 361 14.84 -36.45 1.20
N TYR B 362 13.71 -36.04 0.64
CA TYR B 362 12.77 -37.01 0.07
C TYR B 362 13.14 -37.41 -1.36
N SER B 363 14.14 -36.77 -1.97
CA SER B 363 14.51 -37.11 -3.34
C SER B 363 15.11 -38.51 -3.41
N VAL B 364 15.76 -38.95 -2.33
CA VAL B 364 16.39 -40.27 -2.34
C VAL B 364 15.36 -41.38 -2.50
N LEU B 365 14.12 -41.13 -2.05
CA LEU B 365 13.09 -42.16 -2.06
C LEU B 365 12.67 -42.60 -3.46
N TYR B 366 13.05 -41.85 -4.50
CA TYR B 366 12.66 -42.18 -5.86
C TYR B 366 13.47 -43.33 -6.44
N ASN B 367 14.49 -43.82 -5.74
CA ASN B 367 15.35 -44.88 -6.23
C ASN B 367 15.09 -46.22 -5.54
N LEU B 368 13.98 -46.35 -4.81
CA LEU B 368 13.69 -47.61 -4.14
C LEU B 368 13.51 -48.75 -5.14
N ALA B 369 12.79 -48.49 -6.22
CA ALA B 369 12.51 -49.47 -7.25
C ALA B 369 12.22 -48.75 -8.55
N PRO B 370 12.41 -49.42 -9.70
CA PRO B 370 12.05 -48.78 -10.97
C PRO B 370 10.59 -48.38 -11.06
N PHE B 371 9.69 -49.18 -10.49
CA PHE B 371 8.26 -48.87 -10.49
C PHE B 371 7.69 -49.16 -9.11
N PHE B 372 7.17 -48.13 -8.47
CA PHE B 372 6.57 -48.26 -7.14
C PHE B 372 5.61 -47.10 -6.93
N THR B 373 4.48 -47.40 -6.28
CA THR B 373 3.47 -46.39 -6.03
C THR B 373 4.00 -45.34 -5.06
N PHE B 374 3.66 -44.08 -5.35
CA PHE B 374 4.08 -42.95 -4.53
C PHE B 374 2.92 -41.99 -4.33
N LYS B 375 1.74 -42.53 -4.05
CA LYS B 375 0.55 -41.69 -3.93
C LYS B 375 0.69 -40.75 -2.73
N CYS B 376 0.48 -39.46 -2.98
CA CYS B 376 0.55 -38.45 -1.94
C CYS B 376 -0.80 -37.74 -1.86
N TYR B 377 -1.34 -37.63 -0.65
CA TYR B 377 -2.67 -37.10 -0.43
C TYR B 377 -2.57 -35.75 0.27
N GLY B 378 -3.09 -34.71 -0.38
CA GLY B 378 -3.12 -33.39 0.19
C GLY B 378 -1.84 -32.59 0.03
N VAL B 379 -0.75 -33.22 -0.39
CA VAL B 379 0.51 -32.51 -0.61
C VAL B 379 1.11 -33.02 -1.92
N SER B 380 1.66 -32.11 -2.69
CA SER B 380 2.33 -32.49 -3.94
C SER B 380 3.71 -33.06 -3.62
N PRO B 381 4.04 -34.26 -4.10
CA PRO B 381 5.33 -34.87 -3.73
C PRO B 381 6.53 -34.06 -4.17
N THR B 382 6.44 -33.34 -5.29
CA THR B 382 7.57 -32.56 -5.78
C THR B 382 7.80 -31.29 -4.99
N LYS B 383 6.87 -30.90 -4.13
CA LYS B 383 6.98 -29.69 -3.32
C LYS B 383 7.07 -30.03 -1.84
N LEU B 384 7.75 -31.13 -1.52
CA LEU B 384 7.96 -31.53 -0.14
C LEU B 384 9.27 -31.01 0.43
N ASN B 385 10.09 -30.35 -0.37
CA ASN B 385 11.38 -29.83 0.08
C ASN B 385 11.34 -28.33 0.36
N ASP B 386 10.16 -27.72 0.33
CA ASP B 386 10.04 -26.28 0.53
C ASP B 386 9.36 -25.94 1.85
N LEU B 387 8.14 -26.43 2.06
CA LEU B 387 7.49 -26.26 3.36
C LEU B 387 7.87 -27.41 4.27
N CYS B 388 7.56 -27.26 5.55
CA CYS B 388 7.91 -28.32 6.51
C CYS B 388 6.92 -28.33 7.66
N PHE B 389 6.94 -29.43 8.39
CA PHE B 389 5.91 -29.76 9.36
C PHE B 389 6.51 -29.75 10.76
N THR B 390 5.67 -30.02 11.75
CA THR B 390 6.14 -30.09 13.14
C THR B 390 6.51 -31.50 13.55
N ASN B 391 5.70 -32.49 13.15
CA ASN B 391 5.96 -33.88 13.48
C ASN B 391 5.67 -34.75 12.27
N VAL B 392 6.47 -35.80 12.11
CA VAL B 392 6.33 -36.75 11.02
C VAL B 392 6.26 -38.15 11.62
N TYR B 393 5.27 -38.92 11.18
CA TYR B 393 5.07 -40.29 11.66
C TYR B 393 5.26 -41.25 10.49
N ALA B 394 6.06 -42.29 10.72
CA ALA B 394 6.32 -43.32 9.71
C ALA B 394 5.87 -44.67 10.23
N ASP B 395 5.03 -45.35 9.44
CA ASP B 395 4.52 -46.68 9.78
C ASP B 395 4.94 -47.66 8.70
N SER B 396 5.57 -48.76 9.09
CA SER B 396 6.09 -49.74 8.15
C SER B 396 5.55 -51.13 8.47
N PHE B 397 5.19 -51.86 7.42
CA PHE B 397 4.67 -53.22 7.55
C PHE B 397 4.77 -53.90 6.19
N VAL B 398 4.23 -55.11 6.09
CA VAL B 398 4.24 -55.89 4.86
C VAL B 398 2.85 -56.45 4.63
N ILE B 399 2.31 -56.26 3.42
CA ILE B 399 0.97 -56.79 3.07
C ILE B 399 1.06 -57.44 1.68
N ARG B 400 -0.04 -58.05 1.23
CA ARG B 400 -0.07 -58.64 -0.14
C ARG B 400 -0.12 -57.51 -1.16
N GLY B 401 0.48 -57.71 -2.34
CA GLY B 401 0.53 -56.65 -3.36
C GLY B 401 -0.85 -56.16 -3.76
N ASP B 402 -1.81 -57.07 -3.93
CA ASP B 402 -3.17 -56.69 -4.39
C ASP B 402 -3.84 -55.81 -3.32
N GLU B 403 -3.57 -56.06 -2.04
CA GLU B 403 -4.24 -55.30 -0.95
C GLU B 403 -3.70 -53.87 -0.88
N VAL B 404 -2.69 -53.53 -1.68
CA VAL B 404 -2.07 -52.22 -1.55
C VAL B 404 -3.09 -51.11 -1.85
N ARG B 405 -4.14 -51.43 -2.61
CA ARG B 405 -5.16 -50.43 -2.92
C ARG B 405 -6.05 -50.12 -1.73
N GLN B 406 -5.98 -50.91 -0.66
CA GLN B 406 -6.83 -50.68 0.50
C GLN B 406 -6.24 -49.67 1.48
N ILE B 407 -5.03 -49.17 1.22
CA ILE B 407 -4.41 -48.17 2.08
C ILE B 407 -4.61 -46.82 1.40
N ALA B 408 -5.73 -46.17 1.71
CA ALA B 408 -6.09 -44.90 1.11
C ALA B 408 -7.29 -44.31 1.84
N PRO B 409 -7.42 -42.99 1.89
CA PRO B 409 -8.60 -42.38 2.53
C PRO B 409 -9.88 -42.81 1.83
N GLY B 410 -10.92 -43.04 2.64
CA GLY B 410 -12.22 -43.39 2.09
C GLY B 410 -12.32 -44.79 1.52
N GLN B 411 -11.39 -45.68 1.84
CA GLN B 411 -11.42 -47.03 1.29
C GLN B 411 -12.01 -48.02 2.29
N THR B 412 -12.52 -49.13 1.75
CA THR B 412 -13.09 -50.20 2.55
C THR B 412 -12.57 -51.53 2.04
N GLY B 413 -12.61 -52.53 2.93
CA GLY B 413 -12.12 -53.86 2.60
C GLY B 413 -11.93 -54.72 3.83
N ASN B 414 -10.79 -55.40 3.92
CA ASN B 414 -10.44 -56.19 5.09
C ASN B 414 -9.27 -55.60 5.85
N ILE B 415 -8.16 -55.32 5.17
CA ILE B 415 -7.04 -54.65 5.83
C ILE B 415 -7.42 -53.24 6.25
N ALA B 416 -8.30 -52.59 5.49
CA ALA B 416 -8.66 -51.21 5.78
C ALA B 416 -9.39 -51.08 7.11
N ASP B 417 -10.37 -51.94 7.35
CA ASP B 417 -11.24 -51.80 8.51
C ASP B 417 -10.89 -52.72 9.68
N TYR B 418 -10.03 -53.72 9.48
CA TYR B 418 -9.64 -54.62 10.56
C TYR B 418 -8.19 -54.50 10.98
N ASN B 419 -7.30 -54.00 10.13
CA ASN B 419 -5.88 -53.98 10.43
C ASN B 419 -5.30 -52.57 10.45
N TYR B 420 -5.59 -51.74 9.45
CA TYR B 420 -5.03 -50.40 9.36
C TYR B 420 -6.02 -49.51 8.62
N LYS B 421 -6.49 -48.45 9.29
CA LYS B 421 -7.45 -47.51 8.72
C LYS B 421 -6.82 -46.13 8.66
N LEU B 422 -7.00 -45.46 7.52
CA LEU B 422 -6.55 -44.09 7.39
C LEU B 422 -7.74 -43.13 7.49
N PRO B 423 -7.56 -41.96 8.11
CA PRO B 423 -8.67 -41.02 8.25
C PRO B 423 -9.11 -40.46 6.91
N ASP B 424 -10.37 -40.05 6.85
CA ASP B 424 -10.89 -39.44 5.63
C ASP B 424 -10.17 -38.13 5.32
N ASP B 425 -9.92 -37.32 6.34
CA ASP B 425 -9.20 -36.06 6.16
C ASP B 425 -7.72 -36.29 6.47
N PHE B 426 -7.09 -37.07 5.61
CA PHE B 426 -5.70 -37.50 5.80
C PHE B 426 -4.79 -36.77 4.84
N THR B 427 -3.66 -36.29 5.36
CA THR B 427 -2.61 -35.66 4.57
C THR B 427 -1.29 -36.38 4.81
N GLY B 428 -0.57 -36.63 3.75
CA GLY B 428 0.67 -37.37 3.83
C GLY B 428 0.93 -38.10 2.52
N CYS B 429 1.73 -39.15 2.61
CA CYS B 429 2.11 -39.95 1.45
C CYS B 429 2.17 -41.42 1.82
N VAL B 430 2.02 -42.28 0.81
CA VAL B 430 2.14 -43.71 0.98
C VAL B 430 3.14 -44.23 -0.05
N ILE B 431 4.07 -45.06 0.39
CA ILE B 431 5.13 -45.60 -0.46
C ILE B 431 5.14 -47.11 -0.32
N ALA B 432 4.94 -47.82 -1.42
CA ALA B 432 4.96 -49.28 -1.43
C ALA B 432 5.71 -49.78 -2.64
N TRP B 433 6.62 -50.72 -2.44
CA TRP B 433 7.39 -51.31 -3.52
C TRP B 433 7.46 -52.82 -3.34
N ASN B 434 7.66 -53.52 -4.45
CA ASN B 434 7.74 -54.97 -4.41
C ASN B 434 8.98 -55.42 -3.65
N SER B 435 8.83 -56.45 -2.84
CA SER B 435 9.92 -57.00 -2.04
C SER B 435 9.87 -58.52 -2.05
N ASN B 436 9.56 -59.11 -3.20
CA ASN B 436 9.49 -60.56 -3.29
C ASN B 436 10.87 -61.20 -3.17
N LYS B 437 11.92 -60.45 -3.50
CA LYS B 437 13.28 -60.97 -3.40
C LYS B 437 13.76 -61.07 -1.96
N LEU B 438 13.17 -60.31 -1.04
CA LEU B 438 13.66 -60.22 0.32
C LEU B 438 12.84 -61.00 1.35
N ASP B 439 11.54 -61.16 1.12
CA ASP B 439 10.65 -61.75 2.12
C ASP B 439 9.85 -62.90 1.51
N SER B 440 10.53 -63.80 0.81
CA SER B 440 9.88 -64.97 0.23
C SER B 440 10.67 -66.22 0.59
N LYS B 441 9.95 -67.29 0.92
CA LYS B 441 10.53 -68.59 1.20
C LYS B 441 9.93 -69.63 0.27
N VAL B 442 10.76 -70.56 -0.21
CA VAL B 442 10.29 -71.58 -1.12
C VAL B 442 9.24 -72.46 -0.45
N SER B 443 9.50 -72.84 0.81
CA SER B 443 8.49 -73.55 1.58
C SER B 443 7.28 -72.66 1.85
N GLY B 444 7.53 -71.38 2.13
CA GLY B 444 6.47 -70.44 2.48
C GLY B 444 6.84 -69.79 3.80
N ASN B 445 6.75 -68.46 3.81
CA ASN B 445 6.97 -67.72 5.04
C ASN B 445 5.71 -67.76 5.91
N TYR B 446 5.90 -67.70 7.23
CA TYR B 446 4.78 -67.63 8.15
C TYR B 446 4.92 -66.52 9.18
N ASN B 447 5.91 -65.64 9.04
CA ASN B 447 6.18 -64.64 10.06
C ASN B 447 5.22 -63.46 10.03
N TYR B 448 4.36 -63.37 9.01
CA TYR B 448 3.47 -62.23 8.85
C TYR B 448 2.04 -62.66 9.11
N LEU B 449 1.36 -61.96 10.03
CA LEU B 449 0.02 -62.30 10.47
C LEU B 449 -0.91 -61.12 10.21
N TYR B 450 -2.17 -61.42 9.91
CA TYR B 450 -3.18 -60.37 9.77
C TYR B 450 -4.47 -60.81 10.44
N ARG B 451 -5.10 -59.87 11.14
CA ARG B 451 -6.38 -60.15 11.78
C ARG B 451 -7.46 -60.33 10.72
N LEU B 452 -8.33 -61.32 10.93
CA LEU B 452 -9.36 -61.66 9.96
C LEU B 452 -10.77 -61.40 10.45
N PHE B 453 -11.04 -61.61 11.74
CA PHE B 453 -12.37 -61.44 12.30
C PHE B 453 -12.33 -60.38 13.39
N ARG B 454 -13.30 -59.46 13.35
CA ARG B 454 -13.43 -58.44 14.38
C ARG B 454 -14.91 -58.10 14.52
N LYS B 455 -15.31 -57.78 15.75
CA LYS B 455 -16.71 -57.45 16.01
C LYS B 455 -17.13 -56.18 15.29
N SER B 456 -16.27 -55.16 15.29
CA SER B 456 -16.57 -53.89 14.64
C SER B 456 -15.39 -53.48 13.79
N ASN B 457 -15.49 -52.30 13.19
CA ASN B 457 -14.42 -51.77 12.37
C ASN B 457 -13.34 -51.13 13.24
N LEU B 458 -12.34 -50.54 12.58
CA LEU B 458 -11.22 -49.91 13.25
C LEU B 458 -11.30 -48.40 13.08
N LYS B 459 -11.21 -47.68 14.20
CA LYS B 459 -11.04 -46.24 14.12
C LYS B 459 -9.70 -45.93 13.47
N PRO B 460 -9.62 -44.88 12.65
CA PRO B 460 -8.34 -44.58 11.98
C PRO B 460 -7.21 -44.38 12.98
N PHE B 461 -6.04 -44.93 12.64
CA PHE B 461 -4.85 -44.89 13.48
C PHE B 461 -5.12 -45.54 14.84
N GLU B 462 -5.49 -46.82 14.80
CA GLU B 462 -5.74 -47.59 16.00
C GLU B 462 -5.00 -48.91 15.91
N ARG B 463 -4.58 -49.44 17.05
CA ARG B 463 -3.85 -50.69 17.13
C ARG B 463 -4.66 -51.72 17.91
N ASP B 464 -4.77 -52.92 17.36
CA ASP B 464 -5.49 -54.02 17.99
C ASP B 464 -4.62 -55.26 17.91
N ILE B 465 -4.03 -55.65 19.06
CA ILE B 465 -3.14 -56.80 19.12
C ILE B 465 -3.77 -57.97 19.87
N SER B 466 -5.05 -57.85 20.24
CA SER B 466 -5.71 -58.91 21.00
C SER B 466 -5.78 -60.19 20.18
N THR B 467 -5.55 -61.33 20.86
CA THR B 467 -5.55 -62.63 20.22
C THR B 467 -6.63 -63.55 20.76
N GLU B 468 -7.60 -63.01 21.50
CA GLU B 468 -8.65 -63.83 22.08
C GLU B 468 -9.58 -64.38 20.99
N ILE B 469 -10.04 -65.61 21.19
CA ILE B 469 -10.78 -66.32 20.15
C ILE B 469 -12.09 -65.60 19.83
N TYR B 470 -12.51 -65.68 18.57
CA TYR B 470 -13.68 -64.97 18.08
C TYR B 470 -14.88 -65.91 18.05
N GLN B 471 -15.93 -65.56 18.79
CA GLN B 471 -17.15 -66.36 18.86
C GLN B 471 -18.11 -65.88 17.78
N ALA B 472 -18.13 -66.60 16.65
CA ALA B 472 -19.00 -66.20 15.54
C ALA B 472 -20.48 -66.35 15.90
N GLY B 473 -20.83 -67.43 16.61
CA GLY B 473 -22.21 -67.71 16.95
C GLY B 473 -22.57 -67.28 18.34
N ASN B 474 -23.57 -67.95 18.91
CA ASN B 474 -24.06 -67.63 20.24
C ASN B 474 -23.48 -68.52 21.33
N LYS B 475 -23.01 -69.71 20.99
CA LYS B 475 -22.48 -70.63 21.99
C LYS B 475 -21.08 -70.19 22.40
N PRO B 476 -20.83 -69.94 23.69
CA PRO B 476 -19.48 -69.56 24.14
C PRO B 476 -18.58 -70.78 24.21
N CYS B 477 -17.65 -70.87 23.25
CA CYS B 477 -16.72 -72.00 23.21
C CYS B 477 -15.64 -71.91 24.27
N ASN B 478 -15.38 -70.71 24.80
CA ASN B 478 -14.44 -70.51 25.90
C ASN B 478 -13.03 -71.00 25.55
N GLY B 479 -12.58 -70.68 24.35
CA GLY B 479 -11.21 -70.91 23.96
C GLY B 479 -10.90 -72.20 23.23
N VAL B 480 -11.81 -72.69 22.39
CA VAL B 480 -11.57 -73.86 21.57
C VAL B 480 -11.98 -73.53 20.13
N ALA B 481 -11.14 -73.90 19.17
CA ALA B 481 -11.38 -73.60 17.76
C ALA B 481 -12.25 -74.70 17.16
N GLY B 482 -13.53 -74.66 17.51
CA GLY B 482 -14.48 -75.61 16.97
C GLY B 482 -15.43 -74.96 15.99
N PHE B 483 -16.72 -74.96 16.31
CA PHE B 483 -17.73 -74.31 15.48
C PHE B 483 -17.97 -72.90 15.98
N ASN B 484 -18.15 -71.96 15.03
CA ASN B 484 -18.44 -70.57 15.35
C ASN B 484 -17.35 -69.93 16.19
N CYS B 485 -16.15 -70.52 16.15
CA CYS B 485 -15.00 -70.01 16.90
C CYS B 485 -13.75 -70.25 16.06
N TYR B 486 -13.25 -69.19 15.46
CA TYR B 486 -12.07 -69.24 14.60
C TYR B 486 -11.00 -68.31 15.15
N PHE B 487 -9.75 -68.69 14.96
CA PHE B 487 -8.64 -67.88 15.47
C PHE B 487 -8.48 -66.64 14.60
N PRO B 488 -8.53 -65.44 15.18
CA PRO B 488 -8.60 -64.22 14.34
C PRO B 488 -7.37 -63.97 13.48
N LEU B 489 -6.23 -64.54 13.82
CA LEU B 489 -4.98 -64.25 13.11
C LEU B 489 -4.72 -65.29 12.04
N ARG B 490 -4.41 -64.82 10.84
CA ARG B 490 -4.05 -65.64 9.69
C ARG B 490 -2.67 -65.23 9.18
N SER B 491 -1.93 -66.20 8.66
CA SER B 491 -0.56 -66.00 8.24
C SER B 491 -0.45 -65.97 6.72
N TYR B 492 0.26 -64.96 6.21
CA TYR B 492 0.61 -64.90 4.79
C TYR B 492 1.61 -66.00 4.49
N SER B 493 1.29 -66.85 3.51
CA SER B 493 2.21 -67.93 3.10
C SER B 493 2.99 -67.47 1.86
N PHE B 494 3.90 -66.53 2.09
CA PHE B 494 4.64 -65.93 0.99
C PHE B 494 5.55 -66.94 0.31
N ARG B 495 5.49 -66.99 -1.02
CA ARG B 495 6.25 -67.92 -1.83
C ARG B 495 6.66 -67.22 -3.12
N PRO B 496 7.93 -67.38 -3.53
CA PRO B 496 8.37 -66.74 -4.78
C PRO B 496 7.64 -67.23 -6.01
N THR B 497 7.03 -68.42 -5.97
CA THR B 497 6.26 -68.93 -7.10
C THR B 497 4.91 -68.24 -7.24
N TYR B 498 4.50 -67.42 -6.27
CA TYR B 498 3.23 -66.73 -6.35
C TYR B 498 3.25 -65.70 -7.46
N GLY B 499 2.06 -65.30 -7.90
CA GLY B 499 1.91 -64.25 -8.87
C GLY B 499 2.16 -62.87 -8.27
N VAL B 500 2.17 -61.87 -9.15
CA VAL B 500 2.36 -60.50 -8.70
C VAL B 500 1.24 -60.05 -7.77
N GLY B 501 0.05 -60.62 -7.92
CA GLY B 501 -1.06 -60.24 -7.06
C GLY B 501 -1.03 -60.84 -5.67
N HIS B 502 -0.07 -61.73 -5.39
CA HIS B 502 0.07 -62.32 -4.07
C HIS B 502 1.47 -62.18 -3.49
N GLN B 503 2.39 -61.55 -4.20
CA GLN B 503 3.74 -61.40 -3.70
C GLN B 503 3.79 -60.32 -2.60
N PRO B 504 4.72 -60.42 -1.66
CA PRO B 504 4.78 -59.44 -0.59
C PRO B 504 5.15 -58.05 -1.09
N TYR B 505 4.56 -57.04 -0.46
CA TYR B 505 4.85 -55.65 -0.77
C TYR B 505 5.05 -54.88 0.52
N ARG B 506 6.23 -54.28 0.67
CA ARG B 506 6.54 -53.48 1.84
C ARG B 506 5.91 -52.10 1.69
N VAL B 507 5.35 -51.58 2.78
CA VAL B 507 4.62 -50.31 2.77
C VAL B 507 5.20 -49.41 3.85
N VAL B 508 5.42 -48.14 3.52
CA VAL B 508 5.82 -47.13 4.47
C VAL B 508 4.91 -45.92 4.29
N VAL B 509 4.21 -45.54 5.36
CA VAL B 509 3.22 -44.46 5.31
C VAL B 509 3.73 -43.29 6.13
N LEU B 510 3.79 -42.12 5.51
CA LEU B 510 4.21 -40.89 6.17
C LEU B 510 2.99 -40.01 6.43
N SER B 511 2.91 -39.47 7.64
CA SER B 511 1.82 -38.59 8.04
C SER B 511 2.40 -37.26 8.52
N PHE B 512 1.76 -36.16 8.12
CA PHE B 512 2.21 -34.83 8.48
C PHE B 512 1.04 -34.02 9.03
N GLU B 513 1.37 -32.99 9.81
CA GLU B 513 0.35 -32.10 10.36
C GLU B 513 1.02 -30.84 10.89
N LEU B 514 0.18 -29.87 11.26
CA LEU B 514 0.64 -28.58 11.77
C LEU B 514 0.09 -28.35 13.18
N LEU B 515 0.96 -27.95 14.09
CA LEU B 515 0.57 -27.51 15.43
C LEU B 515 1.15 -26.14 15.69
N HIS B 516 0.81 -25.59 16.86
CA HIS B 516 1.36 -24.30 17.27
C HIS B 516 2.86 -24.38 17.54
N ALA B 517 3.40 -25.58 17.75
CA ALA B 517 4.83 -25.74 17.94
C ALA B 517 5.57 -25.38 16.65
N PRO B 518 6.77 -24.83 16.77
CA PRO B 518 7.52 -24.44 15.56
C PRO B 518 7.91 -25.67 14.75
N ALA B 519 7.95 -25.48 13.43
CA ALA B 519 8.36 -26.56 12.53
C ALA B 519 9.85 -26.79 12.63
N THR B 520 10.26 -28.06 12.59
CA THR B 520 11.68 -28.39 12.69
C THR B 520 12.10 -29.42 11.64
N VAL B 521 11.14 -30.17 11.12
CA VAL B 521 11.43 -31.24 10.15
C VAL B 521 11.38 -30.61 8.77
N CYS B 522 12.46 -29.97 8.37
CA CYS B 522 12.54 -29.27 7.09
C CYS B 522 13.70 -29.80 6.27
N GLY B 523 13.54 -29.79 4.95
CA GLY B 523 14.51 -30.37 4.04
C GLY B 523 15.72 -29.46 3.84
N PRO B 524 16.66 -29.95 3.05
CA PRO B 524 17.89 -29.19 2.80
C PRO B 524 17.62 -27.94 1.96
N LYS B 525 18.57 -27.01 2.02
CA LYS B 525 18.40 -25.71 1.38
C LYS B 525 19.45 -25.40 0.31
N LYS B 526 20.42 -26.30 0.10
CA LYS B 526 21.44 -26.13 -0.94
C LYS B 526 22.29 -24.88 -0.73
N SER B 527 23.19 -24.59 -1.65
CA SER B 527 24.11 -23.48 -1.52
C SER B 527 24.69 -23.17 -2.90
N THR B 528 25.58 -22.17 -2.93
CA THR B 528 26.26 -21.76 -4.16
C THR B 528 27.58 -21.08 -3.77
N ASN B 529 28.56 -21.18 -4.66
CA ASN B 529 29.87 -20.61 -4.39
C ASN B 529 29.78 -19.09 -4.26
N LEU B 530 30.69 -18.53 -3.47
CA LEU B 530 30.71 -17.10 -3.19
C LEU B 530 31.48 -16.34 -4.27
N VAL B 531 31.04 -15.10 -4.51
CA VAL B 531 31.70 -14.19 -5.44
C VAL B 531 31.93 -12.87 -4.71
N LYS B 532 32.97 -12.15 -5.11
CA LYS B 532 33.38 -10.93 -4.43
C LYS B 532 33.69 -9.83 -5.44
N ASN B 533 33.53 -8.58 -4.98
CA ASN B 533 33.86 -7.39 -5.77
C ASN B 533 33.13 -7.36 -7.10
N LYS B 534 31.85 -7.75 -7.09
CA LYS B 534 31.03 -7.75 -8.28
C LYS B 534 29.59 -7.52 -7.89
N CYS B 535 28.91 -6.62 -8.59
CA CYS B 535 27.51 -6.32 -8.31
C CYS B 535 26.67 -7.55 -8.61
N VAL B 536 26.23 -8.24 -7.56
CA VAL B 536 25.53 -9.52 -7.68
C VAL B 536 24.32 -9.54 -6.77
N ASN B 537 23.39 -10.44 -7.07
CA ASN B 537 22.27 -10.72 -6.19
C ASN B 537 22.68 -11.78 -5.17
N PHE B 538 22.33 -11.55 -3.91
CA PHE B 538 22.76 -12.44 -2.84
C PHE B 538 21.58 -12.84 -1.97
N ASN B 539 21.71 -14.01 -1.34
CA ASN B 539 20.76 -14.50 -0.35
C ASN B 539 21.55 -15.12 0.80
N PHE B 540 21.28 -14.64 2.01
CA PHE B 540 21.99 -15.08 3.21
C PHE B 540 20.96 -15.41 4.28
N ASN B 541 20.59 -16.69 4.39
CA ASN B 541 19.60 -17.16 5.36
C ASN B 541 18.28 -16.40 5.21
N GLY B 542 17.79 -16.34 3.97
CA GLY B 542 16.54 -15.68 3.70
C GLY B 542 16.60 -14.18 3.61
N LEU B 543 17.79 -13.60 3.47
CA LEU B 543 17.97 -12.16 3.36
C LEU B 543 18.21 -11.81 1.90
N LYS B 544 17.17 -11.33 1.23
CA LYS B 544 17.31 -10.86 -0.14
C LYS B 544 18.09 -9.56 -0.17
N GLY B 545 18.73 -9.30 -1.31
CA GLY B 545 19.46 -8.06 -1.47
C GLY B 545 20.22 -8.05 -2.77
N THR B 546 20.82 -6.89 -3.05
CA THR B 546 21.63 -6.67 -4.24
C THR B 546 22.70 -5.64 -3.92
N GLY B 547 23.93 -5.92 -4.30
CA GLY B 547 25.02 -5.02 -4.01
C GLY B 547 26.36 -5.63 -4.37
N VAL B 548 27.41 -5.03 -3.82
CA VAL B 548 28.78 -5.44 -4.07
C VAL B 548 29.37 -5.96 -2.77
N LEU B 549 29.73 -7.24 -2.75
CA LEU B 549 30.32 -7.86 -1.58
C LEU B 549 31.82 -7.61 -1.59
N THR B 550 32.34 -7.12 -0.46
CA THR B 550 33.76 -6.81 -0.35
C THR B 550 34.26 -7.17 1.03
N GLU B 551 35.58 -7.09 1.20
CA GLU B 551 36.18 -7.37 2.50
C GLU B 551 35.75 -6.35 3.53
N SER B 552 35.54 -6.81 4.75
CA SER B 552 35.00 -5.99 5.83
C SER B 552 36.05 -5.80 6.93
N ASN B 553 36.00 -4.64 7.57
CA ASN B 553 36.86 -4.34 8.72
C ASN B 553 36.10 -4.34 10.03
N LYS B 554 34.78 -4.42 9.99
CA LYS B 554 33.98 -4.38 11.21
C LYS B 554 34.19 -5.65 12.04
N LYS B 555 34.00 -5.52 13.34
CA LYS B 555 34.24 -6.60 14.31
C LYS B 555 32.94 -6.89 15.05
N PHE B 556 32.21 -7.89 14.58
CA PHE B 556 30.97 -8.28 15.22
C PHE B 556 31.24 -8.95 16.57
N LEU B 557 30.21 -8.96 17.42
CA LEU B 557 30.23 -9.84 18.57
C LEU B 557 30.04 -11.27 18.08
N PRO B 558 30.42 -12.27 18.89
CA PRO B 558 30.36 -13.65 18.39
C PRO B 558 29.00 -14.11 17.93
N PHE B 559 27.92 -13.55 18.49
CA PHE B 559 26.58 -13.99 18.14
C PHE B 559 25.93 -13.14 17.05
N GLN B 560 26.55 -12.04 16.63
CA GLN B 560 25.92 -11.14 15.69
C GLN B 560 25.87 -11.74 14.29
N GLN B 561 24.78 -11.43 13.58
CA GLN B 561 24.58 -11.92 12.22
C GLN B 561 24.59 -10.82 11.18
N PHE B 562 23.82 -9.76 11.39
CA PHE B 562 23.67 -8.68 10.42
C PHE B 562 24.49 -7.47 10.83
N GLY B 563 24.30 -6.39 10.09
CA GLY B 563 24.88 -5.11 10.42
C GLY B 563 24.01 -4.00 9.86
N ARG B 564 23.83 -2.92 10.63
CA ARG B 564 22.93 -1.86 10.22
C ARG B 564 23.59 -0.50 10.42
N ASP B 565 23.31 0.42 9.50
CA ASP B 565 23.94 1.73 9.49
C ASP B 565 23.05 2.73 10.24
N ILE B 566 23.39 4.02 10.10
CA ILE B 566 22.62 5.07 10.77
C ILE B 566 21.20 5.13 10.23
N ALA B 567 21.05 5.05 8.90
CA ALA B 567 19.76 5.15 8.26
C ALA B 567 18.93 3.88 8.38
N ASP B 568 19.34 2.94 9.23
CA ASP B 568 18.57 1.72 9.50
C ASP B 568 18.42 0.86 8.24
N THR B 569 19.55 0.57 7.60
CA THR B 569 19.59 -0.31 6.44
C THR B 569 20.75 -1.28 6.59
N THR B 570 20.63 -2.43 5.93
CA THR B 570 21.66 -3.45 6.02
C THR B 570 22.90 -3.05 5.23
N ASP B 571 24.06 -3.12 5.88
CA ASP B 571 25.32 -2.80 5.21
C ASP B 571 26.44 -3.80 5.46
N ALA B 572 26.34 -4.65 6.47
CA ALA B 572 27.33 -5.68 6.72
C ALA B 572 26.64 -6.99 7.04
N VAL B 573 27.22 -8.10 6.58
CA VAL B 573 26.63 -9.41 6.77
C VAL B 573 27.74 -10.41 7.07
N ARG B 574 27.36 -11.53 7.66
CA ARG B 574 28.27 -12.61 8.02
C ARG B 574 27.90 -13.85 7.24
N ASP B 575 28.89 -14.50 6.63
CA ASP B 575 28.64 -15.66 5.79
C ASP B 575 28.27 -16.86 6.65
N PRO B 576 27.13 -17.51 6.39
CA PRO B 576 26.72 -18.64 7.25
C PRO B 576 27.68 -19.82 7.22
N GLN B 577 28.33 -20.09 6.09
CA GLN B 577 29.19 -21.26 5.99
C GLN B 577 30.52 -21.05 6.70
N THR B 578 31.28 -20.05 6.27
CA THR B 578 32.50 -19.65 6.95
C THR B 578 32.24 -18.36 7.71
N LEU B 579 32.61 -18.34 8.99
CA LEU B 579 32.27 -17.22 9.87
C LEU B 579 33.18 -16.04 9.55
N GLU B 580 32.83 -15.33 8.49
CA GLU B 580 33.58 -14.17 8.03
C GLU B 580 32.61 -13.04 7.74
N ILE B 581 33.08 -11.81 7.95
CA ILE B 581 32.25 -10.62 7.90
C ILE B 581 32.46 -9.93 6.55
N LEU B 582 31.36 -9.53 5.91
CA LEU B 582 31.39 -8.90 4.60
C LEU B 582 30.64 -7.57 4.66
N ASP B 583 31.06 -6.63 3.81
CA ASP B 583 30.35 -5.37 3.62
C ASP B 583 29.44 -5.46 2.40
N ILE B 584 28.39 -4.65 2.42
CA ILE B 584 27.46 -4.57 1.29
C ILE B 584 27.30 -3.10 0.94
N THR B 585 27.55 -2.76 -0.33
CA THR B 585 27.35 -1.42 -0.83
C THR B 585 26.56 -1.48 -2.13
N PRO B 586 25.70 -0.50 -2.39
CA PRO B 586 24.91 -0.52 -3.62
C PRO B 586 25.81 -0.39 -4.85
N CYS B 587 25.37 -0.99 -5.94
CA CYS B 587 26.09 -0.87 -7.20
C CYS B 587 26.06 0.59 -7.67
N SER B 588 27.03 0.94 -8.50
CA SER B 588 27.28 2.35 -8.83
C SER B 588 26.03 3.04 -9.33
N PHE B 589 25.76 4.23 -8.80
CA PHE B 589 24.52 4.94 -9.03
C PHE B 589 24.87 6.40 -9.29
N GLY B 590 24.11 7.05 -10.16
CA GLY B 590 24.30 8.47 -10.39
C GLY B 590 23.11 9.07 -11.11
N GLY B 591 23.20 10.37 -11.36
CA GLY B 591 22.19 11.10 -12.12
C GLY B 591 22.82 11.66 -13.38
N VAL B 592 22.00 11.79 -14.42
CA VAL B 592 22.47 12.23 -15.74
C VAL B 592 21.76 13.52 -16.11
N SER B 593 22.53 14.52 -16.51
CA SER B 593 22.00 15.80 -16.95
C SER B 593 22.57 16.14 -18.33
N VAL B 594 21.76 16.76 -19.17
CA VAL B 594 22.11 17.07 -20.54
C VAL B 594 22.21 18.58 -20.69
N ILE B 595 23.34 19.04 -21.21
CA ILE B 595 23.60 20.46 -21.42
C ILE B 595 23.47 20.74 -22.91
N THR B 596 22.58 21.67 -23.27
CA THR B 596 22.37 21.91 -24.67
C THR B 596 22.07 23.37 -24.98
N PRO B 597 22.66 23.93 -26.03
CA PRO B 597 22.12 25.16 -26.61
C PRO B 597 20.82 24.84 -27.33
N GLY B 598 20.09 25.88 -27.68
CA GLY B 598 18.81 25.70 -28.35
C GLY B 598 18.94 24.90 -29.63
N THR B 599 18.03 23.95 -29.85
CA THR B 599 18.05 23.18 -31.08
C THR B 599 17.87 24.06 -32.30
N ASN B 600 17.33 25.27 -32.11
CA ASN B 600 17.33 26.26 -33.18
C ASN B 600 18.74 26.63 -33.60
N THR B 601 19.72 26.50 -32.70
CA THR B 601 21.10 26.85 -33.01
C THR B 601 21.91 25.65 -33.52
N SER B 602 22.00 24.60 -32.70
CA SER B 602 22.82 23.45 -33.05
C SER B 602 22.29 22.23 -32.31
N ASN B 603 22.77 21.06 -32.73
CA ASN B 603 22.35 19.79 -32.16
C ASN B 603 23.43 19.11 -31.35
N GLN B 604 24.51 19.80 -31.01
CA GLN B 604 25.52 19.23 -30.13
C GLN B 604 25.10 19.36 -28.67
N VAL B 605 25.51 18.40 -27.87
CA VAL B 605 25.17 18.36 -26.45
C VAL B 605 26.38 17.93 -25.64
N ALA B 606 26.30 18.15 -24.34
CA ALA B 606 27.27 17.65 -23.39
C ALA B 606 26.53 17.01 -22.23
N VAL B 607 27.14 16.01 -21.62
CA VAL B 607 26.49 15.19 -20.60
C VAL B 607 27.26 15.32 -19.30
N LEU B 608 26.54 15.57 -18.21
CA LEU B 608 27.12 15.71 -16.88
C LEU B 608 26.61 14.60 -16.00
N TYR B 609 27.51 13.75 -15.52
CA TYR B 609 27.17 12.69 -14.59
C TYR B 609 27.37 13.20 -13.17
N GLN B 610 26.28 13.28 -12.41
CA GLN B 610 26.30 13.99 -11.14
C GLN B 610 26.86 13.11 -10.03
N GLY B 611 27.90 13.62 -9.36
CA GLY B 611 28.47 12.92 -8.21
C GLY B 611 29.10 11.59 -8.52
N VAL B 612 29.83 11.50 -9.63
CA VAL B 612 30.50 10.27 -10.03
C VAL B 612 31.90 10.62 -10.50
N ASN B 613 32.90 9.93 -9.97
CA ASN B 613 34.27 10.13 -10.42
C ASN B 613 34.41 9.66 -11.87
N CYS B 614 35.25 10.37 -12.62
CA CYS B 614 35.31 10.20 -14.07
C CYS B 614 35.82 8.82 -14.49
N THR B 615 36.45 8.07 -13.61
CA THR B 615 36.97 6.75 -13.95
C THR B 615 36.00 5.62 -13.63
N GLU B 616 34.78 5.94 -13.20
CA GLU B 616 33.80 4.95 -12.80
C GLU B 616 32.55 5.00 -13.67
N VAL B 617 32.73 5.29 -14.95
CA VAL B 617 31.61 5.32 -15.88
C VAL B 617 31.80 4.25 -16.96
N ASN B 638 38.46 14.93 -23.93
CA ASN B 638 37.39 15.83 -23.53
C ASN B 638 36.62 15.28 -22.33
N VAL B 639 37.32 15.06 -21.24
CA VAL B 639 36.73 14.62 -19.98
C VAL B 639 37.17 15.57 -18.89
N PHE B 640 36.20 16.11 -18.16
CA PHE B 640 36.46 17.09 -17.12
C PHE B 640 35.87 16.58 -15.80
N GLN B 641 36.62 16.77 -14.72
CA GLN B 641 36.16 16.40 -13.39
C GLN B 641 35.87 17.66 -12.59
N THR B 642 34.63 17.82 -12.17
CA THR B 642 34.16 18.99 -11.45
C THR B 642 33.65 18.59 -10.08
N ARG B 643 33.35 19.60 -9.26
CA ARG B 643 32.80 19.34 -7.93
C ARG B 643 31.40 18.75 -8.04
N ALA B 644 30.64 19.15 -9.06
CA ALA B 644 29.30 18.60 -9.24
C ALA B 644 29.36 17.18 -9.78
N GLY B 645 30.30 16.90 -10.68
CA GLY B 645 30.39 15.58 -11.28
C GLY B 645 31.35 15.55 -12.45
N CYS B 646 31.17 14.55 -13.30
CA CYS B 646 32.03 14.33 -14.45
C CYS B 646 31.36 14.92 -15.70
N LEU B 647 32.04 15.83 -16.37
CA LEU B 647 31.51 16.52 -17.53
C LEU B 647 32.18 15.97 -18.79
N ILE B 648 31.37 15.48 -19.72
CA ILE B 648 31.86 14.85 -20.94
C ILE B 648 31.27 15.58 -22.13
N GLY B 649 32.13 15.96 -23.08
CA GLY B 649 31.71 16.64 -24.29
C GLY B 649 32.05 18.12 -24.33
N ALA B 650 32.58 18.68 -23.26
CA ALA B 650 32.95 20.08 -23.20
C ALA B 650 34.41 20.22 -22.81
N GLU B 651 35.11 21.14 -23.47
CA GLU B 651 36.53 21.36 -23.23
C GLU B 651 36.72 22.52 -22.26
N TYR B 652 37.61 22.33 -21.29
CA TYR B 652 37.91 23.41 -20.35
C TYR B 652 38.76 24.47 -21.02
N VAL B 653 38.50 25.72 -20.67
CA VAL B 653 39.22 26.86 -21.24
C VAL B 653 39.72 27.73 -20.08
N ASN B 654 41.00 28.10 -20.13
CA ASN B 654 41.58 28.94 -19.10
C ASN B 654 41.04 30.35 -19.12
N ASN B 655 40.35 30.76 -20.18
CA ASN B 655 39.80 32.09 -20.25
C ASN B 655 38.56 32.19 -19.34
N SER B 656 38.00 33.40 -19.25
CA SER B 656 36.86 33.66 -18.39
C SER B 656 35.86 34.57 -19.09
N TYR B 657 34.58 34.24 -18.93
CA TYR B 657 33.50 35.06 -19.46
C TYR B 657 32.37 35.07 -18.45
N GLU B 658 31.26 35.71 -18.80
CA GLU B 658 30.07 35.68 -17.96
C GLU B 658 29.41 34.31 -18.07
N CYS B 659 28.54 34.03 -17.09
CA CYS B 659 27.90 32.73 -17.03
C CYS B 659 26.75 32.65 -18.02
N ASP B 660 26.75 31.62 -18.85
CA ASP B 660 25.69 31.38 -19.83
C ASP B 660 24.77 30.24 -19.42
N ILE B 661 25.33 29.07 -19.16
CA ILE B 661 24.60 27.92 -18.65
C ILE B 661 25.29 27.49 -17.36
N PRO B 662 24.65 27.64 -16.20
CA PRO B 662 25.34 27.35 -14.93
C PRO B 662 25.41 25.85 -14.68
N ILE B 663 26.57 25.40 -14.21
CA ILE B 663 26.78 23.99 -13.85
C ILE B 663 26.83 23.80 -12.35
N GLY B 664 27.73 24.50 -11.68
CA GLY B 664 27.87 24.41 -10.24
C GLY B 664 29.32 24.61 -9.82
N ALA B 665 29.48 25.10 -8.59
CA ALA B 665 30.80 25.33 -8.00
C ALA B 665 31.64 26.26 -8.87
N GLY B 666 31.00 27.27 -9.44
CA GLY B 666 31.70 28.29 -10.19
C GLY B 666 32.04 27.93 -11.63
N ILE B 667 31.46 26.85 -12.16
CA ILE B 667 31.72 26.42 -13.52
C ILE B 667 30.50 26.73 -14.37
N CYS B 668 30.72 27.36 -15.52
CA CYS B 668 29.65 27.68 -16.45
C CYS B 668 30.04 27.22 -17.85
N ALA B 669 29.05 26.84 -18.65
CA ALA B 669 29.28 26.33 -19.99
C ALA B 669 28.55 27.21 -21.00
N SER B 670 29.10 27.26 -22.22
CA SER B 670 28.51 28.06 -23.28
C SER B 670 28.93 27.48 -24.63
N TYR B 671 28.34 28.04 -25.68
CA TYR B 671 28.55 27.58 -27.05
C TYR B 671 29.15 28.70 -27.88
N GLN B 672 30.42 28.55 -28.25
CA GLN B 672 31.08 29.54 -29.07
C GLN B 672 31.32 29.01 -30.48
N SER B 688 31.91 24.92 -30.96
CA SER B 688 31.80 23.83 -30.00
C SER B 688 31.37 24.34 -28.64
N ILE B 689 31.23 23.44 -27.68
CA ILE B 689 30.77 23.76 -26.33
C ILE B 689 31.99 23.78 -25.41
N ILE B 690 32.13 24.87 -24.65
CA ILE B 690 33.27 25.08 -23.78
C ILE B 690 32.78 25.30 -22.37
N ALA B 691 33.56 24.82 -21.40
CA ALA B 691 33.30 25.04 -19.98
C ALA B 691 34.44 25.86 -19.38
N TYR B 692 34.08 26.81 -18.52
CA TYR B 692 35.07 27.73 -17.98
C TYR B 692 34.68 28.11 -16.56
N THR B 693 35.46 29.03 -15.99
CA THR B 693 35.14 29.59 -14.68
C THR B 693 34.62 31.01 -14.84
N MET B 694 33.45 31.28 -14.28
CA MET B 694 32.79 32.56 -14.51
C MET B 694 33.62 33.70 -13.92
N SER B 695 33.56 34.86 -14.59
CA SER B 695 34.25 36.05 -14.14
C SER B 695 33.28 36.94 -13.39
N LEU B 696 33.66 37.33 -12.17
CA LEU B 696 32.75 38.08 -11.32
C LEU B 696 32.49 39.48 -11.89
N GLY B 697 33.51 40.13 -12.41
CA GLY B 697 33.36 41.45 -12.98
C GLY B 697 34.69 42.03 -13.39
N ALA B 698 34.62 43.19 -14.01
CA ALA B 698 35.81 43.87 -14.48
C ALA B 698 36.62 44.41 -13.30
N GLU B 699 37.91 44.11 -13.27
CA GLU B 699 38.76 44.59 -12.20
C GLU B 699 38.92 46.10 -12.28
N ASN B 700 38.97 46.76 -11.13
CA ASN B 700 39.09 48.21 -11.08
C ASN B 700 39.75 48.60 -9.77
N SER B 701 40.57 49.64 -9.81
CA SER B 701 41.21 50.21 -8.63
C SER B 701 41.04 51.72 -8.67
N VAL B 702 40.61 52.29 -7.55
CA VAL B 702 40.35 53.72 -7.45
C VAL B 702 41.50 54.37 -6.70
N ALA B 703 41.99 55.49 -7.22
CA ALA B 703 43.15 56.17 -6.65
C ALA B 703 42.71 56.90 -5.39
N TYR B 704 43.06 56.36 -4.23
CA TYR B 704 42.71 56.96 -2.94
C TYR B 704 43.92 57.65 -2.35
N SER B 705 43.75 58.90 -1.94
CA SER B 705 44.76 59.64 -1.20
C SER B 705 44.05 60.60 -0.26
N ASN B 706 44.77 61.07 0.75
CA ASN B 706 44.16 61.82 1.83
C ASN B 706 44.02 63.31 1.57
N ASN B 707 44.36 63.80 0.38
CA ASN B 707 44.07 65.19 0.05
C ASN B 707 43.58 65.36 -1.38
N SER B 708 42.89 64.37 -1.94
CA SER B 708 42.43 64.44 -3.32
C SER B 708 40.96 64.05 -3.39
N ILE B 709 40.18 64.81 -4.16
CA ILE B 709 38.77 64.57 -4.38
C ILE B 709 38.49 64.66 -5.87
N ALA B 710 37.40 64.02 -6.29
CA ALA B 710 37.00 64.03 -7.69
C ALA B 710 35.55 64.50 -7.79
N ILE B 711 35.30 65.47 -8.67
CA ILE B 711 34.00 66.12 -8.77
C ILE B 711 33.47 65.95 -10.19
N PRO B 712 32.22 65.52 -10.37
CA PRO B 712 31.66 65.44 -11.73
C PRO B 712 31.52 66.82 -12.36
N THR B 713 31.67 66.85 -13.68
CA THR B 713 31.51 68.08 -14.44
C THR B 713 30.38 68.01 -15.46
N ASN B 714 29.62 66.93 -15.49
CA ASN B 714 28.53 66.77 -16.44
C ASN B 714 27.59 65.71 -15.87
N PHE B 715 26.46 65.52 -16.53
CA PHE B 715 25.47 64.56 -16.05
C PHE B 715 24.86 63.82 -17.24
N THR B 716 23.89 62.97 -16.94
CA THR B 716 23.23 62.15 -17.94
C THR B 716 21.89 61.69 -17.39
N ILE B 717 20.82 61.94 -18.14
CA ILE B 717 19.48 61.50 -17.75
C ILE B 717 19.27 60.10 -18.29
N SER B 718 18.98 59.16 -17.40
CA SER B 718 18.83 57.76 -17.76
C SER B 718 17.44 57.27 -17.41
N VAL B 719 16.92 56.37 -18.23
CA VAL B 719 15.59 55.78 -18.04
C VAL B 719 15.74 54.27 -18.05
N THR B 720 15.14 53.60 -17.06
CA THR B 720 15.16 52.16 -16.95
C THR B 720 13.75 51.65 -16.70
N THR B 721 13.52 50.38 -17.02
CA THR B 721 12.22 49.76 -16.87
C THR B 721 12.24 48.77 -15.72
N GLU B 722 11.06 48.34 -15.28
CA GLU B 722 10.93 47.36 -14.20
C GLU B 722 9.57 46.71 -14.30
N ILE B 723 9.53 45.38 -14.44
CA ILE B 723 8.31 44.63 -14.64
C ILE B 723 7.98 43.88 -13.35
N LEU B 724 6.73 44.00 -12.90
CA LEU B 724 6.27 43.36 -11.67
C LEU B 724 4.93 42.70 -11.92
N PRO B 725 4.78 41.40 -11.66
CA PRO B 725 3.45 40.79 -11.73
C PRO B 725 2.56 41.30 -10.61
N VAL B 726 1.26 41.34 -10.88
CA VAL B 726 0.27 41.89 -9.96
C VAL B 726 -0.81 40.87 -9.63
N SER B 727 -1.45 40.30 -10.65
CA SER B 727 -2.53 39.36 -10.44
C SER B 727 -2.36 38.15 -11.34
N MET B 728 -2.84 37.01 -10.88
CA MET B 728 -2.78 35.78 -11.63
C MET B 728 -4.18 35.40 -12.09
N THR B 729 -4.31 34.23 -12.72
CA THR B 729 -5.56 33.82 -13.34
C THR B 729 -6.51 33.23 -12.31
N LYS B 730 -7.75 33.71 -12.31
CA LYS B 730 -8.78 33.19 -11.43
C LYS B 730 -9.39 31.95 -12.05
N THR B 731 -9.49 30.87 -11.28
CA THR B 731 -9.98 29.61 -11.78
C THR B 731 -11.02 29.02 -10.84
N SER B 732 -11.87 28.15 -11.38
CA SER B 732 -12.90 27.47 -10.63
C SER B 732 -12.93 26.02 -11.05
N VAL B 733 -13.19 25.13 -10.10
CA VAL B 733 -13.16 23.69 -10.33
C VAL B 733 -14.48 23.07 -9.88
N ASP B 734 -15.05 22.23 -10.73
CA ASP B 734 -16.26 21.48 -10.42
C ASP B 734 -15.83 20.10 -9.94
N CYS B 735 -15.87 19.88 -8.63
CA CYS B 735 -15.36 18.65 -8.06
C CYS B 735 -16.20 17.44 -8.47
N THR B 736 -17.53 17.56 -8.36
CA THR B 736 -18.39 16.41 -8.55
C THR B 736 -18.42 15.94 -10.00
N MET B 737 -17.95 16.75 -10.93
CA MET B 737 -17.81 16.32 -12.32
C MET B 737 -16.39 15.88 -12.66
N TYR B 738 -15.38 16.52 -12.08
CA TYR B 738 -14.01 16.08 -12.30
C TYR B 738 -13.80 14.67 -11.75
N ILE B 739 -14.32 14.39 -10.55
CA ILE B 739 -14.03 13.12 -9.91
C ILE B 739 -14.85 12.00 -10.53
N CYS B 740 -16.16 12.19 -10.64
CA CYS B 740 -17.07 11.13 -11.04
C CYS B 740 -17.44 11.18 -12.51
N GLY B 741 -17.77 12.36 -13.03
CA GLY B 741 -18.18 12.47 -14.41
C GLY B 741 -19.67 12.30 -14.60
N ASP B 742 -20.07 11.47 -15.55
CA ASP B 742 -21.47 11.25 -15.87
C ASP B 742 -22.09 10.12 -15.05
N SER B 743 -21.31 9.39 -14.27
CA SER B 743 -21.86 8.32 -13.44
C SER B 743 -22.62 8.93 -12.27
N THR B 744 -23.74 8.29 -11.90
CA THR B 744 -24.56 8.79 -10.80
C THR B 744 -24.32 8.02 -9.51
N GLU B 745 -24.17 6.69 -9.58
CA GLU B 745 -23.81 5.94 -8.39
C GLU B 745 -22.44 6.32 -7.85
N CYS B 746 -21.54 6.79 -8.73
CA CYS B 746 -20.28 7.35 -8.25
C CYS B 746 -20.53 8.56 -7.37
N SER B 747 -21.43 9.45 -7.78
CA SER B 747 -21.75 10.61 -6.94
C SER B 747 -22.41 10.19 -5.64
N ASN B 748 -23.30 9.19 -5.70
CA ASN B 748 -23.93 8.70 -4.48
C ASN B 748 -22.89 8.16 -3.51
N LEU B 749 -21.88 7.46 -4.02
CA LEU B 749 -20.77 7.03 -3.18
C LEU B 749 -19.98 8.23 -2.66
N LEU B 750 -19.82 9.27 -3.50
CA LEU B 750 -19.00 10.41 -3.13
C LEU B 750 -19.60 11.22 -1.99
N LEU B 751 -20.93 11.28 -1.91
CA LEU B 751 -21.55 12.00 -0.80
C LEU B 751 -21.16 11.43 0.56
N GLN B 752 -20.74 10.17 0.63
CA GLN B 752 -20.36 9.57 1.91
C GLN B 752 -19.01 10.04 2.42
N TYR B 753 -18.18 10.65 1.57
CA TYR B 753 -16.81 10.95 1.97
C TYR B 753 -16.74 12.11 2.95
N GLY B 754 -17.51 13.17 2.70
CA GLY B 754 -17.49 14.30 3.60
C GLY B 754 -17.67 15.61 2.85
N SER B 755 -16.95 16.63 3.34
CA SER B 755 -17.06 17.98 2.81
C SER B 755 -15.75 18.48 2.19
N PHE B 756 -15.05 17.64 1.43
CA PHE B 756 -13.88 18.10 0.72
C PHE B 756 -14.23 19.17 -0.31
N CYS B 757 -15.33 18.93 -1.04
CA CYS B 757 -15.69 19.81 -2.15
C CYS B 757 -15.97 21.22 -1.67
N THR B 758 -16.66 21.36 -0.53
CA THR B 758 -16.93 22.68 0.01
C THR B 758 -15.65 23.42 0.36
N GLN B 759 -14.69 22.71 0.95
CA GLN B 759 -13.41 23.32 1.31
C GLN B 759 -12.68 23.79 0.07
N LEU B 760 -12.64 22.96 -0.98
CA LEU B 760 -11.96 23.36 -2.21
C LEU B 760 -12.63 24.57 -2.84
N LYS B 761 -13.96 24.57 -2.89
CA LYS B 761 -14.68 25.72 -3.45
C LYS B 761 -14.39 26.98 -2.66
N ARG B 762 -14.36 26.87 -1.33
CA ARG B 762 -14.09 28.02 -0.48
C ARG B 762 -12.69 28.57 -0.73
N ALA B 763 -11.69 27.69 -0.83
CA ALA B 763 -10.32 28.16 -1.06
C ALA B 763 -10.20 28.83 -2.42
N LEU B 764 -10.79 28.23 -3.46
CA LEU B 764 -10.71 28.84 -4.78
C LEU B 764 -11.41 30.19 -4.82
N THR B 765 -12.56 30.31 -4.14
CA THR B 765 -13.24 31.60 -4.09
C THR B 765 -12.39 32.65 -3.37
N GLY B 766 -11.72 32.25 -2.29
CA GLY B 766 -10.84 33.17 -1.59
C GLY B 766 -9.74 33.69 -2.50
N ILE B 767 -9.09 32.79 -3.24
CA ILE B 767 -8.04 33.21 -4.17
C ILE B 767 -8.62 34.15 -5.22
N ALA B 768 -9.80 33.80 -5.77
CA ALA B 768 -10.39 34.59 -6.83
C ALA B 768 -10.68 36.02 -6.38
N VAL B 769 -11.23 36.18 -5.17
CA VAL B 769 -11.51 37.54 -4.71
C VAL B 769 -10.22 38.27 -4.34
N GLU B 770 -9.21 37.54 -3.86
CA GLU B 770 -7.95 38.19 -3.52
C GLU B 770 -7.27 38.77 -4.74
N GLN B 771 -7.41 38.13 -5.91
CA GLN B 771 -6.81 38.69 -7.13
C GLN B 771 -7.37 40.07 -7.45
N ASP B 772 -8.70 40.20 -7.38
CA ASP B 772 -9.34 41.49 -7.63
C ASP B 772 -8.91 42.52 -6.60
N LYS B 773 -8.80 42.10 -5.33
CA LYS B 773 -8.30 43.02 -4.32
C LYS B 773 -6.90 43.51 -4.64
N ASN B 774 -6.04 42.60 -5.11
CA ASN B 774 -4.67 42.98 -5.48
C ASN B 774 -4.67 44.06 -6.56
N THR B 775 -5.43 43.82 -7.63
CA THR B 775 -5.47 44.81 -8.71
C THR B 775 -6.01 46.15 -8.21
N GLN B 776 -7.06 46.11 -7.39
CA GLN B 776 -7.64 47.35 -6.86
C GLN B 776 -6.62 48.12 -6.04
N GLU B 777 -5.89 47.45 -5.16
CA GLU B 777 -4.90 48.14 -4.35
C GLU B 777 -3.79 48.74 -5.20
N VAL B 778 -3.33 48.00 -6.21
CA VAL B 778 -2.21 48.51 -7.01
C VAL B 778 -2.63 49.73 -7.82
N PHE B 779 -3.76 49.66 -8.52
CA PHE B 779 -4.05 50.70 -9.51
C PHE B 779 -4.99 51.79 -9.00
N ALA B 780 -6.02 51.44 -8.23
CA ALA B 780 -7.01 52.42 -7.80
C ALA B 780 -6.47 53.19 -6.60
N GLN B 781 -5.64 54.18 -6.89
CA GLN B 781 -5.04 55.02 -5.84
C GLN B 781 -5.53 56.45 -5.88
N VAL B 782 -6.06 56.92 -7.01
CA VAL B 782 -6.59 58.27 -7.14
C VAL B 782 -8.09 58.17 -7.36
N LYS B 783 -8.86 58.98 -6.64
CA LYS B 783 -10.31 58.96 -6.74
C LYS B 783 -10.84 59.95 -7.77
N GLN B 784 -9.97 60.70 -8.44
CA GLN B 784 -10.38 61.65 -9.47
C GLN B 784 -9.61 61.35 -10.75
N ILE B 785 -10.30 61.40 -11.88
CA ILE B 785 -9.72 61.05 -13.16
C ILE B 785 -9.26 62.36 -13.81
N TYR B 786 -7.99 62.70 -13.63
CA TYR B 786 -7.44 63.90 -14.23
C TYR B 786 -7.26 63.73 -15.74
N LYS B 787 -7.20 64.85 -16.45
CA LYS B 787 -7.06 64.83 -17.89
C LYS B 787 -6.00 65.85 -18.31
N THR B 788 -5.19 65.46 -19.28
CA THR B 788 -4.15 66.35 -19.79
C THR B 788 -4.77 67.45 -20.64
N PRO B 789 -4.16 68.64 -20.67
CA PRO B 789 -4.70 69.72 -21.49
C PRO B 789 -4.57 69.38 -22.97
N PRO B 790 -5.43 69.97 -23.82
CA PRO B 790 -5.32 69.68 -25.25
C PRO B 790 -3.98 70.09 -25.85
N ILE B 791 -3.39 71.18 -25.38
CA ILE B 791 -2.08 71.60 -25.85
C ILE B 791 -1.01 70.82 -25.11
N LYS B 792 -0.06 70.27 -25.86
CA LYS B 792 0.91 69.30 -25.33
C LYS B 792 2.33 69.85 -25.34
N TYR B 793 2.50 71.10 -24.92
CA TYR B 793 3.83 71.69 -24.78
C TYR B 793 4.18 71.76 -23.30
N PHE B 794 5.26 71.07 -22.92
CA PHE B 794 5.70 70.97 -21.53
C PHE B 794 7.14 71.40 -21.39
N GLY B 795 7.47 72.55 -21.97
CA GLY B 795 8.81 73.09 -21.84
C GLY B 795 9.87 72.38 -22.64
N GLY B 796 9.47 71.66 -23.69
CA GLY B 796 10.39 70.94 -24.53
C GLY B 796 10.36 69.43 -24.36
N PHE B 797 9.82 68.94 -23.25
CA PHE B 797 9.74 67.50 -23.04
C PHE B 797 8.63 66.91 -23.89
N ASN B 798 8.86 65.70 -24.40
CA ASN B 798 7.97 65.04 -25.34
C ASN B 798 7.46 63.76 -24.70
N PHE B 799 6.16 63.74 -24.37
CA PHE B 799 5.54 62.62 -23.66
C PHE B 799 4.66 61.78 -24.59
N SER B 800 4.79 61.94 -25.89
CA SER B 800 3.89 61.27 -26.82
C SER B 800 4.03 59.76 -26.77
N GLN B 801 5.15 59.23 -26.30
CA GLN B 801 5.36 57.79 -26.28
C GLN B 801 4.68 57.11 -25.10
N ILE B 802 4.12 57.87 -24.17
CA ILE B 802 3.46 57.29 -23.01
C ILE B 802 2.04 57.79 -22.80
N LEU B 803 1.65 58.90 -23.42
CA LEU B 803 0.28 59.39 -23.29
C LEU B 803 -0.65 58.62 -24.21
N PRO B 804 -1.94 58.56 -23.89
CA PRO B 804 -2.87 57.78 -24.71
C PRO B 804 -2.97 58.30 -26.13
N ASP B 805 -3.22 57.38 -27.05
CA ASP B 805 -3.34 57.69 -28.47
C ASP B 805 -4.82 57.67 -28.85
N PRO B 806 -5.40 58.81 -29.25
CA PRO B 806 -6.80 58.81 -29.68
C PRO B 806 -7.07 57.98 -30.93
N SER B 807 -6.05 57.74 -31.76
CA SER B 807 -6.27 56.99 -33.00
C SER B 807 -6.66 55.54 -32.70
N LYS B 808 -6.03 54.92 -31.72
CA LYS B 808 -6.34 53.55 -31.39
C LYS B 808 -7.78 53.44 -30.87
N PRO B 809 -8.52 52.42 -31.27
CA PRO B 809 -9.83 52.20 -30.65
C PRO B 809 -9.74 51.87 -29.17
N SER B 810 -8.63 51.28 -28.72
CA SER B 810 -8.48 50.88 -27.33
C SER B 810 -7.91 51.99 -26.46
N LYS B 811 -7.43 53.10 -27.04
CA LYS B 811 -6.91 54.24 -26.30
C LYS B 811 -5.77 53.83 -25.39
N ARG B 812 -4.69 53.36 -26.00
CA ARG B 812 -3.49 52.95 -25.29
C ARG B 812 -2.26 53.61 -25.88
N SER B 813 -1.29 53.89 -25.03
CA SER B 813 -0.05 54.50 -25.48
C SER B 813 0.74 53.51 -26.31
N PRO B 814 1.64 54.00 -27.18
CA PRO B 814 2.42 53.06 -28.01
C PRO B 814 3.20 52.03 -27.21
N ILE B 815 3.80 52.42 -26.09
CA ILE B 815 4.52 51.46 -25.26
C ILE B 815 3.57 50.45 -24.65
N GLU B 816 2.39 50.91 -24.23
CA GLU B 816 1.38 49.99 -23.72
C GLU B 816 0.93 49.02 -24.79
N ASP B 817 0.78 49.50 -26.03
CA ASP B 817 0.41 48.61 -27.12
C ASP B 817 1.49 47.56 -27.37
N LEU B 818 2.76 47.97 -27.35
CA LEU B 818 3.85 47.03 -27.52
C LEU B 818 3.85 45.98 -26.41
N LEU B 819 3.67 46.42 -25.16
CA LEU B 819 3.63 45.48 -24.05
C LEU B 819 2.46 44.51 -24.18
N PHE B 820 1.31 45.02 -24.61
CA PHE B 820 0.13 44.18 -24.80
C PHE B 820 0.38 43.13 -25.88
N ASN B 821 1.09 43.49 -26.94
CA ASN B 821 1.36 42.54 -28.01
C ASN B 821 2.42 41.52 -27.61
N LYS B 822 3.36 41.91 -26.74
CA LYS B 822 4.48 41.03 -26.41
C LYS B 822 4.08 39.79 -25.60
N VAL B 823 2.89 39.76 -25.01
CA VAL B 823 2.47 38.66 -24.15
C VAL B 823 1.27 37.97 -24.79
N THR B 824 1.36 36.66 -24.91
CA THR B 824 0.27 35.85 -25.47
C THR B 824 -0.94 35.82 -24.55
N ALA B 849 -7.80 23.94 -24.89
CA ALA B 849 -8.39 24.96 -24.03
C ALA B 849 -9.88 24.68 -23.82
N GLN B 850 -10.33 23.53 -24.27
CA GLN B 850 -11.72 23.09 -24.11
C GLN B 850 -11.74 21.97 -23.08
N LYS B 851 -12.01 22.33 -21.83
CA LYS B 851 -12.04 21.38 -20.73
C LYS B 851 -13.48 21.19 -20.27
N PHE B 852 -14.06 20.05 -20.63
CA PHE B 852 -15.35 19.63 -20.12
C PHE B 852 -15.22 18.92 -18.78
N LYS B 853 -14.01 18.81 -18.24
CA LYS B 853 -13.80 18.13 -16.98
C LYS B 853 -14.30 18.95 -15.79
N GLY B 854 -14.57 20.23 -16.00
CA GLY B 854 -15.11 21.05 -14.94
C GLY B 854 -14.19 22.17 -14.49
N LEU B 855 -13.14 22.43 -15.26
CA LEU B 855 -12.18 23.48 -14.95
C LEU B 855 -12.47 24.69 -15.83
N THR B 856 -12.80 25.82 -15.21
CA THR B 856 -13.14 27.03 -15.92
C THR B 856 -12.29 28.19 -15.42
N VAL B 857 -12.36 29.30 -16.14
CA VAL B 857 -11.62 30.52 -15.80
C VAL B 857 -12.62 31.66 -15.72
N LEU B 858 -12.59 32.38 -14.61
CA LEU B 858 -13.51 33.50 -14.43
C LEU B 858 -12.91 34.79 -14.95
N PRO B 859 -13.72 35.72 -15.44
CA PRO B 859 -13.17 36.96 -15.98
C PRO B 859 -12.84 37.92 -14.86
N PRO B 860 -11.78 38.72 -15.01
CA PRO B 860 -11.45 39.72 -13.98
C PRO B 860 -12.49 40.82 -13.93
N LEU B 861 -12.61 41.41 -12.74
CA LEU B 861 -13.60 42.47 -12.52
C LEU B 861 -13.26 43.72 -13.33
N LEU B 862 -12.00 44.10 -13.37
CA LEU B 862 -11.57 45.32 -14.04
C LEU B 862 -11.08 44.98 -15.45
N THR B 863 -11.74 45.52 -16.46
CA THR B 863 -11.29 45.31 -17.82
C THR B 863 -10.03 46.12 -18.11
N ASP B 864 -9.37 45.78 -19.22
CA ASP B 864 -8.11 46.45 -19.56
C ASP B 864 -8.31 47.93 -19.82
N GLU B 865 -9.47 48.32 -20.34
CA GLU B 865 -9.73 49.73 -20.59
C GLU B 865 -9.75 50.55 -19.30
N MET B 866 -10.33 49.98 -18.24
CA MET B 866 -10.39 50.70 -16.97
C MET B 866 -8.99 50.86 -16.36
N ILE B 867 -8.15 49.84 -16.47
CA ILE B 867 -6.78 49.96 -16.00
C ILE B 867 -6.03 51.01 -16.81
N ALA B 868 -6.29 51.05 -18.13
CA ALA B 868 -5.67 52.07 -18.95
C ALA B 868 -6.11 53.47 -18.52
N GLN B 869 -7.38 53.63 -18.16
CA GLN B 869 -7.85 54.93 -17.71
C GLN B 869 -7.21 55.34 -16.39
N TYR B 870 -7.07 54.39 -15.46
CA TYR B 870 -6.32 54.69 -14.23
C TYR B 870 -4.89 55.13 -14.53
N THR B 871 -4.21 54.42 -15.43
CA THR B 871 -2.84 54.78 -15.76
C THR B 871 -2.76 56.17 -16.38
N SER B 872 -3.68 56.48 -17.28
CA SER B 872 -3.67 57.81 -17.91
C SER B 872 -3.96 58.90 -16.89
N ALA B 873 -4.87 58.64 -15.95
CA ALA B 873 -5.14 59.61 -14.89
C ALA B 873 -3.90 59.86 -14.04
N LEU B 874 -3.18 58.80 -13.67
CA LEU B 874 -1.96 58.97 -12.89
C LEU B 874 -0.93 59.77 -13.67
N LEU B 875 -0.76 59.48 -14.95
CA LEU B 875 0.20 60.22 -15.77
C LEU B 875 -0.15 61.70 -15.85
N ALA B 876 -1.42 62.00 -16.12
CA ALA B 876 -1.82 63.41 -16.24
C ALA B 876 -1.64 64.14 -14.92
N GLY B 877 -1.99 63.48 -13.81
CA GLY B 877 -1.80 64.11 -12.50
C GLY B 877 -0.35 64.38 -12.19
N THR B 878 0.53 63.41 -12.48
CA THR B 878 1.94 63.60 -12.17
C THR B 878 2.63 64.54 -13.15
N ILE B 879 2.03 64.80 -14.31
CA ILE B 879 2.64 65.75 -15.24
C ILE B 879 2.20 67.17 -14.93
N THR B 880 0.90 67.38 -14.70
CA THR B 880 0.39 68.75 -14.57
C THR B 880 0.34 69.25 -13.13
N SER B 881 0.66 68.43 -12.14
CA SER B 881 0.54 68.86 -10.74
C SER B 881 1.67 68.42 -9.84
N GLY B 882 2.72 67.81 -10.37
CA GLY B 882 3.83 67.39 -9.52
C GLY B 882 3.41 66.26 -8.60
N TRP B 883 3.89 66.29 -7.36
CA TRP B 883 3.52 65.31 -6.36
C TRP B 883 2.40 65.77 -5.45
N THR B 884 1.85 66.96 -5.69
CA THR B 884 0.85 67.52 -4.77
C THR B 884 -0.46 66.74 -4.84
N PHE B 885 -0.75 66.11 -5.98
CA PHE B 885 -2.01 65.41 -6.13
C PHE B 885 -2.08 64.13 -5.30
N GLY B 886 -0.97 63.67 -4.76
CA GLY B 886 -0.95 62.52 -3.89
C GLY B 886 -1.06 62.82 -2.42
N ALA B 887 -1.25 64.08 -2.05
CA ALA B 887 -1.34 64.45 -0.65
C ALA B 887 -2.44 65.47 -0.37
N GLY B 888 -3.48 65.51 -1.20
CA GLY B 888 -4.53 66.48 -1.05
C GLY B 888 -5.02 66.98 -2.39
N PRO B 889 -5.46 68.24 -2.45
CA PRO B 889 -5.91 68.81 -3.72
C PRO B 889 -4.74 68.94 -4.69
N ALA B 890 -5.05 68.86 -5.98
CA ALA B 890 -4.04 68.98 -7.01
C ALA B 890 -3.79 70.45 -7.34
N LEU B 891 -2.52 70.85 -7.27
CA LEU B 891 -2.12 72.23 -7.54
C LEU B 891 -1.20 72.24 -8.75
N GLN B 892 -1.55 73.04 -9.75
CA GLN B 892 -0.78 73.05 -10.99
C GLN B 892 0.55 73.77 -10.80
N ILE B 893 1.50 73.46 -11.68
CA ILE B 893 2.83 74.05 -11.64
C ILE B 893 3.51 73.78 -12.99
N PRO B 894 4.21 74.75 -13.57
CA PRO B 894 4.89 74.52 -14.85
C PRO B 894 5.91 73.40 -14.73
N PHE B 895 6.03 72.60 -15.79
CA PHE B 895 6.91 71.44 -15.75
C PHE B 895 8.38 71.80 -15.53
N PRO B 896 8.98 72.78 -16.22
CA PRO B 896 10.38 73.11 -15.91
C PRO B 896 10.58 73.46 -14.44
N MET B 897 9.61 74.14 -13.83
CA MET B 897 9.72 74.45 -12.42
C MET B 897 9.67 73.19 -11.57
N GLN B 898 8.86 72.21 -11.97
CA GLN B 898 8.82 70.95 -11.25
C GLN B 898 10.16 70.22 -11.34
N MET B 899 10.80 70.25 -12.51
CA MET B 899 12.11 69.64 -12.62
C MET B 899 13.15 70.41 -11.81
N ALA B 900 13.00 71.73 -11.71
CA ALA B 900 13.90 72.48 -10.84
C ALA B 900 13.75 72.05 -9.39
N TYR B 901 12.50 71.86 -8.95
CA TYR B 901 12.27 71.35 -7.61
C TYR B 901 12.90 69.98 -7.43
N ARG B 902 12.79 69.12 -8.45
CA ARG B 902 13.28 67.75 -8.32
C ARG B 902 14.81 67.69 -8.31
N PHE B 903 15.47 68.54 -9.09
CA PHE B 903 16.92 68.68 -8.91
C PHE B 903 17.28 69.22 -7.54
N ASN B 904 16.54 70.21 -7.06
CA ASN B 904 16.82 70.74 -5.73
C ASN B 904 16.65 69.66 -4.68
N GLY B 905 15.84 68.64 -4.95
CA GLY B 905 15.67 67.55 -4.01
C GLY B 905 16.91 66.71 -3.83
N ILE B 906 17.68 66.51 -4.91
CA ILE B 906 18.82 65.60 -4.88
C ILE B 906 20.15 66.35 -4.70
N GLY B 907 20.10 67.58 -4.20
CA GLY B 907 21.32 68.28 -3.87
C GLY B 907 21.99 69.02 -5.01
N VAL B 908 21.26 69.34 -6.07
CA VAL B 908 21.78 70.13 -7.18
C VAL B 908 20.93 71.39 -7.30
N THR B 909 21.59 72.53 -7.37
CA THR B 909 20.87 73.81 -7.43
C THR B 909 20.07 73.90 -8.73
N GLN B 910 19.02 74.73 -8.69
CA GLN B 910 18.07 74.78 -9.79
C GLN B 910 18.60 75.54 -11.01
N ASN B 911 19.57 76.43 -10.81
CA ASN B 911 20.15 77.13 -11.94
C ASN B 911 20.83 76.16 -12.90
N VAL B 912 21.26 75.00 -12.39
CA VAL B 912 21.82 73.96 -13.24
C VAL B 912 20.80 73.52 -14.27
N LEU B 913 19.56 73.31 -13.84
CA LEU B 913 18.50 72.97 -14.78
C LEU B 913 18.17 74.15 -15.69
N TYR B 914 17.97 75.33 -15.10
CA TYR B 914 17.48 76.45 -15.88
C TYR B 914 18.46 76.89 -16.95
N GLU B 915 19.76 76.62 -16.78
CA GLU B 915 20.74 76.96 -17.79
C GLU B 915 20.99 75.83 -18.79
N ASN B 916 20.44 74.64 -18.56
CA ASN B 916 20.62 73.49 -19.44
C ASN B 916 19.28 72.82 -19.70
N GLN B 917 18.25 73.61 -19.99
CA GLN B 917 16.91 73.07 -20.14
C GLN B 917 16.77 72.24 -21.42
N LYS B 918 17.22 72.79 -22.55
CA LYS B 918 16.99 72.11 -23.82
C LYS B 918 17.86 70.87 -23.96
N LEU B 919 19.09 70.90 -23.43
CA LEU B 919 19.92 69.71 -23.46
C LEU B 919 19.27 68.57 -22.66
N ILE B 920 18.72 68.89 -21.49
CA ILE B 920 18.07 67.88 -20.67
C ILE B 920 16.82 67.35 -21.37
N ALA B 921 16.07 68.24 -22.03
CA ALA B 921 14.91 67.79 -22.77
C ALA B 921 15.30 66.82 -23.88
N ASN B 922 16.37 67.14 -24.62
CA ASN B 922 16.83 66.26 -25.68
C ASN B 922 17.26 64.90 -25.13
N GLN B 923 17.99 64.91 -24.01
CA GLN B 923 18.43 63.65 -23.41
C GLN B 923 17.23 62.81 -22.98
N PHE B 924 16.22 63.45 -22.40
CA PHE B 924 15.03 62.70 -21.97
C PHE B 924 14.30 62.08 -23.14
N ASN B 925 14.12 62.85 -24.22
CA ASN B 925 13.43 62.32 -25.40
C ASN B 925 14.20 61.15 -26.00
N SER B 926 15.52 61.30 -26.13
CA SER B 926 16.34 60.22 -26.66
C SER B 926 16.26 58.98 -25.78
N ALA B 927 16.24 59.18 -24.47
CA ALA B 927 16.14 58.04 -23.56
C ALA B 927 14.84 57.29 -23.76
N ILE B 928 13.72 58.01 -23.90
CA ILE B 928 12.44 57.32 -24.12
C ILE B 928 12.46 56.56 -25.45
N GLY B 929 12.99 57.18 -26.50
CA GLY B 929 13.09 56.49 -27.77
C GLY B 929 13.89 55.20 -27.66
N LYS B 930 15.03 55.25 -26.97
CA LYS B 930 15.84 54.06 -26.79
C LYS B 930 15.10 53.00 -25.98
N ILE B 931 14.34 53.41 -24.98
CA ILE B 931 13.54 52.43 -24.22
C ILE B 931 12.57 51.72 -25.13
N GLN B 932 11.87 52.47 -25.98
CA GLN B 932 10.91 51.84 -26.88
C GLN B 932 11.60 50.84 -27.81
N ASP B 933 12.72 51.26 -28.41
CA ASP B 933 13.43 50.38 -29.34
C ASP B 933 13.95 49.12 -28.64
N SER B 934 14.56 49.29 -27.46
CA SER B 934 15.11 48.15 -26.73
C SER B 934 14.02 47.19 -26.30
N LEU B 935 12.88 47.71 -25.83
CA LEU B 935 11.78 46.84 -25.45
C LEU B 935 11.24 46.08 -26.66
N SER B 936 11.14 46.75 -27.81
CA SER B 936 10.66 46.07 -29.01
C SER B 936 11.62 44.98 -29.46
N SER B 937 12.92 45.25 -29.44
CA SER B 937 13.90 44.36 -30.04
C SER B 937 14.18 43.12 -29.21
N THR B 938 13.96 43.16 -27.90
CA THR B 938 14.31 42.03 -27.03
C THR B 938 13.05 41.29 -26.62
N PRO B 939 12.99 39.96 -26.83
CA PRO B 939 11.77 39.22 -26.48
C PRO B 939 11.67 38.79 -25.03
N SER B 940 12.80 38.62 -24.34
CA SER B 940 12.80 38.10 -22.98
C SER B 940 12.56 39.17 -21.93
N ALA B 941 12.01 40.32 -22.31
CA ALA B 941 11.77 41.39 -21.34
C ALA B 941 10.67 41.03 -20.35
N LEU B 942 9.58 40.42 -20.84
CA LEU B 942 8.40 40.15 -20.03
C LEU B 942 8.38 38.70 -19.53
N GLY B 943 9.56 38.18 -19.20
CA GLY B 943 9.66 36.79 -18.79
C GLY B 943 8.88 36.49 -17.53
N LYS B 944 8.80 37.47 -16.62
CA LYS B 944 8.09 37.24 -15.36
C LYS B 944 6.60 36.96 -15.60
N LEU B 945 5.95 37.84 -16.36
CA LEU B 945 4.53 37.64 -16.66
C LEU B 945 4.33 36.38 -17.48
N GLN B 946 5.22 36.13 -18.45
CA GLN B 946 5.10 34.93 -19.26
C GLN B 946 5.21 33.68 -18.39
N ASP B 947 6.11 33.70 -17.41
CA ASP B 947 6.30 32.55 -16.53
C ASP B 947 5.09 32.35 -15.64
N VAL B 948 4.47 33.43 -15.18
CA VAL B 948 3.24 33.29 -14.39
C VAL B 948 2.18 32.56 -15.20
N VAL B 949 1.96 33.03 -16.44
CA VAL B 949 0.95 32.42 -17.29
C VAL B 949 1.27 30.95 -17.55
N ASN B 950 2.53 30.67 -17.85
CA ASN B 950 2.95 29.30 -18.14
C ASN B 950 2.76 28.40 -16.93
N HIS B 951 3.08 28.89 -15.74
CA HIS B 951 2.91 28.10 -14.52
C HIS B 951 1.45 27.70 -14.34
N ASN B 952 0.54 28.67 -14.47
CA ASN B 952 -0.87 28.35 -14.27
C ASN B 952 -1.36 27.36 -15.31
N ALA B 953 -1.02 27.60 -16.59
CA ALA B 953 -1.49 26.72 -17.65
C ALA B 953 -0.95 25.31 -17.47
N GLN B 954 0.32 25.19 -17.07
CA GLN B 954 0.93 23.88 -16.92
C GLN B 954 0.33 23.13 -15.75
N ALA B 955 0.00 23.84 -14.67
CA ALA B 955 -0.68 23.19 -13.54
C ALA B 955 -2.04 22.64 -13.97
N LEU B 956 -2.81 23.44 -14.72
CA LEU B 956 -4.10 22.95 -15.19
C LEU B 956 -3.94 21.76 -16.11
N ASN B 957 -2.95 21.80 -16.99
CA ASN B 957 -2.72 20.71 -17.93
C ASN B 957 -2.37 19.42 -17.19
N THR B 958 -1.52 19.52 -16.17
CA THR B 958 -1.19 18.35 -15.38
C THR B 958 -2.41 17.80 -14.65
N LEU B 959 -3.25 18.69 -14.11
CA LEU B 959 -4.46 18.24 -13.46
C LEU B 959 -5.35 17.46 -14.42
N VAL B 960 -5.49 17.95 -15.66
CA VAL B 960 -6.27 17.23 -16.65
C VAL B 960 -5.64 15.87 -16.98
N LYS B 961 -4.31 15.86 -17.15
CA LYS B 961 -3.63 14.62 -17.52
C LYS B 961 -3.71 13.58 -16.42
N GLN B 962 -3.94 14.00 -15.19
CA GLN B 962 -4.03 13.05 -14.08
C GLN B 962 -5.21 12.09 -14.18
N LEU B 963 -6.18 12.37 -15.06
CA LEU B 963 -7.38 11.55 -15.14
C LEU B 963 -7.16 10.21 -15.83
N SER B 964 -6.01 9.99 -16.44
CA SER B 964 -5.75 8.78 -17.20
C SER B 964 -5.00 7.72 -16.40
N SER B 965 -4.85 7.92 -15.09
CA SER B 965 -4.10 7.02 -14.24
C SER B 965 -5.04 6.04 -13.56
N LYS B 966 -4.68 4.75 -13.58
CA LYS B 966 -5.53 3.72 -13.02
C LYS B 966 -5.51 3.69 -11.50
N PHE B 967 -4.44 4.18 -10.87
CA PHE B 967 -4.31 4.20 -9.41
C PHE B 967 -4.45 2.80 -8.82
N GLY B 968 -3.96 1.80 -9.55
CA GLY B 968 -3.96 0.44 -9.07
C GLY B 968 -5.24 -0.34 -9.30
N ALA B 969 -6.27 0.30 -9.84
CA ALA B 969 -7.51 -0.42 -10.14
C ALA B 969 -7.38 -1.18 -11.45
N ILE B 970 -8.47 -1.87 -11.82
CA ILE B 970 -8.46 -2.65 -13.05
C ILE B 970 -8.67 -1.77 -14.27
N SER B 971 -9.24 -0.58 -14.11
CA SER B 971 -9.48 0.31 -15.24
C SER B 971 -9.59 1.73 -14.72
N SER B 972 -9.48 2.69 -15.64
CA SER B 972 -9.58 4.10 -15.32
C SER B 972 -10.91 4.71 -15.75
N VAL B 973 -11.89 3.88 -16.08
CA VAL B 973 -13.21 4.33 -16.52
C VAL B 973 -14.24 3.87 -15.51
N LEU B 974 -15.08 4.81 -15.07
CA LEU B 974 -16.07 4.50 -14.03
C LEU B 974 -17.10 3.50 -14.54
N ASN B 975 -17.68 3.78 -15.71
CA ASN B 975 -18.75 2.93 -16.24
C ASN B 975 -18.25 1.54 -16.58
N ASP B 976 -17.01 1.43 -17.09
CA ASP B 976 -16.46 0.12 -17.39
C ASP B 976 -16.37 -0.74 -16.14
N ILE B 977 -15.87 -0.16 -15.05
CA ILE B 977 -15.77 -0.89 -13.79
C ILE B 977 -17.15 -1.27 -13.28
N PHE B 978 -18.11 -0.34 -13.35
CA PHE B 978 -19.45 -0.65 -12.87
C PHE B 978 -20.14 -1.69 -13.73
N SER B 979 -19.79 -1.81 -15.01
CA SER B 979 -20.45 -2.75 -15.90
C SER B 979 -19.73 -4.08 -15.99
N ARG B 980 -18.49 -4.18 -15.52
CA ARG B 980 -17.78 -5.46 -15.55
C ARG B 980 -17.82 -6.21 -14.23
N LEU B 981 -17.98 -5.52 -13.10
CA LEU B 981 -17.92 -6.16 -11.79
C LEU B 981 -19.21 -5.94 -11.02
N ASP B 982 -19.50 -6.88 -10.12
CA ASP B 982 -20.62 -6.76 -9.22
C ASP B 982 -20.24 -5.93 -7.98
N PRO B 983 -21.22 -5.47 -7.20
CA PRO B 983 -20.97 -4.45 -6.17
C PRO B 983 -19.81 -4.77 -5.22
N PRO B 984 -19.68 -6.02 -4.70
CA PRO B 984 -18.71 -6.24 -3.61
C PRO B 984 -17.26 -5.80 -3.91
N GLU B 985 -16.77 -6.00 -5.13
CA GLU B 985 -15.45 -5.50 -5.50
C GLU B 985 -15.49 -4.21 -6.30
N ALA B 986 -16.63 -3.91 -6.94
CA ALA B 986 -16.80 -2.60 -7.54
C ALA B 986 -16.61 -1.50 -6.50
N GLU B 987 -17.07 -1.76 -5.26
CA GLU B 987 -16.88 -0.79 -4.20
C GLU B 987 -15.40 -0.51 -3.95
N VAL B 988 -14.58 -1.56 -3.90
CA VAL B 988 -13.16 -1.37 -3.64
C VAL B 988 -12.50 -0.61 -4.79
N GLN B 989 -12.81 -1.01 -6.04
CA GLN B 989 -12.20 -0.34 -7.18
C GLN B 989 -12.58 1.14 -7.21
N ILE B 990 -13.86 1.43 -7.00
CA ILE B 990 -14.34 2.81 -7.08
C ILE B 990 -13.76 3.64 -5.94
N ASP B 991 -13.63 3.03 -4.75
CA ASP B 991 -13.01 3.73 -3.64
C ASP B 991 -11.57 4.10 -3.95
N ARG B 992 -10.83 3.17 -4.55
CA ARG B 992 -9.45 3.46 -4.93
C ARG B 992 -9.39 4.64 -5.91
N LEU B 993 -10.22 4.59 -6.94
CA LEU B 993 -10.21 5.67 -7.94
C LEU B 993 -10.57 7.02 -7.31
N ILE B 994 -11.62 7.04 -6.48
CA ILE B 994 -12.06 8.29 -5.90
C ILE B 994 -11.01 8.86 -4.96
N THR B 995 -10.38 8.02 -4.13
CA THR B 995 -9.38 8.56 -3.22
C THR B 995 -8.18 9.10 -3.99
N GLY B 996 -7.79 8.43 -5.08
CA GLY B 996 -6.67 8.96 -5.87
C GLY B 996 -6.99 10.31 -6.48
N ARG B 997 -8.17 10.44 -7.08
CA ARG B 997 -8.51 11.71 -7.72
C ARG B 997 -8.68 12.82 -6.70
N LEU B 998 -9.25 12.50 -5.53
CA LEU B 998 -9.38 13.48 -4.46
C LEU B 998 -8.02 13.98 -4.00
N GLN B 999 -7.06 13.06 -3.85
CA GLN B 999 -5.71 13.46 -3.49
C GLN B 999 -5.10 14.40 -4.53
N SER B 1000 -5.29 14.08 -5.81
CA SER B 1000 -4.74 14.93 -6.86
C SER B 1000 -5.32 16.35 -6.79
N LEU B 1001 -6.64 16.44 -6.62
CA LEU B 1001 -7.28 17.75 -6.57
C LEU B 1001 -6.82 18.54 -5.34
N GLN B 1002 -6.68 17.87 -4.20
CA GLN B 1002 -6.20 18.55 -2.99
C GLN B 1002 -4.80 19.11 -3.20
N THR B 1003 -3.92 18.33 -3.83
CA THR B 1003 -2.57 18.81 -4.10
C THR B 1003 -2.60 20.05 -4.98
N TYR B 1004 -3.42 20.01 -6.03
CA TYR B 1004 -3.52 21.17 -6.91
C TYR B 1004 -3.94 22.41 -6.14
N VAL B 1005 -4.94 22.28 -5.26
CA VAL B 1005 -5.38 23.42 -4.47
C VAL B 1005 -4.24 23.93 -3.59
N THR B 1006 -3.42 23.03 -3.04
CA THR B 1006 -2.34 23.45 -2.17
C THR B 1006 -1.31 24.32 -2.89
N GLN B 1007 -0.78 23.84 -4.03
CA GLN B 1007 0.15 24.73 -4.74
C GLN B 1007 -0.54 25.99 -5.26
N GLN B 1008 -1.84 25.94 -5.55
CA GLN B 1008 -2.53 27.16 -5.93
C GLN B 1008 -2.48 28.18 -4.81
N LEU B 1009 -2.71 27.74 -3.57
CA LEU B 1009 -2.66 28.66 -2.43
C LEU B 1009 -1.26 29.26 -2.27
N ILE B 1010 -0.22 28.43 -2.39
CA ILE B 1010 1.14 28.93 -2.21
C ILE B 1010 1.49 29.96 -3.27
N ARG B 1011 1.16 29.67 -4.54
CA ARG B 1011 1.45 30.61 -5.61
C ARG B 1011 0.67 31.91 -5.43
N ALA B 1012 -0.57 31.81 -4.93
CA ALA B 1012 -1.35 33.01 -4.67
C ALA B 1012 -0.68 33.88 -3.61
N ALA B 1013 -0.13 33.26 -2.56
CA ALA B 1013 0.59 34.03 -1.55
C ALA B 1013 1.79 34.76 -2.15
N GLU B 1014 2.55 34.07 -3.00
CA GLU B 1014 3.70 34.72 -3.64
C GLU B 1014 3.26 35.91 -4.49
N ILE B 1015 2.20 35.74 -5.28
CA ILE B 1015 1.71 36.83 -6.12
C ILE B 1015 1.21 37.99 -5.26
N ARG B 1016 0.61 37.68 -4.11
CA ARG B 1016 0.17 38.74 -3.21
C ARG B 1016 1.35 39.56 -2.71
N ALA B 1017 2.45 38.89 -2.35
CA ALA B 1017 3.64 39.62 -1.93
C ALA B 1017 4.14 40.54 -3.05
N SER B 1018 4.17 40.02 -4.27
CA SER B 1018 4.61 40.84 -5.40
C SER B 1018 3.69 42.05 -5.61
N ALA B 1019 2.38 41.85 -5.48
CA ALA B 1019 1.43 42.94 -5.65
C ALA B 1019 1.60 44.00 -4.57
N ASN B 1020 1.86 43.59 -3.33
CA ASN B 1020 2.12 44.56 -2.27
C ASN B 1020 3.37 45.38 -2.58
N LEU B 1021 4.43 44.73 -3.07
CA LEU B 1021 5.62 45.49 -3.45
C LEU B 1021 5.31 46.48 -4.56
N ALA B 1022 4.52 46.05 -5.55
CA ALA B 1022 4.18 46.96 -6.65
C ALA B 1022 3.37 48.15 -6.16
N ALA B 1023 2.44 47.93 -5.22
CA ALA B 1023 1.67 49.04 -4.67
C ALA B 1023 2.56 50.02 -3.93
N THR B 1024 3.53 49.50 -3.16
CA THR B 1024 4.47 50.38 -2.48
C THR B 1024 5.28 51.21 -3.48
N LYS B 1025 5.74 50.57 -4.56
CA LYS B 1025 6.50 51.30 -5.57
C LYS B 1025 5.65 52.38 -6.21
N MET B 1026 4.38 52.08 -6.49
CA MET B 1026 3.50 53.10 -7.06
C MET B 1026 3.32 54.26 -6.10
N SER B 1027 3.15 53.97 -4.81
CA SER B 1027 2.92 55.03 -3.84
C SER B 1027 4.14 55.93 -3.68
N GLU B 1028 5.34 55.34 -3.71
CA GLU B 1028 6.53 56.12 -3.35
C GLU B 1028 7.26 56.69 -4.56
N CYS B 1029 7.53 55.86 -5.57
CA CYS B 1029 8.31 56.34 -6.72
C CYS B 1029 7.49 57.27 -7.61
N VAL B 1030 6.20 56.99 -7.78
CA VAL B 1030 5.37 57.75 -8.72
C VAL B 1030 4.79 58.99 -8.07
N LEU B 1031 4.11 58.81 -6.95
CA LEU B 1031 3.44 59.91 -6.25
C LEU B 1031 4.39 60.75 -5.41
N GLY B 1032 5.69 60.64 -5.62
CA GLY B 1032 6.65 61.43 -4.87
C GLY B 1032 8.05 61.10 -5.34
N GLN B 1033 9.02 61.76 -4.72
CA GLN B 1033 10.43 61.53 -5.01
C GLN B 1033 11.05 60.77 -3.85
N SER B 1034 11.77 59.70 -4.17
CA SER B 1034 12.27 58.75 -3.18
C SER B 1034 13.75 58.99 -2.92
N LYS B 1035 14.14 58.91 -1.65
CA LYS B 1035 15.53 59.01 -1.26
C LYS B 1035 16.16 57.66 -0.97
N ARG B 1036 15.38 56.59 -0.98
CA ARG B 1036 15.93 55.25 -0.76
C ARG B 1036 16.75 54.83 -1.97
N VAL B 1037 17.94 54.30 -1.70
CA VAL B 1037 18.89 53.98 -2.75
C VAL B 1037 18.44 52.73 -3.48
N ASP B 1038 18.49 52.76 -4.81
CA ASP B 1038 18.21 51.64 -5.70
C ASP B 1038 16.78 51.12 -5.57
N PHE B 1039 15.92 51.82 -4.85
CA PHE B 1039 14.52 51.41 -4.77
C PHE B 1039 13.77 51.74 -6.06
N CYS B 1040 14.02 52.92 -6.62
CA CYS B 1040 13.30 53.34 -7.82
C CYS B 1040 14.27 53.54 -8.97
N GLY B 1041 15.17 52.58 -9.17
CA GLY B 1041 16.09 52.63 -10.29
C GLY B 1041 17.49 53.06 -9.87
N LYS B 1042 18.49 52.60 -10.61
CA LYS B 1042 19.87 52.91 -10.29
C LYS B 1042 20.19 54.36 -10.64
N GLY B 1043 20.81 55.05 -9.69
CA GLY B 1043 21.09 56.47 -9.81
C GLY B 1043 20.24 57.28 -8.86
N TYR B 1044 20.36 58.61 -8.99
CA TYR B 1044 19.54 59.51 -8.18
C TYR B 1044 18.17 59.65 -8.81
N HIS B 1045 17.13 59.34 -8.04
CA HIS B 1045 15.78 59.30 -8.57
C HIS B 1045 15.26 60.69 -8.88
N LEU B 1046 14.53 60.82 -9.98
CA LEU B 1046 13.89 62.06 -10.37
C LEU B 1046 12.38 61.94 -10.45
N MET B 1047 11.86 60.96 -11.20
CA MET B 1047 10.44 60.76 -11.36
C MET B 1047 10.21 59.40 -12.01
N SER B 1048 8.95 58.98 -12.07
CA SER B 1048 8.62 57.71 -12.67
C SER B 1048 7.24 57.78 -13.32
N PHE B 1049 7.01 56.90 -14.29
CA PHE B 1049 5.77 56.84 -15.02
C PHE B 1049 5.32 55.38 -15.09
N PRO B 1050 4.06 55.10 -14.76
CA PRO B 1050 3.57 53.73 -14.83
C PRO B 1050 2.96 53.40 -16.18
N GLN B 1051 3.09 52.13 -16.55
CA GLN B 1051 2.45 51.59 -17.73
C GLN B 1051 1.87 50.22 -17.40
N SER B 1052 0.69 49.95 -17.93
CA SER B 1052 0.02 48.69 -17.65
C SER B 1052 0.54 47.59 -18.57
N ALA B 1053 0.27 46.36 -18.17
CA ALA B 1053 0.66 45.17 -18.93
C ALA B 1053 -0.22 44.02 -18.50
N PRO B 1054 -0.35 42.98 -19.32
CA PRO B 1054 -1.20 41.84 -18.95
C PRO B 1054 -0.76 41.19 -17.64
N HIS B 1055 -1.62 41.25 -16.63
CA HIS B 1055 -1.33 40.68 -15.31
C HIS B 1055 -0.08 41.30 -14.69
N GLY B 1056 0.09 42.61 -14.84
CA GLY B 1056 1.26 43.24 -14.26
C GLY B 1056 1.29 44.71 -14.55
N VAL B 1057 2.37 45.35 -14.08
CA VAL B 1057 2.61 46.77 -14.28
C VAL B 1057 4.08 46.95 -14.64
N VAL B 1058 4.37 48.05 -15.36
CA VAL B 1058 5.72 48.35 -15.82
C VAL B 1058 6.03 49.80 -15.44
N PHE B 1059 7.17 50.02 -14.80
CA PHE B 1059 7.58 51.35 -14.37
C PHE B 1059 8.72 51.83 -15.25
N LEU B 1060 8.70 53.12 -15.58
CA LEU B 1060 9.80 53.77 -16.30
C LEU B 1060 10.46 54.75 -15.34
N HIS B 1061 11.62 54.38 -14.80
CA HIS B 1061 12.28 55.16 -13.79
C HIS B 1061 13.24 56.15 -14.45
N VAL B 1062 12.97 57.44 -14.29
CA VAL B 1062 13.84 58.50 -14.77
C VAL B 1062 14.81 58.85 -13.66
N THR B 1063 16.11 58.85 -13.97
CA THR B 1063 17.13 58.99 -12.95
C THR B 1063 18.26 59.86 -13.47
N TYR B 1064 19.06 60.37 -12.54
CA TYR B 1064 20.15 61.29 -12.81
C TYR B 1064 21.48 60.60 -12.50
N VAL B 1065 22.39 60.58 -13.48
CA VAL B 1065 23.65 59.87 -13.34
C VAL B 1065 24.80 60.82 -13.65
N PRO B 1066 25.74 61.04 -12.74
CA PRO B 1066 26.88 61.90 -13.03
C PRO B 1066 27.82 61.28 -14.02
N ALA B 1067 28.61 62.12 -14.68
CA ALA B 1067 29.58 61.65 -15.66
C ALA B 1067 30.66 62.72 -15.84
N GLN B 1068 31.78 62.30 -16.43
CA GLN B 1068 32.91 63.18 -16.74
C GLN B 1068 33.47 63.84 -15.47
N GLU B 1069 33.98 63.01 -14.58
CA GLU B 1069 34.55 63.50 -13.34
C GLU B 1069 35.96 64.04 -13.56
N LYS B 1070 36.47 64.72 -12.55
CA LYS B 1070 37.76 65.40 -12.63
C LYS B 1070 38.36 65.49 -11.24
N ASN B 1071 39.65 65.16 -11.12
CA ASN B 1071 40.32 65.11 -9.84
C ASN B 1071 40.71 66.51 -9.36
N PHE B 1072 40.74 66.69 -8.05
CA PHE B 1072 41.08 67.98 -7.46
C PHE B 1072 41.83 67.77 -6.16
N THR B 1073 42.34 68.87 -5.61
CA THR B 1073 43.00 68.88 -4.31
C THR B 1073 42.11 69.63 -3.31
N THR B 1074 41.86 69.01 -2.16
CA THR B 1074 40.88 69.52 -1.22
C THR B 1074 41.49 69.71 0.16
N ALA B 1075 40.83 70.53 0.96
CA ALA B 1075 41.21 70.80 2.34
C ALA B 1075 39.96 70.83 3.20
N PRO B 1076 40.06 70.44 4.48
CA PRO B 1076 38.86 70.43 5.32
C PRO B 1076 38.45 71.81 5.80
N ALA B 1077 39.38 72.74 5.96
CA ALA B 1077 39.06 74.06 6.48
C ALA B 1077 40.10 75.07 6.01
N ILE B 1078 39.77 76.34 6.17
CA ILE B 1078 40.63 77.45 5.78
C ILE B 1078 40.90 78.30 7.02
N CYS B 1079 42.17 78.46 7.38
CA CYS B 1079 42.54 79.33 8.48
C CYS B 1079 42.85 80.72 7.95
N HIS B 1080 42.00 81.69 8.26
CA HIS B 1080 42.22 83.09 7.90
C HIS B 1080 42.04 83.93 9.15
N ASP B 1081 43.02 84.77 9.45
CA ASP B 1081 43.02 85.60 10.66
C ASP B 1081 42.95 84.74 11.92
N GLY B 1082 43.56 83.56 11.86
CA GLY B 1082 43.59 82.69 13.01
C GLY B 1082 42.28 82.04 13.37
N LYS B 1083 41.32 82.00 12.44
CA LYS B 1083 40.04 81.37 12.65
C LYS B 1083 39.77 80.38 11.52
N ALA B 1084 39.21 79.23 11.87
CA ALA B 1084 38.96 78.16 10.91
C ALA B 1084 37.61 78.39 10.25
N HIS B 1085 37.59 78.38 8.93
CA HIS B 1085 36.36 78.55 8.17
C HIS B 1085 35.97 77.22 7.52
N PHE B 1086 34.72 76.81 7.72
CA PHE B 1086 34.23 75.58 7.15
C PHE B 1086 33.20 75.89 6.07
N PRO B 1087 33.07 75.05 5.04
CA PRO B 1087 32.07 75.31 4.01
C PRO B 1087 30.67 75.22 4.56
N ARG B 1088 29.80 76.13 4.12
CA ARG B 1088 28.42 76.09 4.58
C ARG B 1088 27.66 74.93 3.97
N GLU B 1089 27.78 74.75 2.65
CA GLU B 1089 27.08 73.66 1.98
C GLU B 1089 27.97 72.90 1.02
N GLY B 1090 29.03 73.53 0.54
CA GLY B 1090 29.87 72.97 -0.50
C GLY B 1090 31.10 72.26 0.03
N VAL B 1091 32.13 72.23 -0.80
CA VAL B 1091 33.40 71.59 -0.48
C VAL B 1091 34.51 72.44 -1.09
N PHE B 1092 35.64 72.53 -0.38
CA PHE B 1092 36.77 73.32 -0.85
C PHE B 1092 37.58 72.52 -1.87
N VAL B 1093 37.94 73.17 -2.98
CA VAL B 1093 38.74 72.55 -4.03
C VAL B 1093 39.80 73.54 -4.48
N SER B 1094 40.71 73.07 -5.33
CA SER B 1094 41.78 73.91 -5.83
C SER B 1094 42.28 73.34 -7.15
N ASN B 1095 42.41 74.21 -8.16
CA ASN B 1095 42.93 73.75 -9.45
C ASN B 1095 44.46 73.71 -9.49
N GLY B 1096 45.12 74.16 -8.44
CA GLY B 1096 46.58 74.14 -8.40
C GLY B 1096 47.18 75.39 -7.82
N THR B 1097 46.50 76.52 -7.99
CA THR B 1097 46.98 77.80 -7.48
C THR B 1097 45.97 78.55 -6.63
N HIS B 1098 44.67 78.39 -6.88
CA HIS B 1098 43.65 79.14 -6.17
C HIS B 1098 42.62 78.18 -5.60
N TRP B 1099 41.88 78.64 -4.59
CA TRP B 1099 40.90 77.83 -3.89
C TRP B 1099 39.50 78.33 -4.16
N PHE B 1100 38.58 77.40 -4.38
CA PHE B 1100 37.19 77.71 -4.61
C PHE B 1100 36.33 76.83 -3.71
N VAL B 1101 35.03 77.09 -3.72
CA VAL B 1101 34.06 76.25 -3.02
C VAL B 1101 32.94 75.91 -4.00
N THR B 1102 32.61 74.63 -4.09
CA THR B 1102 31.64 74.14 -5.06
C THR B 1102 30.75 73.10 -4.38
N GLN B 1103 29.54 72.91 -4.92
CA GLN B 1103 28.70 71.88 -4.33
C GLN B 1103 29.18 70.50 -4.76
N ARG B 1104 28.75 69.49 -4.01
CA ARG B 1104 29.36 68.17 -4.12
C ARG B 1104 29.09 67.51 -5.47
N ASN B 1105 27.87 67.64 -5.98
CA ASN B 1105 27.44 66.83 -7.11
C ASN B 1105 27.62 67.51 -8.47
N PHE B 1106 28.23 68.69 -8.53
CA PHE B 1106 28.42 69.38 -9.80
C PHE B 1106 29.53 70.40 -9.63
N TYR B 1107 30.38 70.52 -10.63
CA TYR B 1107 31.50 71.45 -10.56
C TYR B 1107 31.01 72.85 -10.92
N GLU B 1108 31.01 73.74 -9.94
CA GLU B 1108 30.62 75.13 -10.15
C GLU B 1108 31.41 76.00 -9.18
N PRO B 1109 32.65 76.35 -9.54
CA PRO B 1109 33.53 77.01 -8.58
C PRO B 1109 33.03 78.41 -8.21
N GLN B 1110 33.28 78.80 -6.97
CA GLN B 1110 32.89 80.10 -6.46
C GLN B 1110 34.03 80.66 -5.61
N ILE B 1111 34.10 81.98 -5.53
CA ILE B 1111 35.08 82.62 -4.66
C ILE B 1111 34.68 82.37 -3.20
N ILE B 1112 35.67 82.13 -2.35
CA ILE B 1112 35.41 81.89 -0.94
C ILE B 1112 35.18 83.23 -0.26
N THR B 1113 33.97 83.46 0.21
CA THR B 1113 33.63 84.68 0.93
C THR B 1113 33.05 84.32 2.31
N THR B 1114 32.59 85.33 3.03
CA THR B 1114 32.08 85.13 4.37
C THR B 1114 30.58 84.86 4.42
N ASP B 1115 29.92 84.77 3.27
CA ASP B 1115 28.51 84.40 3.25
C ASP B 1115 28.28 82.92 3.00
N ASN B 1116 29.26 82.22 2.45
CA ASN B 1116 29.17 80.79 2.19
C ASN B 1116 30.11 79.96 3.07
N THR B 1117 30.73 80.56 4.09
CA THR B 1117 31.54 79.84 5.06
C THR B 1117 31.17 80.30 6.46
N PHE B 1118 31.31 79.40 7.43
CA PHE B 1118 31.08 79.74 8.83
C PHE B 1118 32.29 79.37 9.66
N VAL B 1119 32.49 80.12 10.75
CA VAL B 1119 33.69 80.06 11.56
C VAL B 1119 33.42 79.25 12.82
N SER B 1120 34.42 78.47 13.25
CA SER B 1120 34.31 77.69 14.48
C SER B 1120 35.71 77.43 15.02
N GLY B 1121 36.10 78.19 16.04
CA GLY B 1121 37.37 77.97 16.71
C GLY B 1121 38.56 78.48 15.91
N ASN B 1122 39.74 78.20 16.45
CA ASN B 1122 40.99 78.56 15.78
C ASN B 1122 41.49 77.37 14.97
N CYS B 1123 42.64 77.57 14.31
CA CYS B 1123 43.16 76.58 13.35
C CYS B 1123 44.30 75.77 13.94
N ASP B 1124 44.20 75.39 15.22
CA ASP B 1124 45.22 74.57 15.86
C ASP B 1124 44.76 73.15 16.15
N VAL B 1125 43.46 72.88 16.10
CA VAL B 1125 42.94 71.57 16.48
C VAL B 1125 42.57 70.76 15.23
N VAL B 1126 42.38 71.45 14.10
CA VAL B 1126 42.04 70.76 12.87
C VAL B 1126 43.31 70.23 12.21
N ILE B 1127 43.23 69.02 11.68
CA ILE B 1127 44.35 68.35 11.03
C ILE B 1127 44.14 68.42 9.53
N GLY B 1128 45.05 69.11 8.84
CA GLY B 1128 44.94 69.28 7.40
C GLY B 1128 44.47 70.65 6.95
N ILE B 1129 44.33 71.61 7.86
CA ILE B 1129 43.90 72.94 7.48
C ILE B 1129 45.00 73.63 6.67
N VAL B 1130 44.57 74.54 5.78
CA VAL B 1130 45.52 75.26 4.94
C VAL B 1130 45.31 76.76 5.10
N ASN B 1131 46.20 77.55 4.52
CA ASN B 1131 46.17 79.00 4.63
C ASN B 1131 45.57 79.59 3.37
N ASN B 1132 44.71 80.59 3.53
CA ASN B 1132 44.15 81.32 2.41
C ASN B 1132 43.47 82.57 2.94
N THR B 1133 43.03 83.41 2.01
CA THR B 1133 42.27 84.61 2.33
C THR B 1133 40.80 84.39 2.03
N VAL B 1134 39.95 85.01 2.83
CA VAL B 1134 38.50 84.90 2.68
C VAL B 1134 37.97 86.29 2.39
N TYR B 1135 37.55 86.51 1.15
CA TYR B 1135 37.10 87.82 0.71
C TYR B 1135 35.86 88.25 1.48
N ASP B 1136 35.82 89.53 1.85
CA ASP B 1136 34.69 90.10 2.56
C ASP B 1136 33.93 91.03 1.64
N PRO B 1137 32.64 90.79 1.39
CA PRO B 1137 31.92 91.62 0.42
C PRO B 1137 31.62 93.03 0.92
N LEU B 1138 31.61 93.24 2.23
CA LEU B 1138 31.25 94.54 2.79
C LEU B 1138 32.39 95.55 2.74
N GLN B 1139 33.63 95.11 2.63
CA GLN B 1139 34.77 96.03 2.67
C GLN B 1139 34.78 97.01 1.51
N PRO B 1140 34.61 96.62 0.25
CA PRO B 1140 34.55 97.62 -0.82
C PRO B 1140 33.43 98.63 -0.66
N GLU B 1141 32.26 98.20 -0.16
CA GLU B 1141 31.18 99.15 0.10
C GLU B 1141 31.57 100.12 1.21
N LEU B 1142 32.23 99.62 2.25
CA LEU B 1142 32.72 100.49 3.30
C LEU B 1142 33.78 101.46 2.80
N ASP B 1143 34.52 101.08 1.75
CA ASP B 1143 35.53 101.97 1.20
C ASP B 1143 34.91 103.26 0.65
N SER B 1144 33.77 103.15 -0.02
CA SER B 1144 33.08 104.31 -0.55
C SER B 1144 32.34 105.08 0.54
N CYS C 15 -74.69 -2.99 3.98
CA CYS C 15 -74.28 -2.08 2.91
C CYS C 15 -75.46 -1.24 2.42
N VAL C 16 -75.39 0.07 2.64
CA VAL C 16 -76.44 1.00 2.22
C VAL C 16 -75.87 1.90 1.14
N ASN C 17 -76.53 1.90 -0.01
CA ASN C 17 -76.11 2.78 -1.10
C ASN C 17 -76.42 4.23 -0.76
N LEU C 18 -75.49 5.13 -1.09
CA LEU C 18 -75.67 6.55 -0.81
C LEU C 18 -75.50 7.33 -2.10
N THR C 19 -76.41 8.29 -2.32
CA THR C 19 -76.38 9.09 -3.54
C THR C 19 -76.57 10.58 -3.24
N THR C 20 -76.92 10.95 -2.00
CA THR C 20 -77.20 12.33 -1.65
C THR C 20 -75.98 13.24 -1.76
N ARG C 21 -74.78 12.68 -1.88
CA ARG C 21 -73.60 13.51 -2.07
C ARG C 21 -73.70 14.30 -3.37
N THR C 22 -73.22 15.54 -3.34
CA THR C 22 -73.25 16.40 -4.51
C THR C 22 -71.98 16.20 -5.33
N GLN C 23 -72.15 15.87 -6.61
CA GLN C 23 -71.02 15.64 -7.49
C GLN C 23 -70.35 16.97 -7.82
N LEU C 24 -69.03 17.04 -7.65
CA LEU C 24 -68.27 18.25 -7.88
C LEU C 24 -66.80 17.87 -7.96
N PRO C 25 -66.06 18.35 -8.96
CA PRO C 25 -64.61 18.13 -8.99
C PRO C 25 -63.95 18.71 -7.76
N PRO C 26 -63.00 18.00 -7.17
CA PRO C 26 -62.35 18.51 -5.96
C PRO C 26 -61.53 19.76 -6.24
N ALA C 27 -61.63 20.71 -5.32
CA ALA C 27 -60.89 21.96 -5.44
C ALA C 27 -59.41 21.73 -5.09
N TYR C 28 -58.61 22.75 -5.34
CA TYR C 28 -57.18 22.71 -5.04
C TYR C 28 -56.80 23.95 -4.26
N THR C 29 -55.87 23.79 -3.31
CA THR C 29 -55.38 24.90 -2.51
C THR C 29 -53.90 24.70 -2.23
N ASN C 30 -53.26 25.75 -1.74
CA ASN C 30 -51.82 25.75 -1.51
C ASN C 30 -51.49 25.12 -0.17
N SER C 31 -50.52 24.20 -0.18
CA SER C 31 -50.13 23.52 1.05
C SER C 31 -49.43 24.45 2.03
N PHE C 32 -48.87 25.55 1.56
CA PHE C 32 -48.18 26.54 2.39
C PHE C 32 -47.02 25.85 3.10
N THR C 33 -46.84 26.02 4.41
CA THR C 33 -45.70 25.49 5.14
C THR C 33 -46.13 24.44 6.15
N ARG C 34 -47.03 23.54 5.75
CA ARG C 34 -47.54 22.50 6.61
C ARG C 34 -46.83 21.17 6.31
N GLY C 35 -46.74 20.33 7.34
CA GLY C 35 -46.26 18.98 7.15
C GLY C 35 -44.79 18.78 7.41
N VAL C 36 -44.30 19.27 8.55
CA VAL C 36 -42.93 19.06 8.97
C VAL C 36 -42.94 18.25 10.26
N TYR C 37 -42.27 17.10 10.26
CA TYR C 37 -42.28 16.18 11.37
C TYR C 37 -40.86 15.90 11.82
N TYR C 38 -40.71 15.43 13.05
CA TYR C 38 -39.40 15.08 13.57
C TYR C 38 -38.88 13.84 12.87
N PRO C 39 -37.75 13.92 12.16
CA PRO C 39 -37.32 12.77 11.34
C PRO C 39 -36.63 11.66 12.12
N ASP C 40 -36.22 11.90 13.36
CA ASP C 40 -35.55 10.89 14.14
C ASP C 40 -35.90 11.09 15.61
N LYS C 41 -35.75 10.01 16.39
CA LYS C 41 -36.11 10.02 17.79
C LYS C 41 -35.13 10.82 18.64
N VAL C 42 -33.97 11.18 18.09
CA VAL C 42 -32.91 11.85 18.82
C VAL C 42 -33.33 13.27 19.17
N PHE C 43 -32.75 13.83 20.23
CA PHE C 43 -33.04 15.18 20.70
C PHE C 43 -31.86 16.09 20.40
N ARG C 44 -32.14 17.24 19.81
CA ARG C 44 -31.13 18.25 19.52
C ARG C 44 -31.64 19.61 19.97
N SER C 45 -30.72 20.49 20.37
CA SER C 45 -31.09 21.79 20.90
C SER C 45 -30.20 22.88 20.32
N SER C 46 -30.83 23.99 19.90
CA SER C 46 -30.13 25.19 19.44
C SER C 46 -29.19 24.88 18.28
N VAL C 47 -29.59 23.96 17.41
CA VAL C 47 -28.77 23.52 16.29
C VAL C 47 -29.63 23.54 15.03
N LEU C 48 -29.10 24.12 13.96
CA LEU C 48 -29.74 24.06 12.65
C LEU C 48 -29.28 22.78 11.96
N HIS C 49 -30.19 21.82 11.84
CA HIS C 49 -29.88 20.51 11.30
C HIS C 49 -30.49 20.38 9.91
N SER C 50 -29.68 19.94 8.95
CA SER C 50 -30.13 19.70 7.59
C SER C 50 -30.19 18.20 7.34
N THR C 51 -31.35 17.73 6.86
CA THR C 51 -31.55 16.30 6.68
C THR C 51 -32.33 16.06 5.39
N GLN C 52 -32.18 14.84 4.86
CA GLN C 52 -32.90 14.42 3.67
C GLN C 52 -33.80 13.25 4.02
N ASP C 53 -35.11 13.49 3.96
CA ASP C 53 -36.13 12.48 4.24
C ASP C 53 -37.29 12.72 3.28
N LEU C 54 -38.42 12.08 3.58
CA LEU C 54 -39.64 12.26 2.81
C LEU C 54 -40.46 13.36 3.45
N PHE C 55 -40.60 14.49 2.75
CA PHE C 55 -41.27 15.67 3.28
C PHE C 55 -42.31 16.14 2.28
N LEU C 56 -43.25 16.95 2.77
CA LEU C 56 -44.23 17.58 1.91
C LEU C 56 -43.66 18.87 1.35
N PRO C 57 -43.50 18.99 0.03
CA PRO C 57 -42.91 20.21 -0.53
C PRO C 57 -43.74 21.44 -0.21
N PHE C 58 -43.04 22.55 0.03
CA PHE C 58 -43.72 23.81 0.34
C PHE C 58 -44.50 24.31 -0.86
N PHE C 59 -45.63 24.95 -0.57
CA PHE C 59 -46.45 25.62 -1.60
C PHE C 59 -46.84 24.66 -2.72
N SER C 60 -47.23 23.45 -2.36
CA SER C 60 -47.67 22.47 -3.35
C SER C 60 -49.19 22.51 -3.49
N ASN C 61 -49.72 21.59 -4.29
CA ASN C 61 -51.15 21.48 -4.53
C ASN C 61 -51.70 20.31 -3.75
N VAL C 62 -52.73 20.56 -2.93
CA VAL C 62 -53.38 19.53 -2.15
C VAL C 62 -54.86 19.52 -2.49
N THR C 63 -55.45 18.32 -2.44
CA THR C 63 -56.84 18.12 -2.82
C THR C 63 -57.76 18.70 -1.75
N TRP C 64 -58.95 19.13 -2.17
CA TRP C 64 -59.94 19.73 -1.28
C TRP C 64 -61.25 18.97 -1.40
N PHE C 65 -61.84 18.62 -0.26
CA PHE C 65 -63.13 17.96 -0.20
C PHE C 65 -64.05 18.73 0.74
N HIS C 66 -65.35 18.60 0.52
CA HIS C 66 -66.35 19.24 1.36
C HIS C 66 -67.36 18.23 1.89
N VAL C 67 -67.76 18.43 3.14
CA VAL C 67 -68.76 17.59 3.80
C VAL C 67 -69.75 18.52 4.50
N ILE C 68 -71.03 18.38 4.16
CA ILE C 68 -72.08 19.16 4.79
C ILE C 68 -73.43 18.48 4.59
N LYS C 75 -75.40 19.67 1.26
CA LYS C 75 -75.51 18.22 1.30
C LYS C 75 -74.33 17.59 0.54
N ARG C 76 -73.17 17.57 1.21
CA ARG C 76 -71.93 17.09 0.62
C ARG C 76 -71.41 15.89 1.40
N PHE C 77 -71.00 14.85 0.66
CA PHE C 77 -70.44 13.64 1.26
C PHE C 77 -69.32 13.16 0.34
N ASP C 78 -68.09 13.56 0.65
CA ASP C 78 -66.94 13.26 -0.19
C ASP C 78 -66.23 12.03 0.36
N ASN C 79 -66.41 10.89 -0.29
CA ASN C 79 -65.62 9.68 -0.03
C ASN C 79 -65.17 9.04 -1.34
N PRO C 80 -64.22 9.67 -2.06
CA PRO C 80 -63.61 8.96 -3.19
C PRO C 80 -62.64 7.88 -2.75
N VAL C 81 -61.96 7.28 -3.73
CA VAL C 81 -60.88 6.34 -3.51
C VAL C 81 -59.60 6.95 -4.06
N LEU C 82 -58.56 7.04 -3.23
CA LEU C 82 -57.36 7.76 -3.61
C LEU C 82 -56.13 6.87 -3.51
N PRO C 83 -55.13 7.08 -4.36
CA PRO C 83 -53.92 6.26 -4.30
C PRO C 83 -53.06 6.61 -3.10
N PHE C 84 -52.03 5.78 -2.88
CA PHE C 84 -51.12 5.97 -1.75
C PHE C 84 -49.75 6.47 -2.19
N ASN C 85 -49.16 5.86 -3.22
CA ASN C 85 -47.81 6.18 -3.69
C ASN C 85 -46.85 5.89 -2.54
N ASP C 86 -45.98 6.83 -2.14
CA ASP C 86 -45.01 6.59 -1.08
C ASP C 86 -45.53 6.99 0.30
N GLY C 87 -45.97 8.23 0.45
CA GLY C 87 -46.52 8.69 1.72
C GLY C 87 -47.59 9.73 1.46
N VAL C 88 -48.45 9.90 2.44
CA VAL C 88 -49.57 10.83 2.34
C VAL C 88 -49.66 11.64 3.61
N TYR C 89 -49.81 12.96 3.46
CA TYR C 89 -50.09 13.87 4.56
C TYR C 89 -51.58 14.13 4.57
N PHE C 90 -52.25 13.77 5.66
CA PHE C 90 -53.70 13.85 5.76
C PHE C 90 -54.07 14.88 6.81
N ALA C 91 -55.04 15.73 6.49
CA ALA C 91 -55.53 16.75 7.41
C ALA C 91 -57.04 16.75 7.44
N SER C 92 -57.60 17.47 8.41
CA SER C 92 -59.05 17.65 8.48
C SER C 92 -59.36 18.83 9.38
N ILE C 93 -59.95 19.87 8.81
CA ILE C 93 -60.53 20.96 9.59
C ILE C 93 -61.94 20.53 9.98
N GLU C 94 -62.16 20.34 11.29
CA GLU C 94 -63.30 19.59 11.76
C GLU C 94 -63.91 20.27 12.98
N LYS C 95 -65.22 20.07 13.16
CA LYS C 95 -65.93 20.45 14.38
C LYS C 95 -66.98 19.39 14.67
N SER C 96 -67.08 19.01 15.94
CA SER C 96 -67.95 17.94 16.45
C SER C 96 -67.51 16.56 16.01
N ASN C 97 -66.38 16.43 15.31
CA ASN C 97 -65.70 15.15 15.08
C ASN C 97 -66.58 14.17 14.30
N ILE C 98 -66.92 14.59 13.07
CA ILE C 98 -67.62 13.68 12.16
C ILE C 98 -66.69 12.58 11.66
N ILE C 99 -65.47 12.94 11.29
CA ILE C 99 -64.51 11.95 10.80
C ILE C 99 -64.21 10.94 11.89
N ARG C 100 -64.02 9.68 11.50
CA ARG C 100 -63.94 8.63 12.51
C ARG C 100 -62.70 7.76 12.37
N GLY C 101 -62.28 7.45 11.14
CA GLY C 101 -61.17 6.55 10.99
C GLY C 101 -60.74 6.43 9.54
N TRP C 102 -59.81 5.50 9.30
CA TRP C 102 -59.21 5.30 8.00
C TRP C 102 -59.24 3.82 7.63
N ILE C 103 -59.31 3.56 6.33
CA ILE C 103 -59.29 2.21 5.79
C ILE C 103 -58.09 2.08 4.87
N PHE C 104 -57.33 1.00 5.05
CA PHE C 104 -56.15 0.77 4.24
C PHE C 104 -56.28 -0.55 3.50
N GLY C 105 -55.51 -0.69 2.43
CA GLY C 105 -55.55 -1.89 1.61
C GLY C 105 -55.14 -1.55 0.19
N THR C 106 -55.41 -2.50 -0.72
CA THR C 106 -55.17 -2.31 -2.14
C THR C 106 -56.46 -2.32 -2.93
N THR C 107 -57.25 -3.39 -2.83
CA THR C 107 -58.50 -3.51 -3.57
C THR C 107 -59.74 -3.31 -2.70
N LEU C 108 -59.57 -3.13 -1.39
CA LEU C 108 -60.67 -2.82 -0.47
C LEU C 108 -61.76 -3.88 -0.50
N ASP C 109 -61.36 -5.15 -0.59
CA ASP C 109 -62.29 -6.26 -0.57
C ASP C 109 -61.60 -7.47 0.04
N SER C 110 -62.21 -8.63 -0.10
CA SER C 110 -61.68 -9.87 0.44
C SER C 110 -60.65 -10.54 -0.46
N LYS C 111 -60.36 -9.96 -1.62
CA LYS C 111 -59.33 -10.52 -2.49
C LYS C 111 -57.95 -10.25 -1.92
N THR C 112 -57.70 -9.04 -1.45
CA THR C 112 -56.40 -8.64 -0.92
C THR C 112 -56.57 -8.09 0.49
N GLN C 113 -55.55 -8.29 1.32
CA GLN C 113 -55.63 -7.95 2.73
C GLN C 113 -55.80 -6.45 2.92
N SER C 114 -56.40 -6.08 4.06
CA SER C 114 -56.68 -4.68 4.35
C SER C 114 -56.24 -4.31 5.78
N LEU C 115 -56.40 -3.05 6.14
CA LEU C 115 -56.07 -2.58 7.48
C LEU C 115 -57.10 -1.54 7.90
N LEU C 116 -57.50 -1.57 9.16
CA LEU C 116 -58.50 -0.66 9.69
C LEU C 116 -57.96 0.05 10.92
N ILE C 117 -58.21 1.36 10.98
CA ILE C 117 -57.96 2.17 12.17
C ILE C 117 -59.19 3.03 12.39
N VAL C 118 -59.83 2.86 13.55
CA VAL C 118 -61.04 3.61 13.88
C VAL C 118 -60.87 4.20 15.27
N ASN C 119 -61.57 5.30 15.52
CA ASN C 119 -61.47 6.06 16.76
C ASN C 119 -62.87 6.33 17.29
N ASN C 120 -63.42 5.37 18.04
CA ASN C 120 -64.73 5.56 18.65
C ASN C 120 -64.59 6.39 19.93
N ALA C 121 -65.70 6.61 20.62
CA ALA C 121 -65.67 7.43 21.83
C ALA C 121 -64.89 6.79 22.96
N THR C 122 -64.56 5.51 22.87
CA THR C 122 -63.85 4.80 23.92
C THR C 122 -62.34 4.78 23.70
N ASN C 123 -61.88 4.31 22.55
CA ASN C 123 -60.46 4.13 22.29
C ASN C 123 -60.24 4.09 20.79
N VAL C 124 -59.06 3.63 20.38
CA VAL C 124 -58.75 3.40 18.97
C VAL C 124 -58.60 1.90 18.76
N VAL C 125 -59.17 1.41 17.66
CA VAL C 125 -59.12 0.00 17.31
C VAL C 125 -58.34 -0.16 16.02
N ILE C 126 -57.26 -0.92 16.06
CA ILE C 126 -56.40 -1.14 14.90
C ILE C 126 -56.48 -2.62 14.53
N LYS C 127 -56.96 -2.89 13.32
CA LYS C 127 -57.20 -4.25 12.88
C LYS C 127 -56.63 -4.44 11.47
N VAL C 128 -56.17 -5.66 11.20
CA VAL C 128 -55.67 -6.05 9.89
C VAL C 128 -56.40 -7.34 9.53
N CYS C 129 -57.50 -7.22 8.79
CA CYS C 129 -58.34 -8.38 8.51
C CYS C 129 -58.79 -8.34 7.06
N GLU C 130 -59.19 -9.51 6.56
CA GLU C 130 -59.66 -9.66 5.18
C GLU C 130 -61.13 -9.24 5.10
N PHE C 131 -61.34 -7.93 5.21
CA PHE C 131 -62.68 -7.37 5.20
C PHE C 131 -63.27 -7.42 3.80
N GLN C 132 -64.59 -7.29 3.72
CA GLN C 132 -65.32 -7.10 2.47
C GLN C 132 -66.10 -5.80 2.61
N PHE C 133 -65.45 -4.69 2.25
CA PHE C 133 -66.00 -3.37 2.50
C PHE C 133 -67.19 -3.09 1.59
N CYS C 134 -68.15 -2.33 2.10
CA CYS C 134 -69.30 -1.94 1.31
C CYS C 134 -68.90 -0.88 0.29
N ASN C 135 -69.85 -0.57 -0.60
CA ASN C 135 -69.60 0.45 -1.62
C ASN C 135 -69.39 1.82 -0.99
N ASP C 136 -70.19 2.18 0.00
CA ASP C 136 -70.08 3.46 0.71
C ASP C 136 -70.21 3.23 2.20
N PRO C 137 -69.19 2.67 2.84
CA PRO C 137 -69.24 2.50 4.30
C PRO C 137 -69.27 3.85 5.00
N PHE C 138 -69.96 3.89 6.13
CA PHE C 138 -70.10 5.12 6.90
C PHE C 138 -70.51 4.76 8.33
N LEU C 139 -70.87 5.77 9.11
CA LEU C 139 -71.30 5.58 10.49
C LEU C 139 -72.49 6.49 10.76
N ASP C 140 -73.33 6.08 11.72
CA ASP C 140 -74.47 6.88 12.13
C ASP C 140 -74.56 6.97 13.65
N MET C 148 -74.42 10.22 19.63
CA MET C 148 -74.40 8.78 19.91
C MET C 148 -74.39 8.02 18.59
N GLU C 149 -73.41 7.14 18.43
CA GLU C 149 -73.24 6.34 17.22
C GLU C 149 -73.42 4.87 17.59
N SER C 150 -74.35 4.20 16.91
CA SER C 150 -74.58 2.77 17.14
C SER C 150 -74.83 2.01 15.85
N GLU C 151 -74.77 2.68 14.70
CA GLU C 151 -75.01 2.04 13.40
C GLU C 151 -73.65 1.83 12.73
N PHE C 152 -73.17 0.59 12.76
CA PHE C 152 -71.86 0.24 12.21
C PHE C 152 -72.07 -0.37 10.83
N ARG C 153 -71.59 0.32 9.80
CA ARG C 153 -71.66 -0.16 8.41
C ARG C 153 -70.32 0.14 7.77
N VAL C 154 -69.40 -0.82 7.86
CA VAL C 154 -68.05 -0.64 7.32
C VAL C 154 -67.73 -1.77 6.36
N TYR C 155 -67.85 -3.01 6.83
CA TYR C 155 -67.58 -4.19 6.03
C TYR C 155 -68.66 -5.23 6.29
N SER C 156 -68.57 -6.34 5.56
CA SER C 156 -69.53 -7.42 5.69
C SER C 156 -68.94 -8.73 6.21
N SER C 157 -67.65 -8.98 5.95
CA SER C 157 -67.03 -10.23 6.36
C SER C 157 -65.68 -9.94 7.00
N ALA C 158 -65.27 -10.84 7.89
CA ALA C 158 -63.97 -10.73 8.56
C ALA C 158 -63.54 -12.15 8.94
N ASN C 159 -62.68 -12.74 8.12
CA ASN C 159 -62.27 -14.14 8.31
C ASN C 159 -60.80 -14.29 8.63
N ASN C 160 -59.90 -13.68 7.85
CA ASN C 160 -58.47 -13.80 8.06
C ASN C 160 -57.96 -12.49 8.65
N CYS C 161 -57.59 -12.54 9.94
CA CYS C 161 -57.09 -11.38 10.65
C CYS C 161 -55.61 -11.55 10.95
N THR C 162 -54.84 -10.47 10.81
CA THR C 162 -53.40 -10.51 10.98
C THR C 162 -52.94 -9.85 12.28
N PHE C 163 -53.31 -8.60 12.52
CA PHE C 163 -52.80 -7.85 13.65
C PHE C 163 -53.92 -7.12 14.37
N GLU C 164 -53.79 -7.00 15.68
CA GLU C 164 -54.76 -6.32 16.53
C GLU C 164 -54.02 -5.45 17.54
N TYR C 165 -54.57 -4.26 17.80
CA TYR C 165 -53.97 -3.34 18.74
C TYR C 165 -55.03 -2.36 19.24
N VAL C 166 -54.88 -1.93 20.49
CA VAL C 166 -55.79 -1.00 21.13
C VAL C 166 -54.98 0.03 21.90
N SER C 167 -55.33 1.30 21.76
CA SER C 167 -54.67 2.38 22.50
C SER C 167 -55.69 3.46 22.82
N GLN C 168 -55.21 4.56 23.38
CA GLN C 168 -56.09 5.66 23.76
C GLN C 168 -56.62 6.37 22.51
N PRO C 169 -57.78 7.00 22.59
CA PRO C 169 -58.33 7.70 21.43
C PRO C 169 -57.41 8.83 20.96
N PHE C 170 -57.34 9.00 19.63
CA PHE C 170 -56.51 10.05 19.07
C PHE C 170 -57.07 11.43 19.37
N LEU C 171 -58.36 11.63 19.13
CA LEU C 171 -58.97 12.94 19.26
C LEU C 171 -59.50 13.16 20.67
N ASN C 180 -68.08 28.56 14.43
CA ASN C 180 -66.66 28.85 14.25
C ASN C 180 -65.82 27.60 14.41
N PHE C 181 -64.94 27.36 13.44
CA PHE C 181 -64.02 26.24 13.52
C PHE C 181 -63.12 26.37 14.75
N LYS C 182 -62.89 25.26 15.44
CA LYS C 182 -62.10 25.29 16.67
C LYS C 182 -60.96 24.28 16.72
N ASN C 183 -61.10 23.11 16.10
CA ASN C 183 -60.09 22.07 16.18
C ASN C 183 -59.65 21.63 14.79
N LEU C 184 -58.36 21.35 14.65
CA LEU C 184 -57.78 20.92 13.37
C LEU C 184 -56.81 19.78 13.65
N ARG C 185 -56.81 18.78 12.78
CA ARG C 185 -55.97 17.60 12.93
C ARG C 185 -55.08 17.43 11.71
N GLU C 186 -53.85 16.99 11.93
CA GLU C 186 -52.87 16.75 10.88
C GLU C 186 -52.26 15.38 11.09
N PHE C 187 -52.14 14.60 10.03
CA PHE C 187 -51.62 13.23 10.12
C PHE C 187 -50.70 12.94 8.96
N VAL C 188 -49.61 12.22 9.22
CA VAL C 188 -48.71 11.75 8.19
C VAL C 188 -48.49 10.26 8.39
N PHE C 189 -48.79 9.47 7.36
CA PHE C 189 -48.65 8.03 7.40
C PHE C 189 -47.49 7.64 6.50
N LYS C 190 -46.50 6.94 7.06
CA LYS C 190 -45.32 6.55 6.32
C LYS C 190 -45.12 5.05 6.44
N ASN C 191 -45.42 4.32 5.36
CA ASN C 191 -45.23 2.88 5.28
C ASN C 191 -43.93 2.63 4.54
N ILE C 192 -42.83 2.53 5.29
CA ILE C 192 -41.51 2.35 4.72
C ILE C 192 -40.82 1.18 5.42
N ASP C 193 -40.22 0.29 4.65
CA ASP C 193 -39.46 -0.84 5.16
C ASP C 193 -40.33 -1.76 6.03
N GLY C 194 -41.59 -1.90 5.65
CA GLY C 194 -42.49 -2.75 6.41
C GLY C 194 -42.88 -2.21 7.77
N TYR C 195 -42.64 -0.93 8.02
CA TYR C 195 -43.07 -0.28 9.25
C TYR C 195 -44.04 0.84 8.89
N PHE C 196 -45.10 0.97 9.67
CA PHE C 196 -46.14 1.96 9.43
C PHE C 196 -46.10 2.95 10.60
N LYS C 197 -45.55 4.14 10.36
CA LYS C 197 -45.38 5.15 11.38
C LYS C 197 -46.43 6.25 11.19
N ILE C 198 -46.98 6.74 12.29
CA ILE C 198 -48.02 7.77 12.27
C ILE C 198 -47.48 8.99 12.99
N TYR C 199 -47.55 10.13 12.33
CA TYR C 199 -47.17 11.42 12.92
C TYR C 199 -48.44 12.25 13.05
N SER C 200 -48.73 12.72 14.25
CA SER C 200 -50.00 13.38 14.52
C SER C 200 -49.79 14.67 15.29
N LYS C 201 -50.75 15.58 15.14
CA LYS C 201 -50.73 16.84 15.88
C LYS C 201 -52.14 17.43 15.85
N HIS C 202 -52.64 17.78 17.03
CA HIS C 202 -53.92 18.44 17.18
C HIS C 202 -53.69 19.92 17.44
N THR C 203 -54.50 20.76 16.79
CA THR C 203 -54.30 22.19 16.92
C THR C 203 -55.63 22.91 17.15
N PRO C 204 -55.81 23.55 18.31
CA PRO C 204 -57.04 24.32 18.54
C PRO C 204 -57.02 25.62 17.76
N ILE C 205 -58.04 25.81 16.92
CA ILE C 205 -58.16 27.03 16.13
C ILE C 205 -59.50 27.71 16.40
N ASP C 212 -59.88 27.46 4.60
CA ASP C 212 -58.66 26.95 4.00
C ASP C 212 -57.61 26.67 5.07
N LEU C 213 -56.45 26.19 4.65
CA LEU C 213 -55.39 25.88 5.59
C LEU C 213 -54.88 27.17 6.25
N PRO C 214 -54.63 27.15 7.55
CA PRO C 214 -54.10 28.35 8.22
C PRO C 214 -52.64 28.59 7.84
N GLN C 215 -52.23 29.85 7.93
CA GLN C 215 -50.88 30.26 7.58
C GLN C 215 -50.02 30.26 8.84
N GLY C 216 -48.97 29.45 8.84
CA GLY C 216 -48.09 29.39 9.99
C GLY C 216 -47.20 28.17 9.91
N PHE C 217 -46.59 27.83 11.05
CA PHE C 217 -45.77 26.65 11.16
C PHE C 217 -46.16 25.85 12.39
N SER C 218 -46.09 24.53 12.28
CA SER C 218 -46.41 23.65 13.40
C SER C 218 -45.68 22.33 13.21
N ALA C 219 -44.95 21.91 14.24
CA ALA C 219 -44.25 20.64 14.20
C ALA C 219 -45.23 19.48 14.23
N LEU C 220 -44.72 18.28 13.96
CA LEU C 220 -45.54 17.07 13.89
C LEU C 220 -44.85 15.97 14.68
N GLU C 221 -45.31 15.75 15.92
CA GLU C 221 -44.66 14.80 16.81
C GLU C 221 -44.95 13.36 16.40
N PRO C 222 -44.00 12.45 16.62
CA PRO C 222 -44.22 11.04 16.24
C PRO C 222 -45.11 10.33 17.26
N LEU C 223 -46.12 9.61 16.77
CA LEU C 223 -47.13 9.03 17.64
C LEU C 223 -46.89 7.56 17.95
N VAL C 224 -46.90 6.70 16.93
CA VAL C 224 -46.82 5.26 17.14
C VAL C 224 -46.13 4.62 15.94
N ASP C 225 -45.70 3.38 16.12
CA ASP C 225 -45.12 2.57 15.05
C ASP C 225 -45.73 1.17 15.09
N LEU C 226 -46.00 0.63 13.90
CA LEU C 226 -46.58 -0.70 13.78
C LEU C 226 -45.84 -1.48 12.69
N PRO C 227 -45.39 -2.70 13.00
CA PRO C 227 -44.74 -3.55 11.99
C PRO C 227 -45.73 -4.39 11.19
N ILE C 228 -46.45 -3.73 10.28
CA ILE C 228 -47.49 -4.38 9.49
C ILE C 228 -46.84 -5.05 8.27
N GLY C 229 -46.19 -4.25 7.42
CA GLY C 229 -45.50 -4.78 6.27
C GLY C 229 -46.38 -5.44 5.23
N ILE C 230 -47.50 -4.80 4.88
CA ILE C 230 -48.42 -5.33 3.89
C ILE C 230 -48.48 -4.38 2.70
N ASN C 231 -49.09 -4.87 1.62
CA ASN C 231 -49.27 -4.05 0.43
C ASN C 231 -50.36 -3.01 0.67
N ILE C 232 -50.01 -1.74 0.46
CA ILE C 232 -50.97 -0.65 0.55
C ILE C 232 -50.81 0.22 -0.68
N THR C 233 -51.91 0.48 -1.38
CA THR C 233 -51.90 1.37 -2.54
C THR C 233 -53.04 2.39 -2.54
N ARG C 234 -54.13 2.15 -1.81
CA ARG C 234 -55.25 3.07 -1.76
C ARG C 234 -55.82 3.07 -0.34
N PHE C 235 -56.59 4.10 -0.02
CA PHE C 235 -57.15 4.22 1.32
C PHE C 235 -58.45 5.01 1.29
N GLN C 236 -59.23 4.86 2.37
CA GLN C 236 -60.53 5.51 2.49
C GLN C 236 -60.61 6.25 3.82
N THR C 237 -61.64 7.10 3.93
CA THR C 237 -61.95 7.81 5.16
C THR C 237 -63.36 7.45 5.60
N LEU C 238 -63.55 7.36 6.91
CA LEU C 238 -64.81 6.95 7.51
C LEU C 238 -65.52 8.16 8.12
N LEU C 239 -66.79 8.32 7.78
CA LEU C 239 -67.58 9.46 8.23
C LEU C 239 -68.72 8.98 9.10
N ALA C 240 -69.01 9.76 10.15
CA ALA C 240 -70.08 9.45 11.09
C ALA C 240 -71.22 10.44 10.87
N LEU C 241 -72.20 10.04 10.06
CA LEU C 241 -73.32 10.90 9.73
C LEU C 241 -74.28 11.01 10.91
N HIS C 242 -74.83 12.20 11.10
CA HIS C 242 -75.82 12.45 12.15
C HIS C 242 -77.21 12.37 11.55
N ARG C 243 -78.08 11.59 12.19
CA ARG C 243 -79.44 11.37 11.71
C ARG C 243 -80.41 12.21 12.52
N SER C 244 -81.30 12.93 11.83
CA SER C 244 -82.29 13.77 12.49
C SER C 244 -83.70 13.28 12.19
N GLY C 254 -83.68 12.77 7.45
CA GLY C 254 -82.72 11.74 7.12
C GLY C 254 -81.43 11.84 7.92
N TRP C 255 -80.31 12.01 7.23
CA TRP C 255 -79.01 12.14 7.85
C TRP C 255 -78.38 13.46 7.44
N THR C 256 -77.79 14.15 8.41
CA THR C 256 -77.21 15.46 8.20
C THR C 256 -75.73 15.44 8.58
N ALA C 257 -74.91 16.06 7.74
CA ALA C 257 -73.47 16.15 7.97
C ALA C 257 -73.11 17.58 8.35
N GLY C 258 -72.32 17.72 9.41
CA GLY C 258 -71.89 19.04 9.84
C GLY C 258 -70.88 19.66 8.89
N ALA C 259 -70.66 20.95 9.07
CA ALA C 259 -69.71 21.70 8.23
C ALA C 259 -68.30 21.21 8.53
N ALA C 260 -67.69 20.54 7.56
CA ALA C 260 -66.35 19.99 7.74
C ALA C 260 -65.70 19.78 6.38
N ALA C 261 -64.38 19.65 6.39
CA ALA C 261 -63.60 19.43 5.19
C ALA C 261 -62.32 18.71 5.57
N TYR C 262 -61.71 18.05 4.58
CA TYR C 262 -60.44 17.38 4.83
C TYR C 262 -59.58 17.45 3.57
N TYR C 263 -58.26 17.43 3.78
CA TYR C 263 -57.30 17.69 2.72
C TYR C 263 -56.37 16.49 2.59
N VAL C 264 -55.77 16.34 1.42
CA VAL C 264 -54.82 15.26 1.15
C VAL C 264 -53.63 15.82 0.40
N GLY C 265 -52.43 15.44 0.84
CA GLY C 265 -51.21 15.82 0.15
C GLY C 265 -50.30 14.62 0.02
N TYR C 266 -49.32 14.74 -0.87
CA TYR C 266 -48.39 13.66 -1.17
C TYR C 266 -46.96 14.07 -0.84
N LEU C 267 -46.18 13.10 -0.41
CA LEU C 267 -44.79 13.33 0.00
C LEU C 267 -43.83 13.05 -1.14
N GLN C 268 -42.67 13.71 -1.09
CA GLN C 268 -41.60 13.53 -2.05
C GLN C 268 -40.27 13.55 -1.30
N PRO C 269 -39.23 12.94 -1.88
CA PRO C 269 -37.91 12.98 -1.22
C PRO C 269 -37.18 14.27 -1.56
N ARG C 270 -36.82 15.02 -0.52
CA ARG C 270 -36.13 16.30 -0.69
C ARG C 270 -35.42 16.63 0.61
N THR C 271 -34.68 17.73 0.60
CA THR C 271 -33.83 18.13 1.72
C THR C 271 -34.39 19.40 2.36
N PHE C 272 -34.52 19.38 3.68
CA PHE C 272 -34.97 20.53 4.45
C PHE C 272 -33.86 20.98 5.38
N LEU C 273 -33.98 22.23 5.85
CA LEU C 273 -33.09 22.77 6.86
C LEU C 273 -33.93 23.08 8.10
N LEU C 274 -33.69 22.35 9.18
CA LEU C 274 -34.54 22.36 10.35
C LEU C 274 -33.90 23.20 11.44
N LYS C 275 -34.67 24.12 12.01
CA LYS C 275 -34.21 25.00 13.08
C LYS C 275 -34.79 24.54 14.40
N TYR C 276 -33.97 23.90 15.22
CA TYR C 276 -34.37 23.53 16.57
C TYR C 276 -34.16 24.71 17.51
N ASN C 277 -35.07 24.86 18.47
CA ASN C 277 -34.91 25.89 19.49
C ASN C 277 -34.10 25.32 20.65
N GLU C 278 -34.07 26.07 21.76
CA GLU C 278 -33.33 25.61 22.93
C GLU C 278 -34.00 24.44 23.62
N ASN C 279 -35.30 24.23 23.39
CA ASN C 279 -36.04 23.15 24.02
C ASN C 279 -36.20 21.92 23.14
N GLY C 280 -35.60 21.91 21.96
CA GLY C 280 -35.70 20.77 21.09
C GLY C 280 -36.95 20.72 20.22
N THR C 281 -37.69 21.82 20.12
CA THR C 281 -38.90 21.87 19.32
C THR C 281 -38.64 22.69 18.06
N ILE C 282 -39.01 22.13 16.91
CA ILE C 282 -38.79 22.81 15.64
C ILE C 282 -39.67 24.05 15.58
N THR C 283 -39.07 25.19 15.24
CA THR C 283 -39.81 26.44 15.14
C THR C 283 -39.85 27.00 13.73
N ASP C 284 -38.88 26.67 12.88
CA ASP C 284 -38.87 27.10 11.49
C ASP C 284 -38.14 26.05 10.66
N ALA C 285 -38.45 26.04 9.37
CA ALA C 285 -37.79 25.16 8.43
C ALA C 285 -37.70 25.85 7.07
N VAL C 286 -36.71 25.44 6.28
CA VAL C 286 -36.46 26.04 4.99
C VAL C 286 -36.26 24.93 3.97
N ASP C 287 -37.09 24.93 2.92
CA ASP C 287 -36.91 23.98 1.83
C ASP C 287 -35.70 24.37 1.02
N CYS C 288 -34.98 23.38 0.50
CA CYS C 288 -33.73 23.63 -0.21
C CYS C 288 -33.85 23.45 -1.72
N ALA C 289 -35.08 23.38 -2.25
CA ALA C 289 -35.25 23.26 -3.70
C ALA C 289 -36.44 24.07 -4.20
N LEU C 290 -36.80 25.16 -3.52
CA LEU C 290 -37.99 25.91 -3.89
C LEU C 290 -37.66 27.06 -4.85
N ASP C 291 -36.73 27.92 -4.45
CA ASP C 291 -36.35 29.08 -5.23
C ASP C 291 -34.89 29.41 -4.90
N PRO C 292 -34.24 30.24 -5.73
CA PRO C 292 -32.80 30.47 -5.54
C PRO C 292 -32.42 30.95 -4.15
N LEU C 293 -33.25 31.79 -3.54
CA LEU C 293 -32.94 32.28 -2.19
C LEU C 293 -32.91 31.14 -1.19
N SER C 294 -33.83 30.19 -1.33
CA SER C 294 -33.84 29.03 -0.43
C SER C 294 -32.58 28.19 -0.60
N GLU C 295 -32.13 28.00 -1.85
CA GLU C 295 -30.89 27.27 -2.07
C GLU C 295 -29.70 28.00 -1.46
N THR C 296 -29.69 29.33 -1.56
CA THR C 296 -28.62 30.11 -0.95
C THR C 296 -28.62 29.94 0.57
N LYS C 297 -29.81 29.99 1.19
CA LYS C 297 -29.91 29.79 2.62
C LYS C 297 -29.43 28.39 3.01
N CYS C 298 -29.79 27.38 2.21
CA CYS C 298 -29.37 26.02 2.49
C CYS C 298 -27.86 25.88 2.39
N THR C 299 -27.25 26.52 1.39
CA THR C 299 -25.81 26.42 1.22
C THR C 299 -25.06 27.14 2.34
N LEU C 300 -25.54 28.33 2.73
CA LEU C 300 -24.89 29.06 3.81
C LEU C 300 -25.15 28.46 5.18
N LYS C 301 -26.08 27.50 5.29
CA LYS C 301 -26.48 26.94 6.58
C LYS C 301 -26.90 28.03 7.55
N SER C 302 -27.68 29.00 7.06
CA SER C 302 -28.12 30.11 7.88
C SER C 302 -29.47 30.59 7.39
N PHE C 303 -30.19 31.28 8.27
CA PHE C 303 -31.52 31.79 7.96
C PHE C 303 -31.50 33.23 7.48
N THR C 304 -30.37 33.92 7.56
CA THR C 304 -30.24 35.28 7.06
C THR C 304 -29.05 35.34 6.12
N VAL C 305 -29.28 35.93 4.94
CA VAL C 305 -28.27 35.99 3.89
C VAL C 305 -27.80 37.43 3.78
N GLU C 306 -26.51 37.66 4.01
CA GLU C 306 -25.94 38.99 3.90
C GLU C 306 -25.79 39.36 2.42
N LYS C 307 -25.79 40.66 2.16
CA LYS C 307 -25.72 41.15 0.79
C LYS C 307 -24.44 40.69 0.11
N GLY C 308 -24.57 40.23 -1.13
CA GLY C 308 -23.42 39.82 -1.90
C GLY C 308 -23.79 38.85 -2.98
N ILE C 309 -22.76 38.21 -3.54
CA ILE C 309 -22.90 37.19 -4.58
C ILE C 309 -22.46 35.85 -4.00
N TYR C 310 -23.26 34.81 -4.24
CA TYR C 310 -22.99 33.50 -3.68
C TYR C 310 -23.10 32.45 -4.78
N GLN C 311 -22.18 31.48 -4.77
CA GLN C 311 -22.18 30.39 -5.74
C GLN C 311 -23.03 29.26 -5.21
N THR C 312 -24.19 29.03 -5.83
CA THR C 312 -25.16 28.10 -5.28
C THR C 312 -24.87 26.65 -5.66
N SER C 313 -24.92 26.33 -6.95
CA SER C 313 -24.91 24.94 -7.39
C SER C 313 -24.46 24.90 -8.85
N ASN C 314 -24.71 23.76 -9.50
CA ASN C 314 -24.47 23.59 -10.91
C ASN C 314 -25.75 23.07 -11.57
N PHE C 315 -25.95 23.43 -12.83
CA PHE C 315 -27.12 23.01 -13.57
C PHE C 315 -26.71 22.09 -14.72
N ARG C 316 -27.44 20.99 -14.89
CA ARG C 316 -27.16 20.00 -15.91
C ARG C 316 -28.45 19.62 -16.63
N VAL C 317 -28.31 19.19 -17.88
CA VAL C 317 -29.45 18.76 -18.69
C VAL C 317 -29.51 17.25 -18.62
N GLN C 318 -30.59 16.72 -18.04
CA GLN C 318 -30.71 15.29 -17.86
C GLN C 318 -30.99 14.60 -19.21
N PRO C 319 -30.52 13.37 -19.39
CA PRO C 319 -30.82 12.64 -20.61
C PRO C 319 -32.28 12.22 -20.67
N THR C 320 -32.76 12.03 -21.90
CA THR C 320 -34.15 11.70 -22.16
C THR C 320 -34.35 10.22 -22.51
N GLU C 321 -33.64 9.72 -23.51
CA GLU C 321 -33.82 8.37 -24.01
C GLU C 321 -32.62 7.50 -23.68
N SER C 322 -32.79 6.20 -23.88
CA SER C 322 -31.72 5.22 -23.72
C SER C 322 -31.59 4.45 -25.02
N ILE C 323 -30.37 4.35 -25.54
CA ILE C 323 -30.11 3.76 -26.84
C ILE C 323 -28.97 2.75 -26.71
N VAL C 324 -29.11 1.62 -27.39
CA VAL C 324 -28.11 0.56 -27.39
C VAL C 324 -27.87 0.12 -28.82
N ARG C 325 -26.61 -0.17 -29.15
CA ARG C 325 -26.24 -0.65 -30.48
C ARG C 325 -25.24 -1.78 -30.33
N PHE C 326 -25.43 -2.85 -31.09
CA PHE C 326 -24.61 -4.04 -31.03
C PHE C 326 -24.40 -4.56 -32.45
N PRO C 327 -23.37 -5.39 -32.67
CA PRO C 327 -23.12 -5.89 -34.01
C PRO C 327 -24.25 -6.76 -34.52
N ASN C 328 -24.41 -6.77 -35.85
CA ASN C 328 -25.52 -7.45 -36.51
C ASN C 328 -25.25 -8.93 -36.79
N ILE C 329 -24.33 -9.56 -36.06
CA ILE C 329 -24.08 -10.98 -36.26
C ILE C 329 -25.09 -11.80 -35.45
N THR C 330 -25.38 -13.01 -35.95
CA THR C 330 -26.27 -13.94 -35.25
C THR C 330 -25.81 -15.36 -35.54
N ASN C 331 -24.97 -15.89 -34.65
CA ASN C 331 -24.43 -17.24 -34.79
C ASN C 331 -24.11 -17.75 -33.39
N LEU C 332 -24.79 -18.82 -32.97
CA LEU C 332 -24.50 -19.40 -31.67
C LEU C 332 -23.06 -19.92 -31.64
N CYS C 333 -22.35 -19.58 -30.56
CA CYS C 333 -20.97 -20.00 -30.45
C CYS C 333 -20.88 -21.51 -30.19
N PRO C 334 -19.84 -22.16 -30.69
CA PRO C 334 -19.73 -23.63 -30.54
C PRO C 334 -19.22 -24.03 -29.16
N PHE C 335 -20.04 -23.78 -28.14
CA PHE C 335 -19.68 -24.20 -26.79
C PHE C 335 -20.07 -25.65 -26.52
N ASP C 336 -21.14 -26.13 -27.16
CA ASP C 336 -21.58 -27.50 -26.93
C ASP C 336 -20.52 -28.51 -27.35
N GLU C 337 -19.86 -28.27 -28.47
CA GLU C 337 -18.86 -29.19 -28.98
C GLU C 337 -17.56 -29.12 -28.18
N VAL C 338 -17.44 -28.20 -27.24
CA VAL C 338 -16.27 -28.12 -26.36
C VAL C 338 -16.54 -28.77 -25.02
N PHE C 339 -17.68 -28.45 -24.39
CA PHE C 339 -17.99 -29.01 -23.08
C PHE C 339 -18.46 -30.45 -23.17
N ASN C 340 -19.16 -30.81 -24.25
CA ASN C 340 -19.71 -32.14 -24.41
C ASN C 340 -18.83 -33.05 -25.26
N ALA C 341 -17.53 -32.77 -25.35
CA ALA C 341 -16.63 -33.65 -26.07
C ALA C 341 -16.51 -34.99 -25.33
N THR C 342 -16.30 -36.06 -26.10
CA THR C 342 -16.25 -37.39 -25.52
C THR C 342 -14.94 -37.65 -24.78
N ARG C 343 -13.83 -37.08 -25.25
CA ARG C 343 -12.52 -37.37 -24.70
C ARG C 343 -11.70 -36.08 -24.63
N PHE C 344 -11.57 -35.52 -23.43
CA PHE C 344 -10.69 -34.39 -23.23
C PHE C 344 -9.23 -34.81 -23.27
N ALA C 345 -8.36 -33.85 -23.57
CA ALA C 345 -6.94 -34.13 -23.68
C ALA C 345 -6.31 -34.24 -22.30
N SER C 346 -5.10 -34.79 -22.28
CA SER C 346 -4.33 -34.88 -21.04
C SER C 346 -3.89 -33.48 -20.61
N VAL C 347 -3.53 -33.36 -19.33
CA VAL C 347 -3.19 -32.05 -18.78
C VAL C 347 -1.91 -31.52 -19.40
N TYR C 348 -0.93 -32.38 -19.66
CA TYR C 348 0.34 -31.89 -20.19
C TYR C 348 0.20 -31.46 -21.64
N ALA C 349 -0.53 -32.22 -22.45
CA ALA C 349 -0.84 -31.83 -23.83
C ALA C 349 -2.25 -31.27 -23.91
N TRP C 350 -2.47 -30.14 -23.24
CA TRP C 350 -3.81 -29.56 -23.17
C TRP C 350 -4.22 -28.98 -24.52
N ASN C 351 -5.51 -29.07 -24.81
CA ASN C 351 -6.05 -28.62 -26.08
C ASN C 351 -6.35 -27.11 -26.03
N ARG C 352 -6.52 -26.53 -27.22
CA ARG C 352 -6.85 -25.12 -27.35
C ARG C 352 -7.85 -24.93 -28.49
N LYS C 353 -8.84 -24.07 -28.27
CA LYS C 353 -9.85 -23.77 -29.27
C LYS C 353 -10.05 -22.26 -29.33
N ARG C 354 -10.21 -21.73 -30.53
CA ARG C 354 -10.39 -20.30 -30.74
C ARG C 354 -11.83 -20.01 -31.12
N ILE C 355 -12.45 -19.06 -30.45
CA ILE C 355 -13.84 -18.69 -30.65
C ILE C 355 -13.90 -17.26 -31.17
N SER C 356 -14.57 -17.06 -32.30
CA SER C 356 -14.74 -15.73 -32.85
C SER C 356 -15.90 -15.73 -33.83
N ASN C 357 -16.43 -14.53 -34.08
CA ASN C 357 -17.51 -14.32 -35.05
C ASN C 357 -18.75 -15.14 -34.71
N CYS C 358 -19.18 -15.04 -33.45
CA CYS C 358 -20.39 -15.71 -33.01
C CYS C 358 -20.94 -15.02 -31.78
N VAL C 359 -22.26 -15.05 -31.63
CA VAL C 359 -22.90 -14.54 -30.42
C VAL C 359 -22.85 -15.62 -29.35
N ALA C 360 -22.40 -15.25 -28.15
CA ALA C 360 -22.13 -16.20 -27.08
C ALA C 360 -23.19 -16.05 -25.99
N ASP C 361 -23.94 -17.11 -25.75
CA ASP C 361 -24.90 -17.16 -24.66
C ASP C 361 -24.35 -18.05 -23.56
N TYR C 362 -24.25 -17.51 -22.35
CA TYR C 362 -23.70 -18.23 -21.22
C TYR C 362 -24.77 -18.82 -20.31
N SER C 363 -26.04 -18.71 -20.69
CA SER C 363 -27.10 -19.32 -19.89
C SER C 363 -27.11 -20.84 -20.04
N VAL C 364 -26.68 -21.36 -21.18
CA VAL C 364 -26.72 -22.80 -21.41
C VAL C 364 -25.71 -23.51 -20.53
N LEU C 365 -24.73 -22.78 -20.00
CA LEU C 365 -23.63 -23.42 -19.27
C LEU C 365 -24.03 -23.83 -17.85
N TYR C 366 -25.23 -23.46 -17.40
CA TYR C 366 -25.70 -23.85 -16.07
C TYR C 366 -26.32 -25.24 -16.06
N ASN C 367 -26.38 -25.92 -17.20
CA ASN C 367 -26.97 -27.24 -17.30
C ASN C 367 -25.96 -28.36 -17.08
N LEU C 368 -24.80 -28.05 -16.51
CA LEU C 368 -23.78 -29.03 -16.22
C LEU C 368 -24.10 -29.74 -14.89
N ALA C 369 -23.11 -30.48 -14.37
CA ALA C 369 -23.24 -31.18 -13.11
C ALA C 369 -23.63 -30.20 -12.02
N PRO C 370 -24.43 -30.63 -11.03
CA PRO C 370 -25.07 -29.66 -10.12
C PRO C 370 -24.11 -28.82 -9.31
N PHE C 371 -22.85 -29.23 -9.16
CA PHE C 371 -21.90 -28.53 -8.29
C PHE C 371 -20.64 -28.11 -9.05
N PHE C 372 -20.81 -27.55 -10.24
CA PHE C 372 -19.65 -27.13 -11.02
C PHE C 372 -19.12 -25.81 -10.48
N THR C 373 -17.79 -25.74 -10.32
CA THR C 373 -17.14 -24.52 -9.87
C THR C 373 -17.06 -23.54 -11.04
N PHE C 374 -17.62 -22.34 -10.85
CA PHE C 374 -17.73 -21.36 -11.93
C PHE C 374 -17.14 -20.03 -11.49
N LYS C 375 -15.93 -20.08 -10.94
CA LYS C 375 -15.26 -18.91 -10.41
C LYS C 375 -14.49 -18.17 -11.49
N CYS C 376 -14.59 -16.84 -11.47
CA CYS C 376 -14.07 -15.97 -12.51
C CYS C 376 -13.06 -14.98 -11.95
N TYR C 377 -12.21 -14.46 -12.84
CA TYR C 377 -11.23 -13.44 -12.50
C TYR C 377 -11.45 -12.22 -13.38
N GLY C 378 -11.59 -11.05 -12.75
CA GLY C 378 -11.67 -9.80 -13.47
C GLY C 378 -13.03 -9.46 -14.03
N VAL C 379 -13.96 -10.41 -14.03
CA VAL C 379 -15.30 -10.19 -14.55
C VAL C 379 -16.28 -10.90 -13.63
N SER C 380 -17.37 -10.23 -13.29
CA SER C 380 -18.40 -10.86 -12.47
C SER C 380 -19.13 -11.92 -13.27
N PRO C 381 -19.29 -13.14 -12.76
CA PRO C 381 -19.90 -14.21 -13.55
C PRO C 381 -21.37 -13.99 -13.85
N THR C 382 -22.06 -13.13 -13.10
CA THR C 382 -23.51 -12.99 -13.25
C THR C 382 -23.88 -12.36 -14.59
N LYS C 383 -23.03 -11.47 -15.10
CA LYS C 383 -23.41 -10.66 -16.26
C LYS C 383 -22.38 -10.72 -17.39
N LEU C 384 -21.97 -11.94 -17.76
CA LEU C 384 -21.13 -12.16 -18.93
C LEU C 384 -21.89 -11.96 -20.24
N ASN C 385 -23.21 -11.82 -20.20
CA ASN C 385 -24.01 -11.72 -21.42
C ASN C 385 -24.17 -10.29 -21.92
N ASP C 386 -23.50 -9.32 -21.31
CA ASP C 386 -23.66 -7.93 -21.65
C ASP C 386 -22.43 -7.38 -22.38
N LEU C 387 -21.25 -7.53 -21.77
CA LEU C 387 -20.03 -7.00 -22.35
C LEU C 387 -19.55 -7.87 -23.52
N CYS C 388 -18.77 -7.25 -24.39
CA CYS C 388 -18.21 -7.90 -25.58
C CYS C 388 -16.72 -8.15 -25.39
N PHE C 389 -16.23 -9.20 -26.05
CA PHE C 389 -14.85 -9.62 -25.94
C PHE C 389 -14.18 -9.60 -27.31
N THR C 390 -12.86 -9.41 -27.30
CA THR C 390 -12.11 -9.36 -28.56
C THR C 390 -11.92 -10.75 -29.14
N ASN C 391 -11.25 -11.64 -28.40
CA ASN C 391 -11.06 -13.02 -28.83
C ASN C 391 -11.09 -13.91 -27.60
N VAL C 392 -11.65 -15.11 -27.77
CA VAL C 392 -11.87 -16.03 -26.67
C VAL C 392 -11.14 -17.33 -26.96
N TYR C 393 -10.38 -17.80 -25.97
CA TYR C 393 -9.66 -19.07 -26.05
C TYR C 393 -10.23 -20.02 -25.01
N ALA C 394 -10.45 -21.27 -25.41
CA ALA C 394 -10.98 -22.30 -24.51
C ALA C 394 -9.96 -23.42 -24.41
N ASP C 395 -9.51 -23.69 -23.18
CA ASP C 395 -8.54 -24.74 -22.91
C ASP C 395 -9.21 -25.80 -22.04
N SER C 396 -9.10 -27.06 -22.46
CA SER C 396 -9.78 -28.15 -21.78
C SER C 396 -8.80 -29.28 -21.50
N PHE C 397 -8.90 -29.86 -20.31
CA PHE C 397 -8.11 -31.01 -19.92
C PHE C 397 -8.78 -31.68 -18.73
N VAL C 398 -8.12 -32.70 -18.19
CA VAL C 398 -8.64 -33.45 -17.05
C VAL C 398 -7.54 -33.57 -16.01
N ILE C 399 -7.85 -33.18 -14.77
CA ILE C 399 -6.91 -33.19 -13.67
C ILE C 399 -7.53 -33.91 -12.48
N ARG C 400 -6.73 -34.08 -11.44
CA ARG C 400 -7.16 -34.76 -10.23
C ARG C 400 -8.09 -33.87 -9.40
N GLY C 401 -8.75 -34.48 -8.42
CA GLY C 401 -9.72 -33.73 -7.64
C GLY C 401 -9.09 -32.64 -6.80
N ASP C 402 -7.99 -32.93 -6.13
CA ASP C 402 -7.40 -31.94 -5.22
C ASP C 402 -6.54 -30.93 -5.96
N GLU C 403 -6.24 -31.18 -7.23
CA GLU C 403 -5.41 -30.26 -8.01
C GLU C 403 -6.23 -29.16 -8.67
N VAL C 404 -7.55 -29.15 -8.50
CA VAL C 404 -8.39 -28.14 -9.15
C VAL C 404 -8.10 -26.76 -8.59
N ARG C 405 -7.59 -26.67 -7.36
CA ARG C 405 -7.22 -25.38 -6.79
C ARG C 405 -5.89 -24.87 -7.31
N GLN C 406 -5.08 -25.73 -7.92
CA GLN C 406 -3.82 -25.29 -8.51
C GLN C 406 -4.00 -24.50 -9.79
N ILE C 407 -5.20 -24.53 -10.40
CA ILE C 407 -5.47 -23.77 -11.61
C ILE C 407 -5.96 -22.40 -11.17
N ALA C 408 -5.02 -21.51 -10.89
CA ALA C 408 -5.30 -20.15 -10.45
C ALA C 408 -4.04 -19.31 -10.59
N PRO C 409 -4.15 -18.01 -10.87
CA PRO C 409 -2.95 -17.18 -11.01
C PRO C 409 -2.15 -17.13 -9.72
N GLY C 410 -0.83 -17.21 -9.86
CA GLY C 410 0.06 -17.11 -8.73
C GLY C 410 0.20 -18.36 -7.89
N GLN C 411 -0.45 -19.46 -8.26
CA GLN C 411 -0.34 -20.68 -7.48
C GLN C 411 0.97 -21.41 -7.79
N THR C 412 1.32 -22.34 -6.91
CA THR C 412 2.54 -23.10 -7.04
C THR C 412 2.24 -24.57 -6.76
N GLY C 413 2.89 -25.43 -7.52
CA GLY C 413 2.69 -26.86 -7.38
C GLY C 413 3.19 -27.57 -8.63
N ASN C 414 2.93 -28.87 -8.68
CA ASN C 414 3.35 -29.67 -9.83
C ASN C 414 2.61 -29.26 -11.09
N ILE C 415 1.27 -29.16 -10.99
CA ILE C 415 0.46 -28.85 -12.18
C ILE C 415 0.71 -27.42 -12.64
N ALA C 416 0.77 -26.48 -11.69
CA ALA C 416 0.91 -25.08 -12.05
C ALA C 416 2.29 -24.75 -12.59
N ASP C 417 3.26 -25.66 -12.49
CA ASP C 417 4.63 -25.39 -12.91
C ASP C 417 5.06 -26.23 -14.09
N TYR C 418 4.72 -27.51 -14.12
CA TYR C 418 5.22 -28.41 -15.15
C TYR C 418 4.17 -28.80 -16.19
N ASN C 419 2.93 -28.41 -16.01
CA ASN C 419 1.90 -28.84 -16.95
C ASN C 419 1.08 -27.71 -17.54
N TYR C 420 0.76 -26.69 -16.73
CA TYR C 420 -0.11 -25.61 -17.19
C TYR C 420 0.09 -24.41 -16.29
N LYS C 421 0.49 -23.28 -16.88
CA LYS C 421 0.77 -22.06 -16.13
C LYS C 421 -0.19 -20.96 -16.57
N LEU C 422 -0.86 -20.35 -15.61
CA LEU C 422 -1.75 -19.20 -15.82
C LEU C 422 -1.01 -17.91 -15.53
N PRO C 423 -1.20 -16.88 -16.36
CA PRO C 423 -0.51 -15.62 -16.13
C PRO C 423 -1.04 -14.92 -14.89
N ASP C 424 -0.18 -14.08 -14.30
CA ASP C 424 -0.57 -13.37 -13.08
C ASP C 424 -1.73 -12.41 -13.35
N ASP C 425 -1.69 -11.69 -14.45
CA ASP C 425 -2.76 -10.76 -14.82
C ASP C 425 -3.85 -11.44 -15.65
N PHE C 426 -4.35 -12.57 -15.14
CA PHE C 426 -5.32 -13.37 -15.88
C PHE C 426 -6.71 -12.76 -15.76
N THR C 427 -7.46 -12.83 -16.85
CA THR C 427 -8.86 -12.47 -16.88
C THR C 427 -9.65 -13.58 -17.55
N GLY C 428 -10.85 -13.83 -17.06
CA GLY C 428 -11.70 -14.86 -17.62
C GLY C 428 -12.30 -15.69 -16.51
N CYS C 429 -12.76 -16.89 -16.88
CA CYS C 429 -13.42 -17.81 -15.98
C CYS C 429 -12.86 -19.22 -16.15
N VAL C 430 -12.98 -20.02 -15.09
CA VAL C 430 -12.64 -21.43 -15.13
C VAL C 430 -13.86 -22.22 -14.68
N ILE C 431 -14.13 -23.33 -15.36
CA ILE C 431 -15.26 -24.19 -15.06
C ILE C 431 -14.73 -25.60 -14.83
N ALA C 432 -15.01 -26.17 -13.67
CA ALA C 432 -14.58 -27.51 -13.34
C ALA C 432 -15.73 -28.26 -12.69
N TRP C 433 -16.07 -29.43 -13.23
CA TRP C 433 -17.14 -30.25 -12.69
C TRP C 433 -16.67 -31.70 -12.64
N ASN C 434 -17.15 -32.42 -11.63
CA ASN C 434 -16.76 -33.82 -11.46
C ASN C 434 -17.28 -34.65 -12.63
N SER C 435 -16.44 -35.53 -13.13
CA SER C 435 -16.78 -36.40 -14.26
C SER C 435 -16.33 -37.82 -13.98
N ASN C 436 -16.65 -38.31 -12.78
CA ASN C 436 -16.28 -39.67 -12.40
C ASN C 436 -17.02 -40.73 -13.20
N LYS C 437 -18.12 -40.37 -13.85
CA LYS C 437 -18.94 -41.33 -14.58
C LYS C 437 -18.49 -41.56 -16.01
N LEU C 438 -17.55 -40.76 -16.51
CA LEU C 438 -17.13 -40.85 -17.90
C LEU C 438 -15.64 -41.08 -18.08
N ASP C 439 -14.83 -40.91 -17.04
CA ASP C 439 -13.39 -41.06 -17.14
C ASP C 439 -12.87 -42.01 -16.07
N SER C 440 -13.59 -43.09 -15.81
CA SER C 440 -13.21 -44.04 -14.78
C SER C 440 -13.37 -45.47 -15.28
N LYS C 441 -12.35 -46.28 -15.06
CA LYS C 441 -12.38 -47.70 -15.38
C LYS C 441 -12.14 -48.49 -14.10
N VAL C 442 -12.83 -49.61 -13.96
CA VAL C 442 -12.58 -50.50 -12.82
C VAL C 442 -11.16 -51.06 -12.92
N SER C 443 -10.75 -51.47 -14.12
CA SER C 443 -9.37 -51.94 -14.30
C SER C 443 -8.39 -50.79 -14.12
N GLY C 444 -8.75 -49.59 -14.56
CA GLY C 444 -7.89 -48.43 -14.40
C GLY C 444 -7.65 -47.69 -15.70
N ASN C 445 -7.99 -46.41 -15.73
CA ASN C 445 -7.81 -45.60 -16.92
C ASN C 445 -6.39 -45.04 -16.95
N TYR C 446 -5.64 -45.37 -17.99
CA TYR C 446 -4.25 -44.99 -18.10
C TYR C 446 -3.98 -43.99 -19.21
N ASN C 447 -4.99 -43.58 -19.96
CA ASN C 447 -4.79 -42.64 -21.05
C ASN C 447 -4.54 -41.22 -20.58
N TYR C 448 -4.75 -40.92 -19.30
CA TYR C 448 -4.59 -39.59 -18.76
C TYR C 448 -3.25 -39.52 -18.04
N LEU C 449 -2.33 -38.73 -18.57
CA LEU C 449 -0.98 -38.61 -18.04
C LEU C 449 -0.76 -37.21 -17.46
N TYR C 450 0.39 -37.03 -16.83
CA TYR C 450 0.78 -35.74 -16.29
C TYR C 450 2.28 -35.73 -16.08
N ARG C 451 2.90 -34.59 -16.34
CA ARG C 451 4.35 -34.46 -16.20
C ARG C 451 4.73 -34.28 -14.74
N LEU C 452 5.81 -34.93 -14.33
CA LEU C 452 6.28 -34.87 -12.95
C LEU C 452 7.63 -34.20 -12.81
N PHE C 453 8.57 -34.43 -13.73
CA PHE C 453 9.92 -33.88 -13.63
C PHE C 453 10.19 -32.98 -14.82
N ARG C 454 10.73 -31.79 -14.55
CA ARG C 454 11.12 -30.88 -15.61
C ARG C 454 12.30 -30.04 -15.14
N LYS C 455 13.11 -29.59 -16.10
CA LYS C 455 14.29 -28.80 -15.77
C LYS C 455 13.91 -27.48 -15.10
N SER C 456 12.90 -26.79 -15.63
CA SER C 456 12.56 -25.46 -15.14
C SER C 456 11.06 -25.24 -15.29
N ASN C 457 10.57 -24.23 -14.59
CA ASN C 457 9.15 -23.93 -14.57
C ASN C 457 8.69 -23.43 -15.95
N LEU C 458 7.41 -23.65 -16.23
CA LEU C 458 6.82 -23.23 -17.49
C LEU C 458 6.41 -21.77 -17.43
N LYS C 459 6.72 -21.02 -18.48
CA LYS C 459 6.20 -19.68 -18.62
C LYS C 459 4.71 -19.74 -18.95
N PRO C 460 3.96 -18.67 -18.66
CA PRO C 460 2.50 -18.74 -18.80
C PRO C 460 2.07 -19.12 -20.21
N PHE C 461 1.06 -19.98 -20.28
CA PHE C 461 0.48 -20.45 -21.55
C PHE C 461 1.56 -21.06 -22.45
N GLU C 462 2.19 -22.12 -21.96
CA GLU C 462 3.20 -22.85 -22.71
C GLU C 462 2.89 -24.33 -22.65
N ARG C 463 3.18 -25.02 -23.76
CA ARG C 463 2.96 -26.46 -23.88
C ARG C 463 4.30 -27.17 -24.02
N ASP C 464 4.43 -28.30 -23.33
CA ASP C 464 5.68 -29.07 -23.36
C ASP C 464 5.30 -30.55 -23.40
N ILE C 465 5.37 -31.14 -24.58
CA ILE C 465 4.99 -32.53 -24.78
C ILE C 465 6.20 -33.43 -25.02
N SER C 466 7.39 -32.96 -24.68
CA SER C 466 8.60 -33.76 -24.85
C SER C 466 8.57 -34.95 -23.91
N THR C 467 9.13 -36.07 -24.38
CA THR C 467 9.15 -37.32 -23.61
C THR C 467 10.56 -37.79 -23.31
N GLU C 468 11.54 -36.88 -23.34
CA GLU C 468 12.92 -37.25 -23.09
C GLU C 468 13.13 -37.64 -21.63
N ILE C 469 14.20 -38.37 -21.38
CA ILE C 469 14.51 -38.81 -20.02
C ILE C 469 14.96 -37.63 -19.18
N TYR C 470 14.81 -37.75 -17.87
CA TYR C 470 15.17 -36.68 -16.94
C TYR C 470 16.43 -37.07 -16.17
N GLN C 471 17.41 -36.16 -16.16
CA GLN C 471 18.73 -36.41 -15.58
C GLN C 471 18.80 -35.63 -14.26
N ALA C 472 18.57 -36.33 -13.15
CA ALA C 472 18.42 -35.68 -11.86
C ALA C 472 19.73 -35.59 -11.07
N GLY C 473 20.80 -36.20 -11.54
CA GLY C 473 22.06 -36.16 -10.82
C GLY C 473 23.18 -35.55 -11.64
N ASN C 474 24.39 -36.09 -11.53
CA ASN C 474 25.52 -35.66 -12.37
C ASN C 474 25.80 -36.62 -13.50
N LYS C 475 25.57 -37.91 -13.29
CA LYS C 475 25.84 -38.90 -14.33
C LYS C 475 24.79 -38.76 -15.43
N PRO C 476 25.21 -38.69 -16.70
CA PRO C 476 24.23 -38.51 -17.77
C PRO C 476 23.47 -39.79 -18.08
N CYS C 477 22.17 -39.64 -18.35
CA CYS C 477 21.29 -40.80 -18.53
C CYS C 477 21.56 -41.51 -19.85
N ASN C 478 21.71 -40.76 -20.94
CA ASN C 478 21.88 -41.33 -22.27
C ASN C 478 20.70 -42.23 -22.64
N GLY C 479 19.50 -41.80 -22.28
CA GLY C 479 18.29 -42.49 -22.71
C GLY C 479 17.98 -43.79 -22.00
N VAL C 480 18.33 -43.91 -20.72
CA VAL C 480 17.98 -45.08 -19.93
C VAL C 480 17.31 -44.64 -18.64
N ALA C 481 16.48 -45.53 -18.10
CA ALA C 481 15.78 -45.26 -16.84
C ALA C 481 16.54 -45.91 -15.68
N GLY C 482 17.73 -45.38 -15.43
CA GLY C 482 18.62 -45.90 -14.42
C GLY C 482 18.61 -45.10 -13.13
N PHE C 483 19.68 -45.26 -12.35
CA PHE C 483 19.79 -44.56 -11.07
C PHE C 483 19.94 -43.07 -11.32
N ASN C 484 19.11 -42.28 -10.65
CA ASN C 484 18.96 -40.84 -10.92
C ASN C 484 18.64 -40.58 -12.39
N CYS C 485 17.77 -41.41 -12.97
CA CYS C 485 17.34 -41.27 -14.36
C CYS C 485 15.86 -41.66 -14.40
N TYR C 486 15.00 -40.65 -14.41
CA TYR C 486 13.56 -40.85 -14.27
C TYR C 486 12.84 -40.47 -15.56
N PHE C 487 11.82 -41.25 -15.89
CA PHE C 487 10.90 -40.85 -16.94
C PHE C 487 9.97 -39.77 -16.41
N PRO C 488 9.84 -38.62 -17.09
CA PRO C 488 9.14 -37.47 -16.50
C PRO C 488 7.63 -37.58 -16.50
N LEU C 489 7.04 -38.58 -17.15
CA LEU C 489 5.60 -38.69 -17.26
C LEU C 489 5.08 -39.88 -16.44
N ARG C 490 4.04 -39.63 -15.66
CA ARG C 490 3.32 -40.65 -14.93
C ARG C 490 1.88 -40.70 -15.41
N SER C 491 1.07 -41.50 -14.74
CA SER C 491 -0.31 -41.73 -15.16
C SER C 491 -1.29 -41.46 -14.04
N TYR C 492 -2.45 -40.90 -14.40
CA TYR C 492 -3.57 -40.78 -13.48
C TYR C 492 -4.40 -42.05 -13.60
N SER C 493 -4.03 -43.07 -12.82
CA SER C 493 -4.71 -44.36 -12.88
C SER C 493 -6.07 -44.22 -12.21
N PHE C 494 -7.03 -43.70 -12.97
CA PHE C 494 -8.36 -43.42 -12.42
C PHE C 494 -9.15 -44.70 -12.21
N ARG C 495 -9.92 -44.72 -11.12
CA ARG C 495 -10.81 -45.84 -10.79
C ARG C 495 -12.05 -45.28 -10.12
N PRO C 496 -13.21 -45.92 -10.31
CA PRO C 496 -14.44 -45.41 -9.70
C PRO C 496 -14.48 -45.53 -8.19
N THR C 497 -13.64 -46.38 -7.60
CA THR C 497 -13.64 -46.59 -6.16
C THR C 497 -12.68 -45.67 -5.42
N TYR C 498 -12.04 -44.73 -6.12
CA TYR C 498 -11.14 -43.80 -5.47
C TYR C 498 -11.92 -42.83 -4.58
N GLY C 499 -11.18 -42.09 -3.76
CA GLY C 499 -11.77 -41.04 -2.96
C GLY C 499 -12.14 -39.84 -3.81
N VAL C 500 -12.85 -38.90 -3.16
CA VAL C 500 -13.27 -37.69 -3.86
C VAL C 500 -12.06 -36.87 -4.30
N GLY C 501 -10.97 -36.95 -3.53
CA GLY C 501 -9.78 -36.18 -3.85
C GLY C 501 -8.93 -36.76 -4.95
N HIS C 502 -9.31 -37.91 -5.50
CA HIS C 502 -8.57 -38.52 -6.60
C HIS C 502 -9.45 -38.84 -7.80
N GLN C 503 -10.75 -38.51 -7.75
CA GLN C 503 -11.60 -38.72 -8.90
C GLN C 503 -11.30 -37.69 -9.99
N PRO C 504 -11.39 -38.07 -11.26
CA PRO C 504 -11.07 -37.14 -12.33
C PRO C 504 -12.04 -35.97 -12.38
N TYR C 505 -11.51 -34.80 -12.72
CA TYR C 505 -12.30 -33.59 -12.89
C TYR C 505 -12.00 -32.99 -14.25
N ARG C 506 -13.04 -32.64 -15.00
CA ARG C 506 -12.88 -31.99 -16.29
C ARG C 506 -12.86 -30.48 -16.09
N VAL C 507 -11.86 -29.83 -16.67
CA VAL C 507 -11.61 -28.41 -16.45
C VAL C 507 -11.63 -27.69 -17.79
N VAL C 508 -12.39 -26.60 -17.86
CA VAL C 508 -12.44 -25.74 -19.03
C VAL C 508 -12.09 -24.32 -18.59
N VAL C 509 -11.11 -23.72 -19.25
CA VAL C 509 -10.60 -22.39 -18.90
C VAL C 509 -10.91 -21.45 -20.06
N LEU C 510 -11.64 -20.38 -19.78
CA LEU C 510 -11.94 -19.36 -20.77
C LEU C 510 -11.06 -18.14 -20.51
N SER C 511 -10.34 -17.71 -21.54
CA SER C 511 -9.48 -16.54 -21.44
C SER C 511 -9.91 -15.50 -22.46
N PHE C 512 -10.32 -14.33 -21.98
CA PHE C 512 -10.69 -13.22 -22.85
C PHE C 512 -9.56 -12.23 -22.95
N GLU C 513 -9.66 -11.34 -23.94
CA GLU C 513 -8.70 -10.28 -24.18
C GLU C 513 -9.44 -8.96 -24.42
N LEU C 514 -10.35 -8.65 -23.50
CA LEU C 514 -11.18 -7.44 -23.56
C LEU C 514 -10.34 -6.23 -23.94
N LEU C 515 -10.73 -5.58 -25.03
CA LEU C 515 -9.92 -4.52 -25.62
C LEU C 515 -10.81 -3.63 -26.48
N HIS C 516 -10.24 -2.51 -26.92
CA HIS C 516 -10.92 -1.56 -27.77
C HIS C 516 -10.99 -1.98 -29.23
N ALA C 517 -10.34 -3.09 -29.59
CA ALA C 517 -10.42 -3.61 -30.93
C ALA C 517 -11.87 -4.01 -31.25
N PRO C 518 -12.26 -4.00 -32.53
CA PRO C 518 -13.66 -4.32 -32.84
C PRO C 518 -14.00 -5.76 -32.50
N ALA C 519 -14.89 -5.92 -31.53
CA ALA C 519 -15.19 -7.23 -30.94
C ALA C 519 -15.82 -8.13 -31.99
N THR C 520 -15.37 -9.39 -32.01
CA THR C 520 -15.94 -10.40 -32.89
C THR C 520 -16.96 -11.29 -32.19
N VAL C 521 -16.87 -11.43 -30.87
CA VAL C 521 -17.81 -12.22 -30.08
C VAL C 521 -18.51 -11.28 -29.11
N CYS C 522 -19.84 -11.31 -29.10
CA CYS C 522 -20.65 -10.44 -28.27
C CYS C 522 -21.79 -11.21 -27.65
N GLY C 523 -22.22 -10.77 -26.47
CA GLY C 523 -23.35 -11.37 -25.82
C GLY C 523 -24.65 -11.04 -26.52
N PRO C 524 -25.71 -11.75 -26.17
CA PRO C 524 -27.01 -11.52 -26.81
C PRO C 524 -27.72 -10.30 -26.27
N LYS C 525 -27.87 -9.27 -27.12
CA LYS C 525 -28.60 -8.07 -26.75
C LYS C 525 -29.49 -7.68 -27.92
N LYS C 526 -30.13 -6.52 -27.82
CA LYS C 526 -31.02 -6.02 -28.87
C LYS C 526 -30.56 -4.65 -29.33
N SER C 527 -30.58 -4.45 -30.64
CA SER C 527 -30.26 -3.14 -31.20
C SER C 527 -31.47 -2.21 -31.09
N THR C 528 -31.22 -0.93 -31.34
CA THR C 528 -32.26 0.10 -31.27
C THR C 528 -31.96 1.16 -32.32
N ASN C 529 -33.00 1.85 -32.76
CA ASN C 529 -32.83 2.90 -33.76
C ASN C 529 -31.94 4.01 -33.24
N LEU C 530 -31.21 4.65 -34.15
CA LEU C 530 -30.24 5.66 -33.78
C LEU C 530 -30.94 7.00 -33.56
N VAL C 531 -30.59 7.67 -32.46
CA VAL C 531 -31.16 8.97 -32.09
C VAL C 531 -30.02 9.99 -32.04
N LYS C 532 -30.23 11.12 -32.69
CA LYS C 532 -29.17 12.12 -32.85
C LYS C 532 -29.62 13.47 -32.32
N ASN C 533 -28.65 14.24 -31.83
CA ASN C 533 -28.82 15.65 -31.45
C ASN C 533 -29.74 15.82 -30.25
N LYS C 534 -29.54 15.01 -29.22
CA LYS C 534 -30.20 15.22 -27.93
C LYS C 534 -29.47 14.42 -26.87
N CYS C 535 -29.67 14.82 -25.62
CA CYS C 535 -29.02 14.18 -24.49
C CYS C 535 -29.59 12.78 -24.29
N VAL C 536 -28.79 11.76 -24.58
CA VAL C 536 -29.23 10.37 -24.49
C VAL C 536 -28.19 9.54 -23.75
N ASN C 537 -28.61 8.36 -23.30
CA ASN C 537 -27.70 7.38 -22.73
C ASN C 537 -27.42 6.30 -23.78
N PHE C 538 -26.17 6.16 -24.18
CA PHE C 538 -25.82 5.26 -25.26
C PHE C 538 -25.00 4.08 -24.74
N ASN C 539 -24.98 3.01 -25.53
CA ASN C 539 -24.21 1.80 -25.23
C ASN C 539 -23.72 1.25 -26.57
N PHE C 540 -22.42 1.34 -26.81
CA PHE C 540 -21.81 0.91 -28.06
C PHE C 540 -20.84 -0.22 -27.76
N ASN C 541 -21.25 -1.46 -28.07
CA ASN C 541 -20.39 -2.64 -27.93
C ASN C 541 -19.85 -2.76 -26.50
N GLY C 542 -20.70 -2.49 -25.53
CA GLY C 542 -20.30 -2.54 -24.14
C GLY C 542 -19.69 -1.26 -23.59
N LEU C 543 -19.57 -0.22 -24.41
CA LEU C 543 -19.06 1.07 -23.95
C LEU C 543 -20.22 1.97 -23.58
N LYS C 544 -20.38 2.26 -22.29
CA LYS C 544 -21.48 3.08 -21.81
C LYS C 544 -21.05 4.54 -21.70
N GLY C 545 -22.04 5.43 -21.76
CA GLY C 545 -21.76 6.85 -21.64
C GLY C 545 -23.04 7.64 -21.73
N THR C 546 -22.88 8.96 -21.66
CA THR C 546 -23.99 9.90 -21.76
C THR C 546 -23.50 11.14 -22.49
N GLY C 547 -24.29 11.60 -23.46
CA GLY C 547 -23.90 12.78 -24.21
C GLY C 547 -24.79 12.97 -25.42
N VAL C 548 -24.31 13.79 -26.35
CA VAL C 548 -25.05 14.14 -27.56
C VAL C 548 -24.30 13.58 -28.76
N LEU C 549 -25.01 12.80 -29.57
CA LEU C 549 -24.43 12.16 -30.75
C LEU C 549 -24.79 12.99 -31.98
N THR C 550 -23.77 13.47 -32.69
CA THR C 550 -23.96 14.27 -33.89
C THR C 550 -23.12 13.68 -35.02
N GLU C 551 -23.51 14.01 -36.25
CA GLU C 551 -22.75 13.59 -37.41
C GLU C 551 -21.35 14.18 -37.35
N SER C 552 -20.34 13.33 -37.59
CA SER C 552 -18.94 13.70 -37.42
C SER C 552 -18.29 13.94 -38.78
N ASN C 553 -17.53 15.02 -38.88
CA ASN C 553 -16.75 15.30 -40.08
C ASN C 553 -15.34 14.75 -40.00
N LYS C 554 -14.99 14.05 -38.92
CA LYS C 554 -13.68 13.42 -38.84
C LYS C 554 -13.55 12.34 -39.90
N LYS C 555 -12.36 12.25 -40.49
CA LYS C 555 -12.11 11.42 -41.65
C LYS C 555 -11.07 10.37 -41.35
N PHE C 556 -11.17 9.70 -40.21
CA PHE C 556 -10.11 8.77 -39.87
C PHE C 556 -10.20 7.51 -40.74
N LEU C 557 -9.05 6.84 -40.86
CA LEU C 557 -8.85 5.80 -41.85
C LEU C 557 -9.74 4.59 -41.56
N PRO C 558 -10.03 3.79 -42.59
CA PRO C 558 -11.03 2.71 -42.41
C PRO C 558 -10.70 1.73 -41.30
N PHE C 559 -9.42 1.45 -41.06
CA PHE C 559 -9.10 0.49 -40.01
C PHE C 559 -9.34 1.08 -38.62
N GLN C 560 -9.22 2.40 -38.48
CA GLN C 560 -9.40 3.03 -37.18
C GLN C 560 -10.87 2.99 -36.77
N GLN C 561 -11.12 2.67 -35.50
CA GLN C 561 -12.47 2.47 -35.00
C GLN C 561 -12.90 3.57 -34.02
N PHE C 562 -12.14 3.79 -32.96
CA PHE C 562 -12.49 4.76 -31.93
C PHE C 562 -11.83 6.10 -32.22
N GLY C 563 -11.99 7.02 -31.28
CA GLY C 563 -11.35 8.32 -31.36
C GLY C 563 -11.13 8.91 -29.99
N ARG C 564 -9.90 9.31 -29.68
CA ARG C 564 -9.57 9.82 -28.36
C ARG C 564 -9.28 11.32 -28.43
N ASP C 565 -8.95 11.89 -27.28
CA ASP C 565 -8.70 13.32 -27.15
C ASP C 565 -7.48 13.52 -26.25
N ILE C 566 -7.24 14.77 -25.85
CA ILE C 566 -6.09 15.08 -25.01
C ILE C 566 -6.21 14.39 -23.66
N ALA C 567 -7.40 14.43 -23.07
CA ALA C 567 -7.62 13.79 -21.77
C ALA C 567 -7.65 12.28 -21.84
N ASP C 568 -7.49 11.70 -23.04
CA ASP C 568 -7.50 10.26 -23.26
C ASP C 568 -8.85 9.66 -22.85
N THR C 569 -9.91 10.19 -23.47
CA THR C 569 -11.25 9.65 -23.33
C THR C 569 -11.93 9.69 -24.69
N THR C 570 -12.86 8.76 -24.90
CA THR C 570 -13.47 8.58 -26.21
C THR C 570 -14.44 9.72 -26.50
N ASP C 571 -14.18 10.45 -27.59
CA ASP C 571 -15.09 11.49 -28.05
C ASP C 571 -15.64 11.26 -29.44
N ALA C 572 -15.07 10.31 -30.18
CA ALA C 572 -15.60 9.91 -31.48
C ALA C 572 -15.69 8.40 -31.53
N VAL C 573 -16.77 7.89 -32.13
CA VAL C 573 -17.05 6.46 -32.16
C VAL C 573 -17.72 6.12 -33.48
N ARG C 574 -17.62 4.85 -33.86
CA ARG C 574 -18.15 4.35 -35.11
C ARG C 574 -19.26 3.34 -34.83
N ASP C 575 -20.42 3.55 -35.43
CA ASP C 575 -21.55 2.67 -35.21
C ASP C 575 -21.26 1.29 -35.79
N PRO C 576 -21.58 0.22 -35.06
CA PRO C 576 -21.34 -1.13 -35.59
C PRO C 576 -22.27 -1.50 -36.74
N GLN C 577 -23.56 -1.19 -36.61
CA GLN C 577 -24.52 -1.59 -37.63
C GLN C 577 -24.24 -0.88 -38.95
N THR C 578 -24.07 0.43 -38.91
CA THR C 578 -23.74 1.23 -40.09
C THR C 578 -22.41 1.92 -39.84
N LEU C 579 -21.45 1.70 -40.73
CA LEU C 579 -20.10 2.24 -40.56
C LEU C 579 -20.12 3.74 -40.85
N GLU C 580 -20.50 4.50 -39.83
CA GLU C 580 -20.49 5.96 -39.86
C GLU C 580 -19.84 6.48 -38.61
N ILE C 581 -19.47 7.76 -38.64
CA ILE C 581 -18.69 8.39 -37.58
C ILE C 581 -19.60 9.33 -36.79
N LEU C 582 -19.52 9.25 -35.47
CA LEU C 582 -20.32 10.09 -34.59
C LEU C 582 -19.41 10.83 -33.62
N ASP C 583 -19.83 12.02 -33.22
CA ASP C 583 -19.12 12.82 -32.23
C ASP C 583 -19.88 12.79 -30.91
N ILE C 584 -19.15 12.58 -29.82
CA ILE C 584 -19.74 12.50 -28.49
C ILE C 584 -19.39 13.78 -27.74
N THR C 585 -20.43 14.50 -27.29
CA THR C 585 -20.26 15.75 -26.58
C THR C 585 -21.10 15.72 -25.31
N PRO C 586 -20.54 16.12 -24.16
CA PRO C 586 -21.34 16.17 -22.94
C PRO C 586 -22.47 17.17 -23.06
N CYS C 587 -23.57 16.87 -22.39
CA CYS C 587 -24.74 17.73 -22.43
C CYS C 587 -24.45 19.03 -21.67
N SER C 588 -25.25 20.05 -21.96
CA SER C 588 -25.00 21.40 -21.46
C SER C 588 -24.94 21.42 -19.94
N PHE C 589 -23.95 22.14 -19.41
CA PHE C 589 -23.77 22.29 -17.98
C PHE C 589 -23.01 23.58 -17.70
N GLY C 590 -23.06 24.03 -16.45
CA GLY C 590 -22.39 25.26 -16.08
C GLY C 590 -22.63 25.57 -14.63
N GLY C 591 -22.18 26.75 -14.23
CA GLY C 591 -22.34 27.21 -12.87
C GLY C 591 -23.45 28.24 -12.75
N VAL C 592 -24.04 28.31 -11.56
CA VAL C 592 -25.11 29.25 -11.26
C VAL C 592 -24.78 29.96 -9.95
N SER C 593 -24.95 31.28 -9.94
CA SER C 593 -24.72 32.09 -8.75
C SER C 593 -25.89 33.05 -8.58
N VAL C 594 -26.14 33.44 -7.34
CA VAL C 594 -27.34 34.19 -6.97
C VAL C 594 -26.93 35.56 -6.46
N ILE C 595 -27.47 36.61 -7.07
CA ILE C 595 -27.25 37.98 -6.64
C ILE C 595 -28.35 38.34 -5.66
N THR C 596 -27.96 38.82 -4.48
CA THR C 596 -29.00 39.16 -3.52
C THR C 596 -28.60 40.32 -2.64
N PRO C 597 -29.47 41.30 -2.43
CA PRO C 597 -29.29 42.21 -1.30
C PRO C 597 -29.61 41.47 -0.02
N GLY C 598 -29.19 41.99 1.13
CA GLY C 598 -29.38 41.26 2.37
C GLY C 598 -30.86 40.98 2.62
N THR C 599 -31.13 39.86 3.28
CA THR C 599 -32.50 39.54 3.65
C THR C 599 -33.06 40.53 4.65
N ASN C 600 -32.21 41.34 5.27
CA ASN C 600 -32.68 42.37 6.20
C ASN C 600 -33.40 43.50 5.47
N THR C 601 -33.20 43.63 4.16
CA THR C 601 -33.81 44.72 3.41
C THR C 601 -34.76 44.27 2.31
N SER C 602 -34.60 43.05 1.78
CA SER C 602 -35.50 42.56 0.75
C SER C 602 -35.28 41.06 0.60
N ASN C 603 -36.08 40.46 -0.29
CA ASN C 603 -35.94 39.03 -0.57
C ASN C 603 -36.04 38.73 -2.06
N GLN C 604 -35.69 39.69 -2.90
CA GLN C 604 -35.57 39.47 -4.33
C GLN C 604 -34.16 39.00 -4.67
N VAL C 605 -34.04 38.25 -5.76
CA VAL C 605 -32.76 37.74 -6.22
C VAL C 605 -32.64 37.90 -7.72
N ALA C 606 -31.40 37.87 -8.20
CA ALA C 606 -31.10 37.79 -9.61
C ALA C 606 -30.11 36.65 -9.82
N VAL C 607 -30.28 35.90 -10.90
CA VAL C 607 -29.54 34.67 -11.14
C VAL C 607 -28.60 34.89 -12.32
N LEU C 608 -27.33 34.53 -12.13
CA LEU C 608 -26.30 34.64 -13.16
C LEU C 608 -25.87 33.25 -13.56
N TYR C 609 -26.00 32.92 -14.84
CA TYR C 609 -25.59 31.64 -15.39
C TYR C 609 -24.19 31.78 -15.97
N GLN C 610 -23.20 31.21 -15.29
CA GLN C 610 -21.81 31.47 -15.62
C GLN C 610 -21.40 30.76 -16.90
N GLY C 611 -20.81 31.52 -17.82
CA GLY C 611 -20.21 30.93 -19.01
C GLY C 611 -21.16 30.22 -19.94
N VAL C 612 -22.30 30.84 -20.26
CA VAL C 612 -23.24 30.27 -21.20
C VAL C 612 -24.02 31.40 -21.85
N ASN C 613 -24.27 31.26 -23.16
CA ASN C 613 -25.11 32.19 -23.88
C ASN C 613 -26.56 31.80 -23.64
N CYS C 614 -27.37 32.74 -23.15
CA CYS C 614 -28.71 32.37 -22.71
C CYS C 614 -29.70 32.21 -23.85
N THR C 615 -29.25 32.13 -25.09
CA THR C 615 -30.14 31.68 -26.15
C THR C 615 -30.43 30.19 -26.06
N GLU C 616 -29.71 29.45 -25.22
CA GLU C 616 -29.88 28.02 -25.07
C GLU C 616 -29.91 27.59 -23.60
N VAL C 617 -30.49 28.43 -22.73
CA VAL C 617 -30.60 28.08 -21.32
C VAL C 617 -31.97 27.49 -21.03
N ASN C 638 -36.01 41.54 -18.90
CA ASN C 638 -35.18 41.32 -17.72
C ASN C 638 -34.11 40.26 -17.96
N VAL C 639 -33.59 40.22 -19.19
CA VAL C 639 -32.51 39.32 -19.55
C VAL C 639 -31.36 40.15 -20.09
N PHE C 640 -30.17 39.95 -19.54
CA PHE C 640 -28.98 40.70 -19.91
C PHE C 640 -27.84 39.74 -20.21
N GLN C 641 -27.13 40.00 -21.30
CA GLN C 641 -26.02 39.16 -21.74
C GLN C 641 -24.72 39.90 -21.45
N THR C 642 -23.92 39.36 -20.54
CA THR C 642 -22.63 39.92 -20.17
C THR C 642 -21.52 38.97 -20.58
N ARG C 643 -20.28 39.41 -20.35
CA ARG C 643 -19.13 38.57 -20.68
C ARG C 643 -19.04 37.38 -19.74
N ALA C 644 -19.44 37.55 -18.48
CA ALA C 644 -19.36 36.45 -17.52
C ALA C 644 -20.51 35.47 -17.66
N GLY C 645 -21.57 35.82 -18.37
CA GLY C 645 -22.72 34.94 -18.50
C GLY C 645 -23.96 35.76 -18.83
N CYS C 646 -25.12 35.17 -18.53
CA CYS C 646 -26.40 35.83 -18.75
C CYS C 646 -27.06 36.10 -17.41
N LEU C 647 -27.53 37.33 -17.23
CA LEU C 647 -28.11 37.80 -15.97
C LEU C 647 -29.62 37.83 -16.12
N ILE C 648 -30.32 37.15 -15.22
CA ILE C 648 -31.77 37.05 -15.24
C ILE C 648 -32.32 37.69 -13.99
N GLY C 649 -33.30 38.58 -14.16
CA GLY C 649 -33.93 39.27 -13.05
C GLY C 649 -33.39 40.65 -12.76
N ALA C 650 -32.37 41.09 -13.49
CA ALA C 650 -31.78 42.40 -13.30
C ALA C 650 -31.85 43.18 -14.60
N GLU C 651 -32.21 44.45 -14.50
CA GLU C 651 -32.39 45.31 -15.67
C GLU C 651 -31.20 46.25 -15.82
N TYR C 652 -30.77 46.44 -17.07
CA TYR C 652 -29.62 47.29 -17.35
C TYR C 652 -30.00 48.76 -17.21
N VAL C 653 -29.04 49.56 -16.78
CA VAL C 653 -29.24 50.99 -16.57
C VAL C 653 -28.07 51.74 -17.20
N ASN C 654 -28.37 52.80 -17.94
CA ASN C 654 -27.34 53.58 -18.62
C ASN C 654 -26.55 54.48 -17.69
N ASN C 655 -26.94 54.60 -16.43
CA ASN C 655 -26.18 55.40 -15.48
C ASN C 655 -24.91 54.66 -15.08
N SER C 656 -24.15 55.27 -14.18
CA SER C 656 -22.91 54.67 -13.70
C SER C 656 -22.68 55.09 -12.26
N TYR C 657 -22.49 54.11 -11.39
CA TYR C 657 -22.34 54.32 -9.96
C TYR C 657 -21.06 53.63 -9.51
N GLU C 658 -20.83 53.62 -8.20
CA GLU C 658 -19.76 52.80 -7.66
C GLU C 658 -20.19 51.33 -7.67
N CYS C 659 -19.20 50.45 -7.51
CA CYS C 659 -19.50 49.02 -7.50
C CYS C 659 -20.02 48.59 -6.14
N ASP C 660 -21.17 47.92 -6.14
CA ASP C 660 -21.78 47.43 -4.91
C ASP C 660 -21.72 45.92 -4.82
N ILE C 661 -22.25 45.22 -5.81
CA ILE C 661 -22.12 43.76 -5.92
C ILE C 661 -21.40 43.45 -7.22
N PRO C 662 -20.12 43.07 -7.16
CA PRO C 662 -19.33 42.90 -8.38
C PRO C 662 -19.73 41.65 -9.15
N ILE C 663 -20.19 41.85 -10.38
CA ILE C 663 -20.55 40.73 -11.24
C ILE C 663 -19.32 40.20 -11.98
N GLY C 664 -18.68 41.07 -12.76
CA GLY C 664 -17.50 40.69 -13.51
C GLY C 664 -17.40 41.39 -14.84
N ALA C 665 -16.17 41.55 -15.34
CA ALA C 665 -15.91 42.21 -16.61
C ALA C 665 -16.46 43.63 -16.64
N GLY C 666 -16.33 44.33 -15.53
CA GLY C 666 -16.72 45.73 -15.47
C GLY C 666 -18.18 45.99 -15.18
N ILE C 667 -18.96 44.97 -14.85
CA ILE C 667 -20.38 45.11 -14.57
C ILE C 667 -20.60 44.90 -13.08
N CYS C 668 -21.38 45.78 -12.46
CA CYS C 668 -21.74 45.67 -11.06
C CYS C 668 -23.25 45.76 -10.94
N ALA C 669 -23.78 45.24 -9.85
CA ALA C 669 -25.22 45.24 -9.60
C ALA C 669 -25.50 45.83 -8.23
N SER C 670 -26.68 46.43 -8.10
CA SER C 670 -27.06 47.08 -6.85
C SER C 670 -28.57 47.14 -6.76
N TYR C 671 -29.07 47.37 -5.54
CA TYR C 671 -30.49 47.45 -5.27
C TYR C 671 -30.84 48.88 -4.87
N GLN C 672 -31.70 49.52 -5.66
CA GLN C 672 -32.03 50.92 -5.43
C GLN C 672 -33.42 51.09 -4.82
N SER C 688 -36.16 47.41 -6.81
CA SER C 688 -35.73 46.58 -7.92
C SER C 688 -34.21 46.48 -7.99
N ILE C 689 -33.71 45.42 -8.62
CA ILE C 689 -32.29 45.17 -8.76
C ILE C 689 -31.87 45.61 -10.16
N ILE C 690 -30.77 46.36 -10.25
CA ILE C 690 -30.30 46.90 -11.51
C ILE C 690 -28.86 46.48 -11.74
N ALA C 691 -28.45 46.47 -13.00
CA ALA C 691 -27.08 46.18 -13.39
C ALA C 691 -26.56 47.33 -14.23
N TYR C 692 -25.30 47.71 -14.00
CA TYR C 692 -24.74 48.89 -14.64
C TYR C 692 -23.24 48.73 -14.77
N THR C 693 -22.64 49.59 -15.60
CA THR C 693 -21.19 49.62 -15.72
C THR C 693 -20.60 50.54 -14.66
N MET C 694 -19.63 50.03 -13.91
CA MET C 694 -19.09 50.78 -12.78
C MET C 694 -18.37 52.03 -13.25
N SER C 695 -18.43 53.08 -12.41
CA SER C 695 -17.77 54.34 -12.69
C SER C 695 -16.45 54.41 -11.94
N LEU C 696 -15.38 54.80 -12.64
CA LEU C 696 -14.06 54.78 -12.03
C LEU C 696 -13.92 55.86 -10.98
N GLY C 697 -14.33 57.08 -11.29
CA GLY C 697 -14.22 58.17 -10.34
C GLY C 697 -14.79 59.44 -10.91
N ALA C 698 -14.82 60.46 -10.04
CA ALA C 698 -15.35 61.77 -10.43
C ALA C 698 -14.38 62.44 -11.39
N GLU C 699 -14.84 62.73 -12.61
CA GLU C 699 -13.99 63.33 -13.61
C GLU C 699 -13.54 64.72 -13.19
N ASN C 700 -12.29 65.05 -13.53
CA ASN C 700 -11.71 66.33 -13.15
C ASN C 700 -10.62 66.70 -14.14
N SER C 701 -10.40 68.00 -14.29
CA SER C 701 -9.35 68.53 -15.15
C SER C 701 -8.69 69.71 -14.47
N VAL C 702 -7.37 69.73 -14.47
CA VAL C 702 -6.60 70.79 -13.82
C VAL C 702 -6.03 71.71 -14.90
N ALA C 703 -6.16 73.02 -14.67
CA ALA C 703 -5.78 74.02 -15.66
C ALA C 703 -4.27 74.21 -15.61
N TYR C 704 -3.57 73.63 -16.57
CA TYR C 704 -2.11 73.74 -16.65
C TYR C 704 -1.74 74.81 -17.65
N SER C 705 -0.94 75.78 -17.22
CA SER C 705 -0.37 76.78 -18.12
C SER C 705 1.03 77.11 -17.61
N ASN C 706 1.88 77.54 -18.52
CA ASN C 706 3.31 77.61 -18.25
C ASN C 706 3.73 78.88 -17.51
N ASN C 707 2.80 79.65 -16.95
CA ASN C 707 3.19 80.70 -16.02
C ASN C 707 2.21 80.83 -14.85
N SER C 708 1.49 79.76 -14.51
CA SER C 708 0.48 79.81 -13.46
C SER C 708 0.80 78.74 -12.41
N ILE C 709 0.71 79.15 -11.15
CA ILE C 709 0.93 78.27 -10.01
C ILE C 709 -0.16 78.50 -8.99
N ALA C 710 -0.42 77.48 -8.18
CA ALA C 710 -1.44 77.53 -7.14
C ALA C 710 -0.80 77.19 -5.81
N ILE C 711 -1.07 78.03 -4.80
CA ILE C 711 -0.43 77.89 -3.50
C ILE C 711 -1.48 77.86 -2.40
N PRO C 712 -1.41 76.92 -1.46
CA PRO C 712 -2.40 76.87 -0.39
C PRO C 712 -2.30 78.06 0.54
N THR C 713 -3.44 78.41 1.16
CA THR C 713 -3.50 79.49 2.13
C THR C 713 -4.04 79.03 3.48
N ASN C 714 -4.34 77.75 3.64
CA ASN C 714 -4.89 77.21 4.87
C ASN C 714 -4.62 75.72 4.89
N PHE C 715 -4.75 75.11 6.06
CA PHE C 715 -4.46 73.70 6.21
C PHE C 715 -5.56 73.00 6.99
N THR C 716 -5.35 71.71 7.24
CA THR C 716 -6.31 70.90 7.96
C THR C 716 -5.58 69.72 8.57
N ILE C 717 -5.69 69.58 9.89
CA ILE C 717 -5.10 68.46 10.61
C ILE C 717 -6.08 67.30 10.52
N SER C 718 -5.62 66.15 10.05
CA SER C 718 -6.46 64.99 9.84
C SER C 718 -5.91 63.78 10.59
N VAL C 719 -6.83 62.96 11.09
CA VAL C 719 -6.48 61.75 11.82
C VAL C 719 -7.17 60.57 11.15
N THR C 720 -6.42 59.50 10.92
CA THR C 720 -6.95 58.30 10.30
C THR C 720 -6.48 57.08 11.08
N THR C 721 -7.11 55.94 10.83
CA THR C 721 -6.80 54.71 11.53
C THR C 721 -6.31 53.65 10.55
N GLU C 722 -5.63 52.64 11.08
CA GLU C 722 -5.12 51.53 10.29
C GLU C 722 -5.00 50.30 11.17
N ILE C 723 -5.77 49.27 10.85
CA ILE C 723 -5.86 48.06 11.65
C ILE C 723 -4.99 46.99 11.01
N LEU C 724 -4.15 46.34 11.82
CA LEU C 724 -3.27 45.29 11.32
C LEU C 724 -3.28 44.09 12.26
N PRO C 725 -3.58 42.90 11.77
CA PRO C 725 -3.44 41.70 12.61
C PRO C 725 -1.98 41.41 12.91
N VAL C 726 -1.76 40.82 14.09
CA VAL C 726 -0.41 40.58 14.59
C VAL C 726 -0.20 39.11 14.93
N SER C 727 -1.10 38.52 15.70
CA SER C 727 -0.95 37.13 16.12
C SER C 727 -2.28 36.41 15.95
N MET C 728 -2.21 35.08 15.88
CA MET C 728 -3.38 34.24 15.73
C MET C 728 -3.46 33.27 16.90
N THR C 729 -4.48 32.42 16.88
CA THR C 729 -4.78 31.55 18.01
C THR C 729 -3.81 30.38 18.07
N LYS C 730 -3.21 30.17 19.23
CA LYS C 730 -2.31 29.04 19.45
C LYS C 730 -3.15 27.81 19.78
N THR C 731 -2.99 26.75 18.99
CA THR C 731 -3.78 25.54 19.16
C THR C 731 -2.87 24.32 19.22
N SER C 732 -3.38 23.26 19.85
CA SER C 732 -2.69 21.99 19.92
C SER C 732 -3.70 20.87 19.76
N VAL C 733 -3.27 19.78 19.15
CA VAL C 733 -4.16 18.67 18.78
C VAL C 733 -3.57 17.38 19.33
N ASP C 734 -4.43 16.58 19.97
CA ASP C 734 -4.07 15.26 20.45
C ASP C 734 -4.39 14.23 19.38
N CYS C 735 -3.37 13.58 18.84
CA CYS C 735 -3.56 12.69 17.70
C CYS C 735 -4.38 11.46 18.08
N THR C 736 -4.00 10.78 19.16
CA THR C 736 -4.57 9.48 19.45
C THR C 736 -6.02 9.59 19.90
N MET C 737 -6.37 10.64 20.62
CA MET C 737 -7.75 10.78 21.09
C MET C 737 -8.66 11.28 19.97
N TYR C 738 -8.09 11.88 18.93
CA TYR C 738 -8.92 12.33 17.81
C TYR C 738 -9.12 11.21 16.78
N ILE C 739 -8.03 10.55 16.38
CA ILE C 739 -8.14 9.51 15.36
C ILE C 739 -9.02 8.37 15.84
N CYS C 740 -8.78 7.89 17.06
CA CYS C 740 -9.59 6.85 17.68
C CYS C 740 -10.53 7.50 18.68
N GLY C 741 -11.25 6.67 19.43
CA GLY C 741 -12.14 7.18 20.45
C GLY C 741 -11.72 6.76 21.84
N ASP C 742 -12.65 6.19 22.59
CA ASP C 742 -12.34 5.59 23.88
C ASP C 742 -11.82 4.17 23.75
N SER C 743 -11.90 3.58 22.57
CA SER C 743 -11.43 2.22 22.38
C SER C 743 -9.91 2.14 22.50
N THR C 744 -9.43 0.98 22.94
CA THR C 744 -8.02 0.77 23.24
C THR C 744 -7.25 0.13 22.11
N GLU C 745 -7.81 -0.93 21.50
CA GLU C 745 -7.11 -1.62 20.42
C GLU C 745 -6.92 -0.75 19.20
N CYS C 746 -7.75 0.29 19.03
CA CYS C 746 -7.56 1.23 17.93
C CYS C 746 -6.23 1.96 18.06
N SER C 747 -5.86 2.32 19.29
CA SER C 747 -4.54 2.91 19.51
C SER C 747 -3.43 1.93 19.13
N ASN C 748 -3.60 0.65 19.50
CA ASN C 748 -2.61 -0.36 19.12
C ASN C 748 -2.48 -0.45 17.61
N LEU C 749 -3.60 -0.38 16.90
CA LEU C 749 -3.56 -0.35 15.44
C LEU C 749 -2.84 0.91 14.95
N LEU C 750 -2.96 2.01 15.68
CA LEU C 750 -2.23 3.22 15.31
C LEU C 750 -0.72 3.02 15.42
N LEU C 751 -0.28 2.31 16.47
CA LEU C 751 1.16 2.16 16.72
C LEU C 751 1.96 1.79 15.48
N GLN C 752 1.42 0.98 14.58
CA GLN C 752 2.16 0.56 13.40
C GLN C 752 1.96 1.47 12.19
N TYR C 753 1.24 2.58 12.36
CA TYR C 753 1.02 3.50 11.25
C TYR C 753 2.12 4.54 11.09
N GLY C 754 3.09 4.58 12.01
CA GLY C 754 4.20 5.50 11.87
C GLY C 754 4.31 6.52 12.98
N SER C 755 4.88 7.67 12.67
CA SER C 755 5.12 8.75 13.63
C SER C 755 4.61 10.07 13.10
N PHE C 756 3.37 10.07 12.59
CA PHE C 756 2.76 11.31 12.13
C PHE C 756 2.50 12.27 13.28
N CYS C 757 2.19 11.73 14.47
CA CYS C 757 1.90 12.59 15.61
C CYS C 757 3.09 13.46 15.97
N THR C 758 4.30 12.92 15.84
CA THR C 758 5.50 13.71 16.12
C THR C 758 5.60 14.90 15.18
N GLN C 759 5.38 14.66 13.87
CA GLN C 759 5.43 15.76 12.91
C GLN C 759 4.38 16.81 13.23
N LEU C 760 3.15 16.36 13.54
CA LEU C 760 2.07 17.30 13.80
C LEU C 760 2.35 18.14 15.05
N LYS C 761 2.81 17.49 16.12
CA LYS C 761 3.16 18.23 17.32
C LYS C 761 4.26 19.23 17.06
N ARG C 762 5.28 18.83 16.30
CA ARG C 762 6.37 19.76 16.02
C ARG C 762 5.89 20.96 15.24
N ALA C 763 5.04 20.74 14.22
CA ALA C 763 4.53 21.86 13.45
C ALA C 763 3.69 22.81 14.30
N LEU C 764 2.80 22.25 15.13
CA LEU C 764 1.95 23.10 15.94
C LEU C 764 2.74 23.90 16.97
N THR C 765 3.74 23.28 17.60
CA THR C 765 4.57 24.03 18.54
C THR C 765 5.38 25.11 17.84
N GLY C 766 5.87 24.82 16.64
CA GLY C 766 6.54 25.86 15.87
C GLY C 766 5.64 27.05 15.62
N ILE C 767 4.38 26.79 15.22
CA ILE C 767 3.44 27.88 14.99
C ILE C 767 3.21 28.68 16.27
N ALA C 768 3.04 27.98 17.40
CA ALA C 768 2.76 28.67 18.65
C ALA C 768 3.92 29.60 19.06
N VAL C 769 5.14 29.07 19.03
CA VAL C 769 6.27 29.92 19.42
C VAL C 769 6.45 31.05 18.43
N GLU C 770 6.12 30.83 17.15
CA GLU C 770 6.18 31.91 16.18
C GLU C 770 5.19 33.02 16.53
N GLN C 771 3.98 32.66 16.97
CA GLN C 771 3.00 33.67 17.36
C GLN C 771 3.52 34.49 18.55
N ASP C 772 4.10 33.80 19.53
CA ASP C 772 4.65 34.52 20.67
C ASP C 772 5.74 35.49 20.24
N LYS C 773 6.63 35.04 19.36
CA LYS C 773 7.69 35.92 18.87
C LYS C 773 7.11 37.10 18.10
N ASN C 774 6.05 36.87 17.34
CA ASN C 774 5.41 37.96 16.59
C ASN C 774 4.92 39.06 17.54
N THR C 775 4.17 38.67 18.57
CA THR C 775 3.66 39.67 19.51
C THR C 775 4.80 40.41 20.20
N GLN C 776 5.80 39.65 20.66
CA GLN C 776 6.92 40.27 21.37
C GLN C 776 7.68 41.24 20.47
N GLU C 777 7.83 40.90 19.19
CA GLU C 777 8.54 41.78 18.27
C GLU C 777 7.75 43.04 17.98
N VAL C 778 6.44 42.93 17.81
CA VAL C 778 5.64 44.12 17.48
C VAL C 778 5.61 45.08 18.66
N PHE C 779 5.36 44.58 19.87
CA PHE C 779 5.08 45.50 20.97
C PHE C 779 6.30 45.82 21.83
N ALA C 780 7.08 44.82 22.21
CA ALA C 780 8.21 45.03 23.13
C ALA C 780 9.36 45.68 22.36
N GLN C 781 9.38 47.00 22.34
CA GLN C 781 10.42 47.75 21.66
C GLN C 781 11.09 48.81 22.54
N VAL C 782 10.74 48.88 23.82
CA VAL C 782 11.33 49.85 24.72
C VAL C 782 11.82 49.13 25.97
N LYS C 783 13.02 49.51 26.42
CA LYS C 783 13.60 48.92 27.61
C LYS C 783 13.20 49.63 28.89
N GLN C 784 12.44 50.72 28.79
CA GLN C 784 12.01 51.50 29.93
C GLN C 784 10.49 51.64 29.88
N ILE C 785 9.88 51.73 31.07
CA ILE C 785 8.44 51.93 31.15
C ILE C 785 8.19 53.35 31.62
N TYR C 786 8.00 54.27 30.68
CA TYR C 786 7.81 55.66 31.01
C TYR C 786 6.41 55.90 31.57
N LYS C 787 6.28 56.97 32.35
CA LYS C 787 5.01 57.37 32.92
C LYS C 787 4.74 58.84 32.61
N THR C 788 3.49 59.14 32.27
CA THR C 788 3.12 60.51 31.98
C THR C 788 3.05 61.32 33.28
N PRO C 789 3.39 62.61 33.22
CA PRO C 789 3.35 63.43 34.42
C PRO C 789 1.92 63.59 34.92
N PRO C 790 1.74 63.81 36.23
CA PRO C 790 0.37 63.91 36.76
C PRO C 790 -0.44 65.06 36.17
N ILE C 791 0.20 66.17 35.83
CA ILE C 791 -0.50 67.34 35.31
C ILE C 791 -0.54 67.23 33.79
N LYS C 792 -1.72 67.00 33.24
CA LYS C 792 -1.89 66.74 31.82
C LYS C 792 -2.29 68.02 31.07
N TYR C 793 -1.36 68.95 30.98
CA TYR C 793 -1.51 70.15 30.16
C TYR C 793 -0.38 70.18 29.14
N PHE C 794 -0.73 70.14 27.86
CA PHE C 794 0.24 70.08 26.76
C PHE C 794 0.00 71.20 25.77
N GLY C 795 -0.19 72.41 26.29
CA GLY C 795 -0.37 73.56 25.42
C GLY C 795 -1.64 73.55 24.61
N GLY C 796 -2.73 73.01 25.17
CA GLY C 796 -4.01 73.01 24.51
C GLY C 796 -4.42 71.71 23.88
N PHE C 797 -3.51 70.76 23.73
CA PHE C 797 -3.84 69.47 23.14
C PHE C 797 -4.46 68.56 24.18
N ASN C 798 -5.47 67.81 23.76
CA ASN C 798 -6.27 66.97 24.66
C ASN C 798 -6.01 65.51 24.33
N PHE C 799 -5.33 64.81 25.24
CA PHE C 799 -4.94 63.42 25.02
C PHE C 799 -5.74 62.45 25.89
N SER C 800 -6.87 62.89 26.44
CA SER C 800 -7.62 62.04 27.36
C SER C 800 -8.22 60.84 26.65
N GLN C 801 -8.49 60.95 25.35
CA GLN C 801 -9.11 59.86 24.61
C GLN C 801 -8.16 58.70 24.36
N ILE C 802 -6.85 58.90 24.51
CA ILE C 802 -5.89 57.84 24.26
C ILE C 802 -5.08 57.47 25.49
N LEU C 803 -4.98 58.35 26.48
CA LEU C 803 -4.21 58.03 27.67
C LEU C 803 -5.00 57.07 28.57
N PRO C 804 -4.31 56.21 29.31
CA PRO C 804 -5.02 55.25 30.16
C PRO C 804 -5.87 55.94 31.22
N ASP C 805 -6.99 55.30 31.54
CA ASP C 805 -7.92 55.82 32.54
C ASP C 805 -7.80 55.03 33.83
N PRO C 806 -7.30 55.63 34.91
CA PRO C 806 -7.16 54.87 36.17
C PRO C 806 -8.48 54.43 36.76
N SER C 807 -9.59 55.10 36.43
CA SER C 807 -10.87 54.77 37.06
C SER C 807 -11.31 53.35 36.71
N LYS C 808 -11.17 52.97 35.45
CA LYS C 808 -11.59 51.63 35.04
C LYS C 808 -10.63 50.58 35.62
N PRO C 809 -11.14 49.39 35.95
CA PRO C 809 -10.27 48.39 36.59
C PRO C 809 -9.09 47.93 35.74
N SER C 810 -9.26 47.86 34.41
CA SER C 810 -8.23 47.28 33.56
C SER C 810 -7.20 48.29 33.09
N LYS C 811 -7.37 49.57 33.40
CA LYS C 811 -6.43 50.62 33.02
C LYS C 811 -6.24 50.67 31.50
N ARG C 812 -7.34 50.94 30.81
CA ARG C 812 -7.36 51.01 29.36
C ARG C 812 -8.01 52.31 28.92
N SER C 813 -7.50 52.86 27.82
CA SER C 813 -8.04 54.09 27.28
C SER C 813 -9.42 53.84 26.67
N PRO C 814 -10.24 54.88 26.53
CA PRO C 814 -11.58 54.67 25.94
C PRO C 814 -11.56 54.03 24.57
N ILE C 815 -10.61 54.40 23.71
CA ILE C 815 -10.53 53.79 22.38
C ILE C 815 -10.26 52.30 22.49
N GLU C 816 -9.35 51.92 23.39
CA GLU C 816 -9.04 50.50 23.56
C GLU C 816 -10.25 49.73 24.07
N ASP C 817 -11.00 50.31 25.01
CA ASP C 817 -12.20 49.63 25.50
C ASP C 817 -13.24 49.47 24.41
N LEU C 818 -13.41 50.50 23.58
CA LEU C 818 -14.32 50.39 22.45
C LEU C 818 -13.88 49.28 21.52
N LEU C 819 -12.58 49.20 21.23
CA LEU C 819 -12.08 48.16 20.34
C LEU C 819 -12.30 46.76 20.94
N PHE C 820 -12.07 46.61 22.24
CA PHE C 820 -12.22 45.29 22.85
C PHE C 820 -13.68 44.88 22.93
N ASN C 821 -14.58 45.83 23.16
CA ASN C 821 -16.00 45.48 23.16
C ASN C 821 -16.56 45.26 21.77
N LYS C 822 -15.90 45.79 20.74
CA LYS C 822 -16.42 45.65 19.38
C LYS C 822 -15.99 44.35 18.70
N VAL C 823 -15.02 43.63 19.25
CA VAL C 823 -14.56 42.37 18.67
C VAL C 823 -14.99 41.24 19.59
N THR C 824 -15.69 40.27 19.03
CA THR C 824 -16.17 39.12 19.80
C THR C 824 -15.10 38.03 19.88
N ALA C 849 -17.00 25.13 20.59
CA ALA C 849 -16.98 26.14 21.64
C ALA C 849 -16.24 25.62 22.87
N GLN C 850 -16.84 24.66 23.56
CA GLN C 850 -16.17 23.96 24.65
C GLN C 850 -16.16 22.46 24.40
N LYS C 851 -15.81 22.07 23.17
CA LYS C 851 -15.72 20.65 22.79
C LYS C 851 -14.25 20.26 22.74
N PHE C 852 -13.75 19.74 23.86
CA PHE C 852 -12.37 19.23 23.92
C PHE C 852 -12.38 17.79 23.42
N LYS C 853 -12.52 17.63 22.12
CA LYS C 853 -12.36 16.33 21.48
C LYS C 853 -10.95 16.13 20.96
N GLY C 854 -9.98 16.33 21.85
CA GLY C 854 -8.58 16.29 21.48
C GLY C 854 -8.01 17.59 20.97
N LEU C 855 -8.84 18.62 20.81
CA LEU C 855 -8.40 19.92 20.31
C LEU C 855 -8.43 20.94 21.44
N THR C 856 -7.28 21.56 21.71
CA THR C 856 -7.15 22.50 22.81
C THR C 856 -6.73 23.86 22.27
N VAL C 857 -6.73 24.85 23.15
CA VAL C 857 -6.29 26.20 22.84
C VAL C 857 -5.36 26.66 23.95
N LEU C 858 -4.14 27.01 23.59
CA LEU C 858 -3.17 27.44 24.59
C LEU C 858 -3.26 28.96 24.80
N PRO C 859 -3.05 29.43 26.03
CA PRO C 859 -3.12 30.87 26.27
C PRO C 859 -1.86 31.56 25.78
N PRO C 860 -1.95 32.83 25.42
CA PRO C 860 -0.76 33.57 25.00
C PRO C 860 0.15 33.87 26.17
N LEU C 861 1.43 34.12 25.85
CA LEU C 861 2.40 34.41 26.90
C LEU C 861 2.17 35.77 27.53
N LEU C 862 1.92 36.79 26.71
CA LEU C 862 1.72 38.15 27.19
C LEU C 862 0.23 38.39 27.41
N THR C 863 -0.16 38.63 28.65
CA THR C 863 -1.54 38.95 28.94
C THR C 863 -1.90 40.33 28.38
N ASP C 864 -3.20 40.64 28.44
CA ASP C 864 -3.68 41.90 27.87
C ASP C 864 -3.13 43.09 28.63
N GLU C 865 -3.03 42.99 29.95
CA GLU C 865 -2.55 44.13 30.75
C GLU C 865 -1.12 44.50 30.39
N MET C 866 -0.27 43.49 30.14
CA MET C 866 1.11 43.77 29.76
C MET C 866 1.19 44.51 28.43
N ILE C 867 0.36 44.11 27.47
CA ILE C 867 0.34 44.80 26.18
C ILE C 867 -0.14 46.23 26.34
N ALA C 868 -1.18 46.42 27.16
CA ALA C 868 -1.67 47.78 27.41
C ALA C 868 -0.62 48.63 28.09
N GLN C 869 0.18 48.03 28.97
CA GLN C 869 1.23 48.78 29.66
C GLN C 869 2.34 49.16 28.69
N TYR C 870 2.69 48.26 27.77
CA TYR C 870 3.61 48.62 26.69
C TYR C 870 3.10 49.80 25.89
N THR C 871 1.83 49.77 25.47
CA THR C 871 1.31 50.86 24.65
C THR C 871 1.29 52.17 25.43
N SER C 872 0.95 52.11 26.72
CA SER C 872 0.96 53.31 27.53
C SER C 872 2.37 53.86 27.68
N ALA C 873 3.37 52.99 27.81
CA ALA C 873 4.75 53.44 27.88
C ALA C 873 5.16 54.12 26.58
N LEU C 874 4.79 53.54 25.44
CA LEU C 874 5.12 54.16 24.17
C LEU C 874 4.46 55.52 24.03
N LEU C 875 3.19 55.63 24.42
CA LEU C 875 2.49 56.91 24.33
C LEU C 875 3.14 57.96 25.22
N ALA C 876 3.46 57.61 26.46
CA ALA C 876 4.09 58.57 27.35
C ALA C 876 5.45 59.01 26.83
N GLY C 877 6.24 58.06 26.30
CA GLY C 877 7.53 58.41 25.75
C GLY C 877 7.43 59.35 24.56
N THR C 878 6.50 59.06 23.65
CA THR C 878 6.37 59.90 22.45
C THR C 878 5.71 61.24 22.74
N ILE C 879 4.98 61.36 23.85
CA ILE C 879 4.39 62.64 24.21
C ILE C 879 5.38 63.53 24.93
N THR C 880 6.10 63.00 25.92
CA THR C 880 6.93 63.84 26.76
C THR C 880 8.38 63.95 26.30
N SER C 881 8.79 63.23 25.24
CA SER C 881 10.19 63.23 24.84
C SER C 881 10.38 63.26 23.33
N GLY C 882 9.32 63.37 22.54
CA GLY C 882 9.50 63.41 21.10
C GLY C 882 9.98 62.07 20.56
N TRP C 883 10.84 62.12 19.55
CA TRP C 883 11.42 60.90 19.00
C TRP C 883 12.77 60.54 19.61
N THR C 884 13.28 61.35 20.53
CA THR C 884 14.61 61.09 21.09
C THR C 884 14.66 59.83 21.92
N PHE C 885 13.52 59.32 22.38
CA PHE C 885 13.53 58.12 23.22
C PHE C 885 13.71 56.86 22.40
N GLY C 886 13.61 56.93 21.08
CA GLY C 886 13.84 55.77 20.23
C GLY C 886 15.24 55.65 19.70
N ALA C 887 16.16 56.54 20.11
CA ALA C 887 17.53 56.51 19.61
C ALA C 887 18.54 56.77 20.71
N GLY C 888 18.23 56.45 21.95
CA GLY C 888 19.11 56.72 23.07
C GLY C 888 18.34 57.08 24.31
N PRO C 889 18.93 57.89 25.18
CA PRO C 889 18.21 58.35 26.37
C PRO C 889 17.05 59.25 25.99
N ALA C 890 16.02 59.25 26.82
CA ALA C 890 14.86 60.09 26.57
C ALA C 890 15.13 61.51 27.06
N LEU C 891 14.93 62.48 26.18
CA LEU C 891 15.16 63.89 26.48
C LEU C 891 13.83 64.63 26.40
N GLN C 892 13.48 65.33 27.48
CA GLN C 892 12.20 66.01 27.53
C GLN C 892 12.22 67.28 26.68
N ILE C 893 11.04 67.71 26.25
CA ILE C 893 10.89 68.89 25.41
C ILE C 893 9.44 69.34 25.48
N PRO C 894 9.15 70.64 25.53
CA PRO C 894 7.75 71.10 25.51
C PRO C 894 7.06 70.65 24.24
N PHE C 895 5.78 70.29 24.38
CA PHE C 895 5.03 69.78 23.22
C PHE C 895 4.90 70.79 22.09
N PRO C 896 4.58 72.08 22.32
CA PRO C 896 4.54 73.01 21.18
C PRO C 896 5.84 73.07 20.42
N MET C 897 6.99 72.99 21.11
CA MET C 897 8.27 72.97 20.41
C MET C 897 8.43 71.71 19.58
N GLN C 898 7.94 70.58 20.09
CA GLN C 898 7.98 69.35 19.31
C GLN C 898 7.14 69.48 18.05
N MET C 899 5.96 70.09 18.15
CA MET C 899 5.15 70.29 16.96
C MET C 899 5.80 71.27 16.00
N ALA C 900 6.51 72.26 16.53
CA ALA C 900 7.26 73.17 15.66
C ALA C 900 8.33 72.42 14.88
N TYR C 901 9.05 71.53 15.57
CA TYR C 901 10.03 70.69 14.89
C TYR C 901 9.37 69.86 13.80
N ARG C 902 8.20 69.30 14.10
CA ARG C 902 7.56 68.41 13.14
C ARG C 902 7.02 69.16 11.93
N PHE C 903 6.50 70.38 12.12
CA PHE C 903 6.18 71.21 10.95
C PHE C 903 7.43 71.55 10.16
N ASN C 904 8.52 71.90 10.84
CA ASN C 904 9.75 72.21 10.13
C ASN C 904 10.25 71.00 9.35
N GLY C 905 9.85 69.80 9.75
CA GLY C 905 10.24 68.61 9.02
C GLY C 905 9.61 68.53 7.63
N ILE C 906 8.37 69.00 7.49
CA ILE C 906 7.64 68.87 6.23
C ILE C 906 7.70 70.11 5.36
N GLY C 907 8.60 71.04 5.64
CA GLY C 907 8.79 72.20 4.81
C GLY C 907 7.96 73.42 5.14
N VAL C 908 7.38 73.49 6.34
CA VAL C 908 6.63 74.65 6.79
C VAL C 908 7.34 75.23 8.00
N THR C 909 7.57 76.55 7.98
CA THR C 909 8.36 77.19 9.02
C THR C 909 7.63 77.14 10.36
N GLN C 910 8.39 77.43 11.42
CA GLN C 910 7.87 77.29 12.78
C GLN C 910 6.84 78.36 13.11
N ASN C 911 7.00 79.58 12.58
CA ASN C 911 6.09 80.66 12.94
C ASN C 911 4.67 80.35 12.50
N VAL C 912 4.50 79.48 11.51
CA VAL C 912 3.16 79.06 11.11
C VAL C 912 2.47 78.36 12.27
N LEU C 913 3.17 77.47 12.96
CA LEU C 913 2.58 76.84 14.14
C LEU C 913 2.44 77.83 15.28
N TYR C 914 3.50 78.58 15.58
CA TYR C 914 3.48 79.43 16.76
C TYR C 914 2.44 80.53 16.68
N GLU C 915 2.03 80.92 15.47
CA GLU C 915 0.99 81.93 15.33
C GLU C 915 -0.40 81.34 15.18
N ASN C 916 -0.53 80.03 15.04
CA ASN C 916 -1.82 79.36 14.94
C ASN C 916 -1.89 78.17 15.89
N GLN C 917 -1.46 78.37 17.13
CA GLN C 917 -1.42 77.25 18.08
C GLN C 917 -2.82 76.83 18.51
N LYS C 918 -3.67 77.80 18.87
CA LYS C 918 -4.99 77.48 19.37
C LYS C 918 -5.84 76.81 18.29
N LEU C 919 -5.78 77.32 17.06
CA LEU C 919 -6.57 76.73 15.98
C LEU C 919 -6.15 75.29 15.72
N ILE C 920 -4.84 75.04 15.71
CA ILE C 920 -4.35 73.68 15.47
C ILE C 920 -4.77 72.75 16.60
N ALA C 921 -4.69 73.23 17.85
CA ALA C 921 -5.11 72.39 18.97
C ALA C 921 -6.60 72.04 18.86
N ASN C 922 -7.43 73.02 18.51
CA ASN C 922 -8.86 72.76 18.36
C ASN C 922 -9.13 71.76 17.24
N GLN C 923 -8.44 71.90 16.12
CA GLN C 923 -8.60 70.95 15.02
C GLN C 923 -8.20 69.55 15.45
N PHE C 924 -7.09 69.42 16.19
CA PHE C 924 -6.66 68.10 16.63
C PHE C 924 -7.68 67.46 17.57
N ASN C 925 -8.20 68.24 18.52
CA ASN C 925 -9.18 67.68 19.46
C ASN C 925 -10.45 67.25 18.73
N SER C 926 -10.93 68.08 17.80
CA SER C 926 -12.12 67.72 17.04
C SER C 926 -11.89 66.45 16.23
N ALA C 927 -10.72 66.32 15.62
CA ALA C 927 -10.41 65.12 14.85
C ALA C 927 -10.40 63.88 15.73
N ILE C 928 -9.83 63.99 16.93
CA ILE C 928 -9.81 62.84 17.84
C ILE C 928 -11.22 62.41 18.20
N GLY C 929 -12.07 63.38 18.56
CA GLY C 929 -13.45 63.05 18.89
C GLY C 929 -14.19 62.42 17.72
N LYS C 930 -13.96 62.95 16.52
CA LYS C 930 -14.61 62.40 15.33
C LYS C 930 -14.16 60.96 15.07
N ILE C 931 -12.87 60.67 15.29
CA ILE C 931 -12.40 59.29 15.13
C ILE C 931 -13.07 58.38 16.13
N GLN C 932 -13.20 58.81 17.37
CA GLN C 932 -13.90 57.99 18.37
C GLN C 932 -15.32 57.68 17.90
N ASP C 933 -16.05 58.71 17.48
CA ASP C 933 -17.44 58.49 17.05
C ASP C 933 -17.52 57.58 15.82
N SER C 934 -16.68 57.83 14.82
CA SER C 934 -16.72 57.05 13.59
C SER C 934 -16.38 55.59 13.85
N LEU C 935 -15.37 55.33 14.67
CA LEU C 935 -15.05 53.96 15.02
C LEU C 935 -16.19 53.30 15.78
N SER C 936 -16.86 54.05 16.66
CA SER C 936 -17.98 53.49 17.39
C SER C 936 -19.14 53.12 16.47
N SER C 937 -19.45 53.97 15.49
CA SER C 937 -20.69 53.84 14.73
C SER C 937 -20.57 52.94 13.51
N THR C 938 -19.37 52.49 13.14
CA THR C 938 -19.21 51.67 11.95
C THR C 938 -18.85 50.24 12.35
N PRO C 939 -19.66 49.25 11.96
CA PRO C 939 -19.37 47.87 12.37
C PRO C 939 -18.32 47.17 11.51
N SER C 940 -18.14 47.63 10.27
CA SER C 940 -17.26 46.98 9.32
C SER C 940 -15.84 47.51 9.35
N ALA C 941 -15.52 48.42 10.26
CA ALA C 941 -14.17 48.98 10.32
C ALA C 941 -13.15 47.94 10.78
N LEU C 942 -13.53 47.04 11.67
CA LEU C 942 -12.62 46.07 12.28
C LEU C 942 -12.70 44.71 11.59
N GLY C 943 -12.85 44.71 10.28
CA GLY C 943 -13.09 43.46 9.56
C GLY C 943 -11.95 42.47 9.64
N LYS C 944 -10.70 42.95 9.69
CA LYS C 944 -9.54 42.07 9.57
C LYS C 944 -9.44 41.12 10.77
N LEU C 945 -9.49 41.66 11.98
CA LEU C 945 -9.36 40.82 13.17
C LEU C 945 -10.53 39.85 13.29
N GLN C 946 -11.74 40.31 12.99
CA GLN C 946 -12.89 39.42 13.00
C GLN C 946 -12.74 38.31 11.96
N ASP C 947 -12.17 38.64 10.79
CA ASP C 947 -11.92 37.63 9.78
C ASP C 947 -10.94 36.59 10.27
N VAL C 948 -9.89 37.03 10.97
CA VAL C 948 -8.91 36.08 11.51
C VAL C 948 -9.59 35.13 12.49
N VAL C 949 -10.38 35.69 13.42
CA VAL C 949 -11.06 34.86 14.42
C VAL C 949 -12.01 33.89 13.74
N ASN C 950 -12.77 34.37 12.77
CA ASN C 950 -13.73 33.52 12.07
C ASN C 950 -13.03 32.41 11.32
N HIS C 951 -11.90 32.71 10.67
CA HIS C 951 -11.18 31.68 9.93
C HIS C 951 -10.69 30.58 10.87
N ASN C 952 -10.11 30.96 12.01
CA ASN C 952 -9.63 29.96 12.95
C ASN C 952 -10.77 29.09 13.47
N ALA C 953 -11.85 29.74 13.92
CA ALA C 953 -12.97 28.99 14.48
C ALA C 953 -13.62 28.08 13.44
N GLN C 954 -13.73 28.58 12.21
CA GLN C 954 -14.37 27.79 11.16
C GLN C 954 -13.53 26.60 10.76
N ALA C 955 -12.20 26.77 10.68
CA ALA C 955 -11.35 25.62 10.39
C ALA C 955 -11.45 24.57 11.49
N LEU C 956 -11.43 25.01 12.74
CA LEU C 956 -11.54 24.06 13.85
C LEU C 956 -12.87 23.33 13.82
N ASN C 957 -13.96 24.05 13.54
CA ASN C 957 -15.27 23.43 13.51
C ASN C 957 -15.40 22.47 12.34
N THR C 958 -14.81 22.81 11.20
CA THR C 958 -14.81 21.87 10.08
C THR C 958 -14.06 20.60 10.44
N LEU C 959 -12.92 20.73 11.12
CA LEU C 959 -12.18 19.55 11.52
C LEU C 959 -13.00 18.67 12.46
N VAL C 960 -13.67 19.28 13.44
CA VAL C 960 -14.42 18.46 14.39
C VAL C 960 -15.65 17.84 13.71
N LYS C 961 -16.24 18.54 12.73
CA LYS C 961 -17.39 17.98 12.03
C LYS C 961 -16.99 16.84 11.10
N GLN C 962 -15.75 16.87 10.59
CA GLN C 962 -15.28 15.83 9.71
C GLN C 962 -15.26 14.45 10.36
N LEU C 963 -15.28 14.40 11.69
CA LEU C 963 -15.11 13.13 12.39
C LEU C 963 -16.31 12.20 12.19
N SER C 964 -17.46 12.76 11.81
CA SER C 964 -18.69 11.97 11.67
C SER C 964 -18.95 11.50 10.25
N SER C 965 -17.90 11.22 9.48
CA SER C 965 -18.04 10.76 8.11
C SER C 965 -17.63 9.31 7.99
N LYS C 966 -18.34 8.58 7.12
CA LYS C 966 -18.13 7.14 6.99
C LYS C 966 -16.87 6.80 6.21
N PHE C 967 -16.50 7.62 5.23
CA PHE C 967 -15.33 7.38 4.38
C PHE C 967 -15.43 6.04 3.65
N GLY C 968 -16.67 5.61 3.37
CA GLY C 968 -16.90 4.37 2.69
C GLY C 968 -17.02 3.15 3.57
N ALA C 969 -16.80 3.27 4.88
CA ALA C 969 -17.01 2.16 5.78
C ALA C 969 -18.50 1.97 6.05
N ILE C 970 -18.84 0.81 6.64
CA ILE C 970 -20.24 0.49 6.87
C ILE C 970 -20.85 1.40 7.92
N SER C 971 -20.08 1.77 8.95
CA SER C 971 -20.59 2.65 9.99
C SER C 971 -19.47 3.56 10.47
N SER C 972 -19.86 4.68 11.07
CA SER C 972 -18.92 5.69 11.52
C SER C 972 -18.61 5.62 13.01
N VAL C 973 -19.04 4.56 13.70
CA VAL C 973 -18.80 4.40 15.12
C VAL C 973 -17.79 3.27 15.30
N LEU C 974 -16.73 3.55 16.05
CA LEU C 974 -15.63 2.59 16.18
C LEU C 974 -16.07 1.33 16.90
N ASN C 975 -16.70 1.49 18.08
CA ASN C 975 -17.12 0.33 18.86
C ASN C 975 -18.17 -0.49 18.13
N ASP C 976 -19.04 0.18 17.37
CA ASP C 976 -20.03 -0.54 16.58
C ASP C 976 -19.35 -1.45 15.57
N ILE C 977 -18.28 -0.96 14.93
CA ILE C 977 -17.51 -1.81 14.03
C ILE C 977 -16.86 -2.96 14.79
N PHE C 978 -16.30 -2.67 15.97
CA PHE C 978 -15.64 -3.73 16.73
C PHE C 978 -16.60 -4.83 17.15
N SER C 979 -17.79 -4.46 17.62
CA SER C 979 -18.69 -5.40 18.26
C SER C 979 -19.62 -6.12 17.29
N ARG C 980 -19.33 -6.11 16.00
CA ARG C 980 -20.21 -6.76 15.04
C ARG C 980 -19.50 -7.64 14.04
N LEU C 981 -18.23 -7.40 13.74
CA LEU C 981 -17.61 -8.01 12.58
C LEU C 981 -16.45 -8.93 12.96
N ASP C 982 -16.09 -9.77 12.00
CA ASP C 982 -14.93 -10.63 12.13
C ASP C 982 -13.66 -9.79 12.05
N PRO C 983 -12.70 -9.98 12.95
CA PRO C 983 -11.59 -9.02 13.10
C PRO C 983 -10.82 -8.79 11.82
N PRO C 984 -10.62 -9.81 10.96
CA PRO C 984 -9.97 -9.52 9.66
C PRO C 984 -10.66 -8.45 8.82
N GLU C 985 -11.99 -8.39 8.82
CA GLU C 985 -12.70 -7.37 8.06
C GLU C 985 -12.84 -6.06 8.82
N ALA C 986 -13.04 -6.15 10.13
CA ALA C 986 -12.97 -4.95 10.96
C ALA C 986 -11.64 -4.24 10.78
N GLU C 987 -10.56 -5.00 10.54
CA GLU C 987 -9.27 -4.38 10.30
C GLU C 987 -9.29 -3.52 9.04
N VAL C 988 -9.92 -4.02 7.97
CA VAL C 988 -10.03 -3.24 6.74
C VAL C 988 -10.85 -1.97 6.99
N GLN C 989 -11.97 -2.12 7.69
CA GLN C 989 -12.81 -0.95 7.98
C GLN C 989 -12.03 0.08 8.79
N ILE C 990 -11.28 -0.37 9.80
CA ILE C 990 -10.53 0.55 10.64
C ILE C 990 -9.41 1.20 9.84
N ASP C 991 -8.77 0.46 8.94
CA ASP C 991 -7.75 1.06 8.08
C ASP C 991 -8.35 2.18 7.25
N ARG C 992 -9.53 1.95 6.67
CA ARG C 992 -10.19 2.98 5.88
C ARG C 992 -10.46 4.22 6.72
N LEU C 993 -11.06 4.04 7.90
CA LEU C 993 -11.40 5.17 8.75
C LEU C 993 -10.16 5.94 9.18
N ILE C 994 -9.11 5.22 9.57
CA ILE C 994 -7.89 5.85 10.06
C ILE C 994 -7.23 6.64 8.94
N THR C 995 -7.17 6.09 7.73
CA THR C 995 -6.59 6.83 6.62
C THR C 995 -7.37 8.10 6.34
N GLY C 996 -8.70 8.02 6.37
CA GLY C 996 -9.49 9.23 6.15
C GLY C 996 -9.22 10.31 7.18
N ARG C 997 -9.21 9.92 8.46
CA ARG C 997 -9.01 10.90 9.51
C ARG C 997 -7.61 11.49 9.48
N LEU C 998 -6.60 10.67 9.19
CA LEU C 998 -5.24 11.18 9.06
C LEU C 998 -5.13 12.17 7.91
N GLN C 999 -5.78 11.88 6.78
CA GLN C 999 -5.75 12.81 5.67
C GLN C 999 -6.37 14.15 6.06
N SER C 1000 -7.52 14.11 6.74
CA SER C 1000 -8.16 15.36 7.15
C SER C 1000 -7.25 16.16 8.09
N LEU C 1001 -6.62 15.48 9.04
CA LEU C 1001 -5.77 16.18 10.00
C LEU C 1001 -4.55 16.79 9.33
N GLN C 1002 -3.95 16.07 8.38
CA GLN C 1002 -2.83 16.62 7.61
C GLN C 1002 -3.24 17.86 6.84
N THR C 1003 -4.42 17.81 6.21
CA THR C 1003 -4.91 18.99 5.49
C THR C 1003 -5.04 20.18 6.43
N TYR C 1004 -5.61 19.95 7.61
CA TYR C 1004 -5.75 21.04 8.57
C TYR C 1004 -4.39 21.64 8.94
N VAL C 1005 -3.40 20.78 9.20
CA VAL C 1005 -2.09 21.30 9.60
C VAL C 1005 -1.47 22.14 8.48
N THR C 1006 -1.61 21.68 7.24
CA THR C 1006 -1.04 22.45 6.13
C THR C 1006 -1.70 23.82 6.00
N GLN C 1007 -3.03 23.87 6.10
CA GLN C 1007 -3.71 25.17 6.03
C GLN C 1007 -3.26 26.08 7.17
N GLN C 1008 -3.07 25.50 8.36
CA GLN C 1008 -2.59 26.30 9.48
C GLN C 1008 -1.21 26.87 9.21
N LEU C 1009 -0.32 26.08 8.60
CA LEU C 1009 1.01 26.59 8.29
C LEU C 1009 0.95 27.77 7.33
N ILE C 1010 0.12 27.67 6.29
CA ILE C 1010 0.01 28.76 5.33
C ILE C 1010 -0.53 30.02 6.00
N ARG C 1011 -1.58 29.87 6.81
CA ARG C 1011 -2.14 31.04 7.48
C ARG C 1011 -1.15 31.65 8.45
N ALA C 1012 -0.34 30.83 9.11
CA ALA C 1012 0.69 31.35 10.00
C ALA C 1012 1.71 32.18 9.23
N ALA C 1013 2.10 31.73 8.04
CA ALA C 1013 3.01 32.52 7.22
C ALA C 1013 2.42 33.88 6.87
N GLU C 1014 1.14 33.89 6.50
CA GLU C 1014 0.49 35.16 6.17
C GLU C 1014 0.46 36.10 7.37
N ILE C 1015 0.11 35.58 8.54
CA ILE C 1015 0.04 36.41 9.74
C ILE C 1015 1.43 36.92 10.10
N ARG C 1016 2.47 36.11 9.89
CA ARG C 1016 3.82 36.57 10.17
C ARG C 1016 4.22 37.73 9.26
N ALA C 1017 3.85 37.67 7.98
CA ALA C 1017 4.12 38.79 7.10
C ALA C 1017 3.43 40.05 7.59
N SER C 1018 2.16 39.93 8.00
CA SER C 1018 1.43 41.10 8.50
C SER C 1018 2.08 41.64 9.77
N ALA C 1019 2.55 40.77 10.65
CA ALA C 1019 3.19 41.20 11.88
C ALA C 1019 4.50 41.93 11.60
N ASN C 1020 5.27 41.46 10.61
CA ASN C 1020 6.49 42.18 10.24
C ASN C 1020 6.17 43.57 9.72
N LEU C 1021 5.12 43.70 8.90
CA LEU C 1021 4.71 45.02 8.44
C LEU C 1021 4.31 45.92 9.61
N ALA C 1022 3.58 45.36 10.57
CA ALA C 1022 3.15 46.16 11.72
C ALA C 1022 4.35 46.61 12.55
N ALA C 1023 5.35 45.75 12.72
CA ALA C 1023 6.55 46.13 13.46
C ALA C 1023 7.29 47.25 12.75
N THR C 1024 7.39 47.18 11.42
CA THR C 1024 8.03 48.26 10.67
C THR C 1024 7.26 49.57 10.83
N LYS C 1025 5.93 49.51 10.75
CA LYS C 1025 5.13 50.71 10.94
C LYS C 1025 5.35 51.31 12.32
N MET C 1026 5.39 50.46 13.35
CA MET C 1026 5.61 50.97 14.70
C MET C 1026 6.98 51.62 14.82
N SER C 1027 8.01 51.02 14.21
CA SER C 1027 9.35 51.61 14.30
C SER C 1027 9.43 52.95 13.59
N GLU C 1028 8.78 53.07 12.43
CA GLU C 1028 8.99 54.27 11.61
C GLU C 1028 7.99 55.38 11.89
N CYS C 1029 6.68 55.07 11.87
CA CYS C 1029 5.68 56.13 12.06
C CYS C 1029 5.66 56.64 13.50
N VAL C 1030 5.76 55.75 14.49
CA VAL C 1030 5.58 56.15 15.88
C VAL C 1030 6.87 56.75 16.44
N LEU C 1031 7.94 55.98 16.44
CA LEU C 1031 9.22 56.39 17.02
C LEU C 1031 9.94 57.43 16.19
N GLY C 1032 9.34 57.98 15.15
CA GLY C 1032 10.00 58.99 14.34
C GLY C 1032 9.02 59.60 13.37
N GLN C 1033 9.54 60.39 12.45
CA GLN C 1033 8.74 61.01 11.39
C GLN C 1033 9.25 60.50 10.05
N SER C 1034 8.34 60.04 9.21
CA SER C 1034 8.68 59.37 7.97
C SER C 1034 8.35 60.26 6.78
N LYS C 1035 9.26 60.29 5.80
CA LYS C 1035 9.04 60.99 4.54
C LYS C 1035 8.52 60.08 3.44
N ARG C 1036 8.30 58.81 3.73
CA ARG C 1036 7.76 57.90 2.73
C ARG C 1036 6.29 58.23 2.46
N VAL C 1037 5.93 58.35 1.19
CA VAL C 1037 4.61 58.84 0.82
C VAL C 1037 3.57 57.74 1.07
N ASP C 1038 2.47 58.12 1.71
CA ASP C 1038 1.33 57.25 1.95
C ASP C 1038 1.69 56.02 2.79
N PHE C 1039 2.89 56.00 3.37
CA PHE C 1039 3.24 54.91 4.27
C PHE C 1039 2.53 55.06 5.61
N CYS C 1040 2.52 56.27 6.16
CA CYS C 1040 1.98 56.52 7.49
C CYS C 1040 0.76 57.42 7.39
N GLY C 1041 -0.10 57.16 6.41
CA GLY C 1041 -1.34 57.89 6.23
C GLY C 1041 -1.30 58.80 5.02
N LYS C 1042 -2.49 59.28 4.65
CA LYS C 1042 -2.64 60.16 3.51
C LYS C 1042 -2.34 61.60 3.91
N GLY C 1043 -1.47 62.26 3.16
CA GLY C 1043 -1.01 63.59 3.49
C GLY C 1043 0.40 63.57 4.03
N TYR C 1044 0.86 64.73 4.48
CA TYR C 1044 2.18 64.83 5.08
C TYR C 1044 2.11 64.35 6.53
N HIS C 1045 3.03 63.46 6.89
CA HIS C 1045 2.98 62.80 8.19
C HIS C 1045 3.51 63.72 9.28
N LEU C 1046 2.83 63.69 10.44
CA LEU C 1046 3.26 64.45 11.61
C LEU C 1046 3.64 63.55 12.78
N MET C 1047 2.75 62.65 13.21
CA MET C 1047 3.05 61.72 14.28
C MET C 1047 2.00 60.61 14.24
N SER C 1048 2.15 59.62 15.12
CA SER C 1048 1.19 58.53 15.20
C SER C 1048 1.13 58.01 16.63
N PHE C 1049 0.02 57.36 16.95
CA PHE C 1049 -0.20 56.82 18.28
C PHE C 1049 -0.68 55.38 18.18
N PRO C 1050 -0.11 54.47 18.96
CA PRO C 1050 -0.54 53.07 18.90
C PRO C 1050 -1.64 52.76 19.91
N GLN C 1051 -2.51 51.84 19.52
CA GLN C 1051 -3.57 51.35 20.39
C GLN C 1051 -3.66 49.84 20.22
N SER C 1052 -3.88 49.14 21.32
CA SER C 1052 -3.96 47.69 21.25
C SER C 1052 -5.36 47.23 20.88
N ALA C 1053 -5.46 45.98 20.46
CA ALA C 1053 -6.71 45.38 20.04
C ALA C 1053 -6.55 43.87 20.09
N PRO C 1054 -7.66 43.11 20.14
CA PRO C 1054 -7.53 41.65 20.18
C PRO C 1054 -6.83 41.09 18.96
N HIS C 1055 -5.65 40.50 19.15
CA HIS C 1055 -4.84 39.94 18.07
C HIS C 1055 -4.51 40.98 17.01
N GLY C 1056 -4.15 42.18 17.43
CA GLY C 1056 -3.80 43.20 16.46
C GLY C 1056 -3.44 44.50 17.14
N VAL C 1057 -3.10 45.49 16.31
CA VAL C 1057 -2.74 46.82 16.76
C VAL C 1057 -3.45 47.83 15.86
N VAL C 1058 -3.69 49.03 16.39
CA VAL C 1058 -4.40 50.08 15.68
C VAL C 1058 -3.56 51.36 15.77
N PHE C 1059 -3.32 51.99 14.63
CA PHE C 1059 -2.53 53.21 14.56
C PHE C 1059 -3.42 54.40 14.25
N LEU C 1060 -3.21 55.51 14.96
CA LEU C 1060 -3.90 56.76 14.68
C LEU C 1060 -2.89 57.72 14.06
N HIS C 1061 -2.94 57.87 12.75
CA HIS C 1061 -1.96 58.67 12.02
C HIS C 1061 -2.44 60.12 11.96
N VAL C 1062 -1.70 61.03 12.56
CA VAL C 1062 -1.98 62.45 12.48
C VAL C 1062 -1.22 63.01 11.29
N THR C 1063 -1.92 63.74 10.43
CA THR C 1063 -1.35 64.15 9.15
C THR C 1063 -1.77 65.58 8.81
N TYR C 1064 -1.02 66.19 7.91
CA TYR C 1064 -1.21 67.58 7.50
C TYR C 1064 -1.75 67.60 6.07
N VAL C 1065 -2.84 68.33 5.86
CA VAL C 1065 -3.52 68.38 4.57
C VAL C 1065 -3.72 69.83 4.16
N PRO C 1066 -3.17 70.28 3.04
CA PRO C 1066 -3.40 71.67 2.59
C PRO C 1066 -4.82 71.85 2.09
N ALA C 1067 -5.25 73.12 2.08
CA ALA C 1067 -6.58 73.45 1.62
C ALA C 1067 -6.63 74.92 1.22
N GLN C 1068 -7.68 75.28 0.48
CA GLN C 1068 -7.95 76.66 0.08
C GLN C 1068 -6.81 77.24 -0.75
N GLU C 1069 -6.60 76.62 -1.91
CA GLU C 1069 -5.56 77.09 -2.83
C GLU C 1069 -6.01 78.32 -3.58
N LYS C 1070 -5.04 79.07 -4.11
CA LYS C 1070 -5.29 80.29 -4.85
C LYS C 1070 -4.25 80.44 -5.94
N ASN C 1071 -4.71 80.68 -7.17
CA ASN C 1071 -3.83 80.73 -8.33
C ASN C 1071 -2.99 82.00 -8.34
N PHE C 1072 -1.84 81.93 -9.01
CA PHE C 1072 -0.91 83.05 -9.09
C PHE C 1072 -0.17 83.00 -10.41
N THR C 1073 0.62 84.03 -10.67
CA THR C 1073 1.50 84.10 -11.81
C THR C 1073 2.94 84.02 -11.33
N THR C 1074 3.72 83.14 -11.95
CA THR C 1074 5.06 82.82 -11.47
C THR C 1074 6.10 83.14 -12.54
N ALA C 1075 7.36 82.98 -12.16
CA ALA C 1075 8.50 83.21 -13.05
C ALA C 1075 9.71 82.50 -12.48
N PRO C 1076 10.56 81.92 -13.32
CA PRO C 1076 11.70 81.15 -12.81
C PRO C 1076 12.76 81.99 -12.14
N ALA C 1077 13.10 83.14 -12.72
CA ALA C 1077 14.16 83.98 -12.19
C ALA C 1077 13.79 85.45 -12.37
N ILE C 1078 14.63 86.32 -11.82
CA ILE C 1078 14.42 87.77 -11.88
C ILE C 1078 15.71 88.41 -12.38
N CYS C 1079 15.64 89.06 -13.54
CA CYS C 1079 16.80 89.74 -14.10
C CYS C 1079 16.83 91.17 -13.58
N HIS C 1080 17.81 91.47 -12.73
CA HIS C 1080 17.97 92.81 -12.18
C HIS C 1080 19.43 93.21 -12.26
N ASP C 1081 19.68 94.39 -12.82
CA ASP C 1081 21.03 94.92 -12.97
C ASP C 1081 21.92 93.99 -13.79
N GLY C 1082 21.35 93.36 -14.82
CA GLY C 1082 22.13 92.51 -15.70
C GLY C 1082 22.47 91.14 -15.15
N LYS C 1083 21.87 90.73 -14.04
CA LYS C 1083 22.12 89.43 -13.44
C LYS C 1083 20.81 88.72 -13.14
N ALA C 1084 20.86 87.40 -13.10
CA ALA C 1084 19.69 86.58 -12.87
C ALA C 1084 19.68 86.12 -11.40
N HIS C 1085 18.55 86.31 -10.73
CA HIS C 1085 18.41 85.98 -9.32
C HIS C 1085 17.44 84.82 -9.17
N PHE C 1086 17.81 83.84 -8.36
CA PHE C 1086 16.99 82.67 -8.08
C PHE C 1086 16.61 82.63 -6.60
N PRO C 1087 15.47 82.05 -6.26
CA PRO C 1087 15.09 81.95 -4.85
C PRO C 1087 15.97 80.95 -4.12
N ARG C 1088 16.15 81.18 -2.82
CA ARG C 1088 16.89 80.23 -2.00
C ARG C 1088 16.03 79.01 -1.68
N GLU C 1089 14.91 79.21 -0.99
CA GLU C 1089 14.00 78.12 -0.66
C GLU C 1089 12.57 78.35 -1.13
N GLY C 1090 12.18 79.57 -1.46
CA GLY C 1090 10.81 79.88 -1.80
C GLY C 1090 10.51 79.77 -3.28
N VAL C 1091 9.50 80.53 -3.71
CA VAL C 1091 9.06 80.56 -5.10
C VAL C 1091 8.57 81.97 -5.41
N PHE C 1092 8.81 82.41 -6.63
CA PHE C 1092 8.40 83.74 -7.05
C PHE C 1092 6.94 83.73 -7.47
N VAL C 1093 6.14 84.64 -6.92
CA VAL C 1093 4.73 84.76 -7.25
C VAL C 1093 4.41 86.23 -7.49
N SER C 1094 3.19 86.47 -7.95
CA SER C 1094 2.75 87.82 -8.25
C SER C 1094 1.23 87.89 -8.13
N ASN C 1095 0.73 88.94 -7.50
CA ASN C 1095 -0.71 89.13 -7.40
C ASN C 1095 -1.26 90.00 -8.52
N GLY C 1096 -0.42 90.40 -9.48
CA GLY C 1096 -0.89 91.19 -10.60
C GLY C 1096 -0.04 92.42 -10.85
N THR C 1097 0.45 93.05 -9.79
CA THR C 1097 1.23 94.27 -9.92
C THR C 1097 2.65 94.13 -9.38
N HIS C 1098 2.83 93.46 -8.24
CA HIS C 1098 4.13 93.33 -7.61
C HIS C 1098 4.55 91.87 -7.57
N TRP C 1099 5.81 91.65 -7.22
CA TRP C 1099 6.38 90.31 -7.12
C TRP C 1099 6.86 90.05 -5.70
N PHE C 1100 6.60 88.84 -5.22
CA PHE C 1100 7.01 88.42 -3.89
C PHE C 1100 7.62 87.03 -3.97
N VAL C 1101 8.29 86.63 -2.89
CA VAL C 1101 8.83 85.29 -2.76
C VAL C 1101 8.17 84.65 -1.54
N THR C 1102 7.68 83.42 -1.72
CA THR C 1102 6.93 82.74 -0.67
C THR C 1102 7.32 81.27 -0.63
N GLN C 1103 7.12 80.65 0.52
CA GLN C 1103 7.39 79.24 0.65
C GLN C 1103 6.36 78.42 -0.13
N ARG C 1104 6.71 77.18 -0.43
CA ARG C 1104 5.92 76.38 -1.35
C ARG C 1104 4.59 75.96 -0.73
N ASN C 1105 4.61 75.46 0.50
CA ASN C 1105 3.44 74.79 1.08
C ASN C 1105 2.52 75.73 1.86
N PHE C 1106 2.82 77.03 1.88
CA PHE C 1106 1.99 77.98 2.59
C PHE C 1106 2.22 79.35 1.98
N TYR C 1107 1.18 80.17 1.98
CA TYR C 1107 1.24 81.48 1.34
C TYR C 1107 1.54 82.55 2.39
N GLU C 1108 2.77 83.07 2.37
CA GLU C 1108 3.11 84.27 3.11
C GLU C 1108 4.16 85.03 2.31
N PRO C 1109 3.75 86.10 1.62
CA PRO C 1109 4.68 86.79 0.72
C PRO C 1109 5.75 87.55 1.48
N GLN C 1110 6.88 87.75 0.81
CA GLN C 1110 7.98 88.54 1.34
C GLN C 1110 8.55 89.41 0.24
N ILE C 1111 9.16 90.52 0.63
CA ILE C 1111 9.81 91.39 -0.34
C ILE C 1111 11.09 90.73 -0.82
N ILE C 1112 11.31 90.76 -2.14
CA ILE C 1112 12.49 90.13 -2.73
C ILE C 1112 13.70 90.97 -2.39
N THR C 1113 14.56 90.45 -1.52
CA THR C 1113 15.81 91.10 -1.14
C THR C 1113 16.98 90.24 -1.61
N THR C 1114 18.19 90.67 -1.26
CA THR C 1114 19.37 89.85 -1.52
C THR C 1114 19.64 88.84 -0.43
N ASP C 1115 18.87 88.86 0.65
CA ASP C 1115 19.05 87.87 1.71
C ASP C 1115 18.47 86.52 1.33
N ASN C 1116 17.38 86.51 0.57
CA ASN C 1116 16.68 85.29 0.21
C ASN C 1116 16.78 84.94 -1.26
N THR C 1117 17.74 85.53 -1.99
CA THR C 1117 18.00 85.20 -3.38
C THR C 1117 19.51 85.06 -3.59
N PHE C 1118 19.88 84.29 -4.60
CA PHE C 1118 21.28 84.15 -4.98
C PHE C 1118 21.42 84.36 -6.48
N VAL C 1119 22.57 84.85 -6.90
CA VAL C 1119 22.82 85.26 -8.27
C VAL C 1119 23.58 84.16 -9.00
N SER C 1120 23.29 84.00 -10.29
CA SER C 1120 24.00 83.01 -11.11
C SER C 1120 23.97 83.48 -12.56
N GLY C 1121 25.05 84.11 -13.00
CA GLY C 1121 25.21 84.48 -14.40
C GLY C 1121 24.32 85.64 -14.81
N ASN C 1122 24.33 85.91 -16.12
CA ASN C 1122 23.50 86.95 -16.70
C ASN C 1122 22.12 86.38 -17.05
N CYS C 1123 21.22 87.25 -17.51
CA CYS C 1123 19.85 86.87 -17.78
C CYS C 1123 19.58 86.68 -19.27
N ASP C 1124 20.52 86.10 -20.00
CA ASP C 1124 20.34 85.78 -21.41
C ASP C 1124 20.29 84.28 -21.67
N VAL C 1125 20.26 83.44 -20.63
CA VAL C 1125 20.31 81.99 -20.79
C VAL C 1125 19.01 81.33 -20.35
N VAL C 1126 18.39 81.83 -19.27
CA VAL C 1126 17.17 81.22 -18.78
C VAL C 1126 15.98 81.71 -19.58
N ILE C 1127 15.04 80.79 -19.85
CA ILE C 1127 13.85 81.09 -20.65
C ILE C 1127 12.70 81.39 -19.71
N GLY C 1128 12.07 82.55 -19.89
CA GLY C 1128 10.97 82.96 -19.04
C GLY C 1128 11.32 83.91 -17.93
N ILE C 1129 12.54 84.45 -17.91
CA ILE C 1129 12.91 85.43 -16.90
C ILE C 1129 12.12 86.71 -17.10
N VAL C 1130 11.88 87.42 -16.00
CA VAL C 1130 11.08 88.64 -16.02
C VAL C 1130 11.86 89.77 -15.36
N ASN C 1131 11.58 91.00 -15.77
CA ASN C 1131 12.25 92.16 -15.19
C ASN C 1131 11.61 92.53 -13.86
N ASN C 1132 12.45 92.94 -12.91
CA ASN C 1132 12.00 93.51 -11.65
C ASN C 1132 13.23 94.02 -10.90
N THR C 1133 12.99 94.67 -9.78
CA THR C 1133 14.04 95.20 -8.92
C THR C 1133 14.14 94.37 -7.65
N VAL C 1134 15.35 94.29 -7.11
CA VAL C 1134 15.63 93.53 -5.90
C VAL C 1134 16.15 94.51 -4.85
N TYR C 1135 15.38 94.67 -3.77
CA TYR C 1135 15.74 95.61 -2.73
C TYR C 1135 16.96 95.14 -1.97
N ASP C 1136 17.83 96.08 -1.61
CA ASP C 1136 19.05 95.78 -0.87
C ASP C 1136 18.94 96.39 0.53
N PRO C 1137 19.07 95.60 1.60
CA PRO C 1137 18.95 96.17 2.94
C PRO C 1137 20.12 97.04 3.35
N LEU C 1138 21.28 96.88 2.72
CA LEU C 1138 22.46 97.63 3.14
C LEU C 1138 22.43 99.07 2.68
N GLN C 1139 21.77 99.36 1.55
CA GLN C 1139 21.81 100.71 1.00
C GLN C 1139 21.22 101.76 1.92
N PRO C 1140 20.03 101.58 2.53
CA PRO C 1140 19.54 102.59 3.46
C PRO C 1140 20.45 102.82 4.66
N GLU C 1141 21.10 101.78 5.18
CA GLU C 1141 22.01 101.96 6.30
C GLU C 1141 23.20 102.83 5.93
N LEU C 1142 23.79 102.59 4.76
CA LEU C 1142 24.94 103.35 4.30
C LEU C 1142 24.55 104.70 3.71
N ASP C 1143 23.25 104.94 3.48
CA ASP C 1143 22.83 106.25 3.02
C ASP C 1143 23.09 107.32 4.07
N SER C 1144 22.90 106.98 5.34
CA SER C 1144 23.15 107.91 6.43
C SER C 1144 24.64 108.03 6.71
N ASP D 1 16.83 -81.33 -1.96
CA ASP D 1 17.41 -80.73 -0.76
C ASP D 1 18.63 -79.90 -1.10
N ILE D 2 18.86 -78.85 -0.31
CA ILE D 2 20.01 -77.97 -0.50
C ILE D 2 21.18 -78.54 0.29
N GLN D 3 22.20 -79.03 -0.42
CA GLN D 3 23.40 -79.57 0.19
C GLN D 3 24.44 -78.46 0.26
N MET D 4 24.96 -78.18 1.45
CA MET D 4 25.96 -77.14 1.63
C MET D 4 27.15 -77.69 2.41
N THR D 5 28.30 -77.04 2.21
CA THR D 5 29.48 -77.31 3.02
C THR D 5 30.08 -75.98 3.43
N GLN D 6 30.79 -76.00 4.55
CA GLN D 6 31.46 -74.81 5.06
C GLN D 6 32.96 -75.06 5.16
N SER D 7 33.74 -74.07 4.75
CA SER D 7 35.18 -74.18 4.69
C SER D 7 35.83 -73.05 5.46
N PRO D 8 36.91 -73.32 6.22
CA PRO D 8 37.49 -74.66 6.36
C PRO D 8 36.74 -75.54 7.36
N SER D 9 36.93 -76.86 7.25
CA SER D 9 36.31 -77.78 8.19
C SER D 9 36.91 -77.63 9.58
N THR D 10 38.17 -77.19 9.66
CA THR D 10 38.83 -76.93 10.93
C THR D 10 39.85 -75.83 10.72
N LEU D 11 39.85 -74.84 11.61
CA LEU D 11 40.74 -73.68 11.50
C LEU D 11 41.44 -73.47 12.83
N SER D 12 42.72 -73.09 12.77
CA SER D 12 43.52 -72.82 13.95
C SER D 12 43.64 -71.32 14.12
N ALA D 13 43.26 -70.82 15.31
CA ALA D 13 43.25 -69.39 15.59
C ALA D 13 43.85 -69.15 16.97
N SER D 14 44.13 -67.88 17.24
CA SER D 14 44.71 -67.44 18.51
C SER D 14 43.92 -66.25 19.04
N VAL D 15 44.19 -65.89 20.29
CA VAL D 15 43.51 -64.77 20.91
C VAL D 15 43.89 -63.48 20.21
N GLY D 16 42.90 -62.64 19.94
CA GLY D 16 43.11 -61.39 19.24
C GLY D 16 43.29 -61.52 17.74
N ASP D 17 43.15 -62.72 17.19
CA ASP D 17 43.33 -62.94 15.76
C ASP D 17 42.02 -62.72 15.02
N ARG D 18 42.13 -62.33 13.75
CA ARG D 18 40.99 -62.12 12.88
C ARG D 18 40.85 -63.33 11.96
N VAL D 19 39.72 -64.02 12.07
CA VAL D 19 39.44 -65.22 11.27
C VAL D 19 38.04 -65.09 10.69
N THR D 20 37.80 -65.84 9.62
CA THR D 20 36.50 -65.88 8.97
C THR D 20 36.16 -67.31 8.60
N ILE D 21 34.86 -67.61 8.60
CA ILE D 21 34.36 -68.91 8.18
C ILE D 21 33.38 -68.69 7.04
N THR D 22 33.56 -69.42 5.95
CA THR D 22 32.71 -69.31 4.77
C THR D 22 31.75 -70.49 4.71
N CYS D 23 30.60 -70.26 4.11
CA CYS D 23 29.54 -71.27 4.07
C CYS D 23 28.79 -71.09 2.76
N ARG D 24 28.90 -72.07 1.87
CA ARG D 24 28.31 -72.00 0.53
C ARG D 24 27.28 -73.10 0.38
N ALA D 25 26.15 -72.77 -0.23
CA ALA D 25 25.09 -73.73 -0.50
C ALA D 25 25.18 -74.20 -1.95
N SER D 26 24.28 -75.13 -2.31
CA SER D 26 24.27 -75.65 -3.67
C SER D 26 23.70 -74.61 -4.64
N GLN D 27 22.48 -74.14 -4.40
CA GLN D 27 21.84 -73.14 -5.23
C GLN D 27 21.53 -71.91 -4.38
N SER D 28 20.84 -70.95 -4.99
CA SER D 28 20.50 -69.71 -4.30
C SER D 28 19.43 -69.98 -3.25
N ILE D 29 19.67 -69.49 -2.03
CA ILE D 29 18.73 -69.61 -0.92
C ILE D 29 18.39 -68.26 -0.31
N SER D 30 18.56 -67.19 -1.09
CA SER D 30 18.31 -65.81 -0.64
C SER D 30 19.21 -65.55 0.57
N SER D 31 18.72 -64.94 1.65
CA SER D 31 19.51 -64.72 2.85
C SER D 31 18.98 -65.53 4.02
N TRP D 32 18.32 -66.65 3.75
CA TRP D 32 17.66 -67.46 4.77
C TRP D 32 18.69 -68.41 5.37
N LEU D 33 19.48 -67.92 6.32
CA LEU D 33 20.44 -68.78 7.01
C LEU D 33 20.83 -68.14 8.34
N ALA D 34 21.06 -68.98 9.34
CA ALA D 34 21.40 -68.53 10.68
C ALA D 34 22.65 -69.25 11.18
N TRP D 35 23.39 -68.59 12.05
CA TRP D 35 24.66 -69.09 12.58
C TRP D 35 24.45 -69.61 14.00
N TYR D 36 25.07 -70.75 14.30
CA TYR D 36 24.88 -71.40 15.59
C TYR D 36 26.22 -71.73 16.22
N GLN D 37 26.35 -71.42 17.50
CA GLN D 37 27.57 -71.63 18.27
C GLN D 37 27.32 -72.70 19.34
N GLN D 38 28.15 -73.74 19.33
CA GLN D 38 27.96 -74.89 20.22
C GLN D 38 29.28 -75.21 20.91
N LYS D 39 29.35 -74.98 22.20
CA LYS D 39 30.44 -75.53 23.00
C LYS D 39 30.28 -77.04 23.11
N PRO D 40 31.36 -77.81 23.09
CA PRO D 40 31.24 -79.27 23.20
C PRO D 40 30.59 -79.71 24.52
N GLY D 41 29.43 -80.34 24.44
CA GLY D 41 28.73 -80.84 25.60
C GLY D 41 27.45 -80.11 25.95
N LYS D 42 27.15 -78.98 25.33
CA LYS D 42 25.94 -78.22 25.63
C LYS D 42 25.25 -77.84 24.33
N ALA D 43 24.03 -77.30 24.46
CA ALA D 43 23.19 -76.96 23.33
C ALA D 43 23.77 -75.78 22.54
N PRO D 44 23.62 -75.78 21.22
CA PRO D 44 24.10 -74.65 20.42
C PRO D 44 23.26 -73.40 20.67
N LYS D 45 23.90 -72.25 20.48
CA LYS D 45 23.27 -70.95 20.65
C LYS D 45 23.27 -70.19 19.33
N LEU D 46 22.16 -69.54 19.02
CA LEU D 46 22.05 -68.73 17.81
C LEU D 46 22.80 -67.42 18.01
N LEU D 47 23.49 -66.98 16.95
CA LEU D 47 24.20 -65.71 16.95
C LEU D 47 23.61 -64.73 15.95
N ILE D 48 23.52 -65.14 14.68
CA ILE D 48 23.11 -64.27 13.58
C ILE D 48 21.91 -64.91 12.90
N TYR D 49 20.85 -64.12 12.70
CA TYR D 49 19.73 -64.54 11.88
C TYR D 49 19.54 -63.50 10.78
N LYS D 50 18.99 -63.95 9.64
CA LYS D 50 18.94 -63.17 8.41
C LYS D 50 20.35 -62.92 7.86
N ALA D 51 21.35 -63.61 8.44
CA ALA D 51 22.74 -63.60 8.00
C ALA D 51 23.42 -62.26 8.25
N SER D 52 22.69 -61.28 8.77
CA SER D 52 23.30 -59.98 9.07
C SER D 52 22.93 -59.48 10.46
N SER D 53 21.73 -59.80 10.93
CA SER D 53 21.21 -59.22 12.16
C SER D 53 21.90 -59.82 13.39
N LEU D 54 22.12 -58.98 14.40
CA LEU D 54 22.75 -59.39 15.64
C LEU D 54 21.68 -59.66 16.68
N GLU D 55 21.68 -60.86 17.24
CA GLU D 55 20.73 -61.20 18.31
C GLU D 55 21.07 -60.43 19.58
N SER D 56 20.05 -60.21 20.40
CA SER D 56 20.25 -59.54 21.68
C SER D 56 21.15 -60.38 22.58
N GLY D 57 22.12 -59.72 23.22
CA GLY D 57 23.08 -60.39 24.06
C GLY D 57 24.32 -60.87 23.34
N VAL D 58 24.27 -60.97 22.02
CA VAL D 58 25.44 -61.40 21.23
C VAL D 58 26.38 -60.23 21.06
N PRO D 59 27.67 -60.37 21.36
CA PRO D 59 28.61 -59.26 21.18
C PRO D 59 28.66 -58.81 19.72
N SER D 60 28.78 -57.50 19.52
CA SER D 60 28.74 -56.92 18.19
C SER D 60 29.99 -57.21 17.36
N ARG D 61 31.04 -57.73 17.98
CA ARG D 61 32.26 -58.02 17.21
C ARG D 61 32.03 -59.18 16.24
N PHE D 62 31.03 -60.01 16.49
CA PHE D 62 30.56 -60.96 15.48
C PHE D 62 30.00 -60.20 14.29
N SER D 63 30.43 -60.59 13.09
CA SER D 63 30.02 -59.92 11.86
C SER D 63 29.69 -60.96 10.80
N GLY D 64 28.52 -60.83 10.19
CA GLY D 64 28.08 -61.72 9.13
C GLY D 64 27.83 -60.93 7.85
N SER D 65 28.14 -61.54 6.72
CA SER D 65 27.97 -60.89 5.42
C SER D 65 27.62 -61.94 4.38
N GLY D 66 26.62 -61.65 3.56
CA GLY D 66 26.22 -62.56 2.51
C GLY D 66 24.93 -62.16 1.82
N SER D 67 24.80 -62.48 0.54
CA SER D 67 23.60 -62.19 -0.24
C SER D 67 22.92 -63.46 -0.73
N GLY D 68 23.70 -64.40 -1.27
CA GLY D 68 23.15 -65.66 -1.74
C GLY D 68 24.21 -66.63 -2.21
N THR D 69 24.10 -67.88 -1.76
CA THR D 69 24.92 -69.04 -2.12
C THR D 69 26.32 -68.96 -1.50
N GLU D 70 26.71 -67.83 -0.91
CA GLU D 70 28.00 -67.71 -0.25
C GLU D 70 27.92 -66.69 0.88
N PHE D 71 28.08 -67.17 2.11
CA PHE D 71 27.98 -66.33 3.30
C PHE D 71 29.26 -66.47 4.12
N THR D 72 29.69 -65.35 4.70
CA THR D 72 30.92 -65.32 5.48
C THR D 72 30.64 -64.73 6.85
N LEU D 73 31.11 -65.42 7.88
CA LEU D 73 31.06 -64.93 9.26
C LEU D 73 32.46 -64.55 9.68
N THR D 74 32.64 -63.28 10.07
CA THR D 74 33.95 -62.71 10.33
C THR D 74 34.08 -62.33 11.80
N ILE D 75 35.24 -62.66 12.38
CA ILE D 75 35.58 -62.30 13.75
C ILE D 75 36.73 -61.32 13.69
N SER D 76 36.55 -60.15 14.32
CA SER D 76 37.60 -59.14 14.32
C SER D 76 38.65 -59.43 15.39
N SER D 77 38.23 -59.47 16.66
CA SER D 77 39.12 -59.76 17.78
C SER D 77 38.64 -61.05 18.43
N LEU D 78 39.56 -61.98 18.66
CA LEU D 78 39.21 -63.29 19.18
C LEU D 78 39.50 -63.37 20.68
N GLN D 79 38.68 -64.14 21.38
CA GLN D 79 38.79 -64.40 22.80
C GLN D 79 38.77 -65.91 23.04
N PRO D 80 39.34 -66.37 24.16
CA PRO D 80 39.47 -67.83 24.38
C PRO D 80 38.15 -68.57 24.42
N ASP D 81 37.03 -67.90 24.68
CA ASP D 81 35.73 -68.57 24.70
C ASP D 81 35.18 -68.84 23.31
N ASP D 82 35.87 -68.40 22.26
CA ASP D 82 35.40 -68.58 20.89
C ASP D 82 35.72 -69.95 20.31
N PHE D 83 36.54 -70.75 20.99
CA PHE D 83 36.95 -72.05 20.46
C PHE D 83 35.81 -73.04 20.62
N ALA D 84 35.03 -73.21 19.57
CA ALA D 84 33.85 -74.08 19.62
C ALA D 84 33.50 -74.48 18.19
N THR D 85 32.30 -75.04 18.03
CA THR D 85 31.81 -75.50 16.75
C THR D 85 30.74 -74.54 16.23
N TYR D 86 30.87 -74.15 14.97
CA TYR D 86 29.92 -73.26 14.31
C TYR D 86 29.17 -74.03 13.24
N TYR D 87 27.85 -73.84 13.17
CA TYR D 87 26.99 -74.60 12.29
C TYR D 87 26.18 -73.67 11.41
N CYS D 88 26.02 -74.05 10.14
CA CYS D 88 25.11 -73.38 9.23
C CYS D 88 23.75 -74.04 9.26
N GLN D 89 22.72 -73.28 8.90
CA GLN D 89 21.38 -73.83 8.72
C GLN D 89 20.58 -72.93 7.81
N GLN D 90 20.10 -73.48 6.70
CA GLN D 90 19.22 -72.75 5.81
C GLN D 90 17.78 -73.16 6.07
N TYR D 91 16.87 -72.21 5.91
CA TYR D 91 15.45 -72.48 6.13
C TYR D 91 14.61 -71.94 4.96
N ASN D 92 15.19 -71.91 3.78
CA ASN D 92 14.43 -71.71 2.55
C ASN D 92 14.04 -73.09 1.99
N SER D 93 12.75 -73.27 1.73
CA SER D 93 12.17 -74.57 1.39
C SER D 93 12.25 -75.53 2.57
N TYR D 94 11.51 -76.62 2.51
CA TYR D 94 11.45 -77.56 3.62
C TYR D 94 12.76 -78.35 3.72
N SER D 95 12.82 -79.26 4.70
CA SER D 95 13.98 -80.10 4.93
C SER D 95 15.23 -79.27 5.19
N HIS D 96 15.21 -78.53 6.30
CA HIS D 96 16.28 -77.62 6.65
C HIS D 96 17.59 -78.35 6.94
N THR D 97 18.56 -78.22 6.05
CA THR D 97 19.86 -78.87 6.19
C THR D 97 20.79 -78.00 7.04
N PHE D 98 21.75 -78.67 7.68
CA PHE D 98 22.78 -78.02 8.49
C PHE D 98 24.14 -78.17 7.81
N GLY D 99 25.14 -77.50 8.39
CA GLY D 99 26.51 -77.64 7.97
C GLY D 99 27.21 -78.78 8.70
N GLN D 100 28.46 -79.02 8.29
CA GLN D 100 29.22 -80.13 8.86
C GLN D 100 29.67 -79.84 10.29
N GLY D 101 30.15 -78.62 10.55
CA GLY D 101 30.65 -78.28 11.86
C GLY D 101 32.15 -78.01 11.86
N THR D 102 32.53 -76.75 12.04
CA THR D 102 33.92 -76.33 11.99
C THR D 102 34.48 -76.24 13.40
N LYS D 103 35.73 -76.66 13.58
CA LYS D 103 36.39 -76.66 14.88
C LYS D 103 37.45 -75.58 14.93
N LEU D 104 37.40 -74.74 15.95
CA LEU D 104 38.39 -73.70 16.18
C LEU D 104 39.22 -74.08 17.41
N GLU D 105 40.53 -74.01 17.28
CA GLU D 105 41.42 -74.48 18.33
C GLU D 105 42.67 -73.60 18.38
N ILE D 106 43.35 -73.66 19.52
CA ILE D 106 44.59 -72.92 19.72
C ILE D 106 45.74 -73.70 19.12
N LYS D 107 46.79 -72.99 18.73
CA LYS D 107 47.97 -73.62 18.14
C LYS D 107 48.77 -74.33 19.24
N ARG D 108 49.15 -75.57 18.98
CA ARG D 108 49.90 -76.36 19.95
C ARG D 108 51.40 -76.23 19.70
N GLN E 1 15.54 -65.28 29.02
CA GLN E 1 14.20 -64.74 29.24
C GLN E 1 13.21 -65.84 29.58
N VAL E 2 13.13 -66.85 28.71
CA VAL E 2 12.22 -67.99 28.89
C VAL E 2 13.03 -69.18 29.37
N GLN E 3 12.53 -69.87 30.38
CA GLN E 3 13.19 -71.04 30.94
C GLN E 3 12.52 -72.30 30.42
N LEU E 4 13.34 -73.26 29.97
CA LEU E 4 12.84 -74.48 29.34
C LEU E 4 13.34 -75.70 30.12
N VAL E 5 12.45 -76.68 30.26
CA VAL E 5 12.80 -77.98 30.82
C VAL E 5 12.31 -79.06 29.87
N GLN E 6 13.19 -80.01 29.55
CA GLN E 6 12.87 -81.15 28.72
C GLN E 6 12.68 -82.38 29.61
N SER E 7 12.51 -83.53 28.98
CA SER E 7 12.38 -84.78 29.71
C SER E 7 13.77 -85.25 30.14
N GLY E 8 13.86 -86.46 30.70
CA GLY E 8 15.11 -87.03 31.14
C GLY E 8 15.68 -88.03 30.15
N ALA E 9 16.86 -88.54 30.51
CA ALA E 9 17.49 -89.58 29.71
C ALA E 9 16.68 -90.87 29.79
N GLU E 10 16.56 -91.57 28.66
CA GLU E 10 15.73 -92.75 28.56
C GLU E 10 16.47 -93.85 27.83
N VAL E 11 16.32 -95.08 28.33
CA VAL E 11 16.88 -96.28 27.71
C VAL E 11 15.71 -97.21 27.39
N LYS E 12 15.65 -97.65 26.13
CA LYS E 12 14.51 -98.46 25.69
C LYS E 12 14.94 -99.35 24.53
N LYS E 13 14.25 -100.48 24.40
CA LYS E 13 14.52 -101.39 23.31
C LYS E 13 14.07 -100.76 21.98
N PRO E 14 14.68 -101.17 20.87
CA PRO E 14 14.27 -100.61 19.56
C PRO E 14 12.81 -100.87 19.20
N GLY E 15 12.24 -101.98 19.63
CA GLY E 15 10.88 -102.31 19.26
C GLY E 15 9.82 -101.60 20.09
N SER E 16 9.88 -100.28 20.13
CA SER E 16 8.92 -99.48 20.89
C SER E 16 9.05 -98.03 20.42
N SER E 17 8.37 -97.14 21.14
CA SER E 17 8.38 -95.72 20.84
C SER E 17 8.72 -94.92 22.09
N VAL E 18 9.29 -93.73 21.89
CA VAL E 18 9.73 -92.87 22.97
C VAL E 18 8.99 -91.54 22.86
N LYS E 19 8.43 -91.08 23.98
CA LYS E 19 7.74 -89.80 24.05
C LYS E 19 8.59 -88.83 24.86
N VAL E 20 8.88 -87.67 24.28
CA VAL E 20 9.74 -86.67 24.90
C VAL E 20 8.94 -85.37 25.04
N SER E 21 8.94 -84.81 26.24
CA SER E 21 8.19 -83.61 26.55
C SER E 21 9.11 -82.39 26.62
N CYS E 22 8.51 -81.23 26.41
CA CYS E 22 9.23 -79.96 26.51
C CYS E 22 8.28 -78.91 27.04
N LYS E 23 8.60 -78.34 28.20
CA LYS E 23 7.74 -77.36 28.88
C LYS E 23 8.36 -75.97 28.77
N ALA E 24 7.56 -75.01 28.35
CA ALA E 24 8.00 -73.63 28.19
C ALA E 24 7.36 -72.76 29.27
N SER E 25 8.18 -71.96 29.95
CA SER E 25 7.71 -71.03 30.97
C SER E 25 8.40 -69.69 30.77
N GLY E 26 7.63 -68.67 30.42
CA GLY E 26 8.16 -67.35 30.21
C GLY E 26 7.58 -66.67 28.98
N GLY E 27 7.06 -65.46 29.16
CA GLY E 27 6.45 -64.74 28.06
C GLY E 27 5.13 -65.38 27.63
N THR E 28 4.62 -64.90 26.50
CA THR E 28 3.41 -65.47 25.93
C THR E 28 3.72 -66.80 25.25
N PHE E 29 2.76 -67.72 25.31
CA PHE E 29 2.93 -69.04 24.72
C PHE E 29 2.30 -69.15 23.34
N SER E 30 1.26 -68.38 23.06
CA SER E 30 0.58 -68.44 21.77
C SER E 30 1.40 -67.85 20.63
N SER E 31 2.51 -67.17 20.93
CA SER E 31 3.36 -66.59 19.91
C SER E 31 4.65 -67.37 19.69
N TYR E 32 4.68 -68.65 20.06
CA TYR E 32 5.87 -69.46 19.96
C TYR E 32 5.67 -70.61 18.97
N SER E 33 6.77 -70.94 18.27
CA SER E 33 6.81 -72.08 17.38
C SER E 33 7.89 -73.04 17.86
N PHE E 34 7.59 -74.33 17.77
CA PHE E 34 8.44 -75.37 18.37
C PHE E 34 9.04 -76.24 17.29
N ILE E 35 10.33 -76.53 17.43
CA ILE E 35 11.04 -77.40 16.50
C ILE E 35 11.78 -78.46 17.29
N TRP E 36 11.97 -79.62 16.67
CA TRP E 36 12.75 -80.71 17.26
C TRP E 36 13.93 -80.99 16.35
N VAL E 37 15.12 -81.07 16.95
CA VAL E 37 16.36 -81.21 16.21
C VAL E 37 17.23 -82.27 16.87
N ARG E 38 17.89 -83.06 16.04
CA ARG E 38 18.65 -84.24 16.46
C ARG E 38 20.13 -83.91 16.57
N GLN E 39 20.81 -84.57 17.51
CA GLN E 39 22.25 -84.41 17.71
C GLN E 39 22.86 -85.79 17.87
N ALA E 40 23.43 -86.32 16.79
CA ALA E 40 24.08 -87.61 16.96
C ALA E 40 25.55 -87.42 17.30
N PRO E 41 26.09 -88.24 18.20
CA PRO E 41 27.51 -88.11 18.56
C PRO E 41 28.46 -88.30 17.40
N GLY E 42 28.12 -89.16 16.43
CA GLY E 42 29.01 -89.48 15.34
C GLY E 42 29.01 -88.53 14.16
N GLN E 43 28.13 -87.53 14.15
CA GLN E 43 28.06 -86.58 13.05
C GLN E 43 27.52 -85.26 13.57
N GLY E 44 27.13 -84.38 12.65
CA GLY E 44 26.68 -83.05 13.00
C GLY E 44 25.21 -82.95 13.37
N LEU E 45 24.56 -81.90 12.87
CA LEU E 45 23.18 -81.61 13.23
C LEU E 45 22.23 -81.99 12.10
N GLU E 46 21.00 -82.32 12.49
CA GLU E 46 19.96 -82.65 11.52
C GLU E 46 18.60 -82.32 12.11
N TRP E 47 17.72 -81.78 11.28
CA TRP E 47 16.42 -81.31 11.71
C TRP E 47 15.35 -82.36 11.50
N MET E 48 14.36 -82.38 12.41
CA MET E 48 13.35 -83.43 12.45
C MET E 48 11.96 -82.91 12.09
N GLY E 49 11.44 -81.93 12.83
CA GLY E 49 10.08 -81.47 12.62
C GLY E 49 9.90 -80.04 13.04
N ARG E 50 8.86 -79.40 12.51
CA ARG E 50 8.57 -78.00 12.79
C ARG E 50 7.05 -77.80 12.81
N ILE E 51 6.55 -77.06 13.79
CA ILE E 51 5.12 -76.94 14.05
C ILE E 51 4.80 -75.54 14.59
N ILE E 52 3.65 -74.99 14.21
CA ILE E 52 3.05 -73.87 14.94
C ILE E 52 1.80 -74.39 15.63
N PRO E 53 1.80 -74.53 16.96
CA PRO E 53 0.58 -75.01 17.63
C PRO E 53 -0.62 -74.09 17.45
N ILE E 54 -0.39 -72.77 17.41
CA ILE E 54 -1.51 -71.83 17.36
C ILE E 54 -2.07 -71.70 15.95
N LEU E 55 -1.22 -71.81 14.93
CA LEU E 55 -1.67 -71.78 13.54
C LEU E 55 -1.92 -73.17 12.97
N GLY E 56 -1.40 -74.21 13.59
CA GLY E 56 -1.68 -75.58 13.16
C GLY E 56 -1.10 -75.99 11.82
N ILE E 57 0.15 -75.65 11.54
CA ILE E 57 0.86 -76.13 10.37
C ILE E 57 2.05 -76.96 10.85
N ALA E 58 2.09 -78.22 10.42
CA ALA E 58 3.14 -79.15 10.82
C ALA E 58 3.91 -79.61 9.59
N ASN E 59 5.24 -79.68 9.73
CA ASN E 59 6.10 -80.04 8.61
C ASN E 59 7.27 -80.84 9.16
N TYR E 60 7.36 -82.12 8.76
CA TYR E 60 8.42 -83.00 9.20
C TYR E 60 9.49 -83.14 8.13
N ALA E 61 10.58 -83.82 8.49
CA ALA E 61 11.64 -84.09 7.54
C ALA E 61 11.16 -85.05 6.47
N GLN E 62 11.80 -84.95 5.29
CA GLN E 62 11.37 -85.75 4.14
C GLN E 62 11.60 -87.24 4.36
N LYS E 63 12.51 -87.61 5.27
CA LYS E 63 12.87 -89.00 5.49
C LYS E 63 12.25 -89.57 6.77
N PHE E 64 11.19 -88.94 7.29
CA PHE E 64 10.58 -89.37 8.54
C PHE E 64 9.06 -89.41 8.46
N GLN E 65 8.51 -89.71 7.28
CA GLN E 65 7.06 -89.83 7.15
C GLN E 65 6.57 -91.01 7.96
N GLY E 66 5.54 -90.78 8.79
CA GLY E 66 4.93 -91.84 9.55
C GLY E 66 5.76 -92.37 10.70
N ARG E 67 6.87 -91.73 11.05
CA ARG E 67 7.74 -92.19 12.11
C ARG E 67 7.63 -91.35 13.38
N VAL E 68 7.63 -90.02 13.25
CA VAL E 68 7.57 -89.13 14.41
C VAL E 68 6.46 -88.10 14.18
N THR E 69 5.65 -87.87 15.21
CA THR E 69 4.61 -86.85 15.20
C THR E 69 4.78 -85.97 16.43
N ILE E 70 4.60 -84.66 16.23
CA ILE E 70 4.79 -83.67 17.29
C ILE E 70 3.46 -82.96 17.53
N THR E 71 3.05 -82.91 18.79
CA THR E 71 1.82 -82.23 19.19
C THR E 71 2.10 -81.39 20.43
N ALA E 72 1.39 -80.27 20.54
CA ALA E 72 1.56 -79.33 21.65
C ALA E 72 0.25 -79.18 22.40
N ASP E 73 0.35 -78.88 23.69
CA ASP E 73 -0.80 -78.70 24.56
C ASP E 73 -0.87 -77.24 24.98
N LYS E 74 -2.00 -76.60 24.74
CA LYS E 74 -2.15 -75.18 25.07
C LYS E 74 -2.29 -74.96 26.56
N SER E 75 -3.08 -75.80 27.24
CA SER E 75 -3.33 -75.59 28.66
C SER E 75 -2.05 -75.72 29.48
N THR E 76 -1.23 -76.73 29.17
CA THR E 76 0.01 -76.94 29.91
C THR E 76 1.20 -76.23 29.28
N THR E 77 1.03 -75.60 28.12
CA THR E 77 2.11 -74.91 27.41
C THR E 77 3.29 -75.85 27.20
N THR E 78 2.99 -77.08 26.83
CA THR E 78 3.98 -78.13 26.64
C THR E 78 3.90 -78.69 25.23
N ALA E 79 4.96 -79.36 24.82
CA ALA E 79 5.02 -80.06 23.55
C ALA E 79 5.56 -81.46 23.76
N TYR E 80 5.06 -82.40 22.96
CA TYR E 80 5.46 -83.80 23.07
C TYR E 80 5.71 -84.37 21.69
N MET E 81 6.81 -85.09 21.54
CA MET E 81 7.11 -85.82 20.32
C MET E 81 7.10 -87.31 20.62
N GLU E 82 6.53 -88.09 19.72
CA GLU E 82 6.56 -89.54 19.78
C GLU E 82 7.14 -90.09 18.49
N LEU E 83 8.14 -90.95 18.60
CA LEU E 83 8.80 -91.55 17.45
C LEU E 83 8.72 -93.06 17.55
N SER E 84 8.13 -93.69 16.55
CA SER E 84 7.94 -95.14 16.53
C SER E 84 8.98 -95.80 15.64
N SER E 85 9.08 -97.11 15.78
CA SER E 85 10.02 -97.94 15.02
C SER E 85 11.46 -97.47 15.23
N LEU E 86 11.89 -97.53 16.48
CA LEU E 86 13.24 -97.10 16.84
C LEU E 86 14.28 -98.00 16.18
N ARG E 87 15.33 -97.38 15.65
CA ARG E 87 16.41 -98.09 15.00
C ARG E 87 17.68 -98.00 15.83
N SER E 88 18.63 -98.88 15.52
CA SER E 88 19.89 -98.92 16.27
C SER E 88 20.66 -97.61 16.13
N GLU E 89 20.69 -97.06 14.91
CA GLU E 89 21.38 -95.79 14.66
C GLU E 89 20.65 -94.60 15.26
N ASP E 90 19.43 -94.78 15.76
CA ASP E 90 18.65 -93.70 16.33
C ASP E 90 18.99 -93.40 17.78
N THR E 91 20.16 -93.82 18.24
CA THR E 91 20.63 -93.52 19.59
C THR E 91 21.39 -92.19 19.54
N ALA E 92 20.83 -91.16 20.17
CA ALA E 92 21.38 -89.82 20.17
C ALA E 92 20.64 -88.99 21.21
N VAL E 93 20.92 -87.69 21.25
CA VAL E 93 20.30 -86.78 22.19
C VAL E 93 19.37 -85.84 21.42
N TYR E 94 18.21 -85.59 22.00
CA TYR E 94 17.19 -84.74 21.39
C TYR E 94 17.17 -83.38 22.07
N TYR E 95 17.16 -82.31 21.27
CA TYR E 95 17.11 -80.95 21.77
C TYR E 95 15.77 -80.32 21.38
N CYS E 96 15.20 -79.56 22.31
CA CYS E 96 13.96 -78.83 22.08
C CYS E 96 14.28 -77.36 21.88
N ALA E 97 13.84 -76.79 20.77
CA ALA E 97 14.15 -75.41 20.39
C ALA E 97 12.87 -74.67 20.02
N ARG E 98 12.96 -73.33 20.07
CA ARG E 98 11.79 -72.47 20.04
C ARG E 98 11.93 -71.40 18.95
N GLY E 99 10.80 -71.03 18.37
CA GLY E 99 10.73 -69.91 17.46
C GLY E 99 9.81 -68.83 18.00
N THR E 100 10.07 -67.59 17.59
CA THR E 100 9.35 -66.43 18.09
C THR E 100 8.72 -65.66 16.93
N GLU E 101 7.49 -65.20 17.14
CA GLU E 101 6.82 -64.40 16.12
C GLU E 101 7.57 -63.11 15.84
N TYR E 102 8.07 -62.46 16.89
CA TYR E 102 8.97 -61.33 16.72
C TYR E 102 10.35 -61.86 16.36
N GLY E 103 10.60 -62.06 15.07
CA GLY E 103 11.79 -62.72 14.60
C GLY E 103 11.49 -63.69 13.47
N ASP E 104 11.84 -64.96 13.64
CA ASP E 104 11.58 -65.95 12.60
C ASP E 104 11.17 -67.26 13.25
N TYR E 105 10.13 -67.88 12.68
CA TYR E 105 9.66 -69.16 13.21
C TYR E 105 10.68 -70.27 13.01
N ASP E 106 11.32 -70.31 11.83
CA ASP E 106 12.21 -71.43 11.52
C ASP E 106 13.45 -71.41 12.40
N VAL E 107 14.02 -70.24 12.65
CA VAL E 107 15.22 -70.15 13.48
C VAL E 107 14.89 -70.50 14.92
N SER E 108 15.92 -70.85 15.68
CA SER E 108 15.77 -71.23 17.08
C SER E 108 16.62 -70.29 17.94
N HIS E 109 15.96 -69.31 18.55
CA HIS E 109 16.68 -68.33 19.36
C HIS E 109 17.28 -68.95 20.62
N ASP E 110 16.49 -69.78 21.31
CA ASP E 110 16.92 -70.40 22.56
C ASP E 110 16.85 -71.91 22.43
N TRP E 111 17.60 -72.60 23.31
CA TRP E 111 17.72 -74.05 23.26
C TRP E 111 17.55 -74.63 24.65
N GLY E 112 17.06 -75.89 24.70
CA GLY E 112 16.87 -76.58 25.95
C GLY E 112 18.09 -77.40 26.38
N GLN E 113 17.95 -78.09 27.51
CA GLN E 113 19.05 -78.88 28.03
C GLN E 113 19.25 -80.18 27.25
N GLY E 114 18.19 -80.75 26.70
CA GLY E 114 18.31 -81.93 25.86
C GLY E 114 17.94 -83.21 26.60
N THR E 115 17.53 -84.20 25.83
CA THR E 115 17.19 -85.53 26.33
C THR E 115 17.98 -86.57 25.56
N LEU E 116 18.71 -87.41 26.27
CA LEU E 116 19.54 -88.46 25.66
C LEU E 116 18.77 -89.77 25.69
N VAL E 117 18.35 -90.23 24.52
CA VAL E 117 17.65 -91.50 24.37
C VAL E 117 18.57 -92.48 23.66
N THR E 118 18.65 -93.71 24.19
CA THR E 118 19.51 -94.74 23.64
C THR E 118 18.74 -96.04 23.48
N VAL E 119 19.17 -96.85 22.52
CA VAL E 119 18.54 -98.13 22.24
C VAL E 119 19.63 -99.19 22.11
N SER E 120 19.37 -100.37 22.65
CA SER E 120 20.31 -101.48 22.60
C SER E 120 19.51 -102.76 22.86
N SER E 121 20.22 -103.86 23.05
CA SER E 121 19.59 -105.16 23.32
C SER E 121 19.84 -105.60 24.75
N ASP F 1 -16.58 -61.60 -13.19
CA ASP F 1 -16.41 -61.51 -14.64
C ASP F 1 -17.69 -60.98 -15.26
N ILE F 2 -17.55 -60.29 -16.40
CA ILE F 2 -18.68 -59.70 -17.11
C ILE F 2 -18.85 -60.44 -18.43
N GLN F 3 -20.07 -60.87 -18.71
CA GLN F 3 -20.39 -61.70 -19.86
C GLN F 3 -20.99 -60.88 -20.98
N MET F 4 -20.52 -61.12 -22.20
CA MET F 4 -21.03 -60.47 -23.40
C MET F 4 -21.91 -61.44 -24.18
N THR F 5 -23.12 -60.99 -24.49
CA THR F 5 -24.06 -61.76 -25.32
C THR F 5 -24.48 -60.90 -26.51
N GLN F 6 -24.51 -61.52 -27.69
CA GLN F 6 -24.89 -60.85 -28.92
C GLN F 6 -26.16 -61.48 -29.48
N SER F 7 -27.11 -60.64 -29.87
CA SER F 7 -28.37 -61.10 -30.45
C SER F 7 -28.68 -60.27 -31.68
N PRO F 8 -29.22 -60.89 -32.74
CA PRO F 8 -29.43 -62.33 -32.85
C PRO F 8 -28.14 -63.07 -33.19
N SER F 9 -28.12 -64.40 -33.00
CA SER F 9 -26.93 -65.17 -33.30
C SER F 9 -26.57 -65.06 -34.79
N THR F 10 -27.56 -65.17 -35.66
CA THR F 10 -27.36 -65.02 -37.09
C THR F 10 -28.55 -64.29 -37.69
N LEU F 11 -28.27 -63.26 -38.49
CA LEU F 11 -29.31 -62.46 -39.12
C LEU F 11 -29.04 -62.34 -40.60
N SER F 12 -30.09 -62.40 -41.41
CA SER F 12 -29.99 -62.32 -42.86
C SER F 12 -30.68 -61.07 -43.36
N ALA F 13 -30.09 -60.43 -44.36
CA ALA F 13 -30.63 -59.19 -44.92
C ALA F 13 -30.24 -59.12 -46.39
N SER F 14 -30.38 -57.93 -46.97
CA SER F 14 -30.04 -57.68 -48.36
C SER F 14 -29.37 -56.32 -48.48
N VAL F 15 -28.76 -56.08 -49.64
CA VAL F 15 -28.05 -54.83 -49.86
C VAL F 15 -29.02 -53.65 -49.81
N GLY F 16 -28.60 -52.57 -49.16
CA GLY F 16 -29.40 -51.37 -49.07
C GLY F 16 -30.46 -51.36 -48.00
N ASP F 17 -30.45 -52.34 -47.09
CA ASP F 17 -31.46 -52.41 -46.05
C ASP F 17 -30.98 -51.71 -44.78
N ARG F 18 -31.72 -51.92 -43.69
CA ARG F 18 -31.37 -51.39 -42.37
C ARG F 18 -31.28 -52.55 -41.41
N VAL F 19 -30.13 -52.70 -40.76
CA VAL F 19 -29.88 -53.79 -39.82
C VAL F 19 -29.44 -53.19 -38.48
N THR F 20 -29.92 -53.80 -37.40
CA THR F 20 -29.56 -53.39 -36.05
C THR F 20 -29.11 -54.63 -35.27
N ILE F 21 -27.94 -54.53 -34.65
CA ILE F 21 -27.37 -55.61 -33.86
C ILE F 21 -27.24 -55.12 -32.42
N THR F 22 -27.83 -55.86 -31.49
CA THR F 22 -27.80 -55.50 -30.09
C THR F 22 -26.75 -56.32 -29.36
N CYS F 23 -26.13 -55.69 -28.36
CA CYS F 23 -25.11 -56.33 -27.52
C CYS F 23 -25.47 -56.07 -26.08
N ARG F 24 -25.48 -57.12 -25.26
CA ARG F 24 -25.96 -57.04 -23.89
C ARG F 24 -24.85 -57.40 -22.92
N ALA F 25 -24.91 -56.82 -21.73
CA ALA F 25 -23.94 -57.06 -20.67
C ALA F 25 -24.65 -57.55 -19.42
N SER F 26 -24.03 -58.52 -18.74
CA SER F 26 -24.59 -59.03 -17.49
C SER F 26 -24.61 -57.94 -16.42
N GLN F 27 -23.56 -57.13 -16.36
CA GLN F 27 -23.45 -56.07 -15.37
C GLN F 27 -22.98 -54.80 -16.06
N SER F 28 -23.19 -53.66 -15.40
CA SER F 28 -22.87 -52.37 -15.98
C SER F 28 -21.41 -52.28 -16.36
N ILE F 29 -21.14 -51.80 -17.57
CA ILE F 29 -19.79 -51.60 -18.08
C ILE F 29 -19.55 -50.15 -18.49
N SER F 30 -20.38 -49.23 -17.98
CA SER F 30 -20.32 -47.82 -18.36
C SER F 30 -20.39 -47.65 -19.86
N SER F 31 -19.60 -46.72 -20.41
CA SER F 31 -19.60 -46.46 -21.84
C SER F 31 -18.36 -47.00 -22.55
N TRP F 32 -17.65 -47.93 -21.92
CA TRP F 32 -16.44 -48.50 -22.52
C TRP F 32 -16.84 -49.74 -23.34
N LEU F 33 -16.75 -49.63 -24.66
CA LEU F 33 -17.11 -50.73 -25.55
C LEU F 33 -16.36 -50.57 -26.85
N ALA F 34 -16.19 -51.67 -27.57
CA ALA F 34 -15.48 -51.65 -28.83
C ALA F 34 -16.10 -52.68 -29.77
N TRP F 35 -16.12 -52.34 -31.06
CA TRP F 35 -16.73 -53.18 -32.09
C TRP F 35 -15.70 -53.55 -33.14
N TYR F 36 -15.64 -54.84 -33.47
CA TYR F 36 -14.69 -55.37 -34.43
C TYR F 36 -15.43 -56.05 -35.57
N GLN F 37 -14.80 -56.07 -36.75
CA GLN F 37 -15.33 -56.73 -37.93
C GLN F 37 -14.31 -57.71 -38.45
N GLN F 38 -14.74 -58.94 -38.75
CA GLN F 38 -13.86 -59.99 -39.22
C GLN F 38 -14.36 -60.53 -40.55
N LYS F 39 -13.57 -60.31 -41.60
CA LYS F 39 -13.76 -61.07 -42.82
C LYS F 39 -13.28 -62.50 -42.61
N PRO F 40 -13.89 -63.48 -43.26
CA PRO F 40 -13.47 -64.88 -43.07
C PRO F 40 -12.01 -65.07 -43.45
N GLY F 41 -11.22 -65.53 -42.46
CA GLY F 41 -9.81 -65.77 -42.66
C GLY F 41 -8.91 -64.56 -42.52
N LYS F 42 -9.46 -63.39 -42.20
CA LYS F 42 -8.69 -62.17 -42.08
C LYS F 42 -8.67 -61.68 -40.63
N ALA F 43 -7.60 -60.97 -40.29
CA ALA F 43 -7.50 -60.37 -38.97
C ALA F 43 -8.56 -59.29 -38.79
N PRO F 44 -9.17 -59.19 -37.61
CA PRO F 44 -10.22 -58.19 -37.40
C PRO F 44 -9.67 -56.77 -37.46
N LYS F 45 -10.60 -55.82 -37.55
CA LYS F 45 -10.27 -54.40 -37.57
C LYS F 45 -11.20 -53.66 -36.62
N LEU F 46 -10.75 -52.50 -36.16
CA LEU F 46 -11.53 -51.66 -35.26
C LEU F 46 -12.38 -50.66 -36.05
N LEU F 47 -13.62 -50.53 -35.64
CA LEU F 47 -14.54 -49.61 -36.32
C LEU F 47 -15.22 -48.64 -35.37
N ILE F 48 -15.57 -49.05 -34.16
CA ILE F 48 -16.14 -48.16 -33.15
C ILE F 48 -15.54 -48.52 -31.78
N TYR F 49 -15.10 -47.50 -31.05
CA TYR F 49 -14.76 -47.64 -29.64
C TYR F 49 -15.45 -46.54 -28.86
N LYS F 50 -15.54 -46.74 -27.55
CA LYS F 50 -16.32 -45.91 -26.62
C LYS F 50 -17.82 -46.02 -26.89
N ALA F 51 -18.21 -46.84 -27.87
CA ALA F 51 -19.60 -47.16 -28.21
C ALA F 51 -20.31 -46.00 -28.89
N SER F 52 -19.65 -44.84 -28.97
CA SER F 52 -20.24 -43.70 -29.66
C SER F 52 -19.24 -43.09 -30.64
N SER F 53 -17.95 -43.16 -30.30
CA SER F 53 -16.93 -42.60 -31.17
C SER F 53 -16.74 -43.46 -32.40
N LEU F 54 -16.27 -42.82 -33.47
CA LEU F 54 -16.03 -43.50 -34.75
C LEU F 54 -14.54 -43.51 -35.04
N GLU F 55 -14.00 -44.70 -35.30
CA GLU F 55 -12.59 -44.82 -35.66
C GLU F 55 -12.32 -44.12 -36.99
N SER F 56 -11.16 -43.48 -37.08
CA SER F 56 -10.80 -42.78 -38.30
C SER F 56 -10.71 -43.74 -39.49
N GLY F 57 -11.27 -43.32 -40.61
CA GLY F 57 -11.30 -44.13 -41.81
C GLY F 57 -12.55 -44.98 -41.99
N VAL F 58 -13.32 -45.17 -40.93
CA VAL F 58 -14.55 -45.98 -41.02
C VAL F 58 -15.63 -45.16 -41.71
N PRO F 59 -16.36 -45.73 -42.67
CA PRO F 59 -17.42 -44.96 -43.35
C PRO F 59 -18.54 -44.56 -42.40
N SER F 60 -19.25 -43.50 -42.77
CA SER F 60 -20.23 -42.87 -41.89
C SER F 60 -21.48 -43.71 -41.66
N ARG F 61 -21.71 -44.78 -42.43
CA ARG F 61 -22.91 -45.57 -42.21
C ARG F 61 -22.90 -46.29 -40.87
N PHE F 62 -21.72 -46.47 -40.28
CA PHE F 62 -21.63 -47.11 -38.97
C PHE F 62 -21.94 -46.11 -37.86
N SER F 63 -22.66 -46.57 -36.85
CA SER F 63 -23.03 -45.73 -35.71
C SER F 63 -23.37 -46.63 -34.53
N GLY F 64 -23.05 -46.16 -33.33
CA GLY F 64 -23.35 -46.91 -32.12
C GLY F 64 -24.14 -46.11 -31.10
N SER F 65 -24.82 -46.81 -30.20
CA SER F 65 -25.58 -46.15 -29.15
C SER F 65 -25.73 -47.11 -27.97
N GLY F 66 -25.68 -46.55 -26.76
CA GLY F 66 -25.84 -47.36 -25.56
C GLY F 66 -25.27 -46.70 -24.33
N SER F 67 -25.85 -46.99 -23.17
CA SER F 67 -25.40 -46.44 -21.90
C SER F 67 -24.87 -47.50 -20.95
N GLY F 68 -25.63 -48.56 -20.71
CA GLY F 68 -25.19 -49.62 -19.83
C GLY F 68 -26.01 -50.88 -19.94
N THR F 69 -25.34 -52.03 -20.07
CA THR F 69 -25.95 -53.34 -20.17
C THR F 69 -26.84 -53.50 -21.39
N GLU F 70 -26.86 -52.52 -22.29
CA GLU F 70 -27.68 -52.62 -23.50
C GLU F 70 -27.05 -51.74 -24.57
N PHE F 71 -26.37 -52.36 -25.52
CA PHE F 71 -25.66 -51.64 -26.56
C PHE F 71 -26.12 -52.14 -27.92
N THR F 72 -26.25 -51.20 -28.86
CA THR F 72 -26.74 -51.52 -30.19
C THR F 72 -25.82 -50.91 -31.24
N LEU F 73 -25.72 -51.58 -32.37
CA LEU F 73 -24.99 -51.09 -33.53
C LEU F 73 -25.87 -51.22 -34.76
N THR F 74 -25.76 -50.25 -35.66
CA THR F 74 -26.58 -50.25 -36.86
C THR F 74 -25.78 -49.69 -38.03
N ILE F 75 -26.18 -50.09 -39.23
CA ILE F 75 -25.60 -49.59 -40.47
C ILE F 75 -26.74 -49.01 -41.30
N SER F 76 -26.56 -47.77 -41.77
CA SER F 76 -27.63 -47.09 -42.50
C SER F 76 -27.96 -47.81 -43.81
N SER F 77 -26.94 -48.10 -44.62
CA SER F 77 -27.13 -48.74 -45.91
C SER F 77 -26.19 -49.93 -46.00
N LEU F 78 -26.75 -51.11 -46.30
CA LEU F 78 -25.93 -52.30 -46.45
C LEU F 78 -25.12 -52.24 -47.74
N GLN F 79 -23.86 -52.64 -47.66
CA GLN F 79 -22.96 -52.70 -48.80
C GLN F 79 -22.54 -54.14 -49.03
N PRO F 80 -22.11 -54.48 -50.26
CA PRO F 80 -21.70 -55.87 -50.52
C PRO F 80 -20.55 -56.34 -49.67
N ASP F 81 -19.71 -55.44 -49.17
CA ASP F 81 -18.56 -55.81 -48.35
C ASP F 81 -18.90 -55.91 -46.86
N ASP F 82 -20.09 -55.51 -46.45
CA ASP F 82 -20.43 -55.43 -45.05
C ASP F 82 -20.84 -56.77 -44.43
N PHE F 83 -21.09 -57.80 -45.24
CA PHE F 83 -21.49 -59.10 -44.71
C PHE F 83 -20.26 -59.79 -44.13
N ALA F 84 -20.20 -59.87 -42.81
CA ALA F 84 -19.07 -60.45 -42.10
C ALA F 84 -19.48 -60.71 -40.66
N THR F 85 -18.51 -61.05 -39.82
CA THR F 85 -18.74 -61.32 -38.41
C THR F 85 -18.32 -60.12 -37.58
N TYR F 86 -19.19 -59.73 -36.64
CA TYR F 86 -18.97 -58.55 -35.80
C TYR F 86 -18.91 -58.98 -34.35
N TYR F 87 -17.98 -58.39 -33.60
CA TYR F 87 -17.67 -58.84 -32.25
C TYR F 87 -17.70 -57.66 -31.28
N CYS F 88 -18.26 -57.89 -30.10
CA CYS F 88 -18.24 -56.94 -29.01
C CYS F 88 -16.98 -57.10 -28.18
N GLN F 89 -16.66 -56.07 -27.40
CA GLN F 89 -15.61 -56.16 -26.40
C GLN F 89 -15.80 -55.03 -25.40
N GLN F 90 -15.71 -55.35 -24.12
CA GLN F 90 -15.78 -54.37 -23.05
C GLN F 90 -14.45 -54.36 -22.32
N TYR F 91 -13.90 -53.18 -22.10
CA TYR F 91 -12.64 -53.05 -21.38
C TYR F 91 -12.82 -52.30 -20.07
N ASN F 92 -13.97 -52.48 -19.44
CA ASN F 92 -14.20 -52.07 -18.06
C ASN F 92 -14.12 -53.31 -17.19
N SER F 93 -13.27 -53.25 -16.15
CA SER F 93 -12.91 -54.40 -15.32
C SER F 93 -12.10 -55.39 -16.15
N TYR F 94 -11.20 -56.13 -15.50
CA TYR F 94 -10.27 -56.96 -16.25
C TYR F 94 -10.99 -58.18 -16.80
N SER F 95 -10.22 -59.03 -17.51
CA SER F 95 -10.76 -60.15 -18.27
C SER F 95 -11.76 -59.65 -19.31
N HIS F 96 -11.23 -58.89 -20.26
CA HIS F 96 -12.05 -58.26 -21.29
C HIS F 96 -12.61 -59.32 -22.24
N THR F 97 -13.80 -59.82 -21.95
CA THR F 97 -14.38 -60.89 -22.73
C THR F 97 -15.04 -60.33 -24.00
N PHE F 98 -15.08 -61.16 -25.02
CA PHE F 98 -15.69 -60.82 -26.30
C PHE F 98 -17.12 -61.39 -26.34
N GLY F 99 -17.77 -61.24 -27.50
CA GLY F 99 -19.08 -61.82 -27.72
C GLY F 99 -18.97 -63.10 -28.56
N GLN F 100 -20.08 -63.83 -28.60
CA GLN F 100 -20.09 -65.07 -29.38
C GLN F 100 -19.98 -64.78 -30.87
N GLY F 101 -20.56 -63.66 -31.32
CA GLY F 101 -20.44 -63.29 -32.73
C GLY F 101 -21.75 -63.38 -33.48
N THR F 102 -21.99 -62.40 -34.34
CA THR F 102 -23.17 -62.36 -35.18
C THR F 102 -22.74 -62.49 -36.64
N LYS F 103 -23.57 -63.15 -37.45
CA LYS F 103 -23.27 -63.42 -38.84
C LYS F 103 -24.21 -62.64 -39.74
N LEU F 104 -23.65 -61.94 -40.73
CA LEU F 104 -24.42 -61.17 -41.69
C LEU F 104 -24.25 -61.80 -43.06
N GLU F 105 -25.37 -62.08 -43.73
CA GLU F 105 -25.36 -62.77 -45.02
C GLU F 105 -26.45 -62.18 -45.90
N ILE F 106 -26.69 -62.83 -47.04
CA ILE F 106 -27.63 -62.35 -48.05
C ILE F 106 -28.84 -63.27 -48.07
N LYS F 107 -29.91 -62.80 -48.71
CA LYS F 107 -31.12 -63.59 -48.88
C LYS F 107 -31.03 -64.46 -50.13
N ARG F 108 -31.52 -65.68 -50.02
CA ARG F 108 -31.50 -66.60 -51.16
C ARG F 108 -32.90 -67.18 -51.40
N GLN G 1 0.20 -46.38 -43.00
CA GLN G 1 1.19 -45.65 -42.23
C GLN G 1 1.98 -46.59 -41.32
N VAL G 2 1.28 -47.21 -40.38
CA VAL G 2 1.89 -48.15 -39.45
C VAL G 2 1.40 -49.56 -39.76
N GLN G 3 2.33 -50.52 -39.77
CA GLN G 3 2.03 -51.91 -40.08
C GLN G 3 2.72 -52.82 -39.07
N LEU G 4 2.09 -53.95 -38.79
CA LEU G 4 2.62 -54.94 -37.84
C LEU G 4 2.90 -56.24 -38.59
N VAL G 5 4.06 -56.83 -38.33
CA VAL G 5 4.46 -58.09 -38.94
C VAL G 5 4.71 -59.10 -37.82
N GLN G 6 4.23 -60.32 -38.02
CA GLN G 6 4.34 -61.38 -37.03
C GLN G 6 5.01 -62.59 -37.65
N SER G 7 5.57 -63.45 -36.80
CA SER G 7 6.33 -64.60 -37.26
C SER G 7 5.41 -65.59 -37.98
N GLY G 8 6.03 -66.60 -38.59
CA GLY G 8 5.30 -67.59 -39.36
C GLY G 8 4.62 -68.64 -38.50
N ALA G 9 3.93 -69.55 -39.17
CA ALA G 9 3.19 -70.61 -38.48
C ALA G 9 4.16 -71.54 -37.75
N GLU G 10 3.67 -72.12 -36.66
CA GLU G 10 4.49 -72.95 -35.79
C GLU G 10 3.77 -74.24 -35.44
N VAL G 11 4.50 -75.35 -35.48
CA VAL G 11 4.03 -76.65 -35.01
C VAL G 11 5.04 -77.15 -33.98
N LYS G 12 4.56 -77.64 -32.84
CA LYS G 12 5.45 -78.03 -31.76
C LYS G 12 4.77 -79.08 -30.89
N LYS G 13 5.57 -79.75 -30.07
CA LYS G 13 5.13 -80.81 -29.18
C LYS G 13 4.44 -80.23 -27.95
N PRO G 14 3.60 -81.03 -27.27
CA PRO G 14 2.89 -80.51 -26.09
C PRO G 14 3.81 -80.03 -24.97
N GLY G 15 4.88 -80.76 -24.68
CA GLY G 15 5.74 -80.41 -23.56
C GLY G 15 6.88 -79.49 -23.92
N SER G 16 6.58 -78.23 -24.21
CA SER G 16 7.61 -77.26 -24.55
C SER G 16 7.01 -75.86 -24.40
N SER G 17 7.78 -74.85 -24.79
CA SER G 17 7.35 -73.46 -24.79
C SER G 17 7.50 -72.86 -26.17
N VAL G 18 6.55 -72.03 -26.55
CA VAL G 18 6.50 -71.44 -27.88
C VAL G 18 6.89 -69.96 -27.80
N LYS G 19 7.70 -69.53 -28.75
CA LYS G 19 8.14 -68.14 -28.86
C LYS G 19 7.56 -67.52 -30.11
N VAL G 20 6.93 -66.36 -29.95
CA VAL G 20 6.33 -65.61 -31.06
C VAL G 20 6.75 -64.15 -30.91
N SER G 21 7.08 -63.52 -32.03
CA SER G 21 7.51 -62.13 -32.05
C SER G 21 6.49 -61.28 -32.80
N CYS G 22 6.53 -59.97 -32.52
CA CYS G 22 5.62 -59.03 -33.15
C CYS G 22 6.37 -57.72 -33.34
N LYS G 23 6.67 -57.37 -34.59
CA LYS G 23 7.43 -56.18 -34.92
C LYS G 23 6.50 -55.13 -35.53
N ALA G 24 6.55 -53.92 -34.97
CA ALA G 24 5.75 -52.80 -35.45
C ALA G 24 6.67 -51.66 -35.85
N SER G 25 6.38 -51.04 -37.00
CA SER G 25 7.19 -49.95 -37.52
C SER G 25 6.31 -48.75 -37.82
N GLY G 26 6.76 -47.58 -37.38
CA GLY G 26 6.05 -46.34 -37.63
C GLY G 26 5.58 -45.70 -36.34
N GLY G 27 5.64 -44.38 -36.29
CA GLY G 27 5.19 -43.63 -35.12
C GLY G 27 6.20 -43.61 -34.00
N THR G 28 5.75 -43.12 -32.86
CA THR G 28 6.55 -43.04 -31.65
C THR G 28 6.29 -44.27 -30.79
N PHE G 29 7.34 -45.06 -30.56
CA PHE G 29 7.16 -46.34 -29.88
C PHE G 29 6.84 -46.17 -28.40
N SER G 30 7.11 -45.00 -27.84
CA SER G 30 6.89 -44.79 -26.41
C SER G 30 5.41 -44.71 -26.05
N SER G 31 4.54 -44.36 -27.00
CA SER G 31 3.11 -44.21 -26.75
C SER G 31 2.31 -45.42 -27.23
N TYR G 32 2.91 -46.61 -27.16
CA TYR G 32 2.32 -47.83 -27.68
C TYR G 32 2.16 -48.85 -26.57
N SER G 33 1.07 -49.61 -26.62
CA SER G 33 0.80 -50.70 -25.70
C SER G 33 0.43 -51.94 -26.50
N PHE G 34 0.91 -53.10 -26.06
CA PHE G 34 0.77 -54.35 -26.79
C PHE G 34 -0.25 -55.23 -26.10
N ILE G 35 -1.15 -55.83 -26.89
CA ILE G 35 -2.22 -56.67 -26.41
C ILE G 35 -2.34 -57.89 -27.31
N TRP G 36 -2.61 -59.05 -26.70
CA TRP G 36 -2.63 -60.32 -27.40
C TRP G 36 -3.98 -60.99 -27.26
N VAL G 37 -4.44 -61.62 -28.34
CA VAL G 37 -5.73 -62.29 -28.38
C VAL G 37 -5.60 -63.59 -29.16
N ARG G 38 -6.37 -64.60 -28.75
CA ARG G 38 -6.35 -65.92 -29.36
C ARG G 38 -7.67 -66.18 -30.08
N GLN G 39 -7.57 -66.84 -31.23
CA GLN G 39 -8.74 -67.15 -32.07
C GLN G 39 -8.81 -68.66 -32.27
N ALA G 40 -9.76 -69.30 -31.59
CA ALA G 40 -9.94 -70.74 -31.74
C ALA G 40 -10.41 -71.06 -33.16
N PRO G 41 -10.06 -72.24 -33.68
CA PRO G 41 -10.44 -72.57 -35.06
C PRO G 41 -11.93 -72.57 -35.31
N GLY G 42 -12.73 -72.96 -34.32
CA GLY G 42 -14.18 -72.99 -34.49
C GLY G 42 -14.92 -72.02 -33.61
N GLN G 43 -14.19 -71.20 -32.87
CA GLN G 43 -14.78 -70.24 -31.94
C GLN G 43 -14.20 -68.86 -32.18
N GLY G 44 -14.66 -67.90 -31.39
CA GLY G 44 -14.28 -66.51 -31.56
C GLY G 44 -12.99 -66.15 -30.86
N LEU G 45 -12.80 -64.85 -30.69
CA LEU G 45 -11.60 -64.32 -30.07
C LEU G 45 -11.62 -64.56 -28.56
N GLU G 46 -10.43 -64.51 -27.96
CA GLU G 46 -10.29 -64.66 -26.51
C GLU G 46 -9.08 -63.86 -26.04
N TRP G 47 -9.34 -62.93 -25.13
CA TRP G 47 -8.32 -62.03 -24.63
C TRP G 47 -7.32 -62.76 -23.74
N MET G 48 -6.04 -62.37 -23.83
CA MET G 48 -5.00 -62.95 -22.99
C MET G 48 -4.42 -61.95 -22.00
N GLY G 49 -3.90 -60.82 -22.48
CA GLY G 49 -3.26 -59.88 -21.58
C GLY G 49 -2.87 -58.62 -22.31
N ARG G 50 -2.41 -57.65 -21.52
CA ARG G 50 -2.03 -56.33 -22.02
C ARG G 50 -0.76 -55.89 -21.30
N ILE G 51 0.13 -55.26 -22.05
CA ILE G 51 1.41 -54.78 -21.53
C ILE G 51 1.60 -53.33 -21.95
N ILE G 52 2.07 -52.51 -21.02
CA ILE G 52 2.39 -51.11 -21.30
C ILE G 52 3.88 -50.91 -21.00
N PRO G 53 4.76 -51.05 -22.00
CA PRO G 53 6.19 -51.00 -21.69
C PRO G 53 6.64 -49.68 -21.11
N ILE G 54 6.02 -48.57 -21.51
CA ILE G 54 6.48 -47.27 -21.02
C ILE G 54 6.12 -47.09 -19.55
N LEU G 55 4.92 -47.48 -19.15
CA LEU G 55 4.49 -47.37 -17.77
C LEU G 55 4.91 -48.56 -16.92
N GLY G 56 5.37 -49.64 -17.55
CA GLY G 56 5.85 -50.80 -16.83
C GLY G 56 4.80 -51.50 -15.99
N ILE G 57 3.61 -51.73 -16.57
CA ILE G 57 2.53 -52.44 -15.89
C ILE G 57 2.10 -53.61 -16.76
N ALA G 58 1.80 -54.74 -16.11
CA ALA G 58 1.44 -55.97 -16.79
C ALA G 58 0.19 -56.56 -16.16
N ASN G 59 -0.67 -57.11 -17.00
CA ASN G 59 -1.87 -57.80 -16.54
C ASN G 59 -2.24 -58.88 -17.55
N TYR G 60 -2.66 -60.03 -17.04
CA TYR G 60 -2.96 -61.19 -17.86
C TYR G 60 -4.32 -61.75 -17.50
N ALA G 61 -4.85 -62.60 -18.38
CA ALA G 61 -6.12 -63.25 -18.12
C ALA G 61 -6.00 -64.16 -16.91
N GLN G 62 -7.12 -64.35 -16.20
CA GLN G 62 -7.10 -65.12 -14.97
C GLN G 62 -6.69 -66.58 -15.21
N LYS G 63 -7.20 -67.18 -16.29
CA LYS G 63 -6.90 -68.58 -16.56
C LYS G 63 -5.60 -68.78 -17.32
N PHE G 64 -4.91 -67.70 -17.70
CA PHE G 64 -3.58 -67.79 -18.28
C PHE G 64 -2.49 -67.38 -17.28
N GLN G 65 -2.84 -67.18 -16.02
CA GLN G 65 -1.88 -66.69 -15.04
C GLN G 65 -0.80 -67.73 -14.79
N GLY G 66 0.45 -67.28 -14.76
CA GLY G 66 1.57 -68.16 -14.54
C GLY G 66 2.05 -68.90 -15.77
N ARG G 67 1.40 -68.74 -16.91
CA ARG G 67 1.77 -69.41 -18.14
C ARG G 67 2.15 -68.47 -19.27
N VAL G 68 1.66 -67.24 -19.26
CA VAL G 68 1.90 -66.28 -20.34
C VAL G 68 2.79 -65.16 -19.81
N THR G 69 3.80 -64.80 -20.59
CA THR G 69 4.68 -63.68 -20.28
C THR G 69 4.84 -62.84 -21.54
N ILE G 70 4.39 -61.59 -21.47
CA ILE G 70 4.46 -60.67 -22.60
C ILE G 70 5.51 -59.62 -22.29
N THR G 71 6.47 -59.45 -23.20
CA THR G 71 7.55 -58.50 -23.04
C THR G 71 7.72 -57.69 -24.32
N ALA G 72 8.30 -56.51 -24.18
CA ALA G 72 8.58 -55.62 -25.29
C ALA G 72 9.99 -55.06 -25.16
N ASP G 73 10.56 -54.67 -26.29
CA ASP G 73 11.90 -54.11 -26.35
C ASP G 73 11.85 -52.77 -27.07
N LYS G 74 12.45 -51.75 -26.48
CA LYS G 74 12.55 -50.45 -27.13
C LYS G 74 13.63 -50.44 -28.20
N SER G 75 14.70 -51.22 -28.02
CA SER G 75 15.83 -51.18 -28.94
C SER G 75 15.41 -51.61 -30.34
N THR G 76 14.60 -52.66 -30.44
CA THR G 76 14.18 -53.19 -31.73
C THR G 76 12.69 -53.02 -31.99
N THR G 77 11.95 -52.44 -31.05
CA THR G 77 10.51 -52.17 -31.19
C THR G 77 9.75 -53.44 -31.57
N THR G 78 9.97 -54.50 -30.79
CA THR G 78 9.31 -55.78 -31.01
C THR G 78 8.67 -56.25 -29.72
N ALA G 79 7.67 -57.11 -29.86
CA ALA G 79 6.95 -57.68 -28.74
C ALA G 79 7.19 -59.18 -28.70
N TYR G 80 7.56 -59.69 -27.53
CA TYR G 80 7.87 -61.10 -27.35
C TYR G 80 6.88 -61.71 -26.36
N MET G 81 6.30 -62.85 -26.74
CA MET G 81 5.36 -63.57 -25.88
C MET G 81 5.87 -65.00 -25.70
N GLU G 82 5.92 -65.45 -24.46
CA GLU G 82 6.32 -66.81 -24.13
C GLU G 82 5.18 -67.52 -23.43
N LEU G 83 4.81 -68.69 -23.94
CA LEU G 83 3.76 -69.51 -23.34
C LEU G 83 4.31 -70.89 -23.04
N SER G 84 4.05 -71.39 -21.84
CA SER G 84 4.55 -72.68 -21.41
C SER G 84 3.40 -73.58 -20.99
N SER G 85 3.73 -74.85 -20.73
CA SER G 85 2.76 -75.86 -20.33
C SER G 85 1.61 -75.97 -21.33
N LEU G 86 1.97 -76.17 -22.59
CA LEU G 86 0.98 -76.28 -23.65
C LEU G 86 0.16 -77.56 -23.47
N ARG G 87 -1.07 -77.52 -23.99
CA ARG G 87 -1.99 -78.65 -23.92
C ARG G 87 -2.66 -78.80 -25.28
N SER G 88 -3.75 -79.58 -25.32
CA SER G 88 -4.34 -79.98 -26.59
C SER G 88 -5.10 -78.84 -27.24
N GLU G 89 -6.01 -78.21 -26.51
CA GLU G 89 -6.99 -77.30 -27.10
C GLU G 89 -6.40 -75.96 -27.51
N ASP G 90 -5.13 -75.68 -27.18
CA ASP G 90 -4.58 -74.36 -27.47
C ASP G 90 -4.27 -74.15 -28.95
N THR G 91 -4.50 -75.15 -29.81
CA THR G 91 -4.30 -74.99 -31.24
C THR G 91 -5.20 -73.88 -31.76
N ALA G 92 -4.58 -72.79 -32.20
CA ALA G 92 -5.32 -71.59 -32.63
C ALA G 92 -4.36 -70.69 -33.37
N VAL G 93 -4.85 -69.51 -33.75
CA VAL G 93 -4.05 -68.50 -34.42
C VAL G 93 -3.80 -67.37 -33.43
N TYR G 94 -2.55 -66.92 -33.35
CA TYR G 94 -2.15 -65.89 -32.40
C TYR G 94 -2.08 -64.54 -33.10
N TYR G 95 -2.88 -63.59 -32.62
CA TYR G 95 -2.92 -62.24 -33.15
C TYR G 95 -2.18 -61.30 -32.22
N CYS G 96 -1.33 -60.47 -32.79
CA CYS G 96 -0.69 -59.39 -32.06
C CYS G 96 -1.43 -58.09 -32.35
N ALA G 97 -1.84 -57.40 -31.29
CA ALA G 97 -2.63 -56.19 -31.43
C ALA G 97 -2.02 -55.07 -30.60
N ARG G 98 -2.36 -53.84 -30.95
CA ARG G 98 -1.64 -52.67 -30.50
C ARG G 98 -2.60 -51.61 -30.01
N GLY G 99 -2.13 -50.76 -29.10
CA GLY G 99 -2.93 -49.68 -28.56
C GLY G 99 -2.17 -48.37 -28.58
N THR G 100 -2.81 -47.32 -29.07
CA THR G 100 -2.20 -46.00 -29.15
C THR G 100 -2.60 -45.15 -27.96
N GLU G 101 -1.82 -44.08 -27.73
CA GLU G 101 -2.05 -43.23 -26.57
C GLU G 101 -3.29 -42.36 -26.73
N TYR G 102 -3.51 -41.82 -27.93
CA TYR G 102 -4.69 -40.98 -28.14
C TYR G 102 -5.97 -41.77 -27.95
N GLY G 103 -6.02 -42.99 -28.49
CA GLY G 103 -7.09 -43.91 -28.19
C GLY G 103 -6.85 -44.61 -26.87
N ASP G 104 -7.74 -45.55 -26.57
CA ASP G 104 -7.63 -46.31 -25.33
C ASP G 104 -6.51 -47.34 -25.46
N TYR G 105 -5.74 -47.50 -24.38
CA TYR G 105 -4.73 -48.56 -24.35
C TYR G 105 -5.36 -49.94 -24.45
N ASP G 106 -6.45 -50.16 -23.72
CA ASP G 106 -7.05 -51.49 -23.68
C ASP G 106 -7.57 -51.92 -25.04
N VAL G 107 -8.18 -51.00 -25.78
CA VAL G 107 -8.71 -51.33 -27.09
C VAL G 107 -7.56 -51.58 -28.06
N SER G 108 -7.82 -52.43 -29.05
CA SER G 108 -6.81 -52.82 -30.03
C SER G 108 -7.04 -52.06 -31.33
N HIS G 109 -6.04 -51.27 -31.74
CA HIS G 109 -6.16 -50.47 -32.95
C HIS G 109 -5.61 -51.19 -34.18
N ASP G 110 -4.34 -51.57 -34.14
CA ASP G 110 -3.67 -52.19 -35.28
C ASP G 110 -3.39 -53.65 -34.99
N TRP G 111 -3.54 -54.48 -36.01
CA TRP G 111 -3.44 -55.93 -35.86
C TRP G 111 -2.41 -56.49 -36.84
N GLY G 112 -1.77 -57.58 -36.44
CA GLY G 112 -0.91 -58.33 -37.33
C GLY G 112 -1.68 -59.38 -38.11
N GLN G 113 -1.00 -60.00 -39.06
CA GLN G 113 -1.64 -61.01 -39.89
C GLN G 113 -2.02 -62.24 -39.07
N GLY G 114 -1.27 -62.55 -38.04
CA GLY G 114 -1.55 -63.72 -37.22
C GLY G 114 -0.69 -64.90 -37.60
N THR G 115 -0.40 -65.73 -36.59
CA THR G 115 0.38 -66.95 -36.78
C THR G 115 -0.40 -68.14 -36.24
N LEU G 116 -0.34 -69.24 -36.96
CA LEU G 116 -1.05 -70.46 -36.58
C LEU G 116 -0.11 -71.36 -35.78
N VAL G 117 -0.55 -71.77 -34.59
CA VAL G 117 0.19 -72.70 -33.76
C VAL G 117 -0.64 -73.98 -33.62
N THR G 118 -0.02 -75.12 -33.90
CA THR G 118 -0.68 -76.42 -33.82
C THR G 118 0.18 -77.36 -33.00
N VAL G 119 -0.46 -78.15 -32.14
CA VAL G 119 0.20 -79.15 -31.32
C VAL G 119 -0.49 -80.49 -31.55
N SER G 120 0.30 -81.54 -31.74
CA SER G 120 -0.22 -82.87 -32.01
C SER G 120 0.82 -83.90 -31.58
N SER G 121 0.63 -85.14 -31.99
CA SER G 121 1.54 -86.21 -31.66
C SER G 121 2.10 -86.87 -32.92
N GLU H 1 -12.49 -92.12 18.51
CA GLU H 1 -12.22 -91.54 19.82
C GLU H 1 -13.52 -91.25 20.57
N ILE H 2 -14.60 -91.04 19.81
CA ILE H 2 -15.91 -90.76 20.38
C ILE H 2 -16.90 -91.74 19.76
N VAL H 3 -17.60 -92.50 20.61
CA VAL H 3 -18.57 -93.48 20.18
C VAL H 3 -19.93 -93.13 20.78
N LEU H 4 -20.95 -93.02 19.94
CA LEU H 4 -22.31 -92.70 20.35
C LEU H 4 -23.18 -93.92 20.06
N THR H 5 -23.36 -94.76 21.06
CA THR H 5 -24.20 -95.94 20.92
C THR H 5 -25.67 -95.53 20.81
N GLN H 6 -26.40 -96.19 19.92
CA GLN H 6 -27.80 -95.92 19.69
C GLN H 6 -28.62 -97.18 19.94
N SER H 7 -29.74 -97.03 20.63
CA SER H 7 -30.63 -98.13 20.94
C SER H 7 -32.02 -97.56 21.22
N PRO H 8 -33.09 -98.24 20.79
CA PRO H 8 -33.05 -99.50 20.04
C PRO H 8 -32.83 -99.30 18.55
N GLY H 9 -32.42 -100.37 17.85
CA GLY H 9 -32.21 -100.26 16.42
C GLY H 9 -33.50 -100.04 15.65
N THR H 10 -34.57 -100.70 16.06
CA THR H 10 -35.86 -100.62 15.38
C THR H 10 -36.93 -100.12 16.33
N LEU H 11 -37.87 -99.36 15.78
CA LEU H 11 -38.99 -98.82 16.55
C LEU H 11 -40.28 -99.06 15.78
N SER H 12 -41.36 -99.35 16.52
CA SER H 12 -42.65 -99.67 15.91
C SER H 12 -43.75 -99.01 16.76
N LEU H 13 -44.17 -97.82 16.35
CA LEU H 13 -45.26 -97.10 17.00
C LEU H 13 -46.21 -96.56 15.95
N SER H 14 -47.46 -96.37 16.35
CA SER H 14 -48.51 -95.83 15.51
C SER H 14 -48.67 -94.34 15.76
N PRO H 15 -49.13 -93.58 14.76
CA PRO H 15 -49.25 -92.13 14.95
C PRO H 15 -50.30 -91.78 15.99
N GLY H 16 -50.10 -90.63 16.64
CA GLY H 16 -50.93 -90.19 17.74
C GLY H 16 -50.37 -90.52 19.11
N GLU H 17 -49.27 -91.26 19.18
CA GLU H 17 -48.62 -91.62 20.43
C GLU H 17 -47.28 -90.88 20.52
N ARG H 18 -46.51 -91.22 21.55
CA ARG H 18 -45.22 -90.58 21.83
C ARG H 18 -44.13 -91.63 21.72
N ALA H 19 -43.12 -91.35 20.90
CA ALA H 19 -41.99 -92.24 20.72
C ALA H 19 -40.75 -91.65 21.40
N THR H 20 -39.77 -92.52 21.65
CA THR H 20 -38.55 -92.14 22.35
C THR H 20 -37.34 -92.49 21.50
N LEU H 21 -36.36 -91.59 21.47
CA LEU H 21 -35.09 -91.80 20.78
C LEU H 21 -33.95 -91.41 21.70
N SER H 22 -32.85 -92.16 21.62
CA SER H 22 -31.73 -91.97 22.53
C SER H 22 -30.42 -92.18 21.78
N CYS H 23 -29.48 -91.24 21.96
CA CYS H 23 -28.10 -91.37 21.50
C CYS H 23 -27.20 -91.30 22.73
N ARG H 24 -26.65 -92.44 23.12
CA ARG H 24 -25.81 -92.54 24.31
C ARG H 24 -24.34 -92.52 23.90
N ALA H 25 -23.61 -91.51 24.38
CA ALA H 25 -22.19 -91.37 24.08
C ALA H 25 -21.37 -92.16 25.07
N SER H 26 -20.21 -92.63 24.60
CA SER H 26 -19.33 -93.44 25.41
C SER H 26 -18.43 -92.64 26.34
N GLN H 27 -18.33 -91.32 26.14
CA GLN H 27 -17.51 -90.46 26.97
C GLN H 27 -18.30 -89.20 27.29
N SER H 28 -17.62 -88.22 27.88
CA SER H 28 -18.24 -86.95 28.26
C SER H 28 -18.13 -85.98 27.09
N VAL H 29 -19.28 -85.43 26.69
CA VAL H 29 -19.37 -84.50 25.57
C VAL H 29 -20.18 -83.29 26.00
N ARG H 30 -19.74 -82.11 25.59
CA ARG H 30 -20.43 -80.87 25.93
C ARG H 30 -21.72 -80.75 25.13
N SER H 31 -22.75 -80.19 25.76
CA SER H 31 -24.08 -80.12 25.16
C SER H 31 -24.13 -79.24 23.92
N SER H 32 -23.22 -78.29 23.77
CA SER H 32 -23.26 -77.33 22.69
C SER H 32 -22.60 -77.83 21.41
N TYR H 33 -22.16 -79.08 21.37
CA TYR H 33 -21.44 -79.60 20.21
C TYR H 33 -21.97 -80.97 19.81
N LEU H 34 -23.30 -81.14 19.84
CA LEU H 34 -23.92 -82.33 19.28
C LEU H 34 -25.19 -81.93 18.55
N GLY H 35 -25.55 -82.73 17.54
CA GLY H 35 -26.75 -82.49 16.77
C GLY H 35 -27.44 -83.79 16.42
N TRP H 36 -28.72 -83.67 16.05
CA TRP H 36 -29.54 -84.81 15.67
C TRP H 36 -30.06 -84.57 14.26
N TYR H 37 -29.98 -85.59 13.42
CA TYR H 37 -30.39 -85.48 12.03
C TYR H 37 -31.40 -86.57 11.68
N GLN H 38 -32.43 -86.17 10.94
CA GLN H 38 -33.43 -87.09 10.42
C GLN H 38 -33.52 -86.92 8.91
N GLN H 39 -33.48 -88.02 8.18
CA GLN H 39 -33.60 -87.99 6.73
C GLN H 39 -34.66 -88.98 6.28
N LYS H 40 -35.48 -88.56 5.32
CA LYS H 40 -36.40 -89.48 4.68
C LYS H 40 -35.63 -90.43 3.76
N PRO H 41 -36.17 -91.63 3.50
CA PRO H 41 -35.46 -92.58 2.63
C PRO H 41 -35.06 -92.00 1.29
N GLY H 42 -33.75 -91.88 1.06
CA GLY H 42 -33.23 -91.30 -0.15
C GLY H 42 -32.98 -89.81 -0.10
N GLN H 43 -33.55 -89.12 0.89
CA GLN H 43 -33.40 -87.68 1.00
C GLN H 43 -32.24 -87.32 1.93
N ALA H 44 -31.74 -86.10 1.75
CA ALA H 44 -30.63 -85.61 2.54
C ALA H 44 -31.07 -85.34 3.99
N PRO H 45 -30.18 -85.53 4.96
CA PRO H 45 -30.53 -85.25 6.35
C PRO H 45 -30.75 -83.77 6.59
N ARG H 46 -31.55 -83.48 7.61
CA ARG H 46 -31.80 -82.12 8.05
C ARG H 46 -31.52 -82.02 9.55
N LEU H 47 -31.19 -80.82 10.01
CA LEU H 47 -30.89 -80.61 11.41
C LEU H 47 -32.19 -80.44 12.20
N LEU H 48 -32.30 -81.17 13.31
CA LEU H 48 -33.48 -81.13 14.15
C LEU H 48 -33.20 -80.50 15.50
N ILE H 49 -32.24 -81.02 16.26
CA ILE H 49 -31.93 -80.55 17.60
C ILE H 49 -30.43 -80.24 17.64
N TYR H 50 -30.10 -78.98 17.90
CA TYR H 50 -28.72 -78.56 18.15
C TYR H 50 -28.63 -77.94 19.54
N GLY H 51 -27.58 -78.31 20.26
CA GLY H 51 -27.47 -77.94 21.66
C GLY H 51 -28.25 -78.82 22.61
N ALA H 52 -28.90 -79.86 22.10
CA ALA H 52 -29.60 -80.89 22.88
C ALA H 52 -30.89 -80.36 23.51
N SER H 53 -31.14 -79.05 23.39
CA SER H 53 -32.36 -78.47 23.93
C SER H 53 -33.03 -77.45 23.02
N SER H 54 -32.36 -76.94 21.99
CA SER H 54 -32.88 -75.88 21.16
C SER H 54 -33.29 -76.42 19.80
N ARG H 55 -34.51 -76.09 19.37
CA ARG H 55 -34.96 -76.47 18.05
C ARG H 55 -34.38 -75.55 16.98
N ALA H 56 -34.49 -75.98 15.73
CA ALA H 56 -34.07 -75.18 14.60
C ALA H 56 -35.29 -74.52 13.93
N THR H 57 -35.03 -73.77 12.88
CA THR H 57 -36.11 -73.10 12.15
C THR H 57 -36.91 -74.12 11.36
N GLY H 58 -38.23 -74.07 11.51
CA GLY H 58 -39.11 -75.01 10.84
C GLY H 58 -39.31 -76.33 11.55
N ILE H 59 -38.63 -76.55 12.67
CA ILE H 59 -38.78 -77.81 13.42
C ILE H 59 -40.14 -77.81 14.11
N PRO H 60 -40.93 -78.88 13.98
CA PRO H 60 -42.24 -78.91 14.65
C PRO H 60 -42.10 -78.90 16.16
N ASP H 61 -43.11 -78.32 16.82
CA ASP H 61 -43.09 -78.22 18.27
C ASP H 61 -43.26 -79.56 18.96
N ARG H 62 -43.65 -80.61 18.22
CA ARG H 62 -43.82 -81.93 18.82
C ARG H 62 -42.51 -82.51 19.34
N PHE H 63 -41.38 -82.08 18.80
CA PHE H 63 -40.08 -82.60 19.20
C PHE H 63 -39.53 -81.82 20.39
N SER H 64 -38.92 -82.55 21.32
CA SER H 64 -38.32 -81.93 22.51
C SER H 64 -37.25 -82.86 23.05
N GLY H 65 -35.99 -82.43 22.95
CA GLY H 65 -34.90 -83.24 23.45
C GLY H 65 -34.77 -83.16 24.97
N SER H 66 -33.91 -84.03 25.50
CA SER H 66 -33.64 -84.09 26.92
C SER H 66 -32.32 -83.43 27.31
N GLY H 67 -31.22 -83.79 26.64
CA GLY H 67 -29.93 -83.18 26.91
C GLY H 67 -29.37 -83.52 28.28
N SER H 68 -29.02 -84.79 28.49
CA SER H 68 -28.45 -85.23 29.75
C SER H 68 -26.96 -84.89 29.77
N GLY H 69 -26.24 -85.42 30.76
CA GLY H 69 -24.82 -85.17 30.88
C GLY H 69 -24.00 -85.75 29.74
N THR H 70 -23.94 -87.07 29.66
CA THR H 70 -23.19 -87.76 28.61
C THR H 70 -24.05 -88.67 27.77
N ASP H 71 -25.32 -88.87 28.11
CA ASP H 71 -26.22 -89.77 27.39
C ASP H 71 -27.43 -88.96 26.91
N PHE H 72 -27.32 -88.39 25.72
CA PHE H 72 -28.39 -87.55 25.20
C PHE H 72 -29.62 -88.40 24.86
N THR H 73 -30.78 -87.75 24.92
CA THR H 73 -32.04 -88.41 24.67
C THR H 73 -32.99 -87.43 24.00
N LEU H 74 -33.80 -87.94 23.07
CA LEU H 74 -34.82 -87.14 22.39
C LEU H 74 -36.16 -87.85 22.55
N THR H 75 -37.09 -87.21 23.25
CA THR H 75 -38.42 -87.76 23.43
C THR H 75 -39.41 -87.02 22.53
N ILE H 76 -40.12 -87.77 21.69
CA ILE H 76 -41.10 -87.19 20.79
C ILE H 76 -42.43 -87.09 21.53
N SER H 77 -42.89 -85.86 21.74
CA SER H 77 -44.14 -85.63 22.47
C SER H 77 -45.38 -85.86 21.62
N ARG H 78 -45.23 -85.98 20.30
CA ARG H 78 -46.37 -86.19 19.41
C ARG H 78 -45.89 -86.71 18.05
N LEU H 79 -46.46 -87.81 17.59
CA LEU H 79 -46.01 -88.47 16.37
C LEU H 79 -46.92 -88.13 15.20
N GLU H 80 -46.30 -87.92 14.04
CA GLU H 80 -47.01 -87.71 12.79
C GLU H 80 -46.48 -88.67 11.73
N SER H 81 -47.17 -88.71 10.59
CA SER H 81 -46.76 -89.59 9.50
C SER H 81 -45.41 -89.17 8.92
N GLU H 82 -45.03 -87.90 9.03
CA GLU H 82 -43.75 -87.45 8.49
C GLU H 82 -42.57 -87.99 9.30
N ASP H 83 -42.75 -88.17 10.61
CA ASP H 83 -41.65 -88.54 11.49
C ASP H 83 -41.17 -89.97 11.27
N PHE H 84 -41.83 -90.76 10.44
CA PHE H 84 -41.42 -92.13 10.17
C PHE H 84 -40.26 -92.10 9.19
N ALA H 85 -39.04 -92.15 9.71
CA ALA H 85 -37.82 -92.15 8.91
C ALA H 85 -36.68 -92.66 9.77
N VAL H 86 -35.46 -92.55 9.26
CA VAL H 86 -34.26 -92.95 9.98
C VAL H 86 -33.64 -91.73 10.65
N TYR H 87 -32.99 -91.96 11.79
CA TYR H 87 -32.43 -90.89 12.60
C TYR H 87 -30.96 -91.16 12.87
N TYR H 88 -30.16 -90.09 12.84
CA TYR H 88 -28.73 -90.16 13.12
C TYR H 88 -28.33 -88.98 13.98
N CYS H 89 -27.25 -89.18 14.76
CA CYS H 89 -26.71 -88.15 15.63
C CYS H 89 -25.20 -88.09 15.44
N GLN H 90 -24.65 -86.87 15.59
CA GLN H 90 -23.24 -86.63 15.37
C GLN H 90 -22.66 -85.82 16.52
N GLN H 91 -21.39 -86.06 16.82
CA GLN H 91 -20.66 -85.32 17.84
C GLN H 91 -19.71 -84.33 17.18
N TYR H 92 -19.58 -83.16 17.78
CA TYR H 92 -18.81 -82.06 17.20
C TYR H 92 -17.58 -81.70 18.03
N ASP H 93 -17.12 -82.59 18.91
CA ASP H 93 -16.00 -82.28 19.76
C ASP H 93 -14.70 -82.31 18.96
N ASN H 94 -13.58 -82.09 19.66
CA ASN H 94 -12.28 -82.04 19.00
C ASN H 94 -11.91 -83.37 18.36
N SER H 95 -12.45 -84.48 18.88
CA SER H 95 -12.20 -85.78 18.30
C SER H 95 -12.85 -85.87 16.92
N PRO H 96 -12.31 -86.71 16.04
CA PRO H 96 -12.94 -86.90 14.72
C PRO H 96 -14.41 -87.26 14.85
N TRP H 97 -15.24 -86.62 14.03
CA TRP H 97 -16.68 -86.75 14.18
C TRP H 97 -17.17 -88.09 13.67
N THR H 98 -18.03 -88.74 14.45
CA THR H 98 -18.59 -90.04 14.12
C THR H 98 -20.11 -89.96 14.15
N PHE H 99 -20.73 -90.93 13.49
CA PHE H 99 -22.19 -91.01 13.40
C PHE H 99 -22.68 -92.26 14.10
N GLY H 100 -23.96 -92.24 14.48
CA GLY H 100 -24.57 -93.41 15.07
C GLY H 100 -24.93 -94.46 14.03
N GLN H 101 -25.31 -95.64 14.53
CA GLN H 101 -25.68 -96.72 13.62
C GLN H 101 -26.97 -96.42 12.88
N GLY H 102 -27.90 -95.71 13.53
CA GLY H 102 -29.15 -95.35 12.90
C GLY H 102 -30.35 -96.03 13.53
N THR H 103 -31.38 -95.25 13.84
CA THR H 103 -32.62 -95.77 14.41
C THR H 103 -33.71 -95.73 13.36
N LYS H 104 -34.39 -96.86 13.17
CA LYS H 104 -35.48 -96.97 12.21
C LYS H 104 -36.79 -97.12 12.95
N VAL H 105 -37.78 -96.31 12.58
CA VAL H 105 -39.11 -96.34 13.19
C VAL H 105 -40.11 -96.81 12.14
N GLU H 106 -40.99 -97.73 12.55
CA GLU H 106 -41.99 -98.29 11.64
C GLU H 106 -43.34 -97.64 11.83
N GLN I 1 -32.02 -66.84 -1.99
CA GLN I 1 -32.56 -67.86 -1.10
C GLN I 1 -31.46 -68.76 -0.57
N MET I 2 -31.49 -69.03 0.74
CA MET I 2 -30.50 -69.89 1.35
C MET I 2 -30.61 -71.30 0.78
N GLN I 3 -29.57 -71.72 0.07
CA GLN I 3 -29.60 -72.99 -0.63
C GLN I 3 -28.19 -73.45 -0.94
N LEU I 4 -28.03 -74.77 -1.02
CA LEU I 4 -26.78 -75.41 -1.45
C LEU I 4 -27.09 -76.32 -2.63
N VAL I 5 -26.65 -75.92 -3.82
CA VAL I 5 -26.85 -76.70 -5.04
C VAL I 5 -25.57 -77.49 -5.31
N GLN I 6 -25.73 -78.78 -5.59
CA GLN I 6 -24.62 -79.69 -5.76
C GLN I 6 -24.58 -80.22 -7.20
N SER I 7 -23.44 -80.79 -7.58
CA SER I 7 -23.24 -81.30 -8.92
C SER I 7 -24.05 -82.58 -9.12
N GLY I 8 -23.93 -83.18 -10.29
CA GLY I 8 -24.69 -84.36 -10.64
C GLY I 8 -23.92 -85.65 -10.44
N PRO I 9 -24.62 -86.78 -10.52
CA PRO I 9 -23.95 -88.08 -10.40
C PRO I 9 -22.90 -88.28 -11.48
N GLU I 10 -21.82 -88.96 -11.12
CA GLU I 10 -20.75 -89.29 -12.04
C GLU I 10 -20.36 -90.76 -11.88
N VAL I 11 -19.85 -91.34 -12.97
CA VAL I 11 -19.45 -92.74 -12.99
C VAL I 11 -17.99 -92.82 -13.43
N LYS I 12 -17.18 -93.55 -12.66
CA LYS I 12 -15.76 -93.69 -12.97
C LYS I 12 -15.31 -95.15 -12.84
N LYS I 13 -14.01 -95.36 -12.87
CA LYS I 13 -13.40 -96.69 -12.80
C LYS I 13 -12.38 -96.73 -11.66
N PRO I 14 -12.09 -97.93 -11.13
CA PRO I 14 -11.10 -98.02 -10.05
C PRO I 14 -9.73 -97.55 -10.51
N GLY I 15 -9.02 -96.89 -9.60
CA GLY I 15 -7.72 -96.33 -9.88
C GLY I 15 -7.74 -94.93 -10.45
N THR I 16 -8.92 -94.37 -10.72
CA THR I 16 -9.04 -93.03 -11.25
C THR I 16 -9.31 -92.05 -10.12
N SER I 17 -9.64 -90.80 -10.47
CA SER I 17 -9.90 -89.76 -9.49
C SER I 17 -11.23 -89.09 -9.81
N VAL I 18 -11.90 -88.61 -8.76
CA VAL I 18 -13.20 -87.97 -8.88
C VAL I 18 -13.11 -86.56 -8.31
N LYS I 19 -13.88 -85.65 -8.91
CA LYS I 19 -13.94 -84.27 -8.45
C LYS I 19 -15.40 -83.85 -8.33
N VAL I 20 -15.83 -83.57 -7.12
CA VAL I 20 -17.23 -83.21 -6.84
C VAL I 20 -17.24 -81.92 -6.05
N SER I 21 -18.19 -81.04 -6.38
CA SER I 21 -18.32 -79.75 -5.72
C SER I 21 -19.77 -79.34 -5.67
N CYS I 22 -20.10 -78.48 -4.70
CA CYS I 22 -21.43 -77.92 -4.55
C CYS I 22 -21.34 -76.41 -4.43
N LYS I 23 -22.26 -75.72 -5.08
CA LYS I 23 -22.28 -74.27 -5.12
C LYS I 23 -23.13 -73.73 -3.98
N ALA I 24 -22.69 -72.63 -3.37
CA ALA I 24 -23.39 -72.01 -2.25
C ALA I 24 -23.90 -70.64 -2.66
N SER I 25 -25.14 -70.33 -2.25
CA SER I 25 -25.72 -69.03 -2.50
C SER I 25 -26.83 -68.78 -1.49
N GLY I 26 -27.14 -67.51 -1.28
CA GLY I 26 -28.22 -67.11 -0.40
C GLY I 26 -27.84 -66.77 1.02
N PHE I 27 -26.54 -66.73 1.33
CA PHE I 27 -26.09 -66.41 2.67
C PHE I 27 -24.66 -65.91 2.60
N THR I 28 -24.19 -65.34 3.72
CA THR I 28 -22.83 -64.83 3.81
C THR I 28 -21.87 -66.02 3.90
N PHE I 29 -21.21 -66.31 2.80
CA PHE I 29 -20.34 -67.48 2.70
C PHE I 29 -18.92 -67.21 3.18
N SER I 30 -18.63 -65.99 3.64
CA SER I 30 -17.28 -65.64 4.08
C SER I 30 -16.92 -66.25 5.42
N SER I 31 -17.90 -66.52 6.29
CA SER I 31 -17.63 -67.04 7.63
C SER I 31 -18.34 -68.36 7.91
N SER I 32 -18.62 -69.13 6.87
CA SER I 32 -19.31 -70.40 7.03
C SER I 32 -18.29 -71.54 7.14
N ALA I 33 -18.79 -72.78 7.16
CA ALA I 33 -17.94 -73.96 7.14
C ALA I 33 -18.70 -75.07 6.45
N VAL I 34 -17.95 -76.05 5.94
CA VAL I 34 -18.52 -77.15 5.16
C VAL I 34 -17.91 -78.46 5.63
N GLN I 35 -18.76 -79.49 5.76
CA GLN I 35 -18.31 -80.85 6.02
C GLN I 35 -18.89 -81.76 4.94
N TRP I 36 -18.17 -82.84 4.65
CA TRP I 36 -18.59 -83.81 3.64
C TRP I 36 -18.75 -85.17 4.30
N VAL I 37 -19.84 -85.86 3.96
CA VAL I 37 -20.12 -87.21 4.47
C VAL I 37 -20.50 -88.08 3.28
N ARG I 38 -20.39 -89.39 3.48
CA ARG I 38 -20.76 -90.38 2.47
C ARG I 38 -21.63 -91.44 3.10
N GLN I 39 -22.55 -91.98 2.30
CA GLN I 39 -23.51 -92.98 2.77
C GLN I 39 -23.88 -93.89 1.61
N ALA I 40 -23.59 -95.17 1.74
CA ALA I 40 -24.02 -96.14 0.76
C ALA I 40 -25.52 -96.43 0.91
N ARG I 41 -26.09 -97.02 -0.12
CA ARG I 41 -27.52 -97.33 -0.11
C ARG I 41 -27.81 -98.38 0.96
N GLY I 42 -28.61 -98.01 1.95
CA GLY I 42 -28.90 -98.89 3.06
C GLY I 42 -27.87 -98.92 4.16
N GLN I 43 -26.90 -98.01 4.13
CA GLN I 43 -25.84 -97.95 5.14
C GLN I 43 -25.93 -96.65 5.91
N HIS I 44 -25.16 -96.59 7.00
CA HIS I 44 -25.14 -95.41 7.85
C HIS I 44 -24.20 -94.34 7.27
N LEU I 45 -24.42 -93.10 7.71
CA LEU I 45 -23.59 -91.99 7.26
C LEU I 45 -22.20 -92.07 7.87
N GLU I 46 -21.20 -91.69 7.08
CA GLU I 46 -19.81 -91.70 7.52
C GLU I 46 -19.18 -90.35 7.23
N TRP I 47 -18.60 -89.74 8.25
CA TRP I 47 -17.94 -88.45 8.14
C TRP I 47 -16.63 -88.60 7.37
N ILE I 48 -16.33 -87.62 6.52
CA ILE I 48 -15.10 -87.64 5.72
C ILE I 48 -14.14 -86.57 6.21
N GLY I 49 -14.56 -85.32 6.17
CA GLY I 49 -13.71 -84.23 6.58
C GLY I 49 -14.43 -82.90 6.46
N TRP I 50 -13.74 -81.84 6.88
CA TRP I 50 -14.31 -80.51 6.87
C TRP I 50 -13.20 -79.49 6.71
N ILE I 51 -13.58 -78.28 6.28
CA ILE I 51 -12.63 -77.21 6.03
C ILE I 51 -13.35 -75.88 6.24
N VAL I 52 -12.62 -74.88 6.73
CA VAL I 52 -13.16 -73.53 6.90
C VAL I 52 -12.95 -72.75 5.62
N VAL I 53 -14.02 -72.15 5.10
CA VAL I 53 -13.92 -71.36 3.88
C VAL I 53 -13.06 -70.12 4.08
N GLY I 54 -13.20 -69.44 5.21
CA GLY I 54 -12.42 -68.25 5.48
C GLY I 54 -11.03 -68.50 6.00
N SER I 55 -10.70 -69.73 6.33
CA SER I 55 -9.38 -70.10 6.85
C SER I 55 -8.65 -71.09 5.99
N GLY I 56 -9.34 -72.13 5.49
CA GLY I 56 -8.69 -73.18 4.74
C GLY I 56 -8.13 -74.30 5.59
N ASN I 57 -8.17 -74.17 6.90
CA ASN I 57 -7.71 -75.24 7.78
C ASN I 57 -8.66 -76.42 7.69
N THR I 58 -8.12 -77.60 7.38
CA THR I 58 -8.92 -78.79 7.14
C THR I 58 -8.56 -79.88 8.14
N ASN I 59 -9.57 -80.68 8.47
CA ASN I 59 -9.39 -81.83 9.35
C ASN I 59 -9.99 -83.05 8.66
N TYR I 60 -9.24 -84.14 8.63
CA TYR I 60 -9.63 -85.35 7.93
C TYR I 60 -10.00 -86.45 8.91
N ALA I 61 -10.77 -87.40 8.43
CA ALA I 61 -11.00 -88.62 9.19
C ALA I 61 -9.74 -89.48 9.20
N GLN I 62 -9.58 -90.25 10.28
CA GLN I 62 -8.36 -91.03 10.44
C GLN I 62 -8.22 -92.10 9.35
N LYS I 63 -9.34 -92.66 8.88
CA LYS I 63 -9.26 -93.73 7.90
C LYS I 63 -8.88 -93.22 6.52
N PHE I 64 -9.47 -92.09 6.10
CA PHE I 64 -9.36 -91.61 4.74
C PHE I 64 -8.42 -90.41 4.59
N GLN I 65 -7.63 -90.10 5.62
CA GLN I 65 -6.81 -88.89 5.58
C GLN I 65 -5.72 -88.93 4.54
N GLU I 66 -5.42 -90.10 3.97
CA GLU I 66 -4.39 -90.22 2.94
C GLU I 66 -4.94 -90.12 1.52
N ARG I 67 -6.26 -89.98 1.34
CA ARG I 67 -6.83 -90.00 0.00
C ARG I 67 -7.95 -88.98 -0.17
N VAL I 68 -7.96 -87.93 0.65
CA VAL I 68 -8.98 -86.89 0.55
C VAL I 68 -8.30 -85.53 0.51
N THR I 69 -8.83 -84.63 -0.32
CA THR I 69 -8.35 -83.26 -0.40
C THR I 69 -9.55 -82.32 -0.38
N LEU I 70 -9.36 -81.15 0.22
CA LEU I 70 -10.41 -80.15 0.34
C LEU I 70 -9.87 -78.80 -0.10
N THR I 71 -10.56 -78.16 -1.05
CA THR I 71 -10.19 -76.84 -1.54
C THR I 71 -11.44 -75.98 -1.65
N ARG I 72 -11.25 -74.67 -1.57
CA ARG I 72 -12.34 -73.71 -1.67
C ARG I 72 -11.83 -72.43 -2.31
N ASP I 73 -12.75 -71.71 -2.97
CA ASP I 73 -12.42 -70.50 -3.71
C ASP I 73 -13.39 -69.40 -3.30
N MET I 74 -12.87 -68.19 -3.11
CA MET I 74 -13.71 -67.06 -2.69
C MET I 74 -14.60 -66.56 -3.82
N SER I 75 -14.06 -66.40 -5.03
CA SER I 75 -14.82 -65.78 -6.11
C SER I 75 -16.02 -66.63 -6.51
N THR I 76 -15.82 -67.95 -6.66
CA THR I 76 -16.88 -68.84 -7.06
C THR I 76 -17.64 -69.46 -5.89
N ARG I 77 -17.23 -69.14 -4.66
CA ARG I 77 -17.86 -69.59 -3.41
C ARG I 77 -18.30 -71.06 -3.51
N THR I 78 -17.33 -71.92 -3.77
CA THR I 78 -17.58 -73.34 -3.99
C THR I 78 -16.63 -74.18 -3.15
N ALA I 79 -17.14 -75.31 -2.66
CA ALA I 79 -16.35 -76.28 -1.91
C ALA I 79 -16.11 -77.51 -2.78
N TYR I 80 -14.85 -77.94 -2.88
CA TYR I 80 -14.43 -78.97 -3.80
C TYR I 80 -13.93 -80.19 -3.04
N MET I 81 -14.18 -81.38 -3.59
CA MET I 81 -13.56 -82.60 -3.11
C MET I 81 -12.84 -83.28 -4.26
N GLU I 82 -11.65 -83.78 -4.00
CA GLU I 82 -10.97 -84.71 -4.89
C GLU I 82 -10.63 -85.97 -4.10
N LEU I 83 -11.05 -87.11 -4.61
CA LEU I 83 -10.81 -88.40 -3.97
C LEU I 83 -10.03 -89.29 -4.91
N SER I 84 -8.90 -89.81 -4.43
CA SER I 84 -8.02 -90.65 -5.23
C SER I 84 -8.07 -92.09 -4.72
N SER I 85 -7.51 -93.00 -5.51
CA SER I 85 -7.46 -94.42 -5.19
C SER I 85 -8.87 -94.98 -4.98
N LEU I 86 -9.67 -94.91 -6.05
CA LEU I 86 -11.04 -95.39 -5.99
C LEU I 86 -11.11 -96.90 -5.80
N ARG I 87 -12.14 -97.34 -5.08
CA ARG I 87 -12.37 -98.75 -4.85
C ARG I 87 -13.84 -99.04 -5.08
N SER I 88 -14.15 -100.34 -5.22
CA SER I 88 -15.54 -100.74 -5.45
C SER I 88 -16.44 -100.46 -4.25
N GLU I 89 -15.86 -100.24 -3.08
CA GLU I 89 -16.61 -99.95 -1.86
C GLU I 89 -16.83 -98.45 -1.65
N ASP I 90 -16.44 -97.63 -2.61
CA ASP I 90 -16.57 -96.18 -2.52
C ASP I 90 -17.90 -95.68 -3.10
N THR I 91 -18.77 -96.60 -3.51
CA THR I 91 -20.07 -96.23 -4.09
C THR I 91 -20.97 -95.73 -2.97
N ALA I 92 -21.07 -94.41 -2.83
CA ALA I 92 -21.87 -93.81 -1.78
C ALA I 92 -22.27 -92.41 -2.23
N VAL I 93 -23.27 -91.86 -1.55
CA VAL I 93 -23.79 -90.53 -1.86
C VAL I 93 -23.12 -89.52 -0.95
N TYR I 94 -22.55 -88.48 -1.55
CA TYR I 94 -21.78 -87.47 -0.82
C TYR I 94 -22.61 -86.22 -0.65
N TYR I 95 -22.55 -85.62 0.54
CA TYR I 95 -23.32 -84.44 0.89
C TYR I 95 -22.40 -83.35 1.41
N CYS I 96 -22.81 -82.10 1.21
CA CYS I 96 -22.13 -80.94 1.79
C CYS I 96 -23.13 -80.13 2.59
N ALA I 97 -22.75 -79.77 3.82
CA ALA I 97 -23.61 -79.03 4.72
C ALA I 97 -22.88 -77.81 5.23
N ALA I 98 -23.61 -76.71 5.38
CA ALA I 98 -23.08 -75.45 5.90
C ALA I 98 -24.07 -74.83 6.86
N PRO I 99 -23.59 -74.10 7.86
CA PRO I 99 -24.49 -73.38 8.76
C PRO I 99 -25.02 -72.12 8.12
N ASN I 100 -26.01 -71.52 8.77
CA ASN I 100 -26.59 -70.27 8.33
C ASN I 100 -25.87 -69.09 9.00
N CYS I 101 -25.80 -67.98 8.27
CA CYS I 101 -25.12 -66.79 8.77
C CYS I 101 -25.86 -65.55 8.27
N ASN I 102 -25.67 -64.44 8.98
CA ASN I 102 -26.25 -63.16 8.59
C ASN I 102 -25.23 -62.02 8.67
N SER I 103 -23.95 -62.35 8.49
CA SER I 103 -22.84 -61.39 8.48
C SER I 103 -22.56 -60.82 9.87
N THR I 104 -23.40 -61.16 10.84
CA THR I 104 -23.19 -60.75 12.23
C THR I 104 -23.02 -61.95 13.16
N THR I 105 -23.95 -62.90 13.13
CA THR I 105 -23.87 -64.10 13.94
C THR I 105 -24.26 -65.30 13.07
N CYS I 106 -23.56 -66.41 13.24
CA CYS I 106 -23.80 -67.59 12.43
C CYS I 106 -24.60 -68.63 13.21
N HIS I 107 -25.28 -69.50 12.46
CA HIS I 107 -26.07 -70.57 13.08
C HIS I 107 -25.15 -71.57 13.76
N ASP I 108 -25.65 -72.17 14.84
CA ASP I 108 -24.92 -73.17 15.60
C ASP I 108 -25.21 -74.54 15.00
N GLY I 109 -24.21 -75.13 14.34
CA GLY I 109 -24.34 -76.43 13.74
C GLY I 109 -24.74 -76.35 12.28
N PHE I 110 -24.61 -77.49 11.61
CA PHE I 110 -24.96 -77.62 10.19
C PHE I 110 -26.46 -77.86 10.09
N ASP I 111 -27.17 -76.94 9.45
CA ASP I 111 -28.62 -77.04 9.30
C ASP I 111 -29.04 -77.45 7.90
N ILE I 112 -28.54 -76.77 6.87
CA ILE I 112 -28.93 -77.07 5.49
C ILE I 112 -27.99 -78.11 4.91
N TRP I 113 -28.47 -78.85 3.91
CA TRP I 113 -27.71 -79.92 3.30
C TRP I 113 -27.91 -79.89 1.79
N GLY I 114 -26.97 -80.48 1.06
CA GLY I 114 -27.04 -80.54 -0.38
C GLY I 114 -27.94 -81.66 -0.87
N GLN I 115 -28.06 -81.74 -2.20
CA GLN I 115 -28.89 -82.77 -2.82
C GLN I 115 -28.23 -84.14 -2.84
N GLY I 116 -26.91 -84.18 -2.85
CA GLY I 116 -26.20 -85.46 -2.87
C GLY I 116 -25.80 -85.90 -4.26
N THR I 117 -24.63 -86.52 -4.37
CA THR I 117 -24.10 -87.03 -5.63
C THR I 117 -23.87 -88.53 -5.52
N VAL I 118 -24.44 -89.28 -6.46
CA VAL I 118 -24.31 -90.73 -6.51
C VAL I 118 -23.15 -91.06 -7.43
N VAL I 119 -22.12 -91.71 -6.89
CA VAL I 119 -20.92 -92.08 -7.64
C VAL I 119 -20.75 -93.59 -7.57
N THR I 120 -20.51 -94.20 -8.72
CA THR I 120 -20.29 -95.64 -8.81
C THR I 120 -18.92 -95.92 -9.41
N VAL I 121 -18.19 -96.84 -8.79
CA VAL I 121 -16.86 -97.22 -9.23
C VAL I 121 -16.93 -98.68 -9.68
N SER I 122 -16.73 -98.91 -10.97
CA SER I 122 -16.79 -100.26 -11.54
C SER I 122 -15.97 -100.28 -12.82
N SER I 123 -15.69 -101.49 -13.30
CA SER I 123 -14.92 -101.66 -14.53
C SER I 123 -15.66 -102.57 -15.51
C1 NAG J . -8.63 77.94 8.00
C2 NAG J . -9.19 79.35 8.10
C3 NAG J . -9.78 79.58 9.49
C4 NAG J . -10.80 78.50 9.83
C5 NAG J . -10.18 77.12 9.65
C6 NAG J . -11.16 75.99 9.83
C7 NAG J . -8.45 81.49 7.17
C8 NAG J . -7.28 82.40 6.94
N2 NAG J . -8.18 80.34 7.80
O3 NAG J . -10.39 80.86 9.55
O4 NAG J . -11.21 78.64 11.19
O5 NAG J . -9.66 76.99 8.32
O6 NAG J . -10.80 74.84 9.07
O7 NAG J . -9.58 81.77 6.79
C1 NAG J . -12.63 78.88 11.23
C2 NAG J . -13.15 78.46 12.61
C3 NAG J . -14.65 78.75 12.70
C4 NAG J . -14.94 80.20 12.36
C5 NAG J . -14.34 80.55 11.00
C6 NAG J . -14.48 82.02 10.65
C7 NAG J . -12.17 76.62 13.89
C8 NAG J . -11.98 75.14 14.01
N2 NAG J . -12.89 77.05 12.86
O3 NAG J . -15.09 78.47 14.03
O4 NAG J . -16.35 80.41 12.31
O5 NAG J . -12.93 80.27 11.01
O6 NAG J . -13.34 82.76 11.08
O7 NAG J . -11.66 77.40 14.70
C1 NAG K . -10.42 66.86 27.13
C2 NAG K . -11.15 67.96 27.90
C3 NAG K . -12.14 67.35 28.88
C4 NAG K . -13.08 66.38 28.17
C5 NAG K . -12.26 65.34 27.41
C6 NAG K . -13.12 64.42 26.57
C7 NAG K . -9.36 68.47 29.53
C8 NAG K . -8.50 69.55 30.10
N2 NAG K . -10.22 68.85 28.58
O3 NAG K . -12.89 68.39 29.50
O4 NAG K . -13.91 65.72 29.12
O5 NAG K . -11.37 66.00 26.50
O6 NAG K . -13.77 65.12 25.53
O7 NAG K . -9.29 67.32 29.93
C1 NAG K . -15.25 66.24 29.00
C2 NAG K . -16.25 65.11 29.17
C3 NAG K . -17.67 65.65 29.10
C4 NAG K . -17.87 66.77 30.10
C5 NAG K . -16.79 67.84 29.92
C6 NAG K . -16.84 68.91 30.99
C7 NAG K . -16.14 62.77 28.44
C8 NAG K . -15.90 61.84 27.30
N2 NAG K . -16.04 64.08 28.17
O3 NAG K . -18.59 64.60 29.36
O4 NAG K . -19.15 67.36 29.94
O5 NAG K . -15.49 67.25 29.99
O6 NAG K . -16.28 68.45 32.21
O7 NAG K . -16.41 62.36 29.57
C1 NAG L . -6.93 80.11 -11.30
C2 NAG L . -8.06 79.18 -10.82
C3 NAG L . -8.30 78.08 -11.85
C4 NAG L . -8.57 78.68 -13.22
C5 NAG L . -7.41 79.57 -13.62
C6 NAG L . -7.63 80.28 -14.94
C7 NAG L . -8.67 78.50 -8.55
C8 NAG L . -8.19 77.89 -7.27
N2 NAG L . -7.76 78.62 -9.52
O3 NAG L . -9.41 77.29 -11.43
O4 NAG L . -8.76 77.64 -14.18
O5 NAG L . -7.23 80.59 -12.63
O6 NAG L . -8.74 81.16 -14.88
O7 NAG L . -9.83 78.88 -8.70
C1 NAG L . -10.15 77.66 -14.59
C2 NAG L . -10.32 76.73 -15.79
C3 NAG L . -11.79 76.69 -16.20
C4 NAG L . -12.68 76.34 -15.02
C5 NAG L . -12.40 77.28 -13.85
C6 NAG L . -13.16 76.90 -12.59
C7 NAG L . -9.00 76.28 -17.81
C8 NAG L . -8.15 76.88 -18.88
N2 NAG L . -9.49 77.14 -16.90
O3 NAG L . -11.97 75.72 -17.24
O4 NAG L . -14.05 76.44 -15.38
O5 NAG L . -11.00 77.25 -13.52
O6 NAG L . -14.22 76.01 -12.88
O7 NAG L . -9.24 75.07 -17.75
C1 NAG M . -0.66 93.22 -4.66
C2 NAG M . -1.81 94.21 -4.72
C3 NAG M . -1.32 95.62 -4.43
C4 NAG M . -0.56 95.65 -3.10
C5 NAG M . 0.54 94.60 -3.09
C6 NAG M . 1.22 94.47 -1.75
C7 NAG M . -3.62 93.50 -6.21
C8 NAG M . -4.17 93.55 -7.61
N2 NAG M . -2.47 94.16 -6.01
O3 NAG M . -2.43 96.51 -4.38
O4 NAG M . 0.02 96.94 -2.91
O5 NAG M . -0.03 93.31 -3.38
O6 NAG M . 0.38 93.85 -0.78
O7 NAG M . -4.18 92.88 -5.31
C1 NAG M . -0.58 97.56 -1.76
C2 NAG M . 0.03 98.95 -1.58
C3 NAG M . -0.62 99.65 -0.39
C4 NAG M . -2.14 99.66 -0.54
C5 NAG M . -2.66 98.24 -0.77
C6 NAG M . -4.14 98.21 -1.06
C7 NAG M . 2.31 99.64 -2.11
C8 NAG M . 3.77 99.45 -1.82
N2 NAG M . 1.47 98.89 -1.42
O3 NAG M . -0.13 100.98 -0.29
O4 NAG M . -2.74 100.19 0.64
O5 NAG M . -2.01 97.67 -1.91
O6 NAG M . -4.42 98.63 -2.39
O7 NAG M . 1.93 100.45 -2.95
C1 NAG N . 14.01 93.66 -19.41
C2 NAG N . 13.35 93.71 -20.79
C3 NAG N . 14.40 93.84 -21.88
C4 NAG N . 15.30 95.04 -21.60
C5 NAG N . 15.90 94.91 -20.19
C6 NAG N . 16.73 96.11 -19.80
C7 NAG N . 11.20 92.53 -20.88
C8 NAG N . 10.51 91.23 -21.15
N2 NAG N . 12.53 92.54 -21.02
O3 NAG N . 13.76 94.02 -23.14
O4 NAG N . 16.36 95.10 -22.55
O5 NAG N . 14.83 94.80 -19.23
O6 NAG N . 15.96 97.31 -19.83
O7 NAG N . 10.58 93.53 -20.55
C1 NAG N . 16.12 96.21 -23.43
C2 NAG N . 17.38 96.44 -24.27
C3 NAG N . 17.15 97.58 -25.26
C4 NAG N . 15.90 97.33 -26.08
C5 NAG N . 14.71 97.07 -25.16
C6 NAG N . 13.44 96.70 -25.92
C7 NAG N . 19.42 95.75 -23.10
C8 NAG N . 20.55 96.20 -22.23
N2 NAG N . 18.54 96.70 -23.44
O3 NAG N . 18.28 97.70 -26.12
O4 NAG N . 15.62 98.47 -26.89
O5 NAG N . 15.00 95.98 -24.29
O6 NAG N . 13.00 95.40 -25.57
O7 NAG N . 19.30 94.59 -23.47
C1 NAG O . 27.83 67.23 -21.29
C2 NAG O . 28.57 68.25 -22.14
C3 NAG O . 27.74 68.62 -23.37
C4 NAG O . 27.35 67.36 -24.13
C5 NAG O . 26.67 66.37 -23.20
C6 NAG O . 26.37 65.05 -23.87
C7 NAG O . 29.89 70.26 -21.66
C8 NAG O . 30.05 71.44 -20.74
N2 NAG O . 28.88 69.44 -21.36
O3 NAG O . 28.50 69.47 -24.21
O4 NAG O . 26.44 67.71 -25.18
O5 NAG O . 27.52 66.08 -22.09
O6 NAG O . 25.67 64.17 -22.99
O7 NAG O . 30.63 70.07 -22.60
C1 NAG O . 27.02 67.39 -26.46
C2 NAG O . 25.89 67.34 -27.49
C3 NAG O . 26.46 67.06 -28.87
C4 NAG O . 27.56 68.04 -29.22
C5 NAG O . 28.61 68.08 -28.12
C6 NAG O . 29.67 69.13 -28.33
C7 NAG O . 23.62 66.67 -26.86
C8 NAG O . 22.73 65.52 -26.48
N2 NAG O . 24.90 66.36 -27.12
O3 NAG O . 25.42 67.14 -29.84
O4 NAG O . 28.18 67.67 -30.45
O5 NAG O . 28.00 68.37 -26.86
O6 NAG O . 29.34 70.34 -27.67
O7 NAG O . 23.21 67.82 -26.90
C1 NAG P . 7.33 64.15 -30.09
C2 NAG P . 7.52 65.04 -31.31
C3 NAG P . 6.73 64.50 -32.49
C4 NAG P . 7.08 63.05 -32.75
C5 NAG P . 6.90 62.22 -31.48
C6 NAG P . 7.35 60.79 -31.62
C7 NAG P . 5.95 66.83 -30.67
C8 NAG P . 5.79 68.30 -30.43
N2 NAG P . 7.17 66.43 -31.04
O3 NAG P . 7.00 65.28 -33.65
O4 NAG P . 6.25 62.51 -33.78
O5 NAG P . 7.68 62.80 -30.42
O6 NAG P . 8.74 60.72 -31.92
O7 NAG P . 5.00 66.06 -30.54
C1 NAG P . 7.04 62.33 -34.97
C2 NAG P . 6.63 61.03 -35.66
C3 NAG P . 7.43 60.85 -36.94
C4 NAG P . 7.28 62.07 -37.84
C5 NAG P . 7.64 63.34 -37.06
C6 NAG P . 7.38 64.60 -37.85
C7 NAG P . 5.94 58.88 -34.69
C8 NAG P . 6.30 57.78 -33.73
N2 NAG P . 6.83 59.88 -34.78
O3 NAG P . 6.96 59.69 -37.63
O4 NAG P . 8.14 61.95 -38.97
O5 NAG P . 6.85 63.42 -35.87
O6 NAG P . 6.06 65.09 -37.62
O7 NAG P . 4.92 58.86 -35.35
C1 NAG Q . 43.20 62.18 -11.13
C2 NAG Q . 42.67 61.13 -12.11
C3 NAG Q . 43.00 59.73 -11.63
C4 NAG Q . 44.49 59.59 -11.38
C5 NAG Q . 44.95 60.66 -10.40
C6 NAG Q . 46.44 60.65 -10.16
C7 NAG Q . 40.65 61.31 -13.50
C8 NAG Q . 39.16 61.46 -13.51
N2 NAG Q . 41.23 61.28 -12.29
O3 NAG Q . 42.58 58.78 -12.60
O4 NAG Q . 44.79 58.30 -10.86
O5 NAG Q . 44.61 61.96 -10.92
O6 NAG Q . 46.97 61.97 -10.24
O7 NAG Q . 41.29 61.21 -14.54
C1 NAG Q . 45.57 57.58 -11.85
C2 NAG Q . 46.05 56.27 -11.23
C3 NAG Q . 46.84 55.47 -12.26
C4 NAG Q . 46.03 55.26 -13.52
C5 NAG Q . 45.52 56.61 -14.05
C6 NAG Q . 44.59 56.47 -15.24
C7 NAG Q . 46.84 55.70 -8.98
C8 NAG Q . 47.73 56.10 -7.84
N2 NAG Q . 46.85 56.51 -10.04
O3 NAG Q . 47.21 54.21 -11.70
O4 NAG Q . 46.82 54.63 -14.52
O5 NAG Q . 44.79 57.29 -13.02
O6 NAG Q . 44.44 55.10 -15.62
O7 NAG Q . 46.16 54.68 -8.95
C1 NAG R . 42.79 78.29 -11.47
C2 NAG R . 43.73 78.52 -12.64
C3 NAG R . 44.13 79.98 -12.72
C4 NAG R . 42.90 80.88 -12.75
C5 NAG R . 41.99 80.55 -11.56
C6 NAG R . 40.68 81.31 -11.60
C7 NAG R . 45.30 76.87 -13.53
C8 NAG R . 46.53 76.06 -13.26
N2 NAG R . 44.90 77.67 -12.54
O3 NAG R . 44.91 80.20 -13.89
O4 NAG R . 43.30 82.24 -12.68
O5 NAG R . 41.66 79.15 -11.58
O6 NAG R . 40.04 81.18 -12.87
O7 NAG R . 44.69 76.78 -14.60
C1 NAG R . 42.84 82.94 -13.85
C2 NAG R . 43.28 84.39 -13.77
C3 NAG R . 42.84 85.14 -15.03
C4 NAG R . 43.33 84.43 -16.28
C5 NAG R . 42.92 82.96 -16.25
C6 NAG R . 43.50 82.16 -17.40
C7 NAG R . 43.52 85.38 -11.54
C8 NAG R . 42.82 86.04 -10.40
N2 NAG R . 42.75 85.03 -12.58
O3 NAG R . 43.34 86.47 -14.99
O4 NAG R . 42.79 85.05 -17.44
O5 NAG R . 43.38 82.33 -15.04
O6 NAG R . 44.91 82.02 -17.28
O7 NAG R . 44.74 85.18 -11.54
C1 NAG S . 49.52 80.06 8.03
C2 NAG S . 50.78 79.19 7.97
C3 NAG S . 51.38 79.06 9.37
C4 NAG S . 51.61 80.43 9.98
C5 NAG S . 50.33 81.26 9.94
C6 NAG S . 50.53 82.69 10.41
C7 NAG S . 51.40 77.15 6.76
C8 NAG S . 50.93 75.82 6.27
N2 NAG S . 50.49 77.88 7.42
O3 NAG S . 52.62 78.35 9.28
O4 NAG S . 52.02 80.29 11.34
O5 NAG S . 49.84 81.33 8.60
O6 NAG S . 50.43 83.60 9.33
O7 NAG S . 52.54 77.55 6.58
C1 NAG S . 53.44 80.53 11.46
C2 NAG S . 53.78 80.70 12.94
C3 NAG S . 55.27 80.90 13.12
C4 NAG S . 56.05 79.77 12.45
C5 NAG S . 55.62 79.64 10.99
C6 NAG S . 56.25 78.45 10.29
C7 NAG S . 52.11 81.65 14.47
C8 NAG S . 51.44 82.90 14.96
N2 NAG S . 53.04 81.81 13.52
O3 NAG S . 55.58 80.93 14.51
O4 NAG S . 57.45 80.04 12.50
O5 NAG S . 54.20 79.45 10.91
O6 NAG S . 55.84 77.23 10.90
O7 NAG S . 51.82 80.55 14.91
C1 NAG T . 32.99 62.98 26.02
C2 NAG T . 33.91 63.71 27.00
C3 NAG T . 35.33 63.17 26.87
C4 NAG T . 35.35 61.66 27.05
C5 NAG T . 34.37 61.01 26.08
C6 NAG T . 34.24 59.52 26.28
C7 NAG T . 33.13 65.98 27.47
C8 NAG T . 33.23 67.43 27.10
N2 NAG T . 33.89 65.15 26.77
O3 NAG T . 36.16 63.78 27.87
O4 NAG T . 36.65 61.16 26.79
O5 NAG T . 33.05 61.57 26.25
O6 NAG T . 32.88 59.09 26.10
O7 NAG T . 32.39 65.59 28.37
C1 NAG T . 37.19 60.57 28.00
C2 NAG T . 38.28 59.59 27.62
C3 NAG T . 38.90 58.97 28.87
C4 NAG T . 39.38 60.07 29.82
C5 NAG T . 38.24 61.06 30.09
C6 NAG T . 38.70 62.24 30.92
C7 NAG T . 38.37 58.18 25.60
C8 NAG T . 37.71 57.10 24.82
N2 NAG T . 37.77 58.54 26.75
O3 NAG T . 39.99 58.14 28.51
O4 NAG T . 39.81 59.50 31.04
O5 NAG T . 37.73 61.58 28.87
O6 NAG T . 39.33 63.23 30.11
O7 NAG T . 39.42 58.71 25.23
C1 NAG U . 44.63 47.65 14.05
C2 NAG U . 45.87 48.17 14.78
C3 NAG U . 46.92 47.07 14.90
C4 NAG U . 46.33 45.82 15.53
C5 NAG U . 45.11 45.38 14.74
C6 NAG U . 44.40 44.20 15.34
C7 NAG U . 46.94 49.37 12.91
C8 NAG U . 47.46 50.70 12.43
N2 NAG U . 46.42 49.35 14.14
O3 NAG U . 48.01 47.54 15.69
O4 NAG U . 47.29 44.77 15.54
O5 NAG U . 44.15 46.46 14.69
O6 NAG U . 43.27 44.61 16.11
O7 NAG U . 46.99 48.37 12.20
C1 NAG U . 47.66 44.52 16.91
C2 NAG U . 47.96 43.04 17.10
C3 NAG U . 48.41 42.76 18.53
C4 NAG U . 49.57 43.67 18.90
C5 NAG U . 49.22 45.12 18.64
C6 NAG U . 50.38 46.06 18.87
C7 NAG U . 46.84 41.24 15.85
C8 NAG U . 45.56 40.50 15.63
N2 NAG U . 46.80 42.22 16.76
O3 NAG U . 48.77 41.39 18.65
O4 NAG U . 49.90 43.49 20.28
O5 NAG U . 48.81 45.29 17.27
O6 NAG U . 51.43 45.83 17.93
O7 NAG U . 47.86 40.97 15.23
C1 NAG V . 16.99 68.12 35.87
C2 NAG V . 15.89 68.55 36.85
C3 NAG V . 15.63 67.46 37.89
C4 NAG V . 15.32 66.14 37.18
C5 NAG V . 16.46 65.78 36.25
C6 NAG V . 16.19 64.53 35.45
C7 NAG V . 15.36 70.78 37.72
C8 NAG V . 15.88 71.99 38.42
N2 NAG V . 16.24 69.80 37.51
O3 NAG V . 14.54 67.83 38.72
O4 NAG V . 15.12 65.10 38.14
O5 NAG V . 16.66 66.84 35.30
O6 NAG V . 15.08 64.68 34.58
O7 NAG V . 14.19 70.70 37.35
C1 NAG V . 13.72 64.74 38.11
C2 NAG V . 13.52 63.48 38.96
C3 NAG V . 12.04 63.10 38.99
C4 NAG V . 11.20 64.27 39.45
C5 NAG V . 11.49 65.50 38.59
C6 NAG V . 10.78 66.75 39.06
C7 NAG V . 14.80 61.40 39.23
C8 NAG V . 15.61 60.34 38.55
N2 NAG V . 14.32 62.38 38.45
O3 NAG V . 11.85 62.00 39.87
O4 NAG V . 9.82 63.95 39.34
O5 NAG V . 12.90 65.79 38.63
O6 NAG V . 9.72 66.43 39.96
O7 NAG V . 14.58 61.37 40.44
C1 NAG W . 26.00 81.61 31.47
C2 NAG W . 26.69 81.88 32.81
C3 NAG W . 27.35 83.25 32.79
C4 NAG W . 28.28 83.37 31.60
C5 NAG W . 27.55 83.03 30.31
C6 NAG W . 28.45 83.00 29.10
C7 NAG W . 25.86 80.90 34.91
C8 NAG W . 24.79 80.95 35.95
N2 NAG W . 25.73 81.78 33.90
O3 NAG W . 28.07 83.44 34.01
O4 NAG W . 28.78 84.71 31.52
O5 NAG W . 26.96 81.72 30.42
O6 NAG W . 29.68 82.36 29.39
O7 NAG W . 26.79 80.12 34.96
C1 NAG W . 30.22 84.68 31.63
C2 NAG W . 30.72 86.10 31.90
C3 NAG W . 32.24 86.10 32.05
C4 NAG W . 32.67 85.09 33.11
C5 NAG W . 32.09 83.72 32.80
C6 NAG W . 32.37 82.70 33.89
C7 NAG W . 29.62 88.12 31.06
C8 NAG W . 29.29 88.94 29.86
N2 NAG W . 30.32 87.00 30.84
O3 NAG W . 32.68 87.41 32.42
O4 NAG W . 34.09 85.01 33.15
O5 NAG W . 30.66 83.81 32.69
O6 NAG W . 31.88 83.13 35.15
O7 NAG W . 29.29 88.46 32.20
C1 NAG X . 9.12 93.02 27.39
C2 NAG X . 8.21 92.87 28.61
C3 NAG X . 6.88 93.59 28.37
C4 NAG X . 7.14 95.04 27.98
C5 NAG X . 8.09 95.10 26.79
C6 NAG X . 8.47 96.51 26.42
C7 NAG X . 8.68 90.81 29.87
C8 NAG X . 8.32 89.38 30.07
N2 NAG X . 7.99 91.47 28.93
O3 NAG X . 6.11 93.52 29.56
O4 NAG X . 5.90 95.65 27.63
O5 NAG X . 9.30 94.40 27.09
O6 NAG X . 9.38 97.06 27.36
O7 NAG X . 9.55 91.36 30.54
C1 NAG X . 5.56 96.60 28.65
C2 NAG X . 4.70 97.70 28.02
C3 NAG X . 4.26 98.70 29.08
C4 NAG X . 3.57 97.99 30.23
C5 NAG X . 4.46 96.87 30.78
C6 NAG X . 3.78 96.03 31.84
C7 NAG X . 5.20 98.14 25.66
C8 NAG X . 6.04 98.91 24.69
N2 NAG X . 5.42 98.38 26.96
O3 NAG X . 3.38 99.66 28.50
O4 NAG X . 3.28 98.90 31.29
O5 NAG X . 4.82 95.98 29.71
O6 NAG X . 2.70 95.27 31.29
O7 NAG X . 4.36 97.32 25.29
C1 NAG Y . 10.48 -3.13 47.99
C2 NAG Y . 10.38 -1.65 47.63
C3 NAG Y . 10.24 -0.79 48.89
C4 NAG Y . 9.09 -1.30 49.76
C5 NAG Y . 9.24 -2.80 50.02
C6 NAG Y . 8.06 -3.38 50.77
C7 NAG Y . 11.48 -0.18 46.00
C8 NAG Y . 12.75 0.13 45.28
N2 NAG Y . 11.52 -1.21 46.85
O3 NAG Y . 10.02 0.57 48.54
O4 NAG Y . 9.08 -0.60 50.99
O5 NAG Y . 9.34 -3.50 48.78
O6 NAG Y . 7.22 -4.11 49.89
O7 NAG Y . 10.46 0.47 45.83
C1 NAG Z . -0.88 -24.12 28.28
C2 NAG Z . -2.31 -24.00 28.79
C3 NAG Z . -3.20 -25.03 28.13
C4 NAG Z . -3.07 -24.94 26.61
C5 NAG Z . -1.62 -25.03 26.19
C6 NAG Z . -1.40 -24.83 24.71
C7 NAG Z . -3.00 -23.27 31.02
C8 NAG Z . -2.96 -23.57 32.50
N2 NAG Z . -2.36 -24.13 30.24
O3 NAG Z . -4.54 -24.83 28.52
O4 NAG Z . -3.80 -26.00 26.00
O5 NAG Z . -0.86 -24.00 26.85
O6 NAG Z . -0.03 -24.65 24.39
O7 NAG Z . -3.60 -22.30 30.58
C1 NAG AA . 37.03 -1.63 20.49
C2 NAG AA . 37.50 -0.95 21.78
C3 NAG AA . 38.91 -0.41 21.62
C4 NAG AA . 39.84 -1.51 21.12
C5 NAG AA . 39.28 -2.15 19.86
C6 NAG AA . 40.10 -3.33 19.39
C7 NAG AA . 36.12 0.26 23.42
C8 NAG AA . 35.19 1.41 23.64
N2 NAG AA . 36.58 0.11 22.17
O3 NAG AA . 39.37 0.10 22.87
O4 NAG AA . 41.13 -0.95 20.84
O5 NAG AA . 37.96 -2.65 20.12
O6 NAG AA . 39.29 -4.46 19.13
O7 NAG AA . 36.44 -0.50 24.32
C1 NAG BA . -40.08 -1.60 35.10
C2 NAG BA . -39.28 -1.07 36.30
C3 NAG BA . -39.88 0.25 36.78
C4 NAG BA . -40.00 1.24 35.63
C5 NAG BA . -40.76 0.60 34.46
C6 NAG BA . -40.81 1.48 33.24
C7 NAG BA . -38.28 -2.07 38.31
C8 NAG BA . -38.40 -3.15 39.33
N2 NAG BA . -39.24 -2.04 37.37
O3 NAG BA . -39.05 0.80 37.80
O4 NAG BA . -40.70 2.40 36.06
O5 NAG BA . -40.09 -0.62 34.07
O6 NAG BA . -40.08 0.92 32.16
O7 NAG BA . -37.37 -1.26 38.32
C1 NAG CA . 3.00 75.86 31.94
C2 NAG CA . 1.78 76.78 32.05
C3 NAG CA . 1.15 76.69 33.43
C4 NAG CA . 0.88 75.24 33.81
C5 NAG CA . 2.14 74.41 33.67
C6 NAG CA . 1.92 72.94 33.94
C7 NAG CA . 1.97 78.68 30.51
C8 NAG CA . 2.39 80.11 30.36
N2 NAG CA . 2.14 78.15 31.73
O3 NAG CA . -0.07 77.42 33.43
O4 NAG CA . 0.41 75.17 35.15
O5 NAG CA . 2.63 74.52 32.33
O6 NAG CA . 2.78 72.14 33.15
O7 NAG CA . 1.51 78.04 29.58
C1 NAG DA . 26.36 -1.69 -39.55
C2 NAG DA . 27.86 -2.01 -39.59
C3 NAG DA . 28.36 -2.30 -38.17
C4 NAG DA . 28.00 -1.15 -37.23
C5 NAG DA . 26.50 -0.87 -37.30
C6 NAG DA . 26.08 0.32 -36.48
C7 NAG DA . 29.13 -3.09 -41.38
C8 NAG DA . 29.30 -4.33 -42.21
N2 NAG DA . 28.15 -3.13 -40.48
O3 NAG DA . 29.77 -2.47 -38.21
O4 NAG DA . 28.35 -1.49 -35.89
O5 NAG DA . 26.11 -0.60 -38.66
O6 NAG DA . 24.75 0.19 -36.01
O7 NAG DA . 29.85 -2.11 -41.52
C1 NAG EA . 8.99 -23.68 -32.69
C2 NAG EA . 10.40 -23.62 -33.30
C3 NAG EA . 11.44 -23.94 -32.22
C4 NAG EA . 11.24 -23.08 -30.99
C5 NAG EA . 9.80 -23.16 -30.52
C6 NAG EA . 9.49 -22.25 -29.35
C7 NAG EA . 11.54 -24.60 -35.25
C8 NAG EA . 11.49 -25.66 -36.31
N2 NAG EA . 10.51 -24.57 -34.40
O3 NAG EA . 12.76 -23.74 -32.73
O4 NAG EA . 12.12 -23.49 -29.95
O5 NAG EA . 8.91 -22.79 -31.57
O6 NAG EA . 8.16 -22.44 -28.88
O7 NAG EA . 12.49 -23.82 -35.16
C1 NAG FA . -5.99 17.96 -43.81
C2 NAG FA . -6.99 19.06 -43.42
C3 NAG FA . -7.08 20.09 -44.55
C4 NAG FA . -5.71 20.61 -44.94
C5 NAG FA . -4.76 19.45 -45.22
C6 NAG FA . -3.33 19.90 -45.45
C7 NAG FA . -9.14 19.09 -42.26
C8 NAG FA . -10.45 18.37 -42.06
N2 NAG FA . -8.29 18.51 -43.11
O3 NAG FA . -7.92 21.17 -44.13
O4 NAG FA . -5.80 21.43 -46.09
O5 NAG FA . -4.73 18.56 -44.09
O6 NAG FA . -2.47 19.40 -44.44
O7 NAG FA . -8.87 20.13 -41.69
C1 NAG GA . 30.95 -25.92 6.67
C2 NAG GA . 31.94 -25.60 7.79
C3 NAG GA . 33.25 -25.08 7.20
C4 NAG GA . 33.80 -26.05 6.17
C5 NAG GA . 32.72 -26.35 5.12
C6 NAG GA . 33.16 -27.41 4.12
C7 NAG GA . 30.58 -24.97 9.73
C8 NAG GA . 30.09 -23.85 10.59
N2 NAG GA . 31.38 -24.63 8.72
O3 NAG GA . 34.20 -24.90 8.26
O4 NAG GA . 34.95 -25.51 5.54
O5 NAG GA . 31.54 -26.84 5.75
O6 NAG GA . 32.74 -28.70 4.53
O7 NAG GA . 30.26 -26.13 9.95
C1 NAG HA . 48.59 61.06 3.90
C2 NAG HA . 49.13 60.86 5.32
C3 NAG HA . 50.63 60.53 5.28
C4 NAG HA . 50.90 59.37 4.34
C5 NAG HA . 50.33 59.67 2.96
C6 NAG HA . 50.49 58.54 1.99
C7 NAG HA . 47.71 62.33 6.68
C8 NAG HA . 47.65 63.59 7.49
N2 NAG HA . 48.90 62.04 6.14
O3 NAG HA . 51.07 60.21 6.60
O4 NAG HA . 52.30 59.14 4.24
O5 NAG HA . 48.92 59.93 3.08
O6 NAG HA . 49.23 58.12 1.47
O7 NAG HA . 46.72 61.63 6.50
C1 NAG IA . -51.58 23.89 -8.80
C2 NAG IA . -52.67 23.98 -9.87
C3 NAG IA . -52.46 25.21 -10.75
C4 NAG IA . -52.33 26.47 -9.90
C5 NAG IA . -51.27 26.27 -8.82
C6 NAG IA . -51.18 27.43 -7.85
C7 NAG IA . -53.70 21.88 -10.61
C8 NAG IA . -53.57 20.69 -11.51
N2 NAG IA . -52.71 22.77 -10.67
O3 NAG IA . -53.55 25.34 -11.66
O4 NAG IA . -51.99 27.58 -10.72
O5 NAG IA . -51.56 25.10 -8.04
O6 NAG IA . -50.80 26.99 -6.56
O7 NAG IA . -54.65 22.03 -9.84
C1 NAG JA . -48.27 -4.41 -4.25
C2 NAG JA . -47.02 -5.05 -4.82
C3 NAG JA . -46.72 -4.48 -6.21
C4 NAG JA . -47.95 -4.62 -7.11
C5 NAG JA . -49.17 -4.00 -6.44
C6 NAG JA . -50.44 -4.20 -7.22
C7 NAG JA . -45.56 -5.71 -2.95
C8 NAG JA . -44.35 -5.34 -2.14
N2 NAG JA . -45.87 -4.86 -3.94
O3 NAG JA . -45.62 -5.17 -6.79
O4 NAG JA . -47.71 -3.96 -8.34
O5 NAG JA . -49.37 -4.60 -5.15
O6 NAG JA . -51.59 -4.04 -6.40
O7 NAG JA . -46.22 -6.71 -2.72
C1 NAG KA . -38.36 26.38 26.90
C2 NAG KA . -39.22 27.59 26.56
C3 NAG KA . -39.18 28.60 27.71
C4 NAG KA . -39.56 27.93 29.03
C5 NAG KA . -38.69 26.69 29.26
C6 NAG KA . -39.11 25.90 30.47
C7 NAG KA . -39.42 28.02 24.16
C8 NAG KA . -38.84 28.73 22.98
N2 NAG KA . -38.79 28.21 25.32
O3 NAG KA . -40.07 29.67 27.43
O4 NAG KA . -39.38 28.83 30.10
O5 NAG KA . -38.80 25.80 28.13
O6 NAG KA . -38.41 24.66 30.56
O7 NAG KA . -40.40 27.30 24.06
C1 NAG LA . -26.61 -5.70 -40.30
C2 NAG LA . -25.90 -6.46 -41.41
C3 NAG LA . -24.92 -5.54 -42.13
C4 NAG LA . -25.65 -4.30 -42.63
C5 NAG LA . -26.40 -3.61 -41.49
C6 NAG LA . -27.25 -2.45 -41.95
C7 NAG LA . -25.18 -8.81 -41.51
C8 NAG LA . -24.42 -9.90 -40.83
N2 NAG LA . -25.20 -7.62 -40.88
O3 NAG LA . -24.34 -6.23 -43.23
O4 NAG LA . -24.71 -3.37 -43.18
O5 NAG LA . -27.28 -4.56 -40.85
O6 NAG LA . -28.56 -2.52 -41.37
O7 NAG LA . -25.76 -8.98 -42.58
C1 NAG MA . 3.44 78.66 -23.06
C2 NAG MA . 4.58 79.41 -23.74
C3 NAG MA . 4.10 80.05 -25.03
C4 NAG MA . 3.43 79.02 -25.93
C5 NAG MA . 2.32 78.31 -25.16
C6 NAG MA . 1.67 77.20 -25.95
C7 NAG MA . 6.45 80.47 -22.54
C8 NAG MA . 6.85 81.57 -21.61
N2 NAG MA . 5.14 80.41 -22.86
O3 NAG MA . 5.20 80.63 -25.72
O4 NAG MA . 2.87 79.65 -27.08
O5 NAG MA . 2.85 77.72 -23.97
O6 NAG MA . 0.33 76.97 -25.52
O7 NAG MA . 7.26 79.67 -23.00
#